data_9IKM
#
_entry.id   9IKM
#
_cell.length_a   1.00
_cell.length_b   1.00
_cell.length_c   1.00
_cell.angle_alpha   90.00
_cell.angle_beta   90.00
_cell.angle_gamma   90.00
#
_symmetry.space_group_name_H-M   'P 1'
#
loop_
_entity.id
_entity.type
_entity.pdbx_description
1 polymer TLP-4
2 branched alpha-L-arabinofuranose-(1-2)-beta-D-galactopyranose-(1-2)-beta-L-arabinofuranose-(1-2)-[alpha-L-arabinofuranose-(1-2)-beta-L-arabinofuranose-(1-3)]beta-L-arabinofuranose-(1-3)-alpha-L-arabinofuranose
3 branched alpha-L-arabinofuranose-(1-3)-alpha-L-arabinofuranose-(1-3)-alpha-D-mannopyranose-(1-2)-[alpha-L-arabinofuranose-(1-2)-alpha-L-arabinofuranose-(1-4)][alpha-L-arabinofuranose-(1-6)]beta-D-galactopyranose-(1-3)-[alpha-D-mannopyranose-(1-6)]alpha-D-mannopyranose-(1-4)-alpha-D-mannopyranose-(1-4)-[alpha-L-arabinofuranose-(1-4)-alpha-D-mannopyranose-(1-3)-[alpha-L-arabinofuranose-(1-3)-[alpha-L-arabinofuranose-(1-6)]beta-D-mannopyranose-(1-6)]beta-D-mannopyranose-(1-4)-[alpha-L-arabinofuranose-(1-2)][alpha-L-arabinofuranose-(1-6)]beta-D-mannopyranose-(1-6)][beta-L-arabinofuranose-(1-2)]alpha-D-mannopyranose-(1-6)-[alpha-L-arabinofuranose-(1-3)]2-acetamido-2-deoxy-beta-D-galactopyranose-(1-4)-[alpha-L-arabinofuranose-(1-3)-beta-L-arabinofuranose-(1-2)]beta-D-mannopyranose-(1-4)-beta-D-mannopyranose-(1-2)-[alpha-L-arabinofuranose-(1-5)]beta-L-arabinofuranose
4 branched alpha-L-arabinofuranose-(1-2)-alpha-L-arabinofuranose-(1-3)-alpha-L-arabinofuranose-(1-2)-alpha-D-mannopyranose-(1-2)-[beta-L-arabinofuranose-(1-2)-alpha-L-arabinofuranose-(1-3)-alpha-L-arabinofuranose-(1-3)]alpha-L-arabinofuranose-(1-4)-[alpha-D-mannopyranose-(1-2)-alpha-D-mannopyranose-(1-2)-alpha-L-arabinofuranose-(1-2)]beta-D-glucopyranose-(1-4)-[alpha-D-mannopyranose-(1-2)]beta-D-mannopyranose-(1-4)-[alpha-L-arabinofuranose-(1-2)]beta-D-galactopyranose
#
_entity_poly.entity_id   1
_entity_poly.type   'polypeptide(L)'
_entity_poly.pdbx_seq_one_letter_code
;(A1D9O)TAS(A1D9O)TAS(A1D9O)TAS(A1D9O)TAS(A1D9O)TAS(A1D9O)TAS(A1D9O)TAS(A1D9O)TAS
(A1D9O)TAS(A1D9O)TAS(A1D9O)TAS(A1D9O)TAS(A1D9O)TAS(A1D9O)TAS(A1D9O)TAS(A1D9O)TAS
(A1D9O)TAS(A1D9O)TAS
;
_entity_poly.pdbx_strand_id   A
#
loop_
_chem_comp.id
_chem_comp.type
_chem_comp.name
_chem_comp.formula
AHR L-saccharide, alpha linking alpha-L-arabinofuranose 'C5 H10 O5'
BGC D-saccharide, beta linking beta-D-glucopyranose 'C6 H12 O6'
BMA D-saccharide, beta linking beta-D-mannopyranose 'C6 H12 O6'
FUB L-saccharide, beta linking beta-L-arabinofuranose 'C5 H10 O5'
GAL D-saccharide, beta linking beta-D-galactopyranose 'C6 H12 O6'
MAN D-saccharide, alpha linking alpha-D-mannopyranose 'C6 H12 O6'
NGA D-saccharide, beta linking 2-acetamido-2-deoxy-beta-D-galactopyranose 'C8 H15 N O6'
#
# COMPACT_ATOMS: atom_id res chain seq x y z
N A1D9O A 1 67.20 87.52 17.55
CA A1D9O A 1 66.16 86.59 18.05
C A1D9O A 1 65.82 85.52 17.00
O A1D9O A 1 66.31 85.55 15.85
CB A1D9O A 1 64.92 87.40 18.41
CG A1D9O A 1 65.49 88.78 18.66
CD A1D9O A 1 66.67 88.89 17.73
OD1 A1D9O A 1 65.94 88.85 20.03
OD2 A1D9O A 1 64.00 87.45 17.31
N THR A 2 64.97 84.57 17.41
CA THR A 2 64.57 83.49 16.52
C THR A 2 63.06 83.29 16.60
N ALA A 3 62.59 82.05 16.45
CA ALA A 3 61.17 81.77 16.52
C ALA A 3 60.93 80.53 17.36
N SER A 4 59.78 80.51 18.03
CA SER A 4 59.44 79.39 18.89
C SER A 4 59.22 78.13 18.06
N A1D9O A 5 59.68 77.01 18.59
CA A1D9O A 5 59.60 75.71 17.91
C A1D9O A 5 58.17 75.14 17.91
O A1D9O A 5 57.21 75.78 18.42
CB A1D9O A 5 60.57 74.78 18.62
CG A1D9O A 5 61.65 75.72 19.13
CD A1D9O A 5 60.96 77.05 19.33
OD1 A1D9O A 5 62.68 75.87 18.13
OD2 A1D9O A 5 59.88 74.19 19.73
N THR A 6 58.02 73.93 17.36
CA THR A 6 56.73 73.28 17.23
C THR A 6 56.87 71.77 17.26
N ALA A 7 55.91 71.10 17.89
CA ALA A 7 55.93 69.64 17.96
C ALA A 7 55.62 69.03 16.59
N SER A 8 56.13 67.83 16.38
CA SER A 8 55.92 67.15 15.11
C SER A 8 54.45 66.78 14.93
N A1D9O A 9 54.07 66.51 13.69
CA A1D9O A 9 52.67 66.17 13.36
C A1D9O A 9 52.38 64.66 13.54
O A1D9O A 9 53.28 63.90 13.98
CB A1D9O A 9 52.45 66.58 11.92
CG A1D9O A 9 53.38 67.77 11.76
CD A1D9O A 9 54.55 67.48 12.68
OD1 A1D9O A 9 52.72 68.97 12.19
OD2 A1D9O A 9 52.95 65.48 11.14
N THR A 10 51.17 64.25 13.21
CA THR A 10 50.75 62.85 13.33
C THR A 10 49.72 62.46 12.27
N ALA A 11 49.86 61.26 11.71
CA ALA A 11 48.92 60.78 10.71
C ALA A 11 47.55 60.55 11.33
N SER A 12 46.51 60.71 10.51
CA SER A 12 45.14 60.58 10.98
C SER A 12 44.78 59.16 11.40
N A1D9O A 13 43.70 59.00 12.16
CA A1D9O A 13 43.29 57.66 12.65
C A1D9O A 13 42.40 56.88 11.66
O A1D9O A 13 42.07 57.41 10.56
CB A1D9O A 13 42.54 57.87 13.96
CG A1D9O A 13 43.12 59.16 14.50
CD A1D9O A 13 43.66 59.92 13.31
OD1 A1D9O A 13 44.21 58.86 15.39
OD2 A1D9O A 13 41.14 58.04 13.66
N THR A 14 41.99 55.68 12.04
CA THR A 14 41.12 54.84 11.21
C THR A 14 40.12 54.04 12.03
N ALA A 15 38.92 53.85 11.50
CA ALA A 15 37.93 53.00 12.15
C ALA A 15 38.39 51.54 12.11
N SER A 16 38.03 50.79 13.14
CA SER A 16 38.41 49.39 13.25
C SER A 16 37.73 48.54 12.18
N A1D9O A 17 38.24 47.32 11.97
CA A1D9O A 17 37.70 46.41 10.92
C A1D9O A 17 36.47 45.60 11.37
O A1D9O A 17 35.99 45.77 12.53
CB A1D9O A 17 38.83 45.48 10.52
CG A1D9O A 17 40.07 46.31 10.76
CD A1D9O A 17 39.71 47.25 11.90
OD1 A1D9O A 17 40.38 47.09 9.59
OD2 A1D9O A 17 38.82 44.34 11.41
N THR A 18 35.97 44.74 10.49
CA THR A 18 34.85 43.88 10.81
C THR A 18 34.99 42.50 10.16
N ALA A 19 34.56 41.46 10.88
CA ALA A 19 34.55 40.12 10.32
C ALA A 19 33.53 40.02 9.19
N SER A 20 33.84 39.18 8.21
CA SER A 20 32.99 38.99 7.04
C SER A 20 31.66 38.34 7.42
N A1D9O A 21 30.68 38.41 6.53
CA A1D9O A 21 29.33 37.84 6.81
C A1D9O A 21 29.18 36.37 6.39
O A1D9O A 21 30.15 35.75 5.88
CB A1D9O A 21 28.31 38.69 6.06
CG A1D9O A 21 29.00 40.03 5.93
CD A1D9O A 21 30.47 39.75 5.94
OD1 A1D9O A 21 28.67 40.84 7.07
OD2 A1D9O A 21 28.14 38.09 4.75
N THR A 22 27.99 35.82 6.61
CA THR A 22 27.69 34.43 6.27
C THR A 22 26.26 34.29 5.74
N ALA A 23 26.07 33.43 4.74
CA ALA A 23 24.74 33.13 4.27
C ALA A 23 23.96 32.38 5.34
N SER A 24 22.64 32.58 5.33
CA SER A 24 21.78 31.97 6.33
C SER A 24 21.67 30.46 6.15
N A1D9O A 25 21.20 29.78 7.19
CA A1D9O A 25 21.07 28.31 7.18
C A1D9O A 25 19.82 27.80 6.45
O A1D9O A 25 19.02 28.60 5.88
CB A1D9O A 25 21.07 27.86 8.63
CG A1D9O A 25 21.91 28.91 9.33
CD A1D9O A 25 21.71 30.18 8.52
OD1 A1D9O A 25 23.30 28.53 9.25
OD2 A1D9O A 25 19.72 27.88 9.16
N THR A 26 19.65 26.49 6.47
CA THR A 26 18.52 25.82 5.85
C THR A 26 18.10 24.57 6.61
N ALA A 27 16.79 24.35 6.68
CA ALA A 27 16.25 23.16 7.30
C ALA A 27 16.60 21.92 6.46
N SER A 28 16.83 20.81 7.15
CA SER A 28 17.23 19.57 6.50
C SER A 28 16.11 19.00 5.61
N A1D9O A 29 16.46 18.05 4.74
CA A1D9O A 29 15.49 17.44 3.81
C A1D9O A 29 14.67 16.28 4.39
O A1D9O A 29 14.87 15.90 5.58
CB A1D9O A 29 16.26 16.94 2.59
CG A1D9O A 29 17.44 17.88 2.54
CD A1D9O A 29 17.73 18.24 3.98
OD1 A1D9O A 29 17.04 19.08 1.85
OD2 A1D9O A 29 16.69 15.59 2.83
N THR A 30 13.77 15.73 3.59
CA THR A 30 13.01 14.54 3.96
C THR A 30 12.76 13.62 2.76
N ALA A 31 12.75 12.32 3.01
CA ALA A 31 12.41 11.37 1.96
C ALA A 31 10.94 11.50 1.59
N SER A 32 10.62 11.15 0.35
CA SER A 32 9.26 11.24 -0.15
C SER A 32 8.36 10.19 0.51
N A1D9O A 33 7.05 10.35 0.35
CA A1D9O A 33 6.07 9.42 0.97
C A1D9O A 33 5.75 8.18 0.11
O A1D9O A 33 6.32 8.00 -0.99
CB A1D9O A 33 4.80 10.22 1.23
CG A1D9O A 33 5.33 11.62 1.46
CD A1D9O A 33 6.55 11.71 0.58
OD1 A1D9O A 33 5.70 11.78 2.84
OD2 A1D9O A 33 4.00 10.19 0.03
N THR A 34 4.85 7.35 0.62
CA THR A 34 4.41 6.16 -0.10
C THR A 34 2.93 5.87 0.13
N ALA A 35 2.25 5.36 -0.89
CA ALA A 35 0.86 4.99 -0.77
C ALA A 35 0.71 3.76 0.11
N SER A 36 -0.45 3.63 0.74
CA SER A 36 -0.70 2.53 1.67
C SER A 36 -0.76 1.18 0.94
N A1D9O A 37 -0.69 0.09 1.68
CA A1D9O A 37 -0.74 -1.26 1.09
C A1D9O A 37 -2.18 -1.80 1.01
O A1D9O A 37 -3.15 -1.11 1.43
CB A1D9O A 37 0.16 -2.17 1.92
CG A1D9O A 37 1.19 -1.22 2.49
CD A1D9O A 37 0.50 0.12 2.57
OD1 A1D9O A 37 2.33 -1.17 1.63
OD2 A1D9O A 37 -0.62 -2.74 3.00
N THR A 38 -2.33 -3.02 0.50
CA THR A 38 -3.64 -3.64 0.32
C THR A 38 -3.58 -5.14 0.57
N ALA A 39 -4.62 -5.67 1.20
CA ALA A 39 -4.73 -7.11 1.38
C ALA A 39 -4.92 -7.79 0.04
N SER A 40 -4.33 -8.98 -0.10
CA SER A 40 -4.39 -9.71 -1.36
C SER A 40 -5.82 -10.18 -1.66
N A1D9O A 41 -6.09 -10.46 -2.93
CA A1D9O A 41 -7.43 -10.89 -3.36
C A1D9O A 41 -7.74 -12.36 -2.98
O A1D9O A 41 -6.96 -13.00 -2.24
CB A1D9O A 41 -7.51 -10.71 -4.86
CG A1D9O A 41 -6.58 -9.53 -5.11
CD A1D9O A 41 -5.53 -9.65 -4.03
OD1 A1D9O A 41 -7.31 -8.30 -4.95
OD2 A1D9O A 41 -7.00 -11.89 -5.51
N THR A 42 -8.85 -12.87 -3.48
CA THR A 42 -9.35 -14.26 -3.27
C THR A 42 -10.18 -14.78 -4.42
N ALA A 43 -10.07 -16.09 -4.69
CA ALA A 43 -10.87 -16.71 -5.73
C ALA A 43 -12.34 -16.77 -5.30
N SER A 44 -13.23 -16.76 -6.29
CA SER A 44 -14.66 -16.73 -6.04
C SER A 44 -15.18 -18.10 -5.64
N A1D9O A 45 -16.20 -18.11 -4.79
CA A1D9O A 45 -16.75 -19.38 -4.26
C A1D9O A 45 -17.54 -20.19 -5.30
O A1D9O A 45 -17.63 -19.78 -6.48
CB A1D9O A 45 -17.66 -19.02 -3.10
CG A1D9O A 45 -17.10 -17.69 -2.63
CD A1D9O A 45 -16.55 -17.03 -3.87
OD1 A1D9O A 45 -16.04 -17.90 -1.70
OD2 A1D9O A 45 -18.98 -18.85 -3.63
N THR A 46 -18.12 -21.32 -4.86
CA THR A 46 -18.84 -22.23 -5.75
C THR A 46 -20.01 -22.91 -5.03
N ALA A 47 -21.13 -23.15 -5.71
CA ALA A 47 -22.22 -23.91 -5.10
C ALA A 47 -21.82 -25.37 -4.94
N SER A 48 -22.39 -26.02 -3.94
CA SER A 48 -22.05 -27.42 -3.64
C SER A 48 -22.62 -28.36 -4.70
N A1D9O A 49 -22.10 -29.59 -4.72
CA A1D9O A 49 -22.52 -30.60 -5.71
C A1D9O A 49 -23.81 -31.36 -5.30
O A1D9O A 49 -24.40 -31.09 -4.24
CB A1D9O A 49 -21.36 -31.58 -5.88
CG A1D9O A 49 -20.14 -30.72 -5.58
CD A1D9O A 49 -20.62 -29.61 -4.67
OD1 A1D9O A 49 -19.63 -30.15 -6.80
OD2 A1D9O A 49 -21.46 -32.65 -4.92
N THR A 50 -24.21 -32.31 -6.14
CA THR A 50 -25.40 -33.11 -5.91
C THR A 50 -25.23 -34.54 -6.42
N ALA A 51 -25.73 -35.51 -5.66
CA ALA A 51 -25.69 -36.89 -6.09
C ALA A 51 -26.58 -37.10 -7.31
N SER A 52 -26.23 -38.08 -8.13
CA SER A 52 -26.97 -38.37 -9.34
C SER A 52 -28.38 -38.88 -9.04
N A1D9O A 53 -29.24 -38.87 -10.06
CA A1D9O A 53 -30.63 -39.35 -9.91
C A1D9O A 53 -30.77 -40.86 -10.18
O A1D9O A 53 -29.76 -41.56 -10.44
CB A1D9O A 53 -31.48 -38.57 -10.91
CG A1D9O A 53 -30.75 -37.24 -11.01
CD A1D9O A 53 -29.30 -37.57 -10.76
OD1 A1D9O A 53 -31.22 -36.36 -9.99
OD2 A1D9O A 53 -31.44 -39.25 -12.17
N THR A 54 -31.99 -41.36 -10.10
CA THR A 54 -32.29 -42.76 -10.37
C THR A 54 -33.64 -42.94 -11.04
N ALA A 55 -33.72 -43.85 -11.99
CA ALA A 55 -34.99 -44.16 -12.63
C ALA A 55 -35.96 -44.78 -11.64
N SER A 56 -37.25 -44.55 -11.87
CA SER A 56 -38.27 -45.06 -10.96
C SER A 56 -38.34 -46.59 -11.02
N A1D9O A 57 -38.93 -47.20 -10.00
CA A1D9O A 57 -39.01 -48.69 -9.93
C A1D9O A 57 -40.23 -49.25 -10.66
O A1D9O A 57 -41.01 -48.49 -11.27
CB A1D9O A 57 -39.01 -49.07 -8.46
CG A1D9O A 57 -38.23 -47.94 -7.79
CD A1D9O A 57 -38.37 -46.75 -8.70
OD1 A1D9O A 57 -36.85 -48.32 -7.64
OD2 A1D9O A 57 -40.38 -49.02 -8.01
N THR A 58 -40.42 -50.58 -10.59
CA THR A 58 -41.53 -51.25 -11.28
C THR A 58 -42.09 -52.42 -10.46
N ALA A 59 -43.41 -52.55 -10.43
CA ALA A 59 -44.02 -53.68 -9.75
C ALA A 59 -43.68 -54.98 -10.45
N SER A 60 -43.55 -56.05 -9.66
CA SER A 60 -43.16 -57.35 -10.19
C SER A 60 -44.23 -57.94 -11.12
N A1D9O A 61 -43.81 -58.90 -11.94
CA A1D9O A 61 -44.71 -59.57 -12.91
C A1D9O A 61 -45.61 -60.64 -12.29
O A1D9O A 61 -45.56 -60.89 -11.06
CB A1D9O A 61 -43.84 -60.18 -14.01
CG A1D9O A 61 -42.64 -59.25 -14.03
CD A1D9O A 61 -42.49 -58.78 -12.60
OD1 A1D9O A 61 -42.92 -58.13 -14.87
OD2 A1D9O A 61 -43.44 -61.51 -13.64
N THR A 62 -46.40 -61.29 -13.13
CA THR A 62 -47.26 -62.39 -12.72
C THR A 62 -47.38 -63.43 -13.83
N ALA A 63 -47.55 -64.68 -13.43
CA ALA A 63 -47.77 -65.75 -14.40
C ALA A 63 -49.17 -65.64 -14.99
N SER A 64 -49.34 -66.18 -16.19
CA SER A 64 -50.63 -66.12 -16.86
C SER A 64 -51.63 -67.05 -16.17
N A1D9O A 65 -52.92 -66.93 -16.50
CA A1D9O A 65 -53.95 -67.79 -15.86
C A1D9O A 65 -54.25 -69.08 -16.66
O A1D9O A 65 -53.61 -69.34 -17.71
CB A1D9O A 65 -55.21 -66.95 -15.72
CG A1D9O A 65 -54.69 -65.54 -15.59
CD A1D9O A 65 -53.34 -65.54 -16.28
OD1 A1D9O A 65 -54.55 -65.22 -14.22
OD2 A1D9O A 65 -55.99 -67.10 -16.93
N THR A 66 -55.20 -69.88 -16.18
CA THR A 66 -55.60 -71.12 -16.83
C THR A 66 -57.10 -71.34 -16.77
N ALA A 67 -57.69 -71.87 -17.84
CA ALA A 67 -59.11 -72.21 -17.82
C ALA A 67 -59.37 -73.36 -16.86
N SER A 68 -60.58 -73.40 -16.33
CA SER A 68 -60.96 -74.43 -15.35
C SER A 68 -61.01 -75.83 -15.95
N A1D9O A 69 -60.97 -76.85 -15.10
CA A1D9O A 69 -61.05 -78.25 -15.57
C A1D9O A 69 -62.50 -78.72 -15.75
O A1D9O A 69 -63.47 -78.00 -15.45
CB A1D9O A 69 -60.33 -79.14 -14.56
CG A1D9O A 69 -59.32 -78.20 -13.94
CD A1D9O A 69 -59.88 -76.80 -14.10
OD1 A1D9O A 69 -58.10 -78.31 -14.67
OD2 A1D9O A 69 -61.26 -79.65 -13.58
N THR A 70 -62.63 -79.96 -16.23
CA THR A 70 -63.92 -80.57 -16.49
C THR A 70 -63.90 -82.06 -16.16
N ALA A 71 -65.09 -82.63 -15.96
CA ALA A 71 -65.20 -84.07 -15.80
C ALA A 71 -65.18 -84.76 -17.16
N SER A 72 -64.99 -86.08 -17.14
CA SER A 72 -64.94 -86.86 -18.37
C SER A 72 -66.28 -86.89 -19.09
O5 AHR B . -11.42 -11.28 -7.72
C5 AHR B . -10.50 -11.93 -8.59
C4 AHR B . -9.30 -12.44 -7.82
O4 AHR B . -8.64 -11.36 -7.11
C3 AHR B . -8.18 -13.06 -8.66
O3 AHR B . -8.50 -14.34 -9.17
C2 AHR B . -7.03 -13.04 -7.66
O2 AHR B . -5.76 -13.19 -8.25
C1 AHR B . -7.27 -11.72 -6.90
O5 FUB B . -12.20 -13.16 -11.09
C5 FUB B . -12.05 -14.36 -11.85
C4 FUB B . -10.66 -14.93 -11.74
O4 FUB B . -10.32 -15.19 -10.36
C3 FUB B . -9.52 -14.04 -12.25
O3 FUB B . -9.45 -13.96 -13.66
C2 FUB B . -8.33 -14.71 -11.58
O2 FUB B . -7.19 -13.89 -11.51
C1 FUB B . -8.89 -15.21 -10.24
O5 FUB B . -6.36 -14.17 -15.83
C5 FUB B . -5.07 -14.57 -15.43
C4 FUB B . -4.82 -14.26 -13.98
O4 FUB B . -5.80 -14.89 -13.12
C3 FUB B . -4.91 -12.77 -13.59
O3 FUB B . -3.79 -12.02 -14.02
C2 FUB B . -5.05 -12.88 -12.08
O2 FUB B . -5.60 -11.72 -11.48
C1 FUB B . -5.83 -14.19 -11.86
C1 GAL B . -4.50 -11.02 -10.92
C2 GAL B . -5.01 -9.83 -10.12
C3 GAL B . -3.90 -9.14 -9.37
C4 GAL B . -3.05 -10.14 -8.59
C5 GAL B . -2.58 -11.25 -9.51
C6 GAL B . -1.81 -12.33 -8.78
O2 GAL B . -5.69 -8.93 -10.98
O3 GAL B . -4.45 -8.17 -8.48
O4 GAL B . -3.82 -10.71 -7.53
O5 GAL B . -3.73 -11.89 -10.10
O6 GAL B . -1.12 -13.18 -9.69
O5 AHR B . -9.97 -10.66 -12.61
C5 AHR B . -9.85 -9.26 -12.84
C4 AHR B . -8.43 -8.79 -12.61
O4 AHR B . -8.01 -9.05 -11.26
C3 AHR B . -8.19 -7.30 -12.81
O3 AHR B . -8.16 -6.90 -14.17
C2 AHR B . -6.87 -7.12 -12.07
O2 AHR B . -6.63 -5.80 -11.65
C1 AHR B . -6.89 -8.19 -10.96
O5 FUB B . -13.52 -13.26 -14.91
C5 FUB B . -13.27 -14.18 -15.96
C4 FUB B . -11.79 -14.43 -16.13
O4 FUB B . -11.21 -14.91 -14.90
C3 FUB B . -10.95 -13.19 -16.49
O3 FUB B . -11.09 -12.82 -17.85
C2 FUB B . -9.56 -13.68 -16.11
O2 FUB B . -8.63 -12.61 -15.91
C1 FUB B . -9.80 -14.60 -14.91
O5 AHR B . -10.71 -9.67 -19.27
C5 AHR B . -9.35 -9.32 -19.04
C4 AHR B . -8.62 -10.39 -18.25
O4 AHR B . -9.25 -10.58 -16.96
C3 AHR B . -7.16 -10.10 -17.93
O3 AHR B . -6.29 -10.25 -19.04
C2 AHR B . -6.93 -11.09 -16.79
O2 AHR B . -5.84 -10.73 -15.96
C1 AHR B . -8.29 -11.23 -16.10
O5 FUB C . -9.48 -4.38 -8.50
C5 FUB C . -8.84 -5.63 -8.31
C4 FUB C . -8.03 -5.64 -7.02
O4 FUB C . -7.39 -6.92 -6.83
C3 FUB C . -8.82 -5.42 -5.74
O3 FUB C . -9.20 -4.07 -5.54
C2 FUB C . -7.85 -5.96 -4.70
O2 FUB C . -8.51 -6.44 -3.53
C1 FUB C . -7.01 -7.01 -5.44
C1 BMA C . -9.27 -5.77 -2.55
C2 BMA C . -9.57 -6.72 -1.40
C3 BMA C . -10.20 -5.99 -0.23
C4 BMA C . -9.35 -4.80 0.16
C5 BMA C . -9.16 -3.90 -1.05
C6 BMA C . -8.27 -2.70 -0.74
O2 BMA C . -8.35 -7.33 -0.96
O3 BMA C . -10.31 -6.89 0.89
O4 BMA C . -9.99 -4.10 1.24
O5 BMA C . -8.53 -4.63 -2.10
O6 BMA C . -9.09 -1.58 -0.40
C1 BMA C . -10.38 -3.05 2.16
C2 BMA C . -10.50 -3.52 3.61
C3 BMA C . -10.64 -2.35 4.58
C4 BMA C . -9.76 -1.15 4.25
C5 BMA C . -9.86 -0.83 2.76
C6 BMA C . -8.95 0.31 2.32
O2 BMA C . -9.40 -4.35 3.99
O3 BMA C . -10.30 -2.80 5.90
O4 BMA C . -10.20 -0.03 5.04
O5 BMA C . -9.47 -1.97 2.02
O6 BMA C . -9.03 0.45 0.89
C1 NGA C . -10.01 1.35 5.42
C2 NGA C . -10.39 1.61 6.89
C3 NGA C . -9.84 2.95 7.38
C4 NGA C . -8.39 3.18 6.95
C5 NGA C . -8.38 3.05 5.43
C6 NGA C . -7.07 3.43 4.79
C7 NGA C . -12.53 0.79 7.84
C8 NGA C . -14.02 1.02 7.77
N2 NGA C . -11.82 1.60 7.02
O3 NGA C . -10.03 3.02 8.77
O4 NGA C . -7.58 2.22 7.58
O5 NGA C . -8.68 1.71 5.13
O6 NGA C . -7.27 4.56 3.97
O7 NGA C . -12.02 -0.04 8.56
C1 MAN C . -7.15 4.25 2.56
C2 MAN C . -6.39 5.37 1.89
C3 MAN C . -7.13 6.17 0.85
C4 MAN C . -8.61 5.87 0.75
C5 MAN C . -9.22 5.16 1.96
C6 MAN C . -10.71 4.87 1.78
O2 MAN C . -5.23 4.81 1.26
O3 MAN C . -6.51 5.92 -0.41
O4 MAN C . -9.28 7.12 0.51
O5 MAN C . -8.44 4.00 1.99
O6 MAN C . -11.36 4.27 2.94
C1 MAN C . -9.78 7.41 -0.84
C2 MAN C . -11.07 6.75 -1.27
C3 MAN C . -10.85 5.67 -2.31
C4 MAN C . -9.99 6.19 -3.44
C5 MAN C . -8.69 6.77 -2.91
C6 MAN C . -7.82 7.38 -3.99
O2 MAN C . -11.98 7.74 -1.75
O3 MAN C . -12.11 5.21 -2.80
O4 MAN C . -9.71 5.14 -4.37
O5 MAN C . -8.98 7.81 -1.96
O6 MAN C . -6.67 7.99 -3.43
C1 MAN C . -9.10 4.27 -5.32
C2 MAN C . -8.83 5.00 -6.63
C3 MAN C . -10.10 5.21 -7.43
C4 MAN C . -10.87 3.91 -7.57
C5 MAN C . -11.14 3.31 -6.19
C6 MAN C . -11.85 1.97 -6.26
O2 MAN C . -7.87 4.28 -7.39
O3 MAN C . -9.77 5.75 -8.72
O4 MAN C . -12.12 4.13 -8.22
O5 MAN C . -9.90 3.09 -5.50
O6 MAN C . -12.00 1.40 -4.96
C1 GAL C . -10.37 6.17 -9.98
C2 GAL C . -9.31 6.42 -11.03
C3 GAL C . -9.92 6.61 -12.42
C4 GAL C . -10.90 5.50 -12.76
C5 GAL C . -11.92 5.37 -11.64
C6 GAL C . -12.88 4.23 -11.86
O2 GAL C . -8.44 7.49 -10.66
O3 GAL C . -8.89 6.70 -13.41
O4 GAL C . -10.19 4.27 -12.89
O5 GAL C . -11.25 5.12 -10.40
O6 GAL C . -13.38 4.22 -13.20
C1 MAN C . -7.28 7.94 -11.40
C2 MAN C . -6.63 8.99 -10.52
C3 MAN C . -7.45 10.26 -10.39
C4 MAN C . -7.87 10.75 -11.77
C5 MAN C . -8.57 9.66 -12.54
C6 MAN C . -8.94 10.06 -13.95
O2 MAN C . -5.32 9.28 -11.00
O3 MAN C . -6.69 11.26 -9.72
O4 MAN C . -8.75 11.88 -11.64
O5 MAN C . -7.71 8.51 -12.64
O6 MAN C . -9.50 8.95 -14.66
O5 AHR C . -5.36 15.38 -12.00
C5 AHR C . -4.40 14.99 -11.03
C4 AHR C . -4.66 13.58 -10.53
O4 AHR C . -5.97 13.49 -9.94
C3 AHR C . -3.71 13.08 -9.44
O3 AHR C . -2.43 12.72 -9.93
C2 AHR C . -4.53 11.92 -8.87
O2 AHR C . -4.17 11.59 -7.54
C1 AHR C . -5.99 12.33 -9.09
O5 AHR C . -1.71 14.73 -5.55
C5 AHR C . -0.48 14.35 -6.14
C4 AHR C . -0.67 13.97 -7.59
O4 AHR C . -1.59 12.87 -7.74
C3 AHR C . 0.59 13.51 -8.33
O3 AHR C . 1.47 14.57 -8.66
C2 AHR C . -0.03 12.81 -9.54
O2 AHR C . 0.82 11.83 -10.11
C1 AHR C . -1.39 12.29 -9.05
O5 AHR C . -5.50 4.29 -11.42
C5 AHR C . -5.60 3.96 -12.79
C4 AHR C . -7.00 4.24 -13.32
O4 AHR C . -7.99 3.46 -12.62
C3 AHR C . -7.24 3.91 -14.79
O3 AHR C . -6.66 4.86 -15.68
C2 AHR C . -8.76 3.85 -14.83
O2 AHR C . -9.25 3.07 -15.90
C1 AHR C . -9.17 3.39 -13.43
O5 AHR C . -12.81 0.89 -18.43
C5 AHR C . -11.53 0.32 -18.73
C4 AHR C . -10.48 0.80 -17.76
O4 AHR C . -10.35 2.23 -17.79
C3 AHR C . -9.06 0.29 -18.02
O3 AHR C . -8.88 -1.07 -17.65
C2 AHR C . -8.25 1.29 -17.20
O2 AHR C . -6.91 1.41 -17.64
C1 AHR C . -9.08 2.59 -17.23
O5 AHR C . -15.70 0.89 -15.83
C5 AHR C . -15.32 1.99 -16.63
C4 AHR C . -14.38 2.91 -15.87
O4 AHR C . -14.99 3.42 -14.68
C3 AHR C . -13.92 4.16 -16.63
O3 AHR C . -12.95 3.89 -17.64
C2 AHR C . -13.42 5.02 -15.48
O2 AHR C . -13.44 6.40 -15.77
C1 AHR C . -14.25 4.58 -14.26
C1 MAN C . -13.38 0.98 -5.00
C2 MAN C . -14.24 1.98 -4.27
C3 MAN C . -14.10 1.87 -2.77
C4 MAN C . -14.26 0.43 -2.32
C5 MAN C . -13.29 -0.47 -3.06
C6 MAN C . -13.47 -1.93 -2.72
O2 MAN C . -15.61 1.82 -4.66
O3 MAN C . -15.08 2.70 -2.13
O4 MAN C . -14.00 0.33 -0.92
O5 MAN C . -13.52 -0.34 -4.49
O6 MAN C . -12.64 -2.76 -3.53
C1 BMA C . -12.63 4.74 3.55
C2 BMA C . -12.25 4.69 5.02
C3 BMA C . -13.50 4.94 5.84
C4 BMA C . -14.08 6.30 5.45
C5 BMA C . -14.34 6.37 3.95
C6 BMA C . -14.78 7.79 3.58
O2 BMA C . -11.26 5.69 5.31
O3 BMA C . -13.16 4.93 7.23
O4 BMA C . -15.30 6.53 6.17
O5 BMA C . -13.16 6.03 3.21
O6 BMA C . -14.62 8.03 2.18
C1 BMA C . -15.69 6.81 7.50
C2 BMA C . -17.20 6.63 7.61
C3 BMA C . -17.63 6.79 9.06
C4 BMA C . -16.87 5.81 9.92
C5 BMA C . -15.38 6.08 9.78
C6 BMA C . -14.56 5.13 10.64
O2 BMA C . -17.55 5.32 7.16
O3 BMA C . -19.04 6.58 9.16
O4 BMA C . -17.27 5.96 11.29
O5 BMA C . -14.99 5.95 8.41
O6 BMA C . -14.78 5.41 12.03
C1 MAN C . -20.38 7.07 9.14
C2 MAN C . -20.56 8.14 8.07
C3 MAN C . -19.93 9.46 8.47
C4 MAN C . -20.37 9.86 9.86
C5 MAN C . -20.09 8.74 10.86
C6 MAN C . -20.57 9.05 12.25
O2 MAN C . -21.94 8.30 7.77
O3 MAN C . -20.29 10.46 7.52
O4 MAN C . -19.66 11.03 10.27
O5 MAN C . -20.75 7.54 10.44
O6 MAN C . -20.37 7.94 13.12
O5 AHR C . -16.90 13.88 7.45
C5 AHR C . -16.87 14.30 8.80
C4 AHR C . -17.50 13.28 9.72
O4 AHR C . -18.87 13.03 9.36
C3 AHR C . -17.56 13.65 11.20
O3 AHR C . -16.30 13.54 11.85
C2 AHR C . -18.62 12.68 11.70
O2 AHR C . -19.26 13.11 12.88
C1 AHR C . -19.53 12.43 10.49
C1 BMA C . -14.93 5.62 13.43
C2 BMA C . -15.57 4.39 14.07
C3 BMA C . -15.64 4.53 15.58
C4 BMA C . -14.26 4.86 16.12
C5 BMA C . -13.69 6.09 15.44
C6 BMA C . -12.27 6.35 15.95
O2 BMA C . -14.79 3.24 13.72
O3 BMA C . -16.09 3.30 16.16
O4 BMA C . -14.34 5.09 17.53
O5 BMA C . -13.66 5.91 14.02
O6 BMA C . -11.49 6.93 14.90
O5 AHR C . -19.41 -0.17 17.01
C5 AHR C . -18.30 -0.31 17.88
C4 AHR C . -17.40 0.90 17.81
O4 AHR C . -16.92 1.13 16.48
C3 AHR C . -16.13 0.83 18.67
O3 AHR C . -16.38 1.02 20.06
C2 AHR C . -15.30 1.94 18.03
O2 AHR C . -13.91 1.79 18.24
C1 AHR C . -15.75 1.96 16.55
O5 AHR C . -7.69 8.12 12.04
C5 AHR C . -8.09 9.21 12.85
C4 AHR C . -9.05 8.77 13.93
O4 AHR C . -10.23 8.17 13.37
C3 AHR C . -9.58 9.88 14.84
O3 AHR C . -8.63 10.34 15.79
C2 AHR C . -10.80 9.18 15.45
O2 AHR C . -11.77 10.08 15.95
C1 AHR C . -11.28 8.22 14.36
O5 AHR C . -6.41 6.50 6.39
C5 AHR C . -7.27 7.41 7.07
C4 AHR C . -8.70 6.94 7.04
O4 AHR C . -9.19 6.83 5.69
C3 AHR C . -9.72 7.84 7.74
O3 AHR C . -9.66 7.75 9.16
C2 AHR C . -11.02 7.32 7.14
O2 AHR C . -12.09 8.22 7.26
C1 AHR C . -10.63 6.93 5.70
O5 AHR C . -11.22 10.84 4.41
C5 AHR C . -11.47 11.29 3.09
C4 AHR C . -12.72 10.65 2.52
O4 AHR C . -12.59 9.20 2.45
C3 AHR C . -13.10 11.04 1.09
O3 AHR C . -13.67 12.34 1.01
C2 AHR C . -14.05 9.91 0.71
O2 AHR C . -14.16 9.74 -0.68
C1 AHR C . -13.53 8.70 1.50
O5 FUB C . -4.08 2.35 -3.03
C5 FUB C . -5.44 2.01 -2.81
C4 FUB C . -5.84 2.27 -1.38
O4 FUB C . -5.65 3.65 -1.02
C3 FUB C . -5.07 1.49 -0.31
O3 FUB C . -5.45 0.12 -0.23
C2 FUB C . -5.41 2.31 0.93
O2 FUB C . -4.43 2.18 1.95
C1 FUB C . -5.63 3.75 0.41
O5 AHR C . -12.38 3.56 13.08
C5 AHR C . -11.19 4.32 13.02
C4 AHR C . -10.66 4.41 11.61
O4 AHR C . -10.29 3.11 11.10
C3 AHR C . -9.41 5.26 11.41
O3 AHR C . -9.66 6.66 11.46
C2 AHR C . -8.92 4.75 10.06
O2 AHR C . -7.53 4.96 9.85
C1 AHR C . -9.38 3.28 10.01
O5 FUB C . -7.68 -9.03 4.98
C5 FUB C . -8.87 -9.24 4.22
C4 FUB C . -9.76 -8.03 4.26
O4 FUB C . -9.09 -6.87 3.71
C3 FUB C . -10.20 -7.59 5.66
O3 FUB C . -11.26 -8.36 6.18
C2 FUB C . -10.54 -6.11 5.42
O2 FUB C . -10.26 -5.30 6.54
C1 FUB C . -9.86 -5.73 4.11
O5 AHR C . -15.27 -6.76 8.47
C5 AHR C . -15.59 -7.76 7.53
C4 AHR C . -14.35 -8.47 7.04
O4 AHR C . -13.45 -7.55 6.38
C3 AHR C . -14.56 -9.57 6.01
O3 AHR C . -15.09 -10.77 6.56
C2 AHR C . -13.16 -9.71 5.44
O2 AHR C . -13.13 -10.29 4.15
C1 AHR C . -12.55 -8.30 5.56
O5 AHR C . -12.56 -7.90 -10.02
C5 AHR C . -13.10 -6.62 -10.27
C4 AHR C . -12.04 -5.55 -10.09
O4 AHR C . -11.49 -5.57 -8.77
C3 AHR C . -12.52 -4.11 -10.27
O3 AHR C . -12.73 -3.76 -11.63
C2 AHR C . -11.39 -3.34 -9.59
O2 AHR C . -11.78 -2.05 -9.17
C1 AHR C . -10.90 -4.29 -8.48
C1 GAL D . -12.30 -13.72 -1.78
C2 GAL D . -12.90 -13.17 -0.50
C3 GAL D . -14.38 -13.42 -0.41
C4 GAL D . -15.08 -13.00 -1.70
C5 GAL D . -14.42 -13.66 -2.89
C6 GAL D . -15.01 -13.25 -4.22
O2 GAL D . -12.24 -13.76 0.62
O3 GAL D . -14.91 -12.73 0.72
O4 GAL D . -15.00 -11.58 -1.86
O5 GAL D . -13.04 -13.28 -2.92
O6 GAL D . -14.58 -11.94 -4.60
C1 BMA D . -15.78 -10.49 -1.29
C2 BMA D . -14.98 -9.24 -1.01
C3 BMA D . -15.87 -8.31 -0.19
C4 BMA D . -17.14 -8.00 -0.98
C5 BMA D . -17.83 -9.29 -1.43
C6 BMA D . -18.98 -8.97 -2.38
O2 BMA D . -14.64 -8.58 -2.24
O3 BMA D . -15.16 -7.09 0.08
O4 BMA D . -18.03 -7.26 -0.15
O5 BMA D . -16.93 -10.17 -2.08
O6 BMA D . -19.55 -10.19 -2.86
C2 BGC D . -19.43 -6.58 1.70
C3 BGC D . -20.20 -5.43 2.32
C4 BGC D . -19.38 -4.15 2.32
C5 BGC D . -18.84 -3.86 0.93
C6 BGC D . -17.92 -2.66 0.88
C1 BGC D . -18.85 -6.20 0.35
O2 BGC D . -20.24 -7.73 1.57
O3 BGC D . -20.57 -5.76 3.65
O4 BGC D . -20.19 -3.05 2.75
O5 BGC D . -18.08 -4.99 0.46
O6 BGC D . -17.45 -2.42 -0.44
O5 AHR D . -24.66 -1.43 3.33
C5 AHR D . -23.71 -0.39 3.58
C4 AHR D . -22.32 -0.85 3.19
O4 AHR D . -21.92 -2.03 3.93
C3 AHR D . -21.20 0.15 3.46
O3 AHR D . -21.14 1.21 2.51
C2 AHR D . -19.97 -0.75 3.49
O2 AHR D . -18.94 -0.29 4.33
C1 AHR D . -20.50 -2.16 3.81
C1 MAN D . -18.16 -0.04 5.50
C2 MAN D . -18.77 1.13 6.25
C3 MAN D . -18.58 2.45 5.51
C4 MAN D . -17.14 2.62 5.08
C5 MAN D . -16.67 1.42 4.29
C6 MAN D . -15.22 1.50 3.89
O2 MAN D . -18.25 1.18 7.58
O3 MAN D . -19.01 3.54 6.33
O4 MAN D . -17.01 3.79 4.27
O5 MAN D . -16.83 0.22 5.06
O6 MAN D . -14.79 0.31 3.20
O5 AHR D . -16.78 -0.46 12.21
C5 AHR D . -17.63 0.67 12.28
C4 AHR D . -18.41 0.83 11.00
O4 AHR D . -17.54 0.99 9.86
C3 AHR D . -19.34 2.06 10.94
O3 AHR D . -20.52 1.89 11.72
C2 AHR D . -19.57 2.15 9.44
O2 AHR D . -20.11 3.40 9.04
C1 AHR D . -18.18 1.82 8.87
O5 AHR D . -20.41 4.19 16.15
C5 AHR D . -21.73 4.11 15.62
C4 AHR D . -21.81 3.15 14.46
O4 AHR D . -20.92 3.54 13.38
C3 AHR D . -23.18 3.03 13.79
O3 AHR D . -24.11 2.27 14.56
C2 AHR D . -22.80 2.39 12.46
O2 AHR D . -23.76 2.60 11.45
C1 AHR D . -21.39 2.94 12.16
O5 AHR D . -22.80 -1.82 9.74
C5 AHR D . -24.12 -1.41 9.40
C4 AHR D . -24.33 0.05 9.71
O4 AHR D . -24.13 0.33 11.10
C3 AHR D . -25.73 0.60 9.41
O3 AHR D . -25.97 0.81 8.02
C2 AHR D . -25.73 1.88 10.25
O2 AHR D . -27.02 2.30 10.63
C1 AHR D . -24.75 1.60 11.41
O5 AHR D . -20.18 6.01 3.24
C5 AHR D . -19.98 5.64 1.88
C4 AHR D . -20.58 4.28 1.59
O4 AHR D . -19.98 3.25 2.40
C3 AHR D . -20.42 3.77 0.16
O3 AHR D . -21.27 4.44 -0.76
C2 AHR D . -20.72 2.29 0.36
O2 AHR D . -20.23 1.47 -0.68
C1 AHR D . -20.19 1.98 1.77
O5 AHR D . -19.16 8.83 -2.01
C5 AHR D . -19.11 7.92 -3.11
C4 AHR D . -20.12 6.81 -2.93
O4 AHR D . -19.86 6.04 -1.74
C3 AHR D . -20.17 5.76 -4.05
O3 AHR D . -20.78 6.24 -5.23
C2 AHR D . -20.93 4.65 -3.34
O2 AHR D . -20.81 3.38 -3.96
C1 AHR D . -20.44 4.73 -1.89
O5 FUB D . -20.26 -0.64 -5.77
C5 FUB D . -21.37 -0.27 -6.56
C4 FUB D . -22.08 0.94 -5.99
O4 FUB D . -21.20 2.07 -5.90
C3 FUB D . -22.62 0.76 -4.56
O3 FUB D . -23.81 -0.02 -4.50
C2 FUB D . -22.83 2.23 -4.16
O2 FUB D . -22.83 2.41 -2.76
C1 FUB D . -21.75 3.00 -4.95
O5 AHR D . -18.34 -12.01 2.97
C5 AHR D . -19.74 -12.12 2.80
C4 AHR D . -20.30 -10.90 2.09
O4 AHR D . -20.03 -9.69 2.84
C3 AHR D . -21.82 -10.87 1.88
O3 AHR D . -22.25 -11.74 0.85
C2 AHR D . -22.02 -9.39 1.58
O2 AHR D . -23.35 -8.95 1.82
C1 AHR D . -20.93 -8.67 2.39
C1 MAN D . -24.76 -8.93 1.98
C2 MAN D . -25.41 -8.43 0.69
C3 MAN D . -25.26 -6.93 0.50
C4 MAN D . -25.63 -6.17 1.77
C5 MAN D . -24.84 -6.71 2.95
C6 MAN D . -25.21 -6.05 4.25
O2 MAN D . -26.73 -8.96 0.49
O3 MAN D . -26.08 -6.50 -0.59
O4 MAN D . -25.33 -4.78 1.60
O5 MAN D . -25.10 -8.12 3.11
O6 MAN D . -24.52 -6.65 5.35
C1 MAN D . -28.11 -9.26 0.72
C2 MAN D . -28.98 -8.18 1.35
C3 MAN D . -30.33 -8.75 1.77
C4 MAN D . -30.14 -9.95 2.67
C5 MAN D . -28.65 -10.15 2.81
C6 MAN D . -28.30 -11.28 3.77
O2 MAN D . -29.18 -7.14 0.39
O3 MAN D . -31.01 -9.17 0.60
O4 MAN D . -30.73 -9.76 3.96
O5 MAN D . -28.21 -10.45 1.49
O6 MAN D . -27.20 -10.85 4.57
C1 MAN D . -14.39 -8.92 -3.62
C2 MAN D . -12.91 -8.89 -3.95
C3 MAN D . -12.40 -7.48 -4.18
C4 MAN D . -13.29 -6.75 -5.16
C5 MAN D . -14.73 -6.79 -4.70
C6 MAN D . -15.69 -6.14 -5.68
O2 MAN D . -12.64 -9.71 -5.09
O3 MAN D . -11.07 -7.54 -4.68
O4 MAN D . -12.87 -5.39 -5.27
O5 MAN D . -15.16 -8.15 -4.53
O6 MAN D . -17.04 -6.28 -5.27
O5 AHR D . -8.75 -16.54 2.75
C5 AHR D . -9.80 -16.23 3.66
C4 AHR D . -11.00 -15.67 2.94
O4 AHR D . -10.66 -14.45 2.23
C3 AHR D . -12.19 -15.27 3.82
O3 AHR D . -12.93 -16.38 4.30
C2 AHR D . -12.97 -14.37 2.86
O2 AHR D . -13.85 -13.48 3.52
C1 AHR D . -11.87 -13.70 2.00
O5 AHR E . 61.14 85.35 20.85
C5 AHR E . 60.36 86.10 19.92
C4 AHR E . 61.14 86.42 18.67
O4 AHR E . 62.35 87.16 18.99
C3 AHR E . 60.43 87.30 17.65
O3 AHR E . 59.42 86.63 16.91
C2 AHR E . 61.61 87.77 16.81
O2 AHR E . 61.33 88.92 16.05
C1 AHR E . 62.74 87.93 17.84
O5 FUB E . 57.24 85.36 20.49
C5 FUB E . 56.14 85.16 19.61
C4 FUB E . 56.36 85.84 18.28
O4 FUB E . 57.57 85.37 17.65
C3 FUB E . 56.54 87.37 18.33
O3 FUB E . 55.33 88.07 18.55
C2 FUB E . 57.16 87.61 16.95
O2 FUB E . 57.83 88.85 16.85
C1 FUB E . 58.02 86.35 16.70
O5 FUB E . 54.06 91.13 16.78
C5 FUB E . 54.54 91.62 15.55
C4 FUB E . 56.01 91.36 15.38
O4 FUB E . 56.30 89.94 15.45
C3 FUB E . 56.92 91.98 16.45
O3 FUB E . 57.09 93.38 16.30
C2 FUB E . 58.19 91.16 16.25
O2 FUB E . 59.05 91.15 17.37
C1 FUB E . 57.69 89.78 15.78
C1 GAL E . 60.10 92.09 17.12
C2 GAL E . 61.08 92.08 18.27
C3 GAL E . 62.31 92.93 17.98
C4 GAL E . 62.89 92.60 16.62
C5 GAL E . 61.81 92.67 15.55
C6 GAL E . 62.32 92.27 14.18
O2 GAL E . 60.44 92.51 19.46
O3 GAL E . 63.28 92.74 19.00
O4 GAL E . 63.45 91.29 16.63
O5 GAL E . 60.76 91.76 15.89
O6 GAL E . 61.39 92.64 13.16
O5 AHR E . 57.43 89.09 21.16
C5 AHR E . 57.83 89.99 22.20
C4 AHR E . 58.53 91.20 21.62
O4 AHR E . 59.71 90.81 20.89
C3 AHR E . 59.03 92.22 22.64
O3 AHR E . 58.00 93.02 23.20
C2 AHR E . 60.04 92.99 21.80
O2 AHR E . 61.04 93.62 22.58
C1 AHR E . 60.55 91.97 20.76
O5 FUB E . 53.52 85.87 21.80
C5 FUB E . 52.28 86.11 21.15
C4 FUB E . 52.41 87.20 20.12
O4 FUB E . 53.40 86.86 19.12
C3 FUB E . 52.86 88.57 20.63
O3 FUB E . 51.83 89.26 21.32
C2 FUB E . 53.32 89.23 19.35
O2 FUB E . 54.18 90.33 19.57
C1 FUB E . 53.89 88.08 18.51
O5 AHR E . 51.34 92.11 23.20
C5 AHR E . 52.13 93.14 22.62
C4 AHR E . 52.76 92.67 21.33
O4 AHR E . 53.61 91.54 21.54
C3 AHR E . 53.66 93.69 20.62
O3 AHR E . 52.93 94.73 19.99
C2 AHR E . 54.43 92.77 19.68
O2 AHR E . 55.66 93.33 19.25
C1 AHR E . 54.53 91.44 20.43
O5 FUB F . 63.62 90.79 24.89
C5 FUB F . 63.50 90.52 23.50
C4 FUB F . 64.84 90.59 22.80
O4 FUB F . 64.71 90.31 21.39
C3 FUB F . 65.90 89.59 23.27
O3 FUB F . 66.49 89.96 24.52
C2 FUB F . 66.87 89.61 22.09
O2 FUB F . 67.60 88.40 21.97
C1 FUB F . 66.01 89.99 20.88
C1 BMA F . 68.48 87.77 22.86
C2 BMA F . 69.06 86.51 22.22
C3 BMA F . 70.19 85.92 23.06
C4 BMA F . 71.21 87.00 23.36
C5 BMA F . 70.52 88.17 24.05
C6 BMA F . 71.48 89.30 24.38
O2 BMA F . 69.56 86.84 20.92
O3 BMA F . 70.82 84.86 22.33
O4 BMA F . 72.26 86.45 24.17
O5 BMA F . 69.51 88.69 23.21
O6 BMA F . 71.99 89.16 25.70
C1 BMA F . 73.41 86.38 25.03
C2 BMA F . 74.46 85.36 24.59
C3 BMA F . 75.74 85.47 25.43
C4 BMA F . 76.19 86.91 25.64
C5 BMA F . 75.03 87.75 26.11
C6 BMA F . 75.38 89.22 26.29
O2 BMA F . 74.78 85.50 23.19
O3 BMA F . 76.79 84.73 24.79
O4 BMA F . 77.25 86.93 26.59
O5 BMA F . 73.97 87.67 25.16
O6 BMA F . 74.22 89.93 26.73
C1 NGA F . 78.22 87.57 27.46
C2 NGA F . 79.49 86.72 27.60
C3 NGA F . 80.61 87.51 28.27
C4 NGA F . 80.78 88.90 27.66
C5 NGA F . 79.42 89.58 27.76
C6 NGA F . 79.41 91.03 27.31
C7 NGA F . 79.38 84.27 27.97
C8 NGA F . 79.01 83.23 29.00
N2 NGA F . 79.21 85.54 28.38
O3 NGA F . 81.78 86.73 28.18
O4 NGA F . 81.22 88.76 26.33
O5 NGA F . 78.50 88.86 26.97
O6 NGA F . 78.81 91.83 28.29
O7 NGA F . 79.81 83.99 26.87
C1 MAN F . 77.43 91.82 27.96
C2 MAN F . 76.83 93.21 28.04
C3 MAN F . 76.57 93.67 29.46
C4 MAN F . 75.82 92.59 30.23
C5 MAN F . 76.56 91.27 30.16
C6 MAN F . 75.85 90.13 30.85
O2 MAN F . 75.63 93.26 27.27
O3 MAN F . 75.83 94.88 29.45
O4 MAN F . 75.64 92.98 31.59
O5 MAN F . 76.72 90.88 28.77
O6 MAN F . 76.59 88.92 30.75
C1 MAN F . 74.99 93.10 32.88
C2 MAN F . 73.98 91.99 33.11
C3 MAN F . 72.68 92.23 32.36
C4 MAN F . 72.17 93.63 32.62
C5 MAN F . 73.24 94.67 32.29
C6 MAN F . 72.81 96.08 32.62
O2 MAN F . 73.74 91.84 34.51
O3 MAN F . 71.72 91.26 32.75
O4 MAN F . 71.01 93.89 31.84
O5 MAN F . 74.43 94.40 33.07
O6 MAN F . 73.88 97.01 32.39
C1 MAN F . 70.07 94.32 30.85
C2 MAN F . 69.27 95.51 31.37
C3 MAN F . 68.23 95.11 32.39
C4 MAN F . 67.40 93.95 31.88
C5 MAN F . 68.30 92.79 31.47
C6 MAN F . 67.54 91.62 30.87
O2 MAN F . 68.67 96.19 30.28
O3 MAN F . 67.40 96.23 32.71
O4 MAN F . 66.50 93.49 32.89
O5 MAN F . 69.23 93.24 30.46
O6 MAN F . 68.42 90.60 30.41
C1 GAL F . 66.34 96.61 33.61
C2 GAL F . 65.76 97.97 33.22
C3 GAL F . 64.50 98.30 34.00
C4 GAL F . 63.51 97.15 33.95
C5 GAL F . 64.18 95.86 34.39
C6 GAL F . 63.28 94.66 34.28
O2 GAL F . 66.75 98.99 33.31
O3 GAL F . 63.92 99.50 33.52
O4 GAL F . 63.02 97.00 32.63
O5 GAL F . 65.32 95.61 33.54
O6 GAL F . 61.99 94.93 34.82
C1 MAN F . 66.96 100.37 32.95
C2 MAN F . 68.41 100.77 33.08
C3 MAN F . 68.85 100.98 34.52
C4 MAN F . 67.86 101.89 35.25
C5 MAN F . 66.45 101.36 35.11
C6 MAN F . 65.41 102.25 35.74
O2 MAN F . 68.66 101.95 32.30
O3 MAN F . 70.15 101.55 34.56
O4 MAN F . 68.21 101.97 36.62
O5 MAN F . 66.11 101.23 33.72
O6 MAN F . 64.10 101.75 35.52
O5 AHR F . 69.15 105.90 36.53
C5 AHR F . 70.23 105.99 35.59
C4 AHR F . 70.36 104.72 34.79
O4 AHR F . 70.61 103.58 35.64
C3 AHR F . 71.51 104.68 33.77
O3 AHR F . 71.24 105.46 32.61
C2 AHR F . 71.63 103.19 33.52
O2 AHR F . 72.91 102.80 33.08
C1 AHR F . 71.16 102.53 34.83
O5 AHR F . 76.06 105.79 33.21
C5 AHR F . 75.63 106.55 32.09
C4 AHR F . 74.13 106.67 32.06
O4 AHR F . 73.50 105.38 31.98
C3 AHR F . 73.54 107.45 30.87
O3 AHR F . 73.71 108.86 30.99
C2 AHR F . 72.09 106.98 30.92
O2 AHR F . 71.44 107.09 29.67
C1 AHR F . 72.16 105.57 31.51
O5 AHR F . 65.67 99.16 29.16
C5 AHR F . 64.34 99.66 29.18
C4 AHR F . 63.60 99.20 30.40
O4 AHR F . 63.51 97.76 30.45
C3 AHR F . 62.14 99.67 30.52
O3 AHR F . 62.02 101.03 30.91
C2 AHR F . 61.60 98.67 31.55
O2 AHR F . 60.21 98.48 31.45
C1 AHR F . 62.46 97.40 31.36
O5 AHR F . 56.41 95.57 32.34
C5 AHR F . 56.32 96.14 31.05
C4 AHR F . 57.61 96.83 30.65
O4 AHR F . 57.95 97.88 31.58
C3 AHR F . 57.62 97.51 29.29
O3 AHR F . 57.72 96.61 28.21
C2 AHR F . 58.84 98.44 29.45
O2 AHR F . 58.79 99.55 28.59
C1 AHR F . 58.90 98.75 30.95
O5 AHR F . 57.87 92.35 34.45
C5 AHR F . 57.60 93.71 34.82
C4 AHR F . 58.84 94.56 34.67
O4 AHR F . 59.91 94.09 35.49
C3 AHR F . 58.68 96.04 35.08
O3 AHR F . 57.96 96.80 34.13
C2 AHR F . 60.14 96.44 35.25
O2 AHR F . 60.30 97.54 36.12
C1 AHR F . 60.86 95.15 35.67
C1 MAN F . 67.94 89.42 31.06
C2 MAN F . 68.91 88.99 32.15
C3 MAN F . 70.18 88.37 31.58
C4 MAN F . 69.84 87.30 30.55
C5 MAN F . 68.93 87.86 29.48
C6 MAN F . 68.49 86.81 28.48
O2 MAN F . 68.27 88.08 33.04
O3 MAN F . 70.95 87.82 32.64
O4 MAN F . 71.04 86.82 29.94
O5 MAN F . 67.73 88.38 30.08
O6 MAN F . 67.54 87.35 27.56
C1 BMA F . 77.15 87.94 31.60
C2 BMA F . 78.64 87.78 31.32
C3 BMA F . 79.18 86.66 32.19
C4 BMA F . 78.92 87.02 33.65
C5 BMA F . 77.43 87.21 33.87
C6 BMA F . 77.10 87.55 35.32
O2 BMA F . 79.34 89.00 31.62
O3 BMA F . 80.58 86.49 31.94
O4 BMA F . 79.42 85.98 34.51
O5 BMA F . 76.92 88.21 32.98
O6 BMA F . 77.95 88.61 35.79
C1 BMA F . 80.60 85.26 34.83
C2 BMA F . 80.25 84.12 35.78
C3 BMA F . 81.46 83.26 36.03
C4 BMA F . 82.01 82.75 34.71
C5 BMA F . 82.35 83.94 33.82
C6 BMA F . 82.85 83.47 32.46
O2 BMA F . 79.22 83.32 35.18
O3 BMA F . 81.09 82.16 36.87
O4 BMA F . 83.19 81.98 34.95
O5 BMA F . 81.20 84.76 33.63
O6 BMA F . 84.01 82.65 32.63
C1 MAN F . 80.93 81.52 38.14
C2 MAN F . 80.68 82.55 39.23
C3 MAN F . 81.92 83.33 39.59
C4 MAN F . 83.10 82.39 39.85
C5 MAN F . 83.30 81.46 38.67
C6 MAN F . 84.40 80.45 38.89
O2 MAN F . 80.13 81.90 40.37
O3 MAN F . 81.67 84.13 40.74
O4 MAN F . 84.28 83.15 40.06
O5 MAN F . 82.09 80.71 38.41
O6 MAN F . 84.48 79.53 37.80
O5 AHR F . 82.93 87.68 41.18
C5 AHR F . 84.34 87.53 41.27
C4 AHR F . 84.78 86.22 40.65
O4 AHR F . 84.19 85.09 41.34
C3 AHR F . 86.29 85.93 40.72
O3 AHR F . 87.04 86.68 39.78
C2 AHR F . 86.30 84.43 40.48
O2 AHR F . 87.45 83.79 40.99
C1 AHR F . 84.96 83.92 41.04
C1 BMA F . 85.38 82.27 32.57
C2 BMA F . 85.51 80.88 31.96
C3 BMA F . 86.97 80.49 31.78
C4 BMA F . 87.72 81.57 31.03
C5 BMA F . 87.52 82.92 31.70
C6 BMA F . 88.20 84.02 30.90
O2 BMA F . 84.87 80.89 30.67
O3 BMA F . 87.06 79.25 31.06
O4 BMA F . 89.11 81.26 31.01
O5 BMA F . 86.12 83.22 31.82
O6 BMA F . 87.68 85.28 31.31
O5 AHR F . 85.50 74.92 29.25
C5 AHR F . 86.67 75.37 28.59
C4 AHR F . 87.32 76.50 29.33
O4 AHR F . 86.43 77.64 29.44
C3 AHR F . 88.59 77.09 28.71
O3 AHR F . 89.73 76.24 28.86
C2 AHR F . 88.69 78.42 29.43
O2 AHR F . 89.47 79.38 28.74
C1 AHR F . 87.22 78.82 29.70
O5 AHR F . 87.13 90.09 31.37
C5 AHR F . 88.49 89.74 31.55
C4 AHR F . 88.71 88.26 31.28
O4 AHR F . 87.91 87.44 32.16
C3 AHR F . 90.13 87.75 31.47
O3 AHR F . 91.02 88.12 30.43
C2 AHR F . 89.88 86.25 31.59
O2 AHR F . 90.89 85.56 32.30
C1 AHR F . 88.46 86.12 32.15
O5 AHR F . 81.93 92.27 28.92
C5 AHR F . 82.60 91.93 30.13
C4 AHR F . 81.99 90.72 30.78
O4 AHR F . 80.61 90.96 31.13
C3 AHR F . 82.63 90.27 32.09
O3 AHR F . 83.88 89.60 31.91
C2 AHR F . 81.53 89.40 32.67
O2 AHR F . 81.61 89.23 34.08
C1 AHR F . 80.22 90.02 32.16
O5 AHR F . 79.62 93.29 36.03
C5 AHR F . 78.28 93.20 36.49
C4 AHR F . 77.91 91.76 36.77
O4 AHR F . 78.02 90.96 35.57
C3 AHR F . 76.47 91.51 37.24
O3 AHR F . 76.26 91.89 38.60
C2 AHR F . 76.33 90.02 36.96
O2 AHR F . 74.99 89.59 36.90
C1 AHR F . 77.16 89.80 35.70
O5 FUB F . 73.12 96.90 27.88
C5 FUB F . 72.05 96.03 27.49
C4 FUB F . 72.58 94.78 26.83
O4 FUB F . 73.48 94.07 27.70
C3 FUB F . 73.38 95.00 25.55
O3 FUB F . 72.59 95.32 24.43
C2 FUB F . 74.10 93.65 25.45
O2 FUB F . 75.29 93.70 24.68
C1 FUB F . 74.27 93.17 26.89
O5 AHR F . 84.72 82.90 27.97
C5 AHR F . 85.27 83.93 28.78
C4 AHR F . 84.26 85.02 29.06
O4 AHR F . 83.80 85.62 27.83
C3 AHR F . 84.75 86.20 29.90
O3 AHR F . 84.88 85.89 31.28
C2 AHR F . 83.69 87.24 29.57
O2 AHR F . 84.15 88.57 29.73
C1 AHR F . 83.19 86.88 28.16
O5 FUB F . 73.88 83.79 18.51
C5 FUB F . 72.95 83.10 19.34
C4 FUB F . 73.41 83.10 20.78
O4 FUB F . 73.53 84.45 21.30
C3 FUB F . 74.79 82.48 21.03
O3 FUB F . 74.77 81.06 21.03
C2 FUB F . 75.17 83.11 22.36
O2 FUB F . 76.56 83.33 22.50
C1 FUB F . 74.28 84.35 22.52
O5 AHR F . 76.18 77.94 24.58
C5 AHR F . 74.85 77.66 24.16
C4 AHR F . 74.53 78.40 22.86
O4 AHR F . 74.65 79.82 23.03
C3 AHR F . 73.12 78.20 22.32
O3 AHR F . 72.92 76.93 21.72
C2 AHR F . 73.03 79.37 21.35
O2 AHR F . 71.69 79.75 21.05
C1 AHR F . 73.88 80.47 22.00
O5 AHR F . 59.82 87.62 24.64
C5 AHR F . 60.15 87.94 25.98
C4 AHR F . 61.07 89.13 26.05
O4 AHR F . 62.30 88.88 25.34
C3 AHR F . 61.53 89.54 27.45
O3 AHR F . 60.52 90.22 28.19
C2 AHR F . 62.75 90.41 27.11
O2 AHR F . 63.64 90.54 28.19
C1 AHR F . 63.32 89.76 25.84
C1 GAL G . 65.22 80.85 18.79
C2 GAL G . 66.45 80.22 19.39
C3 GAL G . 66.12 78.97 20.20
C4 GAL G . 64.99 79.23 21.17
C5 GAL G . 63.79 79.81 20.42
C6 GAL G . 62.64 80.17 21.33
O2 GAL G . 67.39 79.90 18.36
O3 GAL G . 67.30 78.54 20.89
O4 GAL G . 65.40 80.18 22.16
O5 GAL G . 64.20 81.03 19.78
O6 GAL G . 62.91 81.36 22.06
C1 BMA G . 66.06 79.88 23.38
C2 BMA G . 66.99 80.99 23.82
C3 BMA G . 67.82 80.46 24.97
C4 BMA G . 66.90 80.00 26.10
C5 BMA G . 65.82 79.05 25.60
C6 BMA G . 64.78 78.81 26.69
O2 BMA G . 66.24 82.12 24.28
O3 BMA G . 68.71 81.47 25.45
O4 BMA G . 67.68 79.36 27.10
O5 BMA G . 65.17 79.54 24.44
O6 BMA G . 63.75 77.95 26.20
C2 BGC G . 69.34 77.93 28.12
C3 BGC G . 70.25 77.73 29.33
C4 BGC G . 70.94 79.03 29.70
C5 BGC G . 69.93 80.15 29.85
C6 BGC G . 70.59 81.49 30.11
C1 BGC G . 68.43 79.12 28.30
O2 BGC G . 68.57 76.76 27.86
O3 BGC G . 71.20 76.71 29.05
O4 BGC G . 71.64 78.85 30.93
O5 BGC G . 69.17 80.29 28.63
O6 BGC G . 69.61 82.53 30.24
O5 AHR G . 70.88 76.30 34.95
C5 AHR G . 71.77 77.38 35.19
C4 AHR G . 71.83 78.31 34.00
O4 AHR G . 72.26 77.61 32.82
C3 AHR G . 72.82 79.47 34.12
O3 AHR G . 72.33 80.52 34.96
C2 AHR G . 73.00 79.87 32.67
O2 AHR G . 74.25 80.45 32.40
C1 AHR G . 72.69 78.59 31.86
C1 MAN G . 75.56 80.63 31.87
C2 MAN G . 76.56 80.55 33.00
C3 MAN G . 76.50 81.76 33.91
C4 MAN G . 76.54 83.04 33.10
C5 MAN G . 75.44 83.03 32.05
C6 MAN G . 75.47 84.26 31.15
O2 MAN G . 77.88 80.35 32.47
O3 MAN G . 77.57 81.72 34.85
O4 MAN G . 76.34 84.16 33.97
O5 MAN G . 75.60 81.89 31.19
O6 MAN G . 74.48 84.18 30.14
O5 AHR G . 81.13 77.85 29.54
C5 AHR G . 81.59 77.97 30.88
C4 AHR G . 80.48 78.36 31.82
O4 AHR G . 79.90 79.63 31.44
C3 AHR G . 80.88 78.55 33.29
O3 AHR G . 81.12 77.33 33.97
C2 AHR G . 79.68 79.35 33.80
O2 AHR G . 79.95 80.03 35.01
C1 AHR G . 79.30 80.24 32.60
O5 AHR G . 86.04 76.94 34.32
C5 AHR G . 85.39 76.14 35.29
C4 AHR G . 83.91 76.01 34.98
O4 AHR G . 83.26 77.30 34.97
C3 AHR G . 83.10 75.18 35.98
O3 AHR G . 83.31 73.78 35.85
C2 AHR G . 81.68 75.64 35.64
O2 AHR G . 80.77 75.44 36.71
C1 AHR G . 81.85 77.10 35.18
O5 AHR G . 77.63 74.35 33.17
C5 AHR G . 77.28 73.72 34.40
C4 AHR G . 78.08 74.26 35.55
O4 AHR G . 79.50 74.04 35.34
C3 AHR G . 77.81 73.63 36.92
O3 AHR G . 76.59 74.08 37.50
C2 AHR G . 79.06 74.03 37.67
O2 AHR G . 79.36 73.18 38.76
C1 AHR G . 80.16 74.15 36.61
O5 AHR G . 75.64 82.45 38.09
C5 AHR G . 74.61 83.37 37.78
C4 AHR G . 73.44 82.70 37.11
O4 AHR G . 73.85 82.07 35.87
C3 AHR G . 72.29 83.61 36.70
O3 AHR G . 71.50 84.03 37.80
C2 AHR G . 71.56 82.71 35.70
O2 AHR G . 70.72 83.43 34.81
C1 AHR G . 72.68 81.90 35.04
O5 AHR G . 72.55 88.55 39.64
C5 AHR G . 71.16 88.42 39.31
C4 AHR G . 70.80 86.96 39.11
O4 AHR G . 71.55 86.38 38.03
C3 AHR G . 69.34 86.68 38.76
O3 AHR G . 68.47 86.82 39.87
C2 AHR G . 69.45 85.25 38.22
O2 AHR G . 68.35 84.84 37.44
C1 AHR G . 70.82 85.24 37.51
O5 FUB G . 66.16 83.21 33.88
C5 FUB G . 65.09 83.06 34.82
C4 FUB G . 65.60 83.13 36.23
O4 FUB G . 66.26 84.39 36.51
C3 FUB G . 66.64 82.08 36.63
O3 FUB G . 66.09 80.78 36.83
C2 FUB G . 67.23 82.71 37.88
O2 FUB G . 68.53 82.25 38.18
C1 FUB G . 67.08 84.23 37.68
O5 AHR G . 68.55 75.08 23.29
C5 AHR G . 67.97 74.13 24.18
C4 AHR G . 67.72 74.75 25.53
O4 AHR G . 68.95 75.24 26.12
C3 AHR G . 67.13 73.82 26.60
O3 AHR G . 65.75 73.54 26.40
C2 AHR G . 67.45 74.61 27.87
O2 AHR G . 67.48 73.80 29.03
C1 AHR G . 68.73 75.38 27.54
C1 MAN G . 67.25 72.74 29.94
C2 MAN G . 66.05 73.08 30.81
C3 MAN G . 66.36 74.15 31.84
C4 MAN G . 67.64 73.83 32.59
C5 MAN G . 68.78 73.60 31.61
C6 MAN G . 70.08 73.21 32.29
O2 MAN G . 65.39 71.92 31.32
O3 MAN G . 65.28 74.26 32.76
O4 MAN G . 67.99 74.91 33.46
O5 MAN G . 68.45 72.53 30.71
O6 MAN G . 71.09 72.91 31.33
C1 MAN G . 65.40 70.63 31.92
C2 MAN G . 65.75 70.27 33.36
C3 MAN G . 67.03 69.47 33.47
C4 MAN G . 67.02 68.29 32.51
C5 MAN G . 66.73 68.77 31.10
C6 MAN G . 66.62 67.64 30.10
O2 MAN G . 64.66 69.57 33.97
O3 MAN G . 67.21 69.02 34.81
O4 MAN G . 68.28 67.63 32.53
O5 MAN G . 65.47 69.47 31.07
O6 MAN G . 66.26 68.12 28.80
C1 MAN G . 64.94 82.73 24.08
C2 MAN G . 65.01 83.96 23.21
C3 MAN G . 65.52 85.17 23.96
C4 MAN G . 64.76 85.36 25.26
C5 MAN G . 64.80 84.07 26.08
C6 MAN G . 63.99 84.16 27.36
O2 MAN G . 63.73 84.23 22.64
O3 MAN G . 65.39 86.33 23.15
O4 MAN G . 65.33 86.42 26.02
O5 MAN G . 64.27 82.98 25.32
O6 MAN G . 63.98 82.93 28.05
O5 AHR G . 68.92 80.26 13.68
C5 AHR G . 69.47 79.11 14.32
C4 AHR G . 68.77 78.83 15.63
O4 AHR G . 68.86 79.96 16.53
C3 AHR G . 69.33 77.66 16.44
O3 AHR G . 68.96 76.39 15.92
C2 AHR G . 68.76 77.96 17.82
O2 AHR G . 69.50 77.36 18.87
C1 AHR G . 68.67 79.50 17.88
O5 AHR H . -19.99 -22.31 -0.32
C5 AHR H . -21.10 -21.45 -0.51
C4 AHR H . -20.97 -20.61 -1.76
O4 AHR H . -19.76 -19.82 -1.71
C3 AHR H . -22.08 -19.58 -2.00
O3 AHR H . -23.30 -20.16 -2.44
C2 AHR H . -21.40 -18.67 -3.01
O2 AHR H . -22.00 -17.41 -3.11
C1 AHR H . -19.93 -18.67 -2.55
O5 FUB H . -23.64 -22.86 0.97
C5 FUB H . -25.00 -22.95 0.61
C4 FUB H . -25.40 -21.85 -0.35
O4 FUB H . -24.59 -21.89 -1.54
C3 FUB H . -25.25 -20.43 0.18
O3 FUB H . -26.24 -20.05 1.12
C2 FUB H . -25.30 -19.65 -1.14
O2 FUB H . -24.78 -18.34 -1.05
C1 FUB H . -24.63 -20.58 -2.16
O5 FUB H . -28.21 -16.86 1.28
C5 FUB H . -28.34 -15.92 0.23
C4 FUB H . -27.08 -15.86 -0.61
O4 FUB H . -26.77 -17.15 -1.18
C3 FUB H . -25.80 -15.47 0.13
O3 FUB H . -25.74 -14.08 0.45
C2 FUB H . -24.74 -15.94 -0.86
O2 FUB H . -23.48 -16.15 -0.27
C1 FUB H . -25.38 -17.16 -1.53
C1 GAL H . -22.66 -15.03 -0.57
C2 GAL H . -21.27 -15.23 -0.02
C3 GAL H . -20.32 -14.13 -0.45
C4 GAL H . -20.39 -13.89 -1.95
C5 GAL H . -21.83 -13.67 -2.38
C6 GAL H . -21.99 -13.52 -3.87
O2 GAL H . -21.32 -15.32 1.41
O3 GAL H . -18.99 -14.47 -0.07
O4 GAL H . -19.86 -15.02 -2.64
O5 GAL H . -22.62 -14.82 -1.99
O6 GAL H . -23.28 -13.02 -4.21
O5 AHR H . -23.22 -19.57 2.81
C5 AHR H . -22.40 -19.00 3.84
C4 AHR H . -22.05 -17.57 3.51
O4 AHR H . -21.31 -17.48 2.27
C3 AHR H . -21.16 -16.86 4.53
O3 AHR H . -21.85 -16.48 5.71
C2 AHR H . -20.64 -15.70 3.69
O2 AHR H . -19.41 -15.18 4.17
C1 AHR H . -20.63 -16.22 2.25
O5 FUB H . -26.38 -23.46 3.78
C5 FUB H . -27.78 -23.24 3.82
C4 FUB H . -28.14 -21.87 3.30
O4 FUB H . -27.69 -21.69 1.94
C3 FUB H . -27.52 -20.70 4.06
O3 FUB H . -28.15 -20.44 5.31
C2 FUB H . -27.69 -19.57 3.04
O2 FUB H . -26.84 -18.47 3.26
C1 FUB H . -27.54 -20.28 1.68
O5 AHR H . -27.80 -18.48 8.12
C5 AHR H . -27.36 -17.20 7.69
C4 AHR H . -27.36 -17.10 6.17
O4 AHR H . -26.49 -18.09 5.58
C3 AHR H . -26.89 -15.77 5.58
O3 AHR H . -27.84 -14.73 5.73
C2 AHR H . -26.60 -16.19 4.14
O2 AHR H . -25.71 -15.32 3.48
C1 AHR H . -26.16 -17.66 4.24
O5 FUB I . -16.02 -18.07 4.04
C5 FUB I . -16.74 -17.90 2.82
C4 FUB I . -15.85 -17.37 1.72
O4 FUB I . -16.60 -17.19 0.50
C3 FUB I . -14.68 -18.27 1.32
O3 FUB I . -13.61 -18.22 2.25
C2 FUB I . -14.34 -17.70 -0.06
O2 FUB I . -13.72 -18.66 -0.90
C1 FUB I . -15.65 -17.11 -0.58
C1 BMA I . -12.55 -19.43 -0.79
C2 BMA I . -12.29 -20.30 -2.02
C3 BMA I . -10.90 -20.91 -1.99
C4 BMA I . -9.87 -19.82 -1.77
C5 BMA I . -10.19 -19.09 -0.48
C6 BMA I . -9.21 -17.97 -0.19
O2 BMA I . -12.43 -19.49 -3.19
O3 BMA I . -10.65 -21.56 -3.24
O4 BMA I . -8.56 -20.42 -1.72
O5 BMA I . -11.49 -18.50 -0.58
O6 BMA I . -8.16 -18.44 0.66
C1 BMA I . -7.14 -20.56 -1.50
C2 BMA I . -6.39 -21.18 -2.68
C3 BMA I . -4.88 -21.14 -2.46
C4 BMA I . -4.40 -19.78 -1.95
C5 BMA I . -5.24 -19.35 -0.76
C6 BMA I . -4.86 -17.97 -0.23
O2 BMA I . -6.73 -20.55 -3.91
O3 BMA I . -4.19 -21.43 -3.69
O4 BMA I . -3.00 -19.88 -1.57
O5 BMA I . -6.60 -19.29 -1.16
O6 BMA I . -5.71 -17.66 0.88
C1 NGA I . -1.76 -19.40 -1.01
C2 NGA I . -0.56 -20.02 -1.73
C3 NGA I . 0.73 -19.30 -1.34
C4 NGA I . 0.58 -17.77 -1.41
C5 NGA I . -0.59 -17.41 -0.52
C6 NGA I . -0.82 -15.92 -0.37
C7 NGA I . -0.45 -22.43 -2.26
C8 NGA I . -0.32 -23.79 -1.63
N2 NGA I . -0.44 -21.40 -1.38
O3 NGA I . 1.75 -19.79 -2.17
O4 NGA I . 0.40 -17.40 -2.75
O5 NGA I . -1.76 -17.99 -1.06
O6 NGA I . -0.93 -15.60 0.99
O7 NGA I . -0.57 -22.27 -3.47
C1 MAN I . -2.31 -15.74 1.29
C2 MAN I . -2.84 -14.57 2.10
C3 MAN I . -2.45 -14.65 3.56
C4 MAN I . -2.76 -16.02 4.12
C5 MAN I . -2.11 -17.11 3.27
C6 MAN I . -2.42 -18.51 3.73
O2 MAN I . -4.26 -14.48 1.97
O3 MAN I . -3.13 -13.64 4.29
O4 MAN I . -2.32 -16.14 5.48
O5 MAN I . -2.57 -17.00 1.91
O6 MAN I . -1.78 -19.48 2.91
C1 MAN I . -2.32 -16.55 6.86
C2 MAN I . -3.11 -17.83 7.06
C3 MAN I . -4.61 -17.59 7.05
C4 MAN I . -4.97 -16.46 8.00
C5 MAN I . -4.17 -15.20 7.66
C6 MAN I . -4.43 -14.07 8.62
O2 MAN I . -2.71 -18.46 8.28
O3 MAN I . -5.29 -18.79 7.42
O4 MAN I . -6.37 -16.17 7.91
O5 MAN I . -2.76 -15.49 7.72
O6 MAN I . -3.59 -12.95 8.34
C1 MAN I . -7.65 -15.61 7.64
C2 MAN I . -8.15 -14.81 8.82
C3 MAN I . -8.62 -15.70 9.96
C4 MAN I . -9.58 -16.76 9.45
C5 MAN I . -8.94 -17.55 8.31
C6 MAN I . -9.87 -18.57 7.70
O2 MAN I . -9.19 -13.94 8.40
O3 MAN I . -9.24 -14.90 10.97
O4 MAN I . -9.92 -17.67 10.50
O5 MAN I . -8.56 -16.65 7.26
O6 MAN I . -9.27 -19.22 6.59
C1 GAL I . -9.80 -15.02 12.30
C2 GAL I . -10.50 -13.73 12.71
C3 GAL I . -11.28 -13.90 14.00
C4 GAL I . -12.18 -15.12 13.95
C5 GAL I . -11.36 -16.34 13.56
C6 GAL I . -12.21 -17.59 13.40
O2 GAL I . -9.59 -12.63 12.75
O3 GAL I . -12.04 -12.72 14.27
O4 GAL I . -13.22 -14.92 12.99
O5 GAL I . -10.72 -16.11 12.30
O6 GAL I . -13.12 -17.73 14.49
C1 MAN I . -9.22 -11.28 12.99
C2 MAN I . -7.90 -10.61 12.70
C3 MAN I . -6.90 -10.77 13.83
C4 MAN I . -7.52 -10.39 15.16
C5 MAN I . -8.80 -11.16 15.38
C6 MAN I . -9.53 -10.77 16.65
O2 MAN I . -8.11 -9.23 12.40
O3 MAN I . -5.75 -9.96 13.58
O4 MAN I . -6.62 -10.67 16.23
O5 MAN I . -9.72 -10.92 14.29
O6 MAN I . -10.77 -11.46 16.77
O5 AHR I . -6.10 -6.80 17.27
C5 AHR I . -5.56 -6.17 16.12
C4 AHR I . -5.69 -7.07 14.91
O4 AHR I . -5.02 -8.32 15.10
C3 AHR I . -5.11 -6.52 13.60
O3 AHR I . -5.92 -5.50 13.01
C2 AHR I . -4.99 -7.79 12.78
O2 AHR I . -4.02 -7.71 11.76
C1 AHR I . -4.79 -8.92 13.81
O5 AHR I . -1.36 -4.28 11.82
C5 AHR I . -2.28 -3.32 11.33
C4 AHR I . -3.65 -3.54 11.92
O4 AHR I . -4.16 -4.85 11.59
C3 AHR I . -4.76 -2.60 11.43
O3 AHR I . -4.66 -1.29 12.00
C2 AHR I . -6.01 -3.37 11.84
O2 AHR I . -7.15 -3.03 11.09
C1 AHR I . -5.59 -4.85 11.79
O5 AHR I . -12.41 -11.33 9.79
C5 AHR I . -13.60 -11.10 10.53
C4 AHR I . -13.71 -12.05 11.69
O4 AHR I . -13.75 -13.44 11.25
C3 AHR I . -14.96 -11.91 12.56
O3 AHR I . -14.92 -10.79 13.43
C2 AHR I . -14.98 -13.26 13.27
O2 AHR I . -16.27 -13.65 13.69
C1 AHR I . -14.27 -14.23 12.31
O5 AHR I . -19.23 -17.31 14.93
C5 AHR I . -19.90 -16.37 14.10
C4 AHR I . -18.92 -15.39 13.49
O4 AHR I . -18.22 -14.65 14.52
C3 AHR I . -19.53 -14.30 12.60
O3 AHR I . -19.92 -14.79 11.32
C2 AHR I . -18.39 -13.29 12.57
O2 AHR I . -18.83 -11.98 12.28
C1 AHR I . -17.67 -13.46 13.92
O5 AHR I . -16.94 -20.71 14.92
C5 AHR I . -17.04 -19.63 15.83
C4 AHR I . -16.01 -18.57 15.52
O4 AHR I . -14.67 -19.10 15.60
C3 AHR I . -15.99 -17.36 16.46
O3 AHR I . -17.07 -16.46 16.24
C2 AHR I . -14.61 -16.78 16.16
O2 AHR I . -14.09 -16.00 17.21
C1 AHR I . -13.76 -17.99 15.74
C1 MAN I . -9.39 -20.61 6.89
C2 MAN I . -8.04 -21.19 7.24
C3 MAN I . -7.15 -21.37 6.02
C4 MAN I . -7.89 -22.09 4.92
C5 MAN I . -9.20 -21.39 4.60
C6 MAN I . -10.02 -22.12 3.55
O2 MAN I . -8.20 -22.44 7.92
O3 MAN I . -5.97 -22.08 6.39
O4 MAN I . -7.08 -22.14 3.74
O5 MAN I . -10.00 -21.30 5.78
O6 MAN I . -11.28 -21.49 3.38
C1 BMA I . -0.89 -20.57 3.01
C2 BMA I . 0.32 -20.37 2.13
C3 BMA I . 1.21 -21.59 2.22
C4 BMA I . 1.62 -21.78 3.68
C5 BMA I . 0.38 -21.93 4.53
C6 BMA I . 0.73 -22.13 6.01
O2 BMA I . 1.06 -19.21 2.54
O3 BMA I . 2.35 -21.43 1.38
O4 BMA I . 2.46 -22.93 3.81
O5 BMA I . -0.49 -20.79 4.38
O6 BMA I . 1.68 -21.15 6.43
C1 BMA I . 3.68 -23.50 3.34
C2 BMA I . 3.79 -24.92 3.86
C3 BMA I . 5.01 -25.60 3.25
C4 BMA I . 4.92 -25.55 1.74
C5 BMA I . 4.81 -24.10 1.28
C6 BMA I . 4.65 -24.01 -0.23
O2 BMA I . 2.62 -25.65 3.49
O3 BMA I . 5.07 -26.96 3.71
O4 BMA I . 6.10 -26.13 1.17
O5 BMA I . 3.68 -23.47 1.90
O6 BMA I . 5.78 -24.62 -0.86
C1 MAN I . 5.50 -27.98 4.59
C2 MAN I . 5.74 -27.42 5.98
C3 MAN I . 7.00 -26.59 6.06
C4 MAN I . 8.18 -27.34 5.45
C5 MAN I . 7.85 -27.79 4.04
C6 MAN I . 8.95 -28.62 3.41
O2 MAN I . 5.77 -28.48 6.93
O3 MAN I . 7.28 -26.26 7.42
O4 MAN I . 9.33 -26.51 5.42
O5 MAN I . 6.67 -28.61 4.05
O6 MAN I . 8.55 -29.11 2.13
O5 AHR I . 8.55 -22.88 8.57
C5 AHR I . 9.86 -22.80 8.01
C4 AHR I . 10.00 -23.75 6.84
O4 AHR I . 9.78 -25.11 7.23
C3 AHR I . 11.38 -23.77 6.16
O3 AHR I . 11.62 -22.64 5.34
C2 AHR I . 11.31 -25.10 5.41
O2 AHR I . 12.57 -25.65 5.13
C1 AHR I . 10.36 -25.97 6.25
C1 BMA I . 6.98 -24.73 -1.61
C2 BMA I . 6.84 -25.80 -2.69
C3 BMA I . 8.08 -25.86 -3.57
C4 BMA I . 8.39 -24.47 -4.11
C5 BMA I . 8.50 -23.47 -2.97
C6 BMA I . 8.75 -22.07 -3.53
O2 BMA I . 5.70 -25.49 -3.49
O3 BMA I . 7.86 -26.75 -4.67
O4 BMA I . 9.64 -24.51 -4.81
O5 BMA I . 7.30 -23.46 -2.20
O6 BMA I . 8.45 -21.11 -2.51
O5 AHR I . 5.71 -30.48 -7.12
C5 AHR I . 6.45 -29.64 -7.98
C4 AHR I . 7.36 -28.71 -7.22
O4 AHR I . 6.60 -27.85 -6.34
C3 AHR I . 8.21 -27.75 -8.04
O3 AHR I . 9.30 -28.39 -8.69
C2 AHR I . 8.60 -26.72 -6.99
O2 AHR I . 8.97 -25.48 -7.54
C1 AHR I . 7.40 -26.69 -6.02
O5 AHR I . 7.91 -16.75 -0.48
C5 AHR I . 9.21 -16.91 -1.02
C4 AHR I . 9.30 -18.16 -1.87
O4 AHR I . 9.00 -19.33 -1.11
C3 AHR I . 10.68 -18.45 -2.48
O3 AHR I . 11.00 -17.61 -3.58
C2 AHR I . 10.52 -19.93 -2.83
O2 AHR I . 11.76 -20.62 -2.90
C1 AHR I . 9.51 -20.47 -1.82
O5 AHR I . 2.14 -14.84 0.40
C5 AHR I . 3.28 -15.43 1.01
C4 AHR I . 3.04 -16.87 1.37
O4 AHR I . 1.95 -17.01 2.31
C3 AHR I . 4.20 -17.60 2.04
O3 AHR I . 5.25 -17.95 1.13
C2 AHR I . 3.48 -18.80 2.66
O2 AHR I . 4.19 -19.38 3.73
C1 AHR I . 2.08 -18.27 2.99
O5 AHR I . 3.22 -16.57 7.66
C5 AHR I . 2.23 -17.05 8.57
C4 AHR I . 2.03 -18.54 8.42
O4 AHR I . 1.61 -18.88 7.08
C3 AHR I . 0.97 -19.16 9.32
O3 AHR I . 1.38 -19.29 10.68
C2 AHR I . 0.74 -20.49 8.60
O2 AHR I . -0.49 -21.11 8.94
C1 AHR I . 0.93 -20.14 7.11
O5 FUB I . -6.29 -11.73 4.84
C5 FUB I . -7.39 -12.60 4.63
C4 FUB I . -7.20 -13.46 3.41
O4 FUB I . -6.00 -14.25 3.50
C3 FUB I . -7.06 -12.71 2.09
O3 FUB I . -8.28 -12.19 1.59
C2 FUB I . -6.44 -13.80 1.21
O2 FUB I . -5.73 -13.30 0.11
C1 FUB I . -5.64 -14.68 2.19
O5 AHR I . 4.34 -22.78 -4.95
C5 AHR I . 5.18 -21.98 -4.12
C4 AHR I . 4.38 -21.23 -3.09
O4 AHR I . 3.41 -20.36 -3.70
C3 AHR I . 5.17 -20.31 -2.16
O3 AHR I . 5.91 -21.03 -1.16
C2 AHR I . 4.07 -19.42 -1.61
O2 AHR I . 4.54 -18.16 -1.18
C1 AHR I . 3.00 -19.40 -2.71
O5 FUB I . -9.66 -21.05 -8.19
C5 FUB I . -10.07 -22.05 -7.27
C4 FUB I . -8.99 -22.34 -6.26
O4 FUB I . -8.64 -21.17 -5.50
C3 FUB I . -7.65 -22.81 -6.85
O3 FUB I . -7.65 -24.17 -7.24
C2 FUB I . -6.68 -22.48 -5.70
O2 FUB I . -5.40 -22.11 -6.16
C1 FUB I . -7.41 -21.44 -4.84
O5 AHR I . -4.70 -27.84 -5.76
C5 AHR I . -6.06 -28.19 -5.61
C4 AHR I . -6.96 -27.21 -6.34
O4 AHR I . -6.79 -25.86 -5.85
C3 AHR I . -8.47 -27.47 -6.22
O3 AHR I . -8.92 -28.56 -7.00
C2 AHR I . -9.02 -26.12 -6.66
O2 AHR I . -10.33 -25.88 -6.21
C1 AHR I . -7.96 -25.10 -6.19
O5 AHR I . -19.50 -21.62 4.20
C5 AHR I . -18.61 -21.69 5.30
C4 AHR I . -17.76 -20.45 5.41
O4 AHR I . -16.98 -20.23 4.22
C3 AHR I . -16.73 -20.43 6.55
O3 AHR I . -17.33 -20.22 7.82
C2 AHR I . -15.81 -19.31 6.08
O2 AHR I . -14.53 -19.37 6.66
C1 AHR I . -15.86 -19.39 4.54
C1 GAL J . -17.20 -25.16 -5.39
C2 GAL J . -15.82 -25.72 -5.62
C3 GAL J . -15.73 -27.20 -5.27
C4 GAL J . -16.32 -27.47 -3.89
C5 GAL J . -17.72 -26.89 -3.81
C6 GAL J . -18.36 -27.06 -2.46
O2 GAL J . -15.43 -25.52 -6.98
O3 GAL J . -14.37 -27.62 -5.34
O4 GAL J . -15.53 -26.83 -2.89
O5 GAL J . -17.67 -25.48 -4.08
O6 GAL J . -17.82 -26.14 -1.52
C1 BMA J . -14.37 -27.36 -2.23
C2 BMA J . -13.35 -26.31 -1.85
C3 BMA J . -12.09 -27.03 -1.41
C4 BMA J . -12.41 -27.96 -0.27
C5 BMA J . -13.58 -28.88 -0.58
C6 BMA J . -14.02 -29.63 0.66
O2 BMA J . -13.85 -25.53 -0.75
O3 BMA J . -11.09 -26.08 -1.02
O4 BMA J . -11.25 -28.76 0.01
O5 BMA J . -14.70 -28.17 -1.11
O6 BMA J . -15.15 -30.46 0.35
C2 BGC J . -9.29 -30.12 -0.34
C3 BGC J . -7.95 -30.54 0.23
C4 BGC J . -7.17 -29.33 0.73
C5 BGC J . -8.02 -28.50 1.68
C6 BGC J . -7.34 -27.22 2.12
C1 BGC J . -10.05 -29.23 0.62
O2 BGC J . -10.09 -31.27 -0.67
O3 BGC J . -7.20 -31.23 -0.76
O4 BGC J . -6.00 -29.76 1.41
O5 BGC J . -9.25 -28.12 1.02
O6 BGC J . -8.17 -26.47 3.01
O5 AHR J . -4.85 -33.57 4.16
C5 AHR J . -3.96 -32.49 4.37
C4 AHR J . -4.45 -31.24 3.70
O4 AHR J . -4.58 -31.43 2.27
C3 AHR J . -3.53 -30.01 3.82
O3 AHR J . -3.61 -29.39 5.11
C2 AHR J . -4.03 -29.14 2.67
O2 AHR J . -3.03 -28.29 2.15
C1 AHR J . -4.65 -30.13 1.66
C1 MAN J . -2.10 -27.73 1.23
C2 MAN J . -0.69 -28.00 1.73
C3 MAN J . -0.36 -27.17 2.96
C4 MAN J . -0.71 -25.71 2.74
C5 MAN J . -2.15 -25.57 2.30
C6 MAN J . -2.53 -24.14 2.00
O2 MAN J . 0.25 -27.79 0.68
O3 MAN J . 1.02 -27.32 3.30
O4 MAN J . -0.51 -24.99 3.96
O5 MAN J . -2.38 -26.33 1.11
O6 MAN J . -3.88 -24.06 1.52
O5 AHR J . 1.88 -28.60 -4.01
C5 AHR J . 2.90 -28.85 -3.04
C4 AHR J . 2.32 -28.98 -1.65
O4 AHR J . 1.61 -27.78 -1.27
C3 AHR J . 3.33 -29.20 -0.52
O3 AHR J . 3.85 -30.52 -0.50
C2 AHR J . 2.48 -28.83 0.69
O2 AHR J . 3.25 -28.54 1.84
C1 AHR J . 1.60 -27.68 0.17
O5 AHR J . 8.43 -30.13 -2.37
C5 AHR J . 8.29 -31.30 -1.58
C4 AHR J . 6.83 -31.58 -1.28
O4 AHR J . 6.22 -30.49 -0.55
C3 AHR J . 6.56 -32.81 -0.41
O3 AHR J . 6.72 -34.04 -1.11
C2 AHR J . 5.14 -32.53 0.06
O2 AHR J . 4.80 -33.22 1.24
C1 AHR J . 5.06 -30.99 0.13
O5 AHR J . 0.43 -33.63 -0.81
C5 AHR J . 0.66 -34.67 0.13
C4 AHR J . 1.90 -34.40 0.95
O4 AHR J . 3.07 -34.30 0.11
C3 AHR J . 2.26 -35.48 1.98
O3 AHR J . 1.43 -35.47 3.13
C2 AHR J . 3.72 -35.13 2.25
O2 AHR J . 4.48 -36.23 2.72
C1 AHR J . 4.22 -34.48 0.95
O5 AHR J . 0.72 -28.02 7.06
C5 AHR J . -0.35 -27.24 7.57
C4 AHR J . -1.68 -27.86 7.23
O4 AHR J . -1.86 -27.98 5.80
C3 AHR J . -2.92 -27.08 7.70
O3 AHR J . -3.13 -27.18 9.10
C2 AHR J . -3.99 -27.72 6.84
O2 AHR J . -5.15 -26.92 6.71
C1 AHR J . -3.28 -28.07 5.53
O5 AHR J . -1.44 -23.37 11.86
C5 AHR J . -2.81 -23.64 12.09
C4 AHR J . -3.22 -24.99 11.55
O4 AHR J . -3.02 -25.06 10.12
C3 AHR J . -4.67 -25.39 11.76
O3 AHR J . -4.96 -25.78 13.09
C2 AHR J . -4.79 -26.53 10.74
O2 AHR J . -6.12 -26.86 10.39
C1 AHR J . -3.89 -26.07 9.58
O5 FUB J . -9.65 -27.61 7.72
C5 FUB J . -10.19 -28.24 8.87
C4 FUB J . -9.10 -28.55 9.89
O4 FUB J . -8.41 -27.34 10.29
C3 FUB J . -7.98 -29.47 9.40
O3 FUB J . -8.37 -30.83 9.32
C2 FUB J . -6.90 -29.18 10.44
O2 FUB J . -5.59 -29.47 9.98
C1 FUB J . -7.15 -27.72 10.88
O5 AHR J . -12.12 -31.37 -5.09
C5 AHR J . -12.23 -32.62 -4.45
C4 AHR J . -11.86 -32.54 -2.98
O4 AHR J . -10.50 -32.06 -2.82
C3 AHR J . -11.89 -33.84 -2.19
O3 AHR J . -13.21 -34.28 -1.90
C2 AHR J . -11.06 -33.46 -0.98
O2 AHR J . -10.50 -34.59 -0.32
C1 AHR J . -10.06 -32.42 -1.50
C1 MAN J . -10.28 -35.90 0.15
C2 MAN J . -10.97 -36.08 1.50
C3 MAN J . -10.25 -35.36 2.62
C4 MAN J . -8.76 -35.68 2.60
C5 MAN J . -8.17 -35.37 1.23
C6 MAN J . -6.71 -35.74 1.13
O2 MAN J . -11.33 -37.43 1.78
O3 MAN J . -10.82 -35.74 3.88
O4 MAN J . -8.09 -34.89 3.58
O5 MAN J . -8.86 -36.14 0.23
O6 MAN J . -6.23 -35.53 -0.20
C1 MAN J . -10.84 -38.79 1.85
C2 MAN J . -9.63 -39.16 2.68
C3 MAN J . -8.34 -39.15 1.86
C4 MAN J . -8.51 -39.96 0.59
C5 MAN J . -9.71 -39.47 -0.19
C6 MAN J . -9.99 -40.29 -1.43
O2 MAN J . -9.83 -40.42 3.30
O3 MAN J . -7.28 -39.68 2.65
O4 MAN J . -7.34 -39.85 -0.22
O5 MAN J . -10.90 -39.55 0.63
O6 MAN J . -11.17 -39.84 -2.09
C1 MAN J . -15.10 -25.13 -0.15
C2 MAN J . -15.44 -23.69 -0.47
C3 MAN J . -14.66 -22.72 0.40
C4 MAN J . -14.77 -23.10 1.87
C5 MAN J . -14.35 -24.54 2.07
C6 MAN J . -14.51 -25.01 3.49
O2 MAN J . -16.84 -23.48 -0.31
O3 MAN J . -15.17 -21.40 0.21
O4 MAN J . -13.94 -22.25 2.66
O5 MAN J . -15.14 -25.41 1.25
O6 MAN J . -14.20 -26.39 3.64
O5 AHR J . -16.14 -23.40 -11.38
C5 AHR J . -15.35 -24.58 -11.49
C4 AHR J . -15.38 -25.39 -10.21
O4 AHR J . -14.91 -24.61 -9.08
C3 AHR J . -14.50 -26.63 -10.18
O3 AHR J . -15.04 -27.71 -10.93
C2 AHR J . -14.40 -26.89 -8.68
O2 AHR J . -13.27 -27.66 -8.33
C1 AHR J . -14.49 -25.50 -8.04
O5 AHR K . -21.33 -35.35 -9.12
C5 AHR K . -20.81 -36.08 -8.01
C4 AHR K . -21.18 -35.40 -6.71
O4 AHR K . -20.69 -34.04 -6.67
C3 AHR K . -20.60 -36.05 -5.45
O3 AHR K . -21.23 -37.26 -5.08
C2 AHR K . -20.78 -34.91 -4.45
O2 AHR K . -19.95 -35.05 -3.30
C1 AHR K . -20.52 -33.65 -5.30
O5 FUB K . -20.52 -39.19 -8.94
C5 FUB K . -20.76 -40.40 -8.25
C4 FUB K . -20.69 -40.21 -6.76
O4 FUB K . -21.65 -39.22 -6.32
C3 FUB K . -19.36 -39.73 -6.19
O3 FUB K . -18.35 -40.73 -6.17
C2 FUB K . -19.80 -39.25 -4.81
O2 FUB K . -18.88 -38.36 -4.21
C1 FUB K . -21.23 -38.70 -5.04
O5 FUB K . -15.96 -41.56 -3.41
C5 FUB K . -16.09 -41.15 -2.05
C4 FUB K . -16.74 -39.79 -1.95
O4 FUB K . -18.05 -39.79 -2.56
C3 FUB K . -16.02 -38.64 -2.66
O3 FUB K . -14.85 -38.21 -1.96
C2 FUB K . -17.12 -37.61 -2.73
O2 FUB K . -16.91 -36.63 -3.74
C1 FUB K . -18.41 -38.42 -2.87
C1 GAL K . -16.42 -35.45 -3.11
C2 GAL K . -16.24 -34.35 -4.12
C3 GAL K . -15.87 -33.03 -3.48
C4 GAL K . -16.82 -32.70 -2.33
C5 GAL K . -16.90 -33.86 -1.36
C6 GAL K . -17.89 -33.64 -0.24
O2 GAL K . -15.25 -34.74 -5.08
O3 GAL K . -15.90 -31.98 -4.46
O4 GAL K . -18.12 -32.42 -2.84
O5 GAL K . -17.33 -35.04 -2.08
O6 GAL K . -17.71 -34.59 0.80
O5 AHR K . -16.97 -38.15 -8.10
C5 AHR K . -15.88 -37.45 -8.68
C4 AHR K . -15.18 -36.58 -7.65
O4 AHR K . -16.07 -35.61 -7.08
C3 AHR K . -14.01 -35.75 -8.18
O3 AHR K . -12.84 -36.52 -8.41
C2 AHR K . -13.87 -34.73 -7.07
O2 AHR K . -13.24 -33.52 -7.49
C1 AHR K . -15.28 -34.57 -6.49
O5 FUB K . -18.68 -42.52 -10.10
C5 FUB K . -18.42 -43.76 -9.45
C4 FUB K . -17.85 -43.53 -8.06
O4 FUB K . -18.77 -42.76 -7.24
C3 FUB K . -16.54 -42.75 -7.99
O3 FUB K . -15.42 -43.52 -8.39
C2 FUB K . -16.53 -42.33 -6.53
O2 FUB K . -15.67 -41.24 -6.27
C1 FUB K . -18.02 -42.12 -6.20
O5 AHR K . -12.04 -43.17 -9.03
C5 AHR K . -11.53 -42.26 -8.07
C4 AHR K . -12.57 -41.91 -7.03
O4 AHR K . -13.73 -41.29 -7.64
C3 AHR K . -12.14 -40.92 -5.95
O3 AHR K . -11.27 -41.49 -4.98
C2 AHR K . -13.50 -40.48 -5.40
O2 AHR K . -13.45 -39.23 -4.75
C1 AHR K . -14.44 -40.57 -6.61
O5 FUB L . -15.57 -31.32 -10.63
C5 FUB L . -16.31 -31.67 -9.46
C4 FUB L . -16.81 -30.44 -8.74
O4 FUB L . -17.55 -30.81 -7.55
C3 FUB L . -17.78 -29.57 -9.52
O3 FUB L . -17.14 -28.76 -10.51
C2 FUB L . -18.44 -28.77 -8.40
O2 FUB L . -19.74 -28.33 -8.72
C1 FUB L . -18.35 -29.68 -7.16
C1 BMA L . -20.18 -27.48 -9.76
C2 BMA L . -21.69 -27.26 -9.64
C3 BMA L . -22.17 -26.18 -10.59
C4 BMA L . -21.34 -24.92 -10.41
C5 BMA L . -19.87 -25.27 -10.63
C6 BMA L . -18.95 -24.07 -10.44
O2 BMA L . -21.99 -26.87 -8.30
O3 BMA L . -23.54 -25.88 -10.32
O4 BMA L . -21.78 -23.92 -11.33
O5 BMA L . -19.47 -26.25 -9.67
O6 BMA L . -18.73 -23.43 -11.70
C1 BMA L . -21.80 -22.71 -12.11
C2 BMA L . -23.14 -21.96 -12.06
C3 BMA L . -23.04 -20.59 -12.74
C4 BMA L . -21.77 -19.82 -12.35
C5 BMA L . -20.56 -20.72 -12.51
C6 BMA L . -19.26 -20.05 -12.08
O2 BMA L . -23.59 -21.80 -10.71
O3 BMA L . -24.18 -19.80 -12.41
O4 BMA L . -21.65 -18.66 -13.18
O5 BMA L . -20.73 -21.87 -11.70
O6 BMA L . -18.18 -20.97 -12.25
C1 NGA L . -20.99 -17.49 -13.70
C2 NGA L . -22.00 -16.41 -14.11
C3 NGA L . -21.32 -15.07 -14.38
C4 NGA L . -20.33 -14.71 -13.26
C5 NGA L . -19.35 -15.87 -13.14
C6 NGA L . -18.23 -15.64 -12.15
C7 NGA L . -24.04 -16.96 -15.41
C8 NGA L . -24.50 -17.42 -16.77
N2 NGA L . -22.70 -16.82 -15.30
O3 NGA L . -22.32 -14.11 -14.56
O4 NGA L . -21.06 -14.48 -12.08
O5 NGA L . -20.08 -17.01 -12.73
O6 NGA L . -17.01 -15.93 -12.78
O7 NGA L . -24.81 -16.76 -14.49
C1 MAN L . -16.80 -17.30 -12.53
C2 MAN L . -15.38 -17.60 -12.07
C3 MAN L . -14.39 -17.57 -13.22
C4 MAN L . -14.87 -18.43 -14.38
C5 MAN L . -16.27 -17.98 -14.79
C6 MAN L . -16.86 -18.82 -15.90
O2 MAN L . -15.33 -18.85 -11.40
O3 MAN L . -13.11 -18.04 -12.76
O4 MAN L . -13.98 -18.34 -15.48
O5 MAN L . -17.17 -18.09 -13.67
O6 MAN L . -18.16 -18.36 -16.26
C1 MAN L . -13.24 -18.78 -16.65
C2 MAN L . -13.91 -19.96 -17.32
C3 MAN L . -13.66 -21.26 -16.59
C4 MAN L . -12.18 -21.45 -16.31
C5 MAN L . -11.63 -20.23 -15.56
C6 MAN L . -10.15 -20.31 -15.32
O2 MAN L . -13.46 -20.06 -18.68
O3 MAN L . -14.15 -22.35 -17.36
O4 MAN L . -11.96 -22.62 -15.53
O5 MAN L . -11.87 -19.03 -16.34
O6 MAN L . -9.65 -19.12 -14.70
C1 MAN L . -11.71 -23.56 -14.50
C2 MAN L . -10.26 -24.02 -14.53
C3 MAN L . -10.00 -24.99 -15.67
C4 MAN L . -11.03 -26.10 -15.69
C5 MAN L . -12.44 -25.51 -15.71
C6 MAN L . -13.52 -26.58 -15.66
O2 MAN L . -9.92 -24.61 -13.28
O3 MAN L . -8.68 -25.52 -15.55
O4 MAN L . -10.86 -26.93 -16.82
O5 MAN L . -12.64 -24.65 -14.58
O6 MAN L . -14.82 -25.98 -15.61
C1 GAL L . -7.75 -26.36 -16.27
C2 GAL L . -6.54 -26.68 -15.41
C3 GAL L . -5.65 -27.74 -16.05
C4 GAL L . -6.45 -28.95 -16.49
C5 GAL L . -7.62 -28.50 -17.37
C6 GAL L . -8.51 -29.65 -17.77
O2 GAL L . -5.82 -25.51 -15.05
O3 GAL L . -4.61 -28.12 -15.15
O4 GAL L . -6.97 -29.63 -15.34
O5 GAL L . -8.42 -27.57 -16.64
O6 GAL L . -7.76 -30.77 -18.21
C1 MAN L . -4.57 -25.13 -14.44
C2 MAN L . -4.43 -23.63 -14.24
C3 MAN L . -3.87 -22.92 -15.46
C4 MAN L . -2.62 -23.62 -15.96
C5 MAN L . -2.90 -25.09 -16.20
C6 MAN L . -1.67 -25.87 -16.62
O2 MAN L . -3.62 -23.38 -13.09
O3 MAN L . -3.59 -21.57 -15.13
O4 MAN L . -2.19 -23.02 -17.18
O5 MAN L . -3.38 -25.70 -14.99
O6 MAN L . -1.96 -27.26 -16.75
O5 AHR L . 1.27 -21.59 -15.66
C5 AHR L . 0.87 -20.71 -14.62
C4 AHR L . -0.58 -20.89 -14.27
O4 AHR L . -1.43 -20.65 -15.41
C3 AHR L . -1.15 -19.97 -13.18
O3 AHR L . -0.73 -20.33 -11.88
C2 AHR L . -2.65 -20.10 -13.44
O2 AHR L . -3.38 -18.98 -12.97
C1 AHR L . -2.77 -20.41 -14.94
O5 AHR L . -1.14 -15.49 -11.70
C5 AHR L . -0.70 -16.00 -10.46
C4 AHR L . -0.31 -17.45 -10.58
O4 AHR L . -1.42 -18.26 -11.01
C3 AHR L . 0.16 -18.14 -9.29
O3 AHR L . 1.48 -17.77 -8.91
C2 AHR L . 0.01 -19.62 -9.68
O2 AHR L . -0.14 -20.46 -8.56
C1 AHR L . -1.14 -19.63 -10.70
O5 AHR L . -6.95 -27.04 -11.21
C5 AHR L . -6.17 -28.23 -11.08
C4 AHR L . -5.96 -28.89 -12.42
O4 AHR L . -7.21 -29.27 -13.03
C3 AHR L . -5.14 -30.19 -12.40
O3 AHR L . -3.75 -29.98 -12.23
C2 AHR L . -5.53 -30.79 -13.75
O2 AHR L . -5.39 -32.20 -13.78
C1 AHR L . -6.94 -30.25 -14.05
O5 AHR L . -6.77 -36.37 -15.89
C5 AHR L . -6.72 -36.50 -14.47
C4 AHR L . -6.56 -35.15 -13.80
O4 AHR L . -5.35 -34.49 -14.23
C3 AHR L . -6.45 -35.17 -12.28
O3 AHR L . -7.69 -35.41 -11.63
C2 AHR L . -5.85 -33.79 -12.02
O2 AHR L . -5.15 -33.71 -10.79
C1 AHR L . -5.02 -33.48 -13.27
O5 AHR L . -9.22 -35.35 -19.02
C5 AHR L . -7.81 -35.28 -18.85
C4 AHR L . -7.39 -33.92 -18.33
O4 AHR L . -7.77 -32.87 -19.24
C3 AHR L . -5.88 -33.72 -18.14
O3 AHR L . -5.37 -34.38 -17.00
C2 AHR L . -5.80 -32.20 -18.08
O2 AHR L . -4.53 -31.69 -18.45
C1 AHR L . -6.97 -31.71 -18.95
C1 MAN L . -15.53 -26.60 -16.67
C2 MAN L . -15.74 -25.62 -17.81
C3 MAN L . -16.81 -24.59 -17.47
C4 MAN L . -18.07 -25.27 -16.97
C5 MAN L . -17.75 -26.18 -15.79
C6 MAN L . -18.95 -26.95 -15.30
O2 MAN L . -16.07 -26.32 -19.00
O3 MAN L . -17.10 -23.82 -18.64
O4 MAN L . -19.01 -24.29 -16.54
O5 MAN L . -16.77 -27.16 -16.19
O6 MAN L . -18.59 -27.88 -14.27
C1 BMA L . -18.87 -17.92 -17.40
C2 BMA L . -19.47 -16.54 -17.16
C3 BMA L . -20.28 -16.14 -18.37
C4 BMA L . -19.35 -16.12 -19.58
C5 BMA L . -18.74 -17.51 -19.76
C6 BMA L . -17.82 -17.57 -20.97
O2 BMA L . -18.42 -15.58 -16.93
O3 BMA L . -20.85 -14.85 -18.15
O4 BMA L . -20.08 -15.75 -20.76
O5 BMA L . -18.05 -17.91 -18.56
O6 BMA L . -16.90 -16.47 -20.96
C1 BMA L . -20.90 -14.71 -21.29
C2 BMA L . -21.47 -15.17 -22.62
C3 BMA L . -22.45 -14.14 -23.14
C4 BMA L . -23.52 -13.87 -22.11
C5 BMA L . -22.87 -13.41 -20.81
C6 BMA L . -23.92 -13.20 -19.72
O2 BMA L . -22.17 -16.40 -22.43
O3 BMA L . -23.04 -14.61 -24.36
O4 BMA L . -24.41 -12.86 -22.58
O5 BMA L . -21.93 -14.39 -20.36
O6 BMA L . -24.87 -12.22 -20.14
C1 MAN L . -23.11 -14.74 -25.78
C2 MAN L . -21.72 -14.63 -26.39
C3 MAN L . -21.18 -13.21 -26.37
C4 MAN L . -22.21 -12.24 -26.93
C5 MAN L . -23.53 -12.39 -26.19
C6 MAN L . -24.62 -11.51 -26.75
O2 MAN L . -21.74 -15.15 -27.72
O3 MAN L . -19.98 -13.15 -27.13
O4 MAN L . -21.74 -10.90 -26.78
O5 MAN L . -24.00 -13.74 -26.30
O6 MAN L . -25.86 -11.75 -26.11
O5 AHR L . -16.93 -11.14 -26.10
C5 AHR L . -17.37 -9.79 -26.18
C4 AHR L . -18.88 -9.71 -26.11
O4 AHR L . -19.49 -10.44 -27.20
C3 AHR L . -19.48 -8.31 -26.23
O3 AHR L . -19.33 -7.54 -25.04
C2 AHR L . -20.92 -8.63 -26.59
O2 AHR L . -21.58 -7.58 -27.26
C1 AHR L . -20.83 -9.96 -27.36
C1 BMA L . -25.57 -10.98 -20.19
C2 BMA L . -27.06 -11.23 -20.16
C3 BMA L . -27.84 -9.91 -20.10
C4 BMA L . -27.32 -9.06 -18.96
C5 BMA L . -25.81 -8.89 -19.06
C6 BMA L . -25.29 -8.10 -17.87
O2 BMA L . -27.38 -12.00 -19.00
O3 BMA L . -29.23 -10.17 -19.92
O4 BMA L . -27.94 -7.77 -19.00
O5 BMA L . -25.17 -10.16 -19.10
O6 BMA L . -23.87 -8.28 -17.77
O5 AHR L . -33.42 -12.82 -20.00
C5 AHR L . -33.54 -11.67 -19.17
C4 AHR L . -32.40 -10.71 -19.39
O4 AHR L . -31.13 -11.31 -19.09
C3 AHR L . -32.42 -9.43 -18.54
O3 AHR L . -33.38 -8.49 -18.97
C2 AHR L . -30.98 -8.97 -18.69
O2 AHR L . -30.56 -8.11 -17.65
C1 AHR L . -30.16 -10.27 -18.83
O5 AHR L . -19.41 -7.83 -15.97
C5 AHR L . -19.99 -6.56 -16.21
C4 AHR L . -21.47 -6.68 -16.53
O4 AHR L . -21.68 -7.51 -17.70
C3 AHR L . -22.20 -5.38 -16.87
O3 AHR L . -22.46 -4.58 -15.73
C2 AHR L . -23.44 -5.92 -17.56
O2 AHR L . -24.04 -4.99 -18.45
C1 AHR L . -23.01 -7.25 -18.19
O5 AHR L . -17.13 -12.73 -13.06
C5 AHR L . -17.13 -11.99 -14.28
C4 AHR L . -17.83 -12.76 -15.37
O4 AHR L . -17.17 -14.01 -15.65
C3 AHR L . -17.90 -12.05 -16.74
O3 AHR L . -18.87 -11.02 -16.78
C2 AHR L . -18.21 -13.24 -17.65
O2 AHR L . -17.85 -13.00 -19.00
C1 AHR L . -17.53 -14.44 -16.98
O5 AHR L . -13.01 -13.85 -19.28
C5 AHR L . -12.60 -15.11 -19.81
C4 AHR L . -13.71 -15.74 -20.63
O4 AHR L . -14.89 -15.94 -19.84
C3 AHR L . -13.40 -17.12 -21.22
O3 AHR L . -12.51 -17.07 -22.33
C2 AHR L . -14.81 -17.60 -21.55
O2 AHR L . -14.90 -19.00 -21.71
C1 AHR L . -15.67 -16.99 -20.44
O5 FUB L . -11.24 -20.46 -10.63
C5 FUB L . -11.90 -21.71 -10.65
C4 FUB L . -13.40 -21.55 -10.51
O4 FUB L . -13.93 -20.72 -11.56
C3 FUB L . -13.88 -20.88 -9.23
O3 FUB L . -13.80 -21.74 -8.09
C2 FUB L . -15.30 -20.48 -9.62
O2 FUB L . -15.81 -19.42 -8.85
C1 FUB L . -15.22 -20.24 -11.14
O5 AHR L . -26.54 -12.08 -15.75
C5 AHR L . -25.45 -11.23 -16.07
C4 AHR L . -24.14 -11.95 -15.93
O4 AHR L . -23.93 -12.43 -14.58
C3 AHR L . -22.88 -11.13 -16.23
O3 AHR L . -22.67 -10.88 -17.61
C2 AHR L . -21.80 -11.97 -15.55
O2 AHR L . -20.67 -11.22 -15.17
C1 AHR L . -22.53 -12.72 -14.42
O5 FUB L . -26.56 -23.49 -7.06
C5 FUB L . -26.72 -24.46 -8.10
C4 FUB L . -26.31 -23.88 -9.43
O4 FUB L . -24.92 -23.47 -9.43
C3 FUB L . -27.07 -22.61 -9.87
O3 FUB L . -28.37 -22.89 -10.38
C2 FUB L . -26.10 -22.01 -10.88
O2 FUB L . -26.13 -20.60 -10.90
C1 FUB L . -24.73 -22.64 -10.58
O5 AHR L . -30.27 -21.75 -14.78
C5 AHR L . -30.40 -23.14 -14.51
C4 AHR L . -30.12 -23.44 -13.05
O4 AHR L . -28.77 -23.05 -12.69
C3 AHR L . -30.20 -24.91 -12.64
O3 AHR L . -31.54 -25.38 -12.53
C2 AHR L . -29.45 -24.87 -11.32
O2 AHR L . -28.95 -26.14 -10.93
C1 AHR L . -28.39 -23.77 -11.51
O5 AHR L . -17.58 -35.68 -11.77
C5 AHR L . -16.87 -35.13 -12.88
C4 AHR L . -16.00 -33.98 -12.44
O4 AHR L . -16.78 -32.93 -11.83
C3 AHR L . -15.21 -33.27 -13.55
O3 AHR L . -14.10 -34.01 -14.00
C2 AHR L . -14.86 -31.96 -12.85
O2 AHR L . -14.55 -30.92 -13.76
C1 AHR L . -16.05 -31.70 -11.92
C1 GAL M . -27.14 -32.61 -8.84
C2 GAL M . -27.77 -31.47 -9.58
C3 GAL M . -28.51 -31.93 -10.82
C4 GAL M . -27.64 -32.85 -11.66
C5 GAL M . -27.11 -33.99 -10.79
C6 GAL M . -26.18 -34.93 -11.54
O2 GAL M . -28.66 -30.75 -8.72
O3 GAL M . -28.93 -30.80 -11.58
O4 GAL M . -26.52 -32.15 -12.19
O5 GAL M . -26.36 -33.43 -9.70
O6 GAL M . -24.91 -34.33 -11.73
C1 BMA M . -26.48 -31.38 -13.40
C2 BMA M . -25.55 -30.20 -13.34
C3 BMA M . -25.80 -29.35 -14.58
C4 BMA M . -25.56 -30.20 -15.82
C5 BMA M . -26.35 -31.51 -15.78
C6 BMA M . -25.90 -32.42 -16.91
O2 BMA M . -24.18 -30.64 -13.34
O3 BMA M . -24.92 -28.22 -14.58
O4 BMA M . -25.96 -29.45 -16.97
O5 BMA M . -26.18 -32.19 -14.54
O6 BMA M . -26.62 -33.67 -16.83
C2 BGC M . -27.26 -28.00 -18.39
C3 BGC M . -27.21 -27.02 -19.55
C4 BGC M . -26.08 -26.02 -19.37
C5 BGC M . -24.77 -26.75 -19.10
C6 BGC M . -23.62 -25.80 -18.79
C1 BGC M . -25.91 -28.63 -18.13
O2 BGC M . -28.23 -29.02 -18.65
O3 BGC M . -28.45 -26.33 -19.66
O4 BGC M . -25.94 -25.22 -20.53
O5 BGC M . -24.91 -27.61 -17.96
O6 BGC M . -22.41 -26.53 -18.55
O5 AHR M . -26.56 -25.98 -25.27
C5 AHR M . -25.72 -24.86 -25.03
C4 AHR M . -25.34 -24.76 -23.58
O4 AHR M . -26.51 -24.64 -22.73
C3 AHR M . -24.48 -23.55 -23.20
O3 AHR M . -23.12 -23.70 -23.57
C2 AHR M . -24.72 -23.48 -21.69
O2 AHR M . -24.58 -22.17 -21.17
C1 AHR M . -26.08 -24.14 -21.45
C1 MAN M . -24.94 -20.94 -20.55
C2 MAN M . -24.84 -19.83 -21.59
C3 MAN M . -23.40 -19.53 -21.96
C4 MAN M . -22.55 -19.33 -20.72
C5 MAN M . -22.68 -20.53 -19.79
C6 MAN M . -21.93 -20.36 -18.49
O2 MAN M . -25.53 -18.67 -21.14
O3 MAN M . -23.34 -18.38 -22.79
O4 MAN M . -21.18 -19.19 -21.09
O5 MAN M . -24.07 -20.72 -19.44
O6 MAN M . -22.15 -21.47 -17.62
O5 AHR M . -29.63 -16.40 -19.29
C5 AHR M . -29.14 -15.75 -20.46
C4 AHR M . -28.18 -16.64 -21.22
O4 AHR M . -27.04 -16.99 -20.39
C3 AHR M . -27.56 -16.02 -22.48
O3 AHR M . -28.46 -15.96 -23.57
C2 AHR M . -26.37 -16.95 -22.68
O2 AHR M . -25.37 -16.40 -23.52
C1 AHR M . -25.92 -17.29 -21.25
O5 AHR M . -29.86 -11.22 -23.85
C5 AHR M . -30.05 -11.89 -25.09
C4 AHR M . -29.93 -13.40 -24.92
O4 AHR M . -28.63 -13.76 -24.42
C3 AHR M . -30.11 -14.22 -26.19
O3 AHR M . -31.47 -14.32 -26.60
C2 AHR M . -29.49 -15.54 -25.75
O2 AHR M . -29.06 -16.34 -26.84
C1 AHR M . -28.39 -15.14 -24.75
O5 AHR M . -30.59 -20.06 -24.13
C5 AHR M . -30.61 -20.38 -25.52
C4 AHR M . -29.89 -19.33 -26.34
O4 AHR M . -30.52 -18.03 -26.18
C3 AHR M . -29.89 -19.55 -27.85
O3 AHR M . -28.98 -20.56 -28.27
C2 AHR M . -29.54 -18.15 -28.35
O2 AHR M . -29.98 -17.91 -29.67
C1 AHR M . -30.09 -17.20 -27.27
O5 AHR M . -21.02 -19.69 -25.57
C5 AHR M . -20.06 -20.53 -24.96
C4 AHR M . -20.63 -21.89 -24.65
O4 AHR M . -21.75 -21.79 -23.74
C3 AHR M . -19.69 -22.88 -23.97
O3 AHR M . -18.71 -23.41 -24.85
C2 AHR M . -20.69 -23.90 -23.43
O2 AHR M . -20.18 -24.67 -22.36
C1 AHR M . -21.94 -23.06 -23.09
O5 AHR M . -14.23 -21.23 -24.72
C5 AHR M . -14.14 -22.64 -24.54
C4 AHR M . -15.43 -23.32 -24.94
O4 AHR M . -16.53 -22.86 -24.13
C3 AHR M . -15.46 -24.84 -24.78
O3 AHR M . -14.72 -25.52 -25.77
C2 AHR M . -16.97 -25.09 -24.83
O2 AHR M . -17.37 -26.35 -24.33
C1 AHR M . -17.57 -23.86 -24.13
O5 FUB M . -19.62 -29.26 -21.77
C5 FUB M . -19.15 -30.21 -22.72
C4 FUB M . -18.69 -29.52 -23.99
O4 FUB M . -17.62 -28.60 -23.71
C3 FUB M . -19.74 -28.68 -24.72
O3 FUB M . -20.69 -29.46 -25.42
C2 FUB M . -18.84 -27.82 -25.60
O2 FUB M . -19.46 -26.61 -25.99
C1 FUB M . -17.53 -27.69 -24.82
O5 AHR M . -31.42 -29.98 -15.10
C5 AHR M . -31.80 -30.62 -16.30
C4 AHR M . -30.68 -30.56 -17.32
O4 AHR M . -30.32 -29.20 -17.64
C3 AHR M . -30.98 -31.19 -18.69
O3 AHR M . -30.98 -32.61 -18.67
C2 AHR M . -29.88 -30.57 -19.54
O2 AHR M . -30.18 -30.54 -20.92
C1 AHR M . -29.62 -29.20 -18.89
C1 MAN M . -30.74 -30.86 -22.18
C2 MAN M . -29.83 -31.85 -22.90
C3 MAN M . -28.56 -31.20 -23.42
C4 MAN M . -28.87 -29.93 -24.18
C5 MAN M . -29.71 -28.99 -23.33
C6 MAN M . -30.13 -27.73 -24.05
O2 MAN M . -30.51 -32.67 -23.84
O3 MAN M . -27.86 -32.12 -24.26
O4 MAN M . -27.66 -29.26 -24.55
O5 MAN M . -30.93 -29.65 -22.93
O6 MAN M . -30.99 -26.93 -23.25
C1 MAN M . -31.68 -33.05 -24.62
C2 MAN M . -31.76 -32.90 -26.13
C3 MAN M . -32.68 -31.76 -26.54
C4 MAN M . -34.01 -31.87 -25.84
C5 MAN M . -33.82 -31.95 -24.34
C6 MAN M . -35.11 -32.14 -23.58
O2 MAN M . -32.17 -34.12 -26.72
O3 MAN M . -32.86 -31.79 -27.95
O4 MAN M . -34.82 -30.74 -26.14
O5 MAN M . -32.98 -33.08 -24.01
O6 MAN M . -34.88 -32.30 -22.18
C1 MAN M . -23.40 -31.80 -12.99
C2 MAN M . -22.64 -31.59 -11.69
C3 MAN M . -21.40 -30.75 -11.90
C4 MAN M . -20.57 -31.29 -13.05
C5 MAN M . -21.42 -31.39 -14.31
C6 MAN M . -20.67 -32.01 -15.47
O2 MAN M . -22.30 -32.84 -11.12
O3 MAN M . -20.62 -30.74 -10.70
O4 MAN M . -19.46 -30.42 -13.31
O5 MAN M . -22.55 -32.23 -14.05
O6 MAN M . -21.52 -32.19 -16.60
O5 AHR M . -30.43 -29.78 -4.23
C5 AHR M . -31.35 -29.40 -5.24
C4 AHR M . -30.94 -29.97 -6.59
O4 AHR M . -29.63 -29.53 -6.96
C3 AHR M . -31.83 -29.56 -7.76
O3 AHR M . -33.07 -30.25 -7.80
C2 AHR M . -30.91 -29.88 -8.95
O2 AHR M . -31.24 -29.15 -10.11
C1 AHR M . -29.49 -29.64 -8.39
O5 AHR N . -36.34 -39.07 -11.38
C5 AHR N . -36.04 -39.08 -12.76
C4 AHR N . -34.60 -39.48 -13.01
O4 AHR N . -33.69 -38.60 -12.31
C3 AHR N . -34.13 -39.44 -14.45
O3 AHR N . -34.63 -40.49 -15.27
C2 AHR N . -32.61 -39.43 -14.27
O2 AHR N . -31.91 -38.97 -15.40
C1 AHR N . -32.42 -38.62 -12.99
O5 FUB N . -38.82 -39.65 -14.34
C5 FUB N . -39.11 -40.42 -15.50
C4 FUB N . -37.88 -40.63 -16.34
O4 FUB N . -36.83 -41.28 -15.59
C3 FUB N . -37.22 -39.36 -16.89
O3 FUB N . -37.93 -38.76 -17.96
C2 FUB N . -35.85 -39.91 -17.28
O2 FUB N . -34.86 -38.91 -17.43
C1 FUB N . -35.57 -41.00 -16.23
O5 FUB N . -36.59 -37.43 -21.20
C5 FUB N . -35.31 -37.71 -21.74
C4 FUB N . -34.28 -37.89 -20.64
O4 FUB N . -34.65 -38.97 -19.75
C3 FUB N . -34.08 -36.69 -19.71
O3 FUB N . -33.35 -35.64 -20.31
C2 FUB N . -33.38 -37.37 -18.54
O2 FUB N . -33.48 -36.64 -17.33
C1 FUB N . -33.95 -38.79 -18.50
C1 GAL N . -32.24 -35.95 -17.13
C2 GAL N . -32.27 -35.20 -15.82
C3 GAL N . -30.93 -34.58 -15.49
C4 GAL N . -29.81 -35.59 -15.63
C5 GAL N . -29.87 -36.25 -17.01
C6 GAL N . -28.83 -37.33 -17.17
O2 GAL N . -33.30 -34.21 -15.85
O3 GAL N . -30.95 -34.05 -14.16
O4 GAL N . -29.92 -36.58 -14.63
O5 GAL N . -31.15 -36.87 -17.16
O6 GAL N . -28.71 -37.70 -18.55
O5 AHR N . -37.72 -36.23 -15.55
C5 AHR N . -37.74 -34.88 -15.12
C4 AHR N . -36.45 -34.17 -15.48
O4 AHR N . -35.32 -34.81 -14.84
C3 AHR N . -36.35 -32.72 -15.04
O3 AHR N . -37.11 -31.83 -15.85
C2 AHR N . -34.84 -32.50 -15.11
O2 AHR N . -34.40 -31.44 -14.28
C1 AHR N . -34.23 -33.87 -14.83
O5 FUB N . -42.02 -38.79 -16.53
C5 FUB N . -42.37 -39.09 -17.87
C4 FUB N . -41.25 -38.80 -18.82
O4 FUB N . -40.07 -39.56 -18.49
C3 FUB N . -40.75 -37.35 -18.85
O3 FUB N . -41.63 -36.48 -19.55
C2 FUB N . -39.38 -37.53 -19.50
O2 FUB N . -38.51 -36.44 -19.28
C1 FUB N . -38.90 -38.90 -19.00
O5 AHR N . -42.07 -33.12 -20.21
C5 AHR N . -40.77 -32.57 -20.41
C4 AHR N . -39.71 -33.64 -20.43
O4 AHR N . -39.68 -34.38 -19.19
C3 AHR N . -38.27 -33.16 -20.63
O3 AHR N . -37.99 -32.76 -21.95
C2 AHR N . -37.49 -34.39 -20.16
O2 AHR N . -36.17 -34.08 -19.76
C1 AHR N . -38.39 -35.02 -19.08
O5 FUB O . -35.07 -32.15 -9.93
C5 FUB O . -34.40 -33.19 -10.62
C4 FUB O . -33.01 -33.43 -10.06
O4 FUB O . -32.33 -34.49 -10.77
C3 FUB O . -32.94 -33.87 -8.60
O3 FUB O . -33.17 -32.79 -7.69
C2 FUB O . -31.54 -34.46 -8.53
O2 FUB O . -31.40 -35.44 -7.52
C1 FUB O . -31.23 -34.94 -9.96
C1 BMA O . -31.60 -35.37 -6.12
C2 BMA O . -31.27 -36.71 -5.47
C3 BMA O . -31.22 -36.60 -3.96
C4 BMA O . -30.30 -35.47 -3.56
C5 BMA O . -30.78 -34.18 -4.21
C6 BMA O . -29.89 -32.99 -3.88
O2 BMA O . -30.00 -37.16 -5.95
O3 BMA O . -30.74 -37.83 -3.41
O4 BMA O . -30.28 -35.35 -2.12
O5 BMA O . -30.75 -34.34 -5.63
O6 BMA O . -30.41 -32.30 -2.75
C1 BMA O . -30.04 -34.81 -0.81
C2 BMA O . -29.42 -35.81 0.17
C3 BMA O . -29.02 -35.12 1.48
C4 BMA O . -28.29 -33.80 1.25
C5 BMA O . -29.08 -32.93 0.28
C6 BMA O . -28.39 -31.61 -0.04
O2 BMA O . -28.28 -36.46 -0.41
O3 BMA O . -28.17 -35.98 2.23
O4 BMA O . -28.13 -33.12 2.51
O5 BMA O . -29.24 -33.63 -0.94
O6 BMA O . -29.21 -30.87 -0.97
C1 NGA O . -27.78 -32.01 3.37
C2 NGA O . -27.29 -32.52 4.74
C3 NGA O . -26.62 -31.39 5.54
C4 NGA O . -25.62 -30.61 4.69
C5 NGA O . -26.37 -30.12 3.46
C6 NGA O . -25.55 -29.22 2.56
C7 NGA O . -28.51 -34.28 5.97
C8 NGA O . -29.78 -34.54 6.73
N2 NGA O . -28.41 -33.03 5.49
O3 NGA O . -26.06 -31.97 6.69
O4 NGA O . -24.55 -31.46 4.37
O5 NGA O . -26.79 -31.24 2.72
O6 NGA O . -26.29 -28.04 2.28
O7 NGA O . -27.64 -35.12 5.83
C1 MAN O . -27.04 -28.35 1.13
C2 MAN O . -26.98 -27.24 0.10
C3 MAN O . -27.87 -26.07 0.45
C4 MAN O . -29.27 -26.54 0.81
C5 MAN O . -29.20 -27.59 1.91
C6 MAN O . -30.55 -28.17 2.29
O2 MAN O . -27.32 -27.75 -1.19
O3 MAN O . -27.92 -25.15 -0.63
O4 MAN O . -30.09 -25.45 1.23
O5 MAN O . -28.38 -28.70 1.48
O6 MAN O . -30.42 -29.14 3.32
C1 MAN O . -31.28 -24.66 1.39
C2 MAN O . -32.54 -25.51 1.29
C3 MAN O . -32.88 -25.86 -0.14
C4 MAN O . -32.89 -24.62 -1.01
C5 MAN O . -31.55 -23.89 -0.89
C6 MAN O . -31.52 -22.60 -1.68
O2 MAN O . -33.63 -24.84 1.91
O3 MAN O . -34.16 -26.50 -0.19
O4 MAN O . -33.11 -24.97 -2.38
O5 MAN O . -31.30 -23.55 0.49
O6 MAN O . -30.30 -21.89 -1.46
C1 MAN O . -32.99 -25.27 -3.76
C2 MAN O . -33.41 -24.09 -4.61
C3 MAN O . -34.92 -23.91 -4.63
C4 MAN O . -35.61 -25.21 -4.97
C5 MAN O . -35.16 -26.31 -4.01
C6 MAN O . -35.75 -27.66 -4.34
O2 MAN O . -32.90 -24.22 -5.93
O3 MAN O . -35.27 -22.89 -5.57
O4 MAN O . -37.02 -25.06 -4.86
O5 MAN O . -33.73 -26.45 -4.08
O6 MAN O . -35.25 -28.67 -3.48
C1 GAL O . -36.42 -22.14 -6.04
C2 GAL O . -36.07 -21.32 -7.27
C3 GAL O . -37.31 -20.70 -7.91
C4 GAL O . -38.39 -21.74 -8.12
C5 GAL O . -38.67 -22.48 -6.82
C6 GAL O . -39.68 -23.58 -6.97
O2 GAL O . -35.05 -20.36 -6.98
O3 GAL O . -36.96 -20.06 -9.14
O4 GAL O . -37.98 -22.69 -9.11
O5 GAL O . -37.46 -23.08 -6.34
O6 GAL O . -40.81 -23.16 -7.74
C1 MAN O . -34.33 -19.23 -7.48
C2 MAN O . -33.12 -18.66 -6.77
C3 MAN O . -33.48 -17.51 -5.84
C4 MAN O . -34.33 -16.49 -6.57
C5 MAN O . -35.55 -17.15 -7.19
C6 MAN O . -36.40 -16.21 -8.00
O2 MAN O . -32.14 -18.26 -7.72
O3 MAN O . -32.29 -16.90 -5.36
O4 MAN O . -34.76 -15.47 -5.66
O5 MAN O . -35.12 -18.20 -8.08
O6 MAN O . -37.47 -16.89 -8.64
O5 AHR O . -32.68 -12.49 -7.44
C5 AHR O . -31.32 -12.90 -7.34
C4 AHR O . -31.21 -14.36 -6.95
O4 AHR O . -31.82 -14.61 -5.67
C3 AHR O . -29.79 -14.90 -6.79
O3 AHR O . -29.13 -15.12 -8.03
C2 AHR O . -30.05 -16.16 -5.97
O2 AHR O . -28.93 -16.58 -5.22
C1 AHR O . -31.32 -15.85 -5.17
O5 AHR O . -25.55 -13.86 -4.98
C5 AHR O . -25.04 -14.08 -6.29
C4 AHR O . -26.17 -14.20 -7.29
O4 AHR O . -27.05 -15.30 -6.95
C3 AHR O . -25.75 -14.47 -8.73
O3 AHR O . -25.22 -13.33 -9.39
C2 AHR O . -27.07 -14.99 -9.32
O2 AHR O . -26.90 -15.80 -10.46
C1 AHR O . -27.80 -15.64 -8.14
O5 AHR O . -33.18 -22.74 -10.02
C5 AHR O . -33.92 -22.43 -11.19
C4 AHR O . -35.38 -22.16 -10.86
O4 AHR O . -36.00 -23.30 -10.25
C3 AHR O . -36.28 -21.83 -12.05
O3 AHR O . -36.09 -20.51 -12.56
C2 AHR O . -37.66 -22.09 -11.46
O2 AHR O . -38.64 -22.41 -12.42
C1 AHR O . -37.42 -23.14 -10.36
O5 AHR O . -42.90 -24.57 -13.33
C5 AHR O . -41.95 -24.87 -14.35
C4 AHR O . -40.56 -24.43 -13.94
O4 AHR O . -40.51 -23.01 -13.68
C3 AHR O . -39.45 -24.67 -14.96
O3 AHR O . -39.06 -26.03 -15.06
C2 AHR O . -38.37 -23.73 -14.43
O2 AHR O . -37.45 -23.33 -15.43
C1 AHR O . -39.13 -22.59 -13.74
O5 AHR O . -44.39 -25.81 -9.71
C5 AHR O . -44.30 -24.53 -10.32
C4 AHR O . -43.03 -23.81 -9.91
O4 AHR O . -42.97 -23.62 -8.48
C3 AHR O . -42.85 -22.40 -10.48
O3 AHR O . -42.47 -22.39 -11.85
C2 AHR O . -41.80 -21.85 -9.52
O2 AHR O . -41.80 -20.43 -9.45
C1 AHR O . -42.03 -22.58 -8.20
C1 MAN O . -36.41 -29.30 -2.94
C2 MAN O . -36.57 -28.93 -1.48
C3 MAN O . -35.57 -29.65 -0.59
C4 MAN O . -35.58 -31.14 -0.87
C5 MAN O . -35.34 -31.39 -2.36
C6 MAN O . -35.41 -32.86 -2.72
O2 MAN O . -37.91 -29.20 -1.06
O3 MAN O . -35.90 -29.40 0.78
O4 MAN O . -34.55 -31.78 -0.13
O5 MAN O . -36.35 -30.71 -3.13
O6 MAN O . -35.30 -33.05 -4.13
C1 BMA O . -30.93 -29.40 4.61
C2 BMA O . -29.78 -29.56 5.61
C3 BMA O . -30.36 -29.90 6.97
C4 BMA O . -31.31 -28.79 7.39
C5 BMA O . -32.40 -28.63 6.34
C6 BMA O . -33.39 -27.54 6.72
O2 BMA O . -29.03 -28.33 5.70
O3 BMA O . -29.31 -30.07 7.91
O4 BMA O . -31.87 -29.08 8.67
O5 BMA O . -31.83 -28.38 5.05
O6 BMA O . -32.70 -26.34 7.09
C1 BMA O . -31.53 -29.37 10.02
C2 BMA O . -32.78 -29.77 10.78
C3 BMA O . -32.42 -30.22 12.19
C4 BMA O . -31.42 -31.34 12.12
C5 BMA O . -30.19 -30.88 11.34
C6 BMA O . -29.18 -32.01 11.19
O2 BMA O . -33.43 -30.85 10.10
O3 BMA O . -33.61 -30.65 12.86
O4 BMA O . -31.03 -31.73 13.44
O5 BMA O . -30.56 -30.42 10.04
O6 BMA O . -28.78 -32.48 12.49
C1 MAN O . -34.73 -30.44 13.71
C2 MAN O . -35.20 -28.99 13.64
C3 MAN O . -34.27 -28.05 14.36
C4 MAN O . -33.97 -28.55 15.76
C5 MAN O . -33.45 -29.98 15.71
C6 MAN O . -33.20 -30.57 17.07
O2 MAN O . -36.53 -28.89 14.14
O3 MAN O . -34.86 -26.75 14.41
O4 MAN O . -32.99 -27.72 16.38
O5 MAN O . -34.40 -30.83 15.05
O6 MAN O . -32.80 -31.94 16.98
O5 AHR O . -32.94 -23.51 13.93
C5 AHR O . -32.07 -23.47 15.05
C4 AHR O . -31.88 -24.84 15.65
O4 AHR O . -33.13 -25.41 16.09
C3 AHR O . -30.97 -24.92 16.89
O3 AHR O . -29.59 -24.78 16.59
C2 AHR O . -31.38 -26.27 17.46
O2 AHR O . -31.13 -26.39 18.84
C1 AHR O . -32.85 -26.46 17.02
C1 BMA O . -27.94 -32.71 13.61
C2 BMA O . -27.99 -34.17 14.01
C3 BMA O . -27.02 -34.47 15.15
C4 BMA O . -25.63 -33.96 14.79
C5 BMA O . -25.68 -32.50 14.39
C6 BMA O . -24.31 -32.02 13.95
O2 BMA O . -27.64 -34.97 12.87
O3 BMA O . -26.97 -35.88 15.40
O4 BMA O . -24.76 -34.11 15.91
O5 BMA O . -26.60 -32.30 13.31
O6 BMA O . -24.44 -30.81 13.22
O5 AHR O . -28.55 -40.57 15.30
C5 AHR O . -27.16 -40.49 15.58
C4 AHR O . -26.75 -39.08 15.93
O4 AHR O . -27.01 -38.18 14.83
C3 AHR O . -25.27 -38.87 16.23
O3 AHR O . -24.89 -39.37 17.52
C2 AHR O . -25.15 -37.36 16.08
O2 AHR O . -23.83 -36.92 15.84
C1 AHR O . -26.18 -37.01 15.00
O5 AHR O . -23.07 -26.94 10.65
C5 AHR O . -22.37 -27.01 11.88
C4 AHR O . -22.60 -28.33 12.57
O4 AHR O . -24.00 -28.54 12.84
C3 AHR O . -21.93 -28.51 13.94
O3 AHR O . -20.53 -28.74 13.85
C2 AHR O . -22.73 -29.68 14.51
O2 AHR O . -22.73 -29.73 15.91
C1 AHR O . -24.12 -29.57 13.84
O5 AHR O . -24.34 -27.05 4.65
C5 AHR O . -24.75 -26.56 5.93
C4 AHR O . -26.03 -27.21 6.37
O4 AHR O . -27.12 -26.94 5.46
C3 AHR O . -26.56 -26.75 7.73
O3 AHR O . -25.84 -27.30 8.83
C2 AHR O . -28.02 -27.22 7.65
O2 AHR O . -28.88 -26.52 8.53
C1 AHR O . -28.36 -27.13 6.16
O5 AHR O . -29.95 -22.27 6.27
C5 AHR O . -31.20 -22.19 5.61
C4 AHR O . -32.17 -23.23 6.14
O4 AHR O . -31.65 -24.56 5.95
C3 AHR O . -33.54 -23.27 5.48
O3 AHR O . -34.38 -22.20 5.87
C2 AHR O . -34.02 -24.65 5.91
O2 AHR O . -35.08 -25.15 5.11
C1 AHR O . -32.75 -25.50 5.94
O5 FUB O . -28.08 -24.68 -4.33
C5 FUB O . -28.90 -25.69 -4.90
C4 FUB O . -28.59 -27.04 -4.30
O4 FUB O . -28.78 -27.04 -2.88
C3 FUB O . -27.17 -27.55 -4.50
O3 FUB O . -26.91 -28.01 -5.82
C2 FUB O . -27.11 -28.63 -3.43
O2 FUB O . -25.79 -28.94 -3.00
C1 FUB O . -28.07 -28.16 -2.33
O5 AHR O . -25.33 -34.93 10.42
C5 AHR O . -25.05 -33.58 10.78
C4 AHR O . -25.52 -32.63 9.70
O4 AHR O . -24.86 -32.89 8.44
C3 AHR O . -25.26 -31.15 9.96
O3 AHR O . -26.14 -30.58 10.91
C2 AHR O . -25.40 -30.58 8.54
O2 AHR O . -24.67 -29.37 8.36
C1 AHR O . -25.01 -31.74 7.61
O5 FUB O . -26.65 -40.64 -2.78
C5 FUB O . -28.05 -40.81 -2.67
C4 FUB O . -28.60 -39.94 -1.56
O4 FUB O . -28.34 -38.54 -1.81
C3 FUB O . -28.00 -40.18 -0.17
O3 FUB O . -28.53 -41.34 0.47
C2 FUB O . -28.32 -38.88 0.53
O2 FUB O . -27.34 -38.51 1.48
C1 FUB O . -28.58 -37.85 -0.58
O5 AHR O . -30.82 -41.76 4.82
C5 AHR O . -31.59 -42.33 3.78
C4 AHR O . -30.78 -42.50 2.52
O4 AHR O . -30.29 -41.24 2.04
C3 AHR O . -31.52 -43.10 1.32
O3 AHR O . -31.74 -44.50 1.44
C2 AHR O . -30.57 -42.71 0.18
O2 AHR O . -31.20 -42.70 -1.08
C1 AHR O . -29.97 -41.37 0.64
O5 AHR O . -38.75 -35.20 -11.32
C5 AHR O . -39.23 -34.12 -10.53
C4 AHR O . -38.19 -33.04 -10.37
O4 AHR O . -36.99 -33.56 -9.75
C3 AHR O . -38.58 -31.85 -9.50
O3 AHR O . -39.49 -30.96 -10.15
C2 AHR O . -37.22 -31.25 -9.20
O2 AHR O . -37.21 -30.43 -8.05
C1 AHR O . -36.27 -32.46 -9.17
C1 GAL P . -33.95 -43.63 -7.44
C2 GAL P . -33.70 -43.67 -5.94
C3 GAL P . -34.88 -44.24 -5.18
C4 GAL P . -36.17 -43.55 -5.60
C5 GAL P . -36.33 -43.63 -7.12
C6 GAL P . -37.56 -42.91 -7.62
O2 GAL P . -32.53 -44.44 -5.68
O3 GAL P . -34.66 -44.09 -3.78
O4 GAL P . -36.16 -42.18 -5.22
O5 GAL P . -35.19 -42.99 -7.73
O6 GAL P . -37.38 -41.50 -7.59
C1 BMA P . -36.54 -41.64 -3.98
C2 BMA P . -35.75 -40.41 -3.59
C3 BMA P . -36.08 -40.10 -2.14
C4 BMA P . -37.58 -39.88 -2.00
C5 BMA P . -38.38 -41.04 -2.60
C6 BMA P . -39.86 -40.69 -2.66
O2 BMA P . -36.13 -39.29 -4.41
O3 BMA P . -35.39 -38.92 -1.72
O4 BMA P . -37.91 -39.76 -0.62
O5 BMA P . -37.94 -41.38 -3.92
O6 BMA P . -40.59 -41.76 -3.27
C2 BGC P . -37.92 -40.17 1.76
C3 BGC P . -38.11 -39.55 3.13
C4 BGC P . -37.38 -38.23 3.24
C5 BGC P . -37.75 -37.31 2.08
C6 BGC P . -36.95 -36.03 2.06
C1 BGC P . -38.22 -39.19 0.65
O2 BGC P . -38.73 -41.34 1.61
O3 BGC P . -37.65 -40.45 4.14
O4 BGC P . -37.70 -37.59 4.46
O5 BGC P . -37.47 -37.98 0.84
O6 BGC P . -37.32 -35.20 0.97
O5 AHR P . -41.68 -37.37 7.21
C5 AHR P . -40.80 -36.29 7.48
C4 AHR P . -39.68 -36.22 6.47
O4 AHR P . -38.92 -37.44 6.47
C3 AHR P . -38.65 -35.13 6.70
O3 AHR P . -39.11 -33.83 6.33
C2 AHR P . -37.47 -35.65 5.88
O2 AHR P . -36.22 -35.22 6.38
C1 AHR P . -37.66 -37.18 5.83
C1 MAN P . -34.92 -35.28 6.95
C2 MAN P . -34.95 -34.60 8.31
C3 MAN P . -35.11 -33.10 8.19
C4 MAN P . -34.11 -32.53 7.21
C5 MAN P . -34.21 -33.23 5.86
C6 MAN P . -33.18 -32.76 4.86
O2 MAN P . -33.79 -34.95 9.07
O3 MAN P . -34.96 -32.48 9.47
O4 MAN P . -34.36 -31.14 7.01
O5 MAN P . -33.99 -34.65 6.05
O6 MAN P . -33.27 -33.51 3.65
O5 AHR P . -30.66 -38.40 10.98
C5 AHR P . -31.12 -37.49 11.97
C4 AHR P . -32.32 -36.71 11.50
O4 AHR P . -32.03 -35.96 10.30
C3 AHR P . -32.89 -35.67 12.46
O3 AHR P . -33.59 -36.25 13.55
C2 AHR P . -33.73 -34.83 11.52
O2 AHR P . -34.04 -33.55 12.04
C1 AHR P . -32.92 -34.85 10.21
O5 AHR P . -30.55 -35.93 17.44
C5 AHR P . -31.90 -36.06 17.85
C4 AHR P . -32.78 -36.48 16.70
O4 AHR P . -32.74 -35.50 15.63
C3 AHR P . -34.27 -36.63 17.01
O3 AHR P . -34.56 -37.82 17.74
C2 AHR P . -34.87 -36.58 15.62
O2 AHR P . -36.23 -36.20 15.61
C1 AHR P . -33.93 -35.66 14.83
O5 AHR P . -36.63 -39.41 11.99
C5 AHR P . -37.87 -39.24 12.68
C4 AHR P . -37.81 -38.06 13.62
O4 AHR P . -36.79 -38.24 14.63
C3 AHR P . -39.09 -37.79 14.43
O3 AHR P . -40.12 -37.19 13.66
C2 AHR P . -38.53 -36.91 15.55
O2 AHR P . -39.33 -36.95 16.73
C1 AHR P . -37.07 -37.34 15.71
O5 AHR P . -38.02 -30.17 9.46
C5 AHR P . -38.20 -29.69 8.14
C4 AHR P . -38.85 -30.73 7.26
O4 AHR P . -38.04 -31.92 7.19
C3 AHR P . -39.05 -30.33 5.80
O3 AHR P . -40.12 -29.41 5.62
C2 AHR P . -39.28 -31.70 5.16
O2 AHR P . -39.05 -31.71 3.77
C1 AHR P . -38.39 -32.65 5.99
O5 AHR P . -38.84 -24.60 5.28
C5 AHR P . -39.66 -25.02 4.18
C4 AHR P . -40.32 -26.34 4.48
O4 AHR P . -39.35 -27.39 4.70
C3 AHR P . -41.22 -26.90 3.38
O3 AHR P . -42.47 -26.21 3.27
C2 AHR P . -41.35 -28.35 3.82
O2 AHR P . -41.79 -29.23 2.81
C1 AHR P . -39.97 -28.66 4.43
O5 FUB P . -41.71 -32.81 0.11
C5 FUB P . -43.07 -32.48 -0.10
C4 FUB P . -43.59 -31.55 0.99
O4 FUB P . -42.82 -30.33 1.03
C3 FUB P . -43.50 -32.09 2.42
O3 FUB P . -44.48 -33.06 2.71
C2 FUB P . -43.63 -30.80 3.22
O2 FUB P . -43.08 -30.89 4.51
C1 FUB P . -43.04 -29.71 2.31
O5 AHR P . -36.54 -45.37 -0.06
C5 AHR P . -37.85 -45.65 0.43
C4 AHR P . -38.63 -44.38 0.69
O4 AHR P . -37.97 -43.55 1.65
C3 AHR P . -40.04 -44.57 1.25
O3 AHR P . -40.98 -45.03 0.29
C2 AHR P . -40.31 -43.17 1.78
O2 AHR P . -41.30 -43.14 2.79
C1 AHR P . -38.93 -42.62 2.18
C1 MAN P . -42.42 -43.47 3.60
C2 MAN P . -43.67 -42.81 3.04
C3 MAN P . -43.69 -41.30 3.32
C4 MAN P . -43.38 -41.01 4.77
C5 MAN P . -42.07 -41.68 5.19
C6 MAN P . -41.74 -41.49 6.64
O2 MAN P . -44.87 -43.49 3.36
O3 MAN P . -44.97 -40.77 2.97
O4 MAN P . -43.28 -39.61 4.98
O5 MAN P . -42.15 -43.10 4.96
O6 MAN P . -40.56 -42.20 7.01
C1 MAN P . -45.43 -44.48 4.27
C2 MAN P . -46.39 -43.97 5.31
C3 MAN P . -45.81 -44.03 6.72
C4 MAN P . -45.22 -45.40 7.00
C5 MAN P . -44.22 -45.78 5.92
C6 MAN P . -43.66 -47.17 6.09
O2 MAN P . -47.61 -44.70 5.24
O3 MAN P . -46.82 -43.72 7.67
O4 MAN P . -44.56 -45.41 8.26
O5 MAN P . -44.86 -45.75 4.63
O6 MAN P . -42.79 -47.52 5.01
C1 MAN P . -36.69 -39.03 -5.72
C2 MAN P . -35.64 -38.53 -6.69
C3 MAN P . -35.30 -37.08 -6.48
C4 MAN P . -36.56 -36.24 -6.43
C5 MAN P . -37.51 -36.78 -5.37
C6 MAN P . -38.83 -36.03 -5.32
O2 MAN P . -36.06 -38.76 -8.03
O3 MAN P . -34.46 -36.63 -7.54
O4 MAN P . -36.24 -34.89 -6.09
O5 MAN P . -37.82 -38.16 -5.65
O6 MAN P . -39.73 -36.64 -4.40
O5 AHR P . -28.43 -46.75 -7.23
C5 AHR P . -28.87 -47.26 -5.97
C4 AHR P . -30.27 -46.78 -5.65
O4 AHR P . -30.34 -45.34 -5.62
C3 AHR P . -30.82 -47.20 -4.29
O3 AHR P . -31.22 -48.56 -4.24
C2 AHR P . -31.95 -46.20 -4.10
O2 AHR P . -32.32 -46.01 -2.75
C1 AHR P . -31.48 -44.94 -4.85
O5 AHR Q . -39.45 -53.67 -6.60
C5 AHR Q . -40.48 -53.10 -5.81
C4 AHR Q . -41.02 -51.83 -6.46
O4 AHR Q . -39.97 -50.87 -6.66
C3 AHR Q . -42.08 -51.08 -5.65
O3 AHR Q . -43.36 -51.71 -5.65
C2 AHR Q . -42.03 -49.72 -6.34
O2 AHR Q . -42.60 -48.69 -5.56
C1 AHR Q . -40.55 -49.55 -6.70
O5 FUB Q . -41.85 -55.49 -4.14
C5 FUB Q . -43.20 -55.76 -3.80
C4 FUB Q . -44.04 -54.49 -3.84
O4 FUB Q . -43.99 -53.88 -5.15
C3 FUB Q . -43.63 -53.37 -2.88
O3 FUB Q . -43.96 -53.63 -1.53
C2 FUB Q . -44.36 -52.19 -3.50
O2 FUB Q . -43.85 -50.94 -3.11
C1 FUB Q . -44.34 -52.49 -5.02
O5 FUB Q . -45.51 -51.29 0.96
C5 FUB Q . -46.18 -50.07 0.64
C4 FUB Q . -45.55 -49.41 -0.56
O4 FUB Q . -45.60 -50.27 -1.72
C3 FUB Q . -44.06 -49.05 -0.44
O3 FUB Q . -43.84 -47.91 0.38
C2 FUB Q . -43.70 -48.84 -1.91
O2 FUB Q . -42.33 -48.97 -2.17
C1 FUB Q . -44.62 -49.83 -2.66
C1 GAL Q . -41.79 -47.65 -2.29
C2 GAL Q . -40.31 -47.73 -2.63
C3 GAL Q . -39.73 -46.36 -2.92
C4 GAL Q . -40.58 -45.60 -3.92
C5 GAL Q . -42.03 -45.57 -3.45
C6 GAL Q . -42.96 -44.91 -4.44
O2 GAL Q . -39.60 -48.37 -1.57
O3 GAL Q . -38.40 -46.50 -3.43
O4 GAL Q . -40.52 -46.22 -5.19
O5 GAL Q . -42.50 -46.92 -3.29
O6 GAL Q . -44.23 -44.61 -3.84
O5 AHR Q . -40.48 -53.15 -1.49
C5 AHR Q . -39.25 -52.84 -0.85
C4 AHR Q . -39.11 -51.35 -0.63
O4 AHR Q . -39.15 -50.64 -1.88
C3 AHR Q . -37.81 -50.90 0.02
O3 AHR Q . -37.76 -51.17 1.42
C2 AHR Q . -37.81 -49.42 -0.34
O2 AHR Q . -36.51 -48.85 -0.34
C1 AHR Q . -38.57 -49.33 -1.67
O5 FUB Q . -42.68 -57.72 -0.96
C5 FUB Q . -43.85 -57.87 -0.16
C4 FUB Q . -44.41 -56.52 0.23
O4 FUB Q . -44.76 -55.74 -0.94
C3 FUB Q . -43.48 -55.61 1.03
O3 FUB Q . -43.35 -56.01 2.39
C2 FUB Q . -44.16 -54.27 0.83
O2 FUB Q . -43.30 -53.17 1.09
C1 FUB Q . -44.76 -54.35 -0.59
O5 AHR Q . -41.53 -55.24 5.22
C5 AHR Q . -41.38 -53.83 5.23
C4 AHR Q . -42.18 -53.17 4.15
O4 AHR Q . -41.77 -53.62 2.84
C3 AHR Q . -42.09 -51.65 4.06
O3 AHR Q . -42.80 -50.98 5.09
C2 AHR Q . -42.61 -51.40 2.65
O2 AHR Q . -42.20 -50.17 2.11
C1 AHR Q . -42.20 -52.66 1.86
O5 FUB R . -33.78 -50.65 -3.39
C5 FUB R . -35.03 -50.20 -3.90
C4 FUB R . -34.87 -49.10 -4.93
O4 FUB R . -36.14 -48.65 -5.42
C3 FUB R . -34.09 -49.48 -6.18
O3 FUB R . -32.69 -49.56 -5.97
C2 FUB R . -34.53 -48.38 -7.14
O2 FUB R . -34.47 -48.76 -8.50
C1 FUB R . -35.92 -47.95 -6.64
C1 BMA R . -33.37 -49.19 -9.27
C2 BMA R . -33.83 -49.44 -10.71
C3 BMA R . -32.65 -49.67 -11.63
C4 BMA R . -31.63 -48.55 -11.48
C5 BMA R . -31.22 -48.46 -10.02
C6 BMA R . -30.22 -47.34 -9.76
O2 BMA R . -34.55 -48.30 -11.17
O3 BMA R . -33.10 -49.73 -12.99
O4 BMA R . -30.51 -48.80 -12.34
O5 BMA R . -32.37 -48.19 -9.22
O6 BMA R . -28.89 -47.84 -9.86
C1 BMA R . -29.19 -48.69 -12.91
C2 BMA R . -29.19 -48.62 -14.44
C3 BMA R . -27.79 -48.31 -14.98
C4 BMA R . -27.10 -47.18 -14.23
C5 BMA R . -27.18 -47.44 -12.73
C6 BMA R . -26.56 -46.33 -11.89
O2 BMA R . -30.13 -47.66 -14.93
O3 BMA R . -27.87 -47.95 -16.37
O4 BMA R . -25.73 -47.10 -14.65
O5 BMA R . -28.54 -47.56 -12.35
O6 BMA R . -26.68 -46.66 -10.51
C1 NGA R . -24.37 -46.60 -14.60
C2 NGA R . -23.74 -46.59 -16.01
C3 NGA R . -22.44 -45.79 -16.01
C4 NGA R . -22.58 -44.45 -15.31
C5 NGA R . -23.10 -44.73 -13.91
C6 NGA R . -23.20 -43.50 -13.04
C7 NGA R . -23.96 -48.52 -17.53
C8 NGA R . -23.52 -49.95 -17.73
N2 NGA R . -23.47 -47.95 -16.42
O3 NGA R . -22.02 -45.69 -17.34
O4 NGA R . -23.46 -43.65 -16.07
O5 NGA R . -24.38 -45.31 -14.03
O6 NGA R . -22.57 -43.76 -11.81
O7 NGA R . -24.69 -47.95 -18.32
C1 MAN R . -23.58 -44.31 -10.98
C2 MAN R . -23.58 -43.70 -9.60
C3 MAN R . -22.47 -44.24 -8.73
C4 MAN R . -22.45 -45.76 -8.74
C5 MAN R . -22.36 -46.25 -10.19
C6 MAN R . -22.39 -47.75 -10.31
O2 MAN R . -24.85 -43.90 -8.98
O3 MAN R . -22.63 -43.77 -7.38
O4 MAN R . -21.35 -46.27 -7.99
O5 MAN R . -23.48 -45.74 -10.94
O6 MAN R . -22.30 -48.16 -11.67
C1 MAN R . -20.63 -47.16 -7.13
C2 MAN R . -21.19 -48.57 -7.16
C3 MAN R . -22.47 -48.70 -6.35
C4 MAN R . -22.26 -48.13 -4.95
C5 MAN R . -21.76 -46.69 -5.03
C6 MAN R . -21.45 -46.10 -3.67
O2 MAN R . -20.21 -49.50 -6.72
O3 MAN R . -22.86 -50.07 -6.27
O4 MAN R . -23.48 -48.17 -4.22
O5 MAN R . -20.52 -46.65 -5.79
O6 MAN R . -20.89 -44.79 -3.80
C1 MAN R . -24.71 -47.85 -3.56
C2 MAN R . -24.50 -47.70 -2.07
C3 MAN R . -24.30 -49.04 -1.38
C4 MAN R . -25.39 -50.01 -1.78
C5 MAN R . -25.46 -50.14 -3.29
C6 MAN R . -26.58 -51.03 -3.76
O2 MAN R . -25.59 -47.00 -1.49
O3 MAN R . -24.28 -48.85 0.04
O4 MAN R . -25.13 -51.30 -1.22
O5 MAN R . -25.70 -48.84 -3.87
O6 MAN R . -26.67 -51.05 -5.19
C1 GAL R . -24.04 -49.59 1.26
C2 GAL R . -24.40 -48.75 2.47
C3 GAL R . -24.38 -49.58 3.76
C4 GAL R . -25.18 -50.86 3.60
C5 GAL R . -24.70 -51.62 2.38
C6 GAL R . -25.51 -52.86 2.11
O2 GAL R . -23.61 -47.57 2.56
O3 GAL R . -24.87 -48.80 4.85
O4 GAL R . -26.56 -50.55 3.46
O5 GAL R . -24.84 -50.77 1.22
O6 GAL R . -25.71 -53.61 3.30
C1 MAN R . -23.16 -46.58 3.46
C2 MAN R . -22.19 -45.54 2.92
C3 MAN R . -20.74 -45.84 3.29
C4 MAN R . -20.62 -46.09 4.78
C5 MAN R . -21.58 -47.19 5.20
C6 MAN R . -21.56 -47.46 6.70
O2 MAN R . -22.57 -44.24 3.37
O3 MAN R . -19.92 -44.73 2.93
O4 MAN R . -19.29 -46.50 5.09
O5 MAN R . -22.92 -46.82 4.87
O6 MAN R . -22.55 -48.43 7.06
O5 AHR R . -18.45 -43.23 7.34
C5 AHR R . -18.60 -42.13 6.45
C4 AHR R . -19.31 -42.55 5.17
O4 AHR R . -18.58 -43.59 4.48
C3 AHR R . -19.49 -41.46 4.12
O3 AHR R . -20.52 -40.54 4.45
C2 AHR R . -19.77 -42.30 2.88
O2 AHR R . -19.45 -41.63 1.68
C1 AHR R . -19.03 -43.62 3.12
O5 AHR R . -17.27 -37.89 1.97
C5 AHR R . -18.36 -37.09 2.41
C4 AHR R . -19.22 -37.82 3.40
O4 AHR R . -19.77 -39.03 2.82
C3 AHR R . -20.44 -37.07 3.92
O3 AHR R . -20.13 -36.07 4.87
C2 AHR R . -21.28 -38.23 4.47
O2 AHR R . -22.67 -37.93 4.53
C1 AHR R . -20.89 -39.43 3.61
O5 AHR R . -27.56 -45.93 2.25
C5 AHR R . -28.16 -46.29 3.49
C4 AHR R . -27.65 -47.61 3.99
O4 AHR R . -27.93 -48.67 3.07
C3 AHR R . -28.25 -48.09 5.32
O3 AHR R . -27.73 -47.42 6.45
C2 AHR R . -27.89 -49.58 5.26
O2 AHR R . -28.76 -50.39 6.04
C1 AHR R . -27.82 -49.93 3.76
O5 AHR R . -30.64 -54.82 6.76
C5 AHR R . -31.64 -53.81 6.86
C4 AHR R . -31.13 -52.47 6.38
O4 AHR R . -29.98 -52.04 7.14
C3 AHR R . -32.11 -51.31 6.47
O3 AHR R . -33.12 -51.34 5.49
C2 AHR R . -31.15 -50.12 6.36
O2 AHR R . -31.66 -48.94 6.93
C1 AHR R . -29.83 -50.63 6.95
O5 AHR R . -28.74 -57.33 4.13
C5 AHR R . -28.32 -56.73 5.35
C4 AHR R . -27.62 -55.42 5.10
O4 AHR R . -26.44 -55.62 4.27
C3 AHR R . -27.07 -54.70 6.34
O3 AHR R . -28.10 -54.06 7.09
C2 AHR R . -26.07 -53.75 5.70
O2 AHR R . -25.06 -53.33 6.59
C1 AHR R . -25.59 -54.48 4.43
C1 MAN R . -26.63 -52.45 -5.52
C2 MAN R . -25.30 -52.80 -6.16
C3 MAN R . -25.20 -52.27 -7.58
C4 MAN R . -26.42 -52.67 -8.39
C5 MAN R . -27.69 -52.22 -7.68
C6 MAN R . -28.94 -52.67 -8.40
O2 MAN R . -25.09 -54.20 -6.12
O3 MAN R . -24.01 -52.79 -8.19
O4 MAN R . -26.37 -52.08 -9.68
O5 MAN R . -27.74 -52.78 -6.36
O6 MAN R . -30.11 -52.33 -7.65
C1 BMA R . -21.50 -48.98 -12.50
C2 BMA R . -20.95 -48.17 -13.67
C3 BMA R . -20.15 -49.10 -14.56
C4 BMA R . -19.02 -49.72 -13.75
C5 BMA R . -19.63 -50.47 -12.57
C6 BMA R . -18.54 -51.13 -11.72
O2 BMA R . -20.09 -47.12 -13.20
O3 BMA R . -19.64 -48.37 -15.69
O4 BMA R . -18.26 -50.61 -14.57
O5 BMA R . -20.43 -49.59 -11.77
O6 BMA R . -17.50 -50.21 -11.42
C1 BMA R . -17.49 -50.67 -15.76
C2 BMA R . -17.13 -52.11 -16.06
C3 BMA R . -16.42 -52.20 -17.40
C4 BMA R . -17.30 -51.60 -18.48
C5 BMA R . -17.63 -50.16 -18.12
C6 BMA R . -18.56 -49.54 -19.15
O2 BMA R . -18.32 -52.90 -16.11
O3 BMA R . -16.15 -53.57 -17.70
O4 BMA R . -16.61 -51.64 -19.74
O5 BMA R . -18.24 -50.09 -16.84
O6 BMA R . -17.95 -49.59 -20.44
C1 MAN R . -15.32 -54.74 -17.69
C2 MAN R . -14.37 -54.71 -16.50
C3 MAN R . -13.24 -53.70 -16.68
C4 MAN R . -12.58 -53.87 -18.04
C5 MAN R . -13.62 -53.83 -19.14
C6 MAN R . -13.04 -54.06 -20.52
O2 MAN R . -13.84 -56.02 -16.26
O3 MAN R . -12.29 -53.86 -15.64
O4 MAN R . -11.62 -52.85 -18.25
O5 MAN R . -14.63 -54.84 -18.93
O6 MAN R . -14.06 -54.10 -21.52
O5 AHR R . -10.57 -50.98 -13.88
C5 AHR R . -9.77 -50.39 -14.90
C4 AHR R . -10.27 -50.76 -16.26
O4 AHR R . -10.26 -52.19 -16.46
C3 AHR R . -9.46 -50.22 -17.45
O3 AHR R . -9.69 -48.83 -17.69
C2 AHR R . -9.95 -51.13 -18.57
O2 AHR R . -9.02 -51.23 -19.64
C1 AHR R . -10.31 -52.45 -17.88
C1 BMA R . -17.34 -49.11 -21.64
C2 BMA R . -18.04 -49.70 -22.86
C3 BMA R . -17.46 -49.13 -24.15
C4 BMA R . -17.47 -47.61 -24.10
C5 BMA R . -16.77 -47.12 -22.83
C6 BMA R . -16.84 -45.60 -22.75
O2 BMA R . -19.43 -49.38 -22.78
O3 BMA R . -18.24 -49.57 -25.27
O4 BMA R . -16.79 -47.09 -25.24
O5 BMA R . -17.37 -47.69 -21.68
O6 BMA R . -16.55 -45.20 -21.41
O5 AHR R . -21.40 -52.48 -27.75
C5 AHR R . -21.22 -51.21 -28.39
C4 AHR R . -20.04 -50.47 -27.82
O4 AHR R . -20.21 -50.20 -26.41
C3 AHR R . -19.76 -49.10 -28.44
O3 AHR R . -19.17 -49.17 -29.73
C2 AHR R . -18.86 -48.48 -27.37
O2 AHR R . -18.82 -47.07 -27.41
C1 AHR R . -19.35 -49.10 -26.05
O5 AHR R . -15.88 -42.19 -17.68
C5 AHR R . -15.07 -41.83 -18.78
C4 AHR R . -15.45 -42.59 -20.02
O4 AHR R . -15.32 -44.02 -19.82
C3 AHR R . -14.61 -42.32 -21.27
O3 AHR R . -14.92 -41.07 -21.89
C2 AHR R . -14.94 -43.54 -22.12
O2 AHR R . -13.95 -43.85 -23.07
C1 AHR R . -15.27 -44.65 -21.11
O5 AHR R . -20.28 -42.15 -13.39
C5 AHR R . -18.99 -42.64 -13.73
C4 AHR R . -19.02 -44.13 -13.99
O4 AHR R . -19.44 -44.86 -12.82
C3 AHR R . -17.68 -44.77 -14.37
O3 AHR R . -17.29 -44.49 -15.71
C2 AHR R . -17.97 -46.24 -14.08
O2 AHR R . -16.81 -47.01 -13.88
C1 AHR R . -18.98 -46.22 -12.93
O5 AHR R . -15.52 -46.22 -9.19
C5 AHR R . -15.87 -47.22 -8.24
C4 AHR R . -16.12 -48.54 -8.93
O4 AHR R . -17.20 -48.43 -9.88
C3 AHR R . -16.56 -49.69 -8.01
O3 AHR R . -15.49 -50.22 -7.24
C2 AHR R . -17.14 -50.66 -9.04
O2 AHR R . -18.00 -51.62 -8.46
C1 AHR R . -17.77 -49.73 -10.09
O5 FUB R . -25.02 -43.00 -4.61
C5 FUB R . -26.07 -43.95 -4.61
C4 FUB R . -26.57 -44.21 -6.01
O4 FUB R . -25.51 -44.68 -6.87
C3 FUB R . -27.14 -43.00 -6.75
O3 FUB R . -28.43 -42.63 -6.30
C2 FUB R . -27.10 -43.51 -8.20
O2 FUB R . -27.07 -42.46 -9.15
C1 FUB R . -25.92 -44.48 -8.23
O5 AHR R . -21.34 -46.72 -22.02
C5 AHR R . -20.18 -46.11 -21.45
C4 AHR R . -20.29 -46.03 -19.94
O4 AHR R . -21.43 -45.23 -19.55
C3 AHR R . -19.12 -45.38 -19.22
O3 AHR R . -17.97 -46.23 -19.13
C2 AHR R . -19.75 -45.04 -17.87
O2 AHR R . -19.12 -43.96 -17.22
C1 AHR R . -21.25 -44.85 -18.18
O5 FUB R . -34.74 -46.89 -16.78
C5 FUB R . -34.72 -48.28 -16.46
C4 FUB R . -33.30 -48.79 -16.36
O4 FUB R . -32.57 -48.11 -15.31
C3 FUB R . -32.45 -48.60 -17.61
O3 FUB R . -32.72 -49.56 -18.62
C2 FUB R . -31.03 -48.69 -17.02
O2 FUB R . -30.10 -47.87 -17.71
C1 FUB R . -31.19 -48.40 -15.52
O5 AHR R . -29.65 -52.75 -20.80
C5 AHR R . -30.79 -53.42 -20.27
C4 AHR R . -31.87 -52.43 -19.89
O4 AHR R . -31.40 -51.50 -18.89
C3 AHR R . -33.15 -53.01 -19.29
O3 AHR R . -33.98 -53.65 -20.26
C2 AHR R . -33.75 -51.77 -18.65
O2 AHR R . -34.68 -52.08 -17.63
C1 AHR R . -32.54 -50.93 -18.22
O5 AHR R . -36.63 -54.68 -3.15
C5 AHR R . -35.29 -54.96 -2.77
C4 AHR R . -34.51 -53.69 -2.53
O4 AHR R . -34.47 -52.87 -3.73
C3 AHR R . -33.04 -53.87 -2.17
O3 AHR R . -32.85 -54.30 -0.83
C2 AHR R . -32.49 -52.47 -2.47
O2 AHR R . -31.10 -52.46 -2.67
C1 AHR R . -33.34 -51.98 -3.64
C1 GAL S . -39.80 -53.66 -13.07
C2 GAL S . -38.76 -53.76 -14.16
C3 GAL S . -38.51 -55.19 -14.60
C4 GAL S . -38.28 -56.09 -13.39
C5 GAL S . -39.43 -55.94 -12.40
C6 GAL S . -39.24 -56.74 -11.14
O2 GAL S . -39.16 -52.97 -15.29
O3 GAL S . -37.40 -55.24 -15.49
O4 GAL S . -37.07 -55.73 -12.73
O5 GAL S . -39.51 -54.56 -12.00
O6 GAL S . -38.27 -56.16 -10.29
C1 BMA S . -35.76 -56.15 -13.02
C2 BMA S . -34.68 -55.13 -12.75
C3 BMA S . -33.39 -55.65 -13.36
C4 BMA S . -33.06 -57.00 -12.75
C5 BMA S . -34.24 -57.97 -12.84
C6 BMA S . -33.94 -59.22 -12.01
O2 BMA S . -34.51 -54.96 -11.33
O3 BMA S . -32.34 -54.73 -13.11
O4 BMA S . -31.94 -57.55 -13.45
O5 BMA S . -35.45 -57.38 -12.37
O6 BMA S . -35.07 -60.10 -12.06
C2 BGC S . -30.48 -58.19 -15.25
C3 BGC S . -29.04 -58.46 -15.66
C4 BGC S . -28.11 -57.40 -15.12
C5 BGC S . -28.31 -57.21 -13.62
C6 BGC S . -27.50 -56.08 -13.05
C1 BGC S . -30.60 -57.93 -13.76
O2 BGC S . -31.33 -59.27 -15.63
O3 BGC S . -28.95 -58.52 -17.07
O4 BGC S . -26.76 -57.76 -15.36
O5 BGC S . -29.70 -56.91 -13.36
O6 BGC S . -27.72 -55.93 -11.65
O5 AHR S . -24.36 -61.97 -15.53
C5 AHR S . -23.48 -60.87 -15.31
C4 AHR S . -24.24 -59.60 -15.03
O4 AHR S . -25.11 -59.26 -16.12
C3 AHR S . -23.38 -58.35 -14.82
O3 AHR S . -22.77 -58.30 -13.55
C2 AHR S . -24.42 -57.24 -15.08
O2 AHR S . -23.83 -56.06 -15.57
C1 AHR S . -25.47 -57.88 -15.99
C1 MAN S . -23.53 -54.99 -16.47
C2 MAN S . -22.08 -55.09 -16.88
C3 MAN S . -21.14 -54.75 -15.74
C4 MAN S . -21.53 -53.43 -15.09
C5 MAN S . -22.98 -53.47 -14.67
C6 MAN S . -23.46 -52.17 -14.08
O2 MAN S . -21.84 -54.28 -18.03
O3 MAN S . -19.80 -54.69 -16.22
O4 MAN S . -20.72 -53.21 -13.95
O5 MAN S . -23.83 -53.75 -15.80
O6 MAN S . -24.85 -52.21 -13.75
O5 AHR S . -22.96 -52.85 -22.72
C5 AHR S . -21.59 -53.21 -22.59
C4 AHR S . -21.34 -53.98 -21.32
O4 AHR S . -21.72 -53.22 -20.15
C3 AHR S . -19.89 -54.38 -21.05
O3 AHR S . -19.44 -55.45 -21.87
C2 AHR S . -19.96 -54.71 -19.56
O2 AHR S . -18.70 -54.70 -18.93
C1 AHR S . -20.97 -53.69 -19.02
O5 AHR S . -16.57 -53.34 -25.31
C5 AHR S . -16.27 -54.72 -25.16
C4 AHR S . -17.35 -55.42 -24.36
O4 AHR S . -17.47 -54.87 -23.04
C3 AHR S . -17.13 -56.91 -24.13
O3 AHR S . -17.37 -57.71 -25.28
C2 AHR S . -18.08 -57.16 -22.96
O2 AHR S . -17.74 -58.31 -22.21
C1 AHR S . -18.09 -55.84 -22.18
O5 AHR S . -22.54 -58.92 -21.86
C5 AHR S . -21.85 -60.15 -21.72
C4 AHR S . -20.37 -59.94 -21.57
O4 AHR S . -19.81 -59.26 -22.72
C3 AHR S . -19.52 -61.19 -21.44
O3 AHR S . -19.61 -61.81 -20.17
C2 AHR S . -18.13 -60.65 -21.79
O2 AHR S . -17.25 -61.65 -22.28
C1 AHR S . -18.39 -59.46 -22.72
O5 AHR S . -18.04 -56.81 -13.54
C5 AHR S . -18.67 -56.55 -12.30
C4 AHR S . -19.98 -57.29 -12.18
O4 AHR S . -20.90 -56.90 -13.22
C3 AHR S . -20.78 -57.06 -10.89
O3 AHR S . -20.21 -57.73 -9.77
C2 AHR S . -22.16 -57.55 -11.31
O2 AHR S . -23.20 -57.04 -10.50
C1 AHR S . -22.24 -57.20 -12.80
O5 AHR S . -17.28 -54.98 -6.82
C5 AHR S . -18.31 -55.62 -6.09
C4 AHR S . -18.95 -56.72 -6.91
O4 AHR S . -19.56 -56.19 -8.11
C3 AHR S . -20.09 -57.50 -6.23
O3 AHR S . -19.63 -58.41 -5.25
C2 AHR S . -20.74 -58.16 -7.45
O2 AHR S . -22.05 -58.62 -7.22
C1 AHR S . -20.59 -57.09 -8.55
O5 FUB S . -26.47 -59.09 -7.88
C5 FUB S . -26.31 -60.21 -7.02
C4 FUB S . -24.85 -60.62 -6.92
O4 FUB S . -24.05 -59.55 -6.40
C3 FUB S . -24.18 -61.00 -8.23
O3 FUB S . -24.56 -62.28 -8.72
C2 FUB S . -22.70 -60.89 -7.84
O2 FUB S . -21.85 -60.68 -8.95
C1 FUB S . -22.67 -59.82 -6.75
O5 AHR S . -35.41 -58.15 -18.04
C5 AHR S . -35.17 -59.54 -18.06
C4 AHR S . -34.08 -59.93 -17.10
O4 AHR S . -32.85 -59.26 -17.41
C3 AHR S . -33.70 -61.40 -17.07
O3 AHR S . -34.66 -62.22 -16.40
C2 AHR S . -32.35 -61.34 -16.37
O2 AHR S . -31.54 -62.46 -16.65
C1 AHR S . -31.77 -59.97 -16.78
C1 MAN S . -31.11 -63.77 -16.98
C2 MAN S . -30.98 -64.61 -15.72
C3 MAN S . -29.75 -64.22 -14.89
C4 MAN S . -28.51 -64.16 -15.76
C5 MAN S . -28.74 -63.23 -16.94
C6 MAN S . -27.56 -63.17 -17.89
O2 MAN S . -31.14 -66.01 -15.94
O3 MAN S . -29.58 -65.17 -13.84
O4 MAN S . -27.42 -63.67 -14.99
O5 MAN S . -29.87 -63.69 -17.71
O6 MAN S . -27.86 -62.37 -19.02
C1 MAN S . -31.14 -67.14 -16.80
C2 MAN S . -30.07 -68.21 -16.99
C3 MAN S . -29.28 -68.01 -18.27
C4 MAN S . -30.22 -67.83 -19.46
C5 MAN S . -31.21 -66.71 -19.19
C6 MAN S . -32.23 -66.54 -20.30
O2 MAN S . -30.65 -69.51 -16.95
O3 MAN S . -28.42 -69.14 -18.48
O4 MAN S . -29.48 -67.54 -20.63
O5 MAN S . -31.95 -66.99 -17.98
O6 MAN S . -33.18 -65.53 -19.97
C1 MAN S . -35.25 -55.13 -10.11
C2 MAN S . -35.70 -53.79 -9.53
C3 MAN S . -34.56 -53.07 -8.82
C4 MAN S . -33.88 -54.00 -7.83
C5 MAN S . -33.42 -55.26 -8.53
C6 MAN S . -32.81 -56.27 -7.57
O2 MAN S . -36.80 -53.98 -8.65
O3 MAN S . -35.09 -51.93 -8.14
O4 MAN S . -32.75 -53.35 -7.26
O5 MAN S . -34.55 -55.93 -9.14
O6 MAN S . -32.48 -57.49 -8.23
O5 AHR S . -42.10 -49.54 -17.31
C5 AHR S . -41.49 -50.37 -18.30
C4 AHR S . -40.85 -51.59 -17.67
O4 AHR S . -39.85 -51.21 -16.71
C3 AHR S . -40.10 -52.51 -18.64
O3 AHR S . -40.97 -53.31 -19.42
C2 AHR S . -39.22 -53.29 -17.67
O2 AHR S . -38.08 -53.85 -18.29
C1 AHR S . -38.94 -52.30 -16.53
O5 AHR T . -45.63 -62.35 -18.08
C5 AHR T . -44.60 -63.29 -17.81
C4 AHR T . -44.20 -63.26 -16.35
O4 AHR T . -43.76 -61.94 -15.96
C3 AHR T . -43.04 -64.17 -15.96
O3 AHR T . -43.38 -65.55 -15.90
C2 AHR T . -42.65 -63.56 -14.62
O2 AHR T . -41.34 -63.92 -14.20
C1 AHR T . -42.88 -62.06 -14.83
O5 FUB T . -44.85 -65.67 -20.02
C5 FUB T . -44.69 -67.08 -19.92
C4 FUB T . -43.84 -67.45 -18.74
O4 FUB T . -44.40 -66.94 -17.51
C3 FUB T . -42.40 -66.91 -18.74
O3 FUB T . -41.55 -67.58 -19.65
C2 FUB T . -42.03 -67.09 -17.26
O2 FUB T . -40.93 -66.30 -16.87
C1 FUB T . -43.35 -66.86 -16.51
O5 FUB T . -38.04 -68.80 -19.07
C5 FUB T . -37.43 -68.97 -17.81
C4 FUB T . -37.92 -67.93 -16.82
O4 FUB T . -39.36 -68.01 -16.65
C3 FUB T . -37.67 -66.47 -17.20
O3 FUB T . -36.32 -66.07 -17.05
C2 FUB T . -38.65 -65.77 -16.28
O2 FUB T . -39.01 -64.47 -16.71
C1 FUB T . -39.82 -66.77 -16.11
C1 GAL T . -38.25 -63.53 -15.94
C2 GAL T . -38.64 -62.12 -16.32
C3 GAL T . -37.98 -61.09 -15.42
C4 GAL T . -38.16 -61.44 -13.96
C5 GAL T . -37.72 -62.87 -13.70
C6 GAL T . -37.94 -63.31 -12.28
O2 GAL T . -38.33 -61.88 -17.69
O3 GAL T . -38.52 -59.80 -15.70
O4 GAL T . -39.53 -61.31 -13.59
O5 GAL T . -38.47 -63.76 -14.54
O6 GAL T . -37.24 -64.52 -12.00
O5 AHR T . -41.40 -64.22 -20.65
C5 AHR T . -40.80 -63.12 -21.30
C4 AHR T . -39.65 -62.57 -20.49
O4 AHR T . -40.09 -62.11 -19.19
C3 AHR T . -38.94 -61.35 -21.08
O3 AHR T . -38.08 -61.68 -22.17
C2 AHR T . -38.22 -60.81 -19.85
O2 AHR T . -37.92 -59.43 -19.96
C1 AHR T . -39.10 -61.22 -18.67
O5 FUB T . -43.93 -67.80 -23.25
C5 FUB T . -43.37 -69.09 -23.43
C4 FUB T . -42.15 -69.28 -22.56
O4 FUB T . -42.47 -69.10 -21.16
C3 FUB T . -41.01 -68.29 -22.80
O3 FUB T . -40.27 -68.58 -23.98
C2 FUB T . -40.21 -68.46 -21.51
O2 FUB T . -39.33 -67.38 -21.24
C1 FUB T . -41.28 -68.75 -20.44
O5 AHR T . -37.77 -67.24 -25.94
C5 AHR T . -36.81 -66.66 -25.06
C4 AHR T . -37.14 -66.98 -23.61
O4 AHR T . -38.43 -66.46 -23.24
C3 AHR T . -36.19 -66.38 -22.57
O3 AHR T . -34.94 -67.06 -22.51
C2 AHR T . -37.04 -66.51 -21.31
O2 AHR T . -36.64 -65.63 -20.28
C1 AHR T . -38.49 -66.35 -21.81
O5 FUB U . -41.55 -56.82 -20.23
C5 FUB U . -41.55 -57.74 -19.15
C4 FUB U . -41.58 -57.03 -17.82
O4 FUB U . -41.57 -57.97 -16.72
C3 FUB U . -42.82 -56.17 -17.55
O3 FUB U . -42.79 -54.93 -18.26
C2 FUB U . -42.77 -56.03 -16.04
O2 FUB U . -44.04 -55.82 -15.46
C1 FUB U . -42.03 -57.29 -15.55
C1 BMA U . -44.96 -54.77 -15.66
C2 BMA U . -46.17 -54.97 -14.74
C3 BMA U . -47.09 -53.75 -14.76
C4 BMA U . -46.28 -52.50 -14.47
C5 BMA U . -45.16 -52.39 -15.49
C6 BMA U . -44.28 -51.17 -15.26
O2 BMA U . -45.70 -55.19 -13.42
O3 BMA U . -48.10 -53.91 -13.76
O4 BMA U . -47.15 -51.35 -14.51
O5 BMA U . -44.32 -53.53 -15.39
O6 BMA U . -44.76 -50.07 -16.06
C1 BMA U . -47.57 -49.98 -14.55
C2 BMA U . -48.66 -49.63 -13.54
C3 BMA U . -48.94 -48.13 -13.50
C4 BMA U . -47.67 -47.30 -13.48
C5 BMA U . -46.73 -47.76 -14.58
C6 BMA U . -45.40 -47.01 -14.60
O2 BMA U . -48.33 -50.10 -12.23
O3 BMA U . -49.72 -47.81 -12.35
O4 BMA U . -48.00 -45.91 -13.67
O5 BMA U . -46.44 -49.14 -14.40
O6 BMA U . -44.59 -47.53 -15.66
C1 NGA U . -47.71 -44.50 -13.87
C2 NGA U . -48.79 -43.63 -13.20
C3 NGA U . -48.35 -42.17 -13.15
C4 NGA U . -46.92 -42.02 -12.62
C5 NGA U . -46.03 -42.89 -13.51
C6 NGA U . -44.55 -42.78 -13.21
C7 NGA U . -51.20 -44.12 -13.46
C8 NGA U . -52.33 -44.12 -14.46
N2 NGA U . -50.02 -43.71 -13.95
O3 NGA U . -49.29 -41.47 -12.38
O4 NGA U . -46.89 -42.42 -11.28
O5 NGA U . -46.43 -44.23 -13.35
O6 NGA U . -43.85 -42.53 -14.41
O7 NGA U . -51.35 -44.45 -12.29
C1 MAN U . -43.55 -43.81 -14.93
C2 MAN U . -42.11 -43.90 -15.39
C3 MAN U . -41.88 -43.22 -16.73
C4 MAN U . -42.93 -43.68 -17.74
C5 MAN U . -44.33 -43.46 -17.19
C6 MAN U . -45.42 -43.92 -18.11
O2 MAN U . -41.71 -45.27 -15.44
O3 MAN U . -40.58 -43.52 -17.20
O4 MAN U . -42.77 -42.99 -18.97
O5 MAN U . -44.48 -44.18 -15.95
O6 MAN U . -46.70 -43.69 -17.55
C1 MAN U . -42.77 -42.77 -20.41
C2 MAN U . -43.70 -43.74 -21.12
C3 MAN U . -43.09 -45.12 -21.25
C4 MAN U . -41.70 -45.04 -21.83
C5 MAN U . -40.83 -44.11 -21.00
C6 MAN U . -39.44 -43.92 -21.57
O2 MAN U . -44.05 -43.21 -22.40
O3 MAN U . -43.94 -45.93 -22.08
O4 MAN U . -41.11 -46.34 -21.87
O5 MAN U . -41.44 -42.79 -20.95
O6 MAN U . -38.70 -42.96 -20.82
C1 MAN U . -40.34 -47.51 -21.62
C2 MAN U . -39.15 -47.58 -22.54
C3 MAN U . -39.54 -47.96 -23.96
C4 MAN U . -40.42 -49.19 -23.96
C5 MAN U . -41.61 -48.98 -23.05
C6 MAN U . -42.50 -50.21 -22.95
O2 MAN U . -38.17 -48.49 -22.02
O3 MAN U . -38.36 -48.18 -24.74
O4 MAN U . -40.87 -49.47 -25.28
O5 MAN U . -41.17 -48.68 -21.71
O6 MAN U . -43.57 -50.00 -22.02
C1 GAL U . -37.95 -48.44 -26.11
C2 GAL U . -36.47 -48.77 -26.18
C3 GAL U . -36.07 -49.27 -27.56
C4 GAL U . -37.00 -50.39 -28.04
C5 GAL U . -38.44 -49.93 -27.94
C6 GAL U . -39.42 -51.01 -28.32
O2 GAL U . -35.67 -47.68 -25.74
O3 GAL U . -34.72 -49.71 -27.55
O4 GAL U . -36.82 -51.54 -27.22
O5 GAL U . -38.73 -49.54 -26.59
O6 GAL U . -39.03 -51.68 -29.51
C1 MAN U . -34.39 -47.08 -25.81
C2 MAN U . -34.30 -45.71 -25.15
C3 MAN U . -34.50 -44.57 -26.13
C4 MAN U . -33.61 -44.74 -27.35
C5 MAN U . -33.83 -46.12 -27.96
C6 MAN U . -32.91 -46.40 -29.14
O2 MAN U . -33.05 -45.58 -24.47
O3 MAN U . -34.20 -43.33 -25.49
O4 MAN U . -33.89 -43.74 -28.32
O5 MAN U . -33.57 -47.14 -26.99
O6 MAN U . -33.09 -47.72 -29.63
O5 AHR U . -30.28 -41.94 -28.04
C5 AHR U . -30.19 -41.51 -26.68
C4 AHR U . -31.26 -42.16 -25.84
O4 AHR U . -32.58 -41.84 -26.32
C3 AHR U . -31.29 -41.76 -24.36
O3 AHR U . -30.24 -42.35 -23.60
C2 AHR U . -32.69 -42.19 -23.96
O2 AHR U . -33.19 -41.49 -22.85
C1 AHR U . -33.52 -42.10 -25.25
O5 AHR U . -30.96 -38.02 -21.49
C5 AHR U . -29.90 -38.73 -20.85
C4 AHR U . -29.49 -39.94 -21.66
O4 AHR U . -30.59 -40.86 -21.83
C3 AHR U . -28.38 -40.81 -21.07
O3 AHR U . -27.09 -40.23 -21.19
C2 AHR U . -28.57 -42.11 -21.86
O2 AHR U . -28.07 -43.24 -21.19
C1 AHR U . -30.07 -42.14 -22.20
O5 AHR U . -34.57 -50.76 -22.97
C5 AHR U . -33.85 -51.69 -23.76
C4 AHR U . -34.39 -51.73 -25.17
O4 AHR U . -35.78 -52.14 -25.20
C3 AHR U . -33.70 -52.72 -26.12
O3 AHR U . -32.43 -52.26 -26.57
C2 AHR U . -34.75 -52.84 -27.22
O2 AHR U . -34.67 -54.07 -27.93
C1 AHR U . -36.10 -52.58 -26.52
O5 AHR U . -36.97 -57.34 -30.69
C5 AHR U . -36.17 -57.98 -29.70
C4 AHR U . -35.67 -56.98 -28.68
O4 AHR U . -34.87 -55.95 -29.30
C3 AHR U . -34.76 -57.54 -27.59
O3 AHR U . -35.46 -58.28 -26.60
C2 AHR U . -34.11 -56.26 -27.07
O2 AHR U . -32.86 -56.48 -26.44
C1 AHR U . -34.08 -55.31 -28.28
O5 AHR U . -40.71 -55.82 -31.42
C5 AHR U . -39.43 -55.50 -31.94
C4 AHR U . -38.79 -54.38 -31.16
O4 AHR U . -39.60 -53.19 -31.20
C3 AHR U . -37.42 -53.92 -31.66
O3 AHR U . -36.37 -54.82 -31.33
C2 AHR U . -37.32 -52.56 -30.99
O2 AHR U . -36.44 -51.67 -31.65
C1 AHR U . -38.77 -52.07 -30.86
C1 MAN U . -44.74 -50.33 -22.76
C2 MAN U . -45.52 -49.07 -23.08
C3 MAN U . -46.24 -48.51 -21.86
C4 MAN U . -47.04 -49.60 -21.16
C5 MAN U . -46.14 -50.78 -20.83
C6 MAN U . -46.89 -51.94 -20.21
O2 MAN U . -46.45 -49.32 -24.13
O3 MAN U . -47.11 -47.45 -22.26
O4 MAN U . -47.61 -49.10 -19.96
O5 MAN U . -45.53 -51.29 -22.04
O6 MAN U . -46.04 -53.07 -20.02
C1 BMA U . -47.91 -43.02 -17.88
C2 BMA U . -48.28 -42.02 -16.79
C3 BMA U . -49.61 -41.39 -17.15
C4 BMA U . -49.49 -40.71 -18.50
C5 BMA U . -49.08 -41.75 -19.54
C6 BMA U . -48.93 -41.13 -20.93
O2 BMA U . -47.28 -40.99 -16.70
O3 BMA U . -49.98 -40.45 -16.13
O4 BMA U . -50.72 -40.11 -18.87
O5 BMA U . -47.85 -42.39 -19.16
O6 BMA U . -48.16 -39.94 -20.88
C1 BMA U . -51.69 -39.17 -18.43
C2 BMA U . -52.91 -39.22 -19.35
C3 BMA U . -54.00 -38.32 -18.83
C4 BMA U . -54.36 -38.72 -17.40
C5 BMA U . -53.11 -38.64 -16.54
C6 BMA U . -53.40 -39.10 -15.11
O2 BMA U . -53.39 -40.56 -19.42
O3 BMA U . -55.15 -38.42 -19.68
O4 BMA U . -55.35 -37.83 -16.89
O5 BMA U . -52.08 -39.46 -17.08
O6 BMA U . -54.43 -38.28 -14.55
C1 MAN U . -55.97 -38.03 -20.76
C2 MAN U . -55.13 -37.39 -21.85
C3 MAN U . -54.66 -36.00 -21.48
C4 MAN U . -55.82 -35.15 -20.98
C5 MAN U . -56.54 -35.86 -19.84
C6 MAN U . -57.76 -35.11 -19.36
O2 MAN U . -55.86 -37.37 -23.08
O3 MAN U . -54.05 -35.38 -22.61
O4 MAN U . -55.34 -33.89 -20.50
O5 MAN U . -57.00 -37.16 -20.30
O6 MAN U . -58.47 -35.87 -18.37
O5 AHR U . -50.92 -33.24 -22.42
C5 AHR U . -51.33 -32.11 -21.67
C4 AHR U . -52.56 -32.40 -20.86
O4 AHR U . -53.67 -32.80 -21.71
C3 AHR U . -53.13 -31.24 -20.04
O3 AHR U . -52.36 -30.96 -18.88
C2 AHR U . -54.54 -31.73 -19.76
O2 AHR U . -55.45 -30.69 -19.49
C1 AHR U . -54.88 -32.63 -20.96
C1 BMA U . -55.03 -37.31 -13.70
C2 BMA U . -56.30 -37.89 -13.06
C3 BMA U . -56.90 -36.92 -12.07
C4 BMA U . -55.85 -36.45 -11.07
C5 BMA U . -54.63 -35.91 -11.81
C6 BMA U . -53.55 -35.52 -10.81
O2 BMA U . -55.94 -39.09 -12.37
O3 BMA U . -57.98 -37.54 -11.36
O4 BMA U . -56.39 -35.42 -10.25
O5 BMA U . -54.10 -36.89 -12.70
O6 BMA U . -52.30 -35.40 -11.50
O5 AHR U . -61.57 -40.86 -10.57
C5 AHR U . -61.22 -40.17 -9.38
C4 AHR U . -60.37 -38.95 -9.68
O4 AHR U . -59.14 -39.32 -10.33
C3 AHR U . -59.93 -38.13 -8.46
O3 AHR U . -60.97 -37.35 -7.90
C2 AHR U . -58.78 -37.33 -9.07
O2 AHR U . -57.88 -36.84 -8.10
C1 AHR U . -58.18 -38.25 -10.14
O5 AHR U . -47.56 -34.62 -12.09
C5 AHR U . -48.18 -33.52 -11.44
C4 AHR U . -49.60 -33.86 -11.02
O4 AHR U . -50.41 -34.22 -12.16
C3 AHR U . -50.39 -32.73 -10.35
O3 AHR U . -49.99 -32.50 -9.02
C2 AHR U . -51.81 -33.25 -10.51
O2 AHR U . -52.78 -32.22 -10.49
C1 AHR U . -51.79 -34.11 -11.79
O5 AHR U . -44.09 -39.57 -13.15
C5 AHR U . -44.75 -38.46 -13.75
C4 AHR U . -45.93 -38.90 -14.58
O4 AHR U . -45.52 -39.77 -15.66
C3 AHR U . -46.72 -37.78 -15.27
O3 AHR U . -47.56 -37.06 -14.38
C2 AHR U . -47.48 -38.57 -16.33
O2 AHR U . -47.90 -37.78 -17.41
C1 AHR U . -46.55 -39.74 -16.68
O5 AHR U . -43.96 -37.31 -20.35
C5 AHR U . -43.91 -38.15 -21.50
C4 AHR U . -45.28 -38.66 -21.85
O4 AHR U . -45.86 -39.41 -20.77
C3 AHR U . -45.35 -39.61 -23.06
O3 AHR U . -45.19 -38.95 -24.30
C2 AHR U . -46.72 -40.24 -22.84
O2 AHR U . -46.88 -41.46 -23.53
C1 AHR U . -46.85 -40.31 -21.31
O5 FUB U . -37.86 -46.06 -17.55
C5 FUB U . -38.43 -47.33 -17.81
C4 FUB U . -39.62 -47.58 -16.90
O4 FUB U . -40.62 -46.57 -17.07
C3 FUB U . -39.33 -47.57 -15.40
O3 FUB U . -38.66 -48.75 -14.95
C2 FUB U . -40.74 -47.40 -14.85
O2 FUB U . -40.75 -46.85 -13.55
C1 FUB U . -41.48 -46.59 -15.92
O5 AHR U . -53.48 -40.19 -10.35
C5 AHR U . -52.73 -39.05 -10.74
C4 AHR U . -51.54 -39.44 -11.60
O4 AHR U . -50.65 -40.32 -10.88
C3 AHR U . -50.64 -38.29 -12.06
O3 AHR U . -51.21 -37.52 -13.11
C2 AHR U . -49.38 -39.06 -12.45
O2 AHR U . -48.21 -38.26 -12.37
C1 AHR U . -49.39 -40.31 -11.57
O5 FUB U . -48.97 -53.75 -8.79
C5 FUB U . -49.63 -54.22 -9.95
C4 FUB U . -49.98 -53.08 -10.88
O4 FUB U . -48.79 -52.40 -11.32
C3 FUB U . -50.85 -51.98 -10.29
O3 FUB U . -52.22 -52.34 -10.21
C2 FUB U . -50.56 -50.81 -11.22
O2 FUB U . -50.60 -49.56 -10.56
C1 FUB U . -49.21 -51.15 -11.90
O5 AHR U . -56.14 -50.06 -12.17
C5 AHR U . -56.11 -51.43 -12.54
C4 AHR U . -55.11 -52.20 -11.70
O4 AHR U . -53.77 -51.67 -11.86
C3 AHR U . -54.96 -53.69 -12.02
O3 AHR U . -56.05 -54.47 -11.56
C2 AHR U . -53.62 -53.99 -11.35
O2 AHR U . -52.99 -55.14 -11.87
C1 AHR U . -52.83 -52.68 -11.47
O5 AHR U . -43.88 -60.78 -22.06
C5 AHR U . -43.87 -59.71 -22.98
C4 AHR U . -42.90 -58.63 -22.57
O4 AHR U . -43.23 -58.09 -21.27
C3 AHR U . -42.82 -57.40 -23.48
O3 AHR U . -42.13 -57.64 -24.69
C2 AHR U . -42.15 -56.40 -22.55
O2 AHR U . -42.37 -55.06 -22.92
C1 AHR U . -42.65 -56.79 -21.14
C1 GAL V . -50.35 -61.32 -13.85
C2 GAL V . -51.28 -60.16 -13.62
C3 GAL V . -52.57 -60.29 -14.40
C4 GAL V . -52.29 -60.61 -15.86
C5 GAL V . -51.38 -61.82 -15.97
C6 GAL V . -51.00 -62.17 -17.38
O2 GAL V . -51.57 -60.05 -12.22
O3 GAL V . -53.33 -59.09 -14.28
O4 GAL V . -51.63 -59.51 -16.48
O5 GAL V . -50.16 -61.55 -15.25
O6 GAL V . -50.02 -61.26 -17.88
C1 BMA V . -52.25 -58.39 -17.09
C2 BMA V . -51.42 -57.12 -16.97
C3 BMA V . -52.30 -55.96 -17.42
C4 BMA V . -52.77 -56.20 -18.85
C5 BMA V . -53.42 -57.58 -19.00
C6 BMA V . -53.65 -57.87 -20.48
O2 BMA V . -50.27 -57.20 -17.83
O3 BMA V . -51.56 -54.74 -17.34
O4 BMA V . -53.72 -55.19 -19.19
O5 BMA V . -52.61 -58.62 -18.46
O6 BMA V . -54.21 -59.19 -20.63
C2 BGC V . -55.58 -53.67 -19.01
C3 BGC V . -56.14 -52.34 -19.48
C4 BGC V . -55.09 -51.25 -19.44
C5 BGC V . -53.83 -51.69 -20.20
C6 BGC V . -52.71 -50.70 -20.09
C1 BGC V . -54.29 -54.01 -19.73
O2 BGC V . -56.52 -54.72 -19.17
O3 BGC V . -57.24 -51.97 -18.65
O4 BGC V . -55.59 -50.06 -20.04
O5 BGC V . -53.36 -52.93 -19.64
O6 BGC V . -51.56 -51.15 -20.81
O5 AHR V . -58.67 -49.13 -23.66
C5 AHR V . -57.82 -48.00 -23.39
C4 AHR V . -56.72 -48.38 -22.42
O4 AHR V . -57.25 -48.86 -21.17
C3 AHR V . -55.78 -47.23 -22.02
O3 AHR V . -54.84 -46.90 -23.03
C2 AHR V . -55.18 -47.79 -20.73
O2 AHR V . -54.78 -46.77 -19.84
C1 AHR V . -56.21 -48.79 -20.19
C1 MAN V . -54.75 -45.97 -18.65
C2 MAN V . -55.21 -44.57 -19.00
C3 MAN V . -54.19 -43.83 -19.85
C4 MAN V . -52.80 -43.92 -19.23
C5 MAN V . -52.43 -45.37 -18.99
C6 MAN V . -51.09 -45.52 -18.29
O2 MAN V . -55.54 -43.86 -17.82
O3 MAN V . -54.58 -42.47 -20.00
O4 MAN V . -51.85 -43.32 -20.11
O5 MAN V . -53.41 -46.00 -18.13
O6 MAN V . -50.81 -46.89 -18.02
O5 AHR V . -58.00 -43.47 -13.44
C5 AHR V . -58.22 -42.33 -14.28
C4 AHR V . -57.81 -42.62 -15.70
O4 AHR V . -56.41 -42.98 -15.78
C3 AHR V . -57.96 -41.45 -16.68
O3 AHR V . -59.31 -41.19 -17.05
C2 AHR V . -57.07 -41.93 -17.82
O2 AHR V . -56.67 -40.89 -18.69
C1 AHR V . -55.93 -42.67 -17.11
O5 AHR V . -60.62 -37.15 -14.50
C5 AHR V . -61.45 -37.35 -15.64
C4 AHR V . -61.27 -38.73 -16.22
O4 AHR V . -59.90 -38.94 -16.64
C3 AHR V . -62.10 -39.05 -17.46
O3 AHR V . -63.47 -39.29 -17.17
C2 AHR V . -61.35 -40.25 -18.02
O2 AHR V . -61.57 -40.45 -19.40
C1 AHR V . -59.89 -40.01 -17.61
O5 AHR V . -61.43 -45.16 -18.25
C5 AHR V . -62.19 -44.94 -19.42
C4 AHR V . -62.02 -43.53 -19.93
O4 AHR V . -62.45 -42.57 -18.94
C3 AHR V . -62.83 -43.16 -21.18
O3 AHR V . -62.28 -43.70 -22.38
C2 AHR V . -62.79 -41.64 -21.11
O2 AHR V . -63.88 -41.03 -21.79
C1 AHR V . -62.68 -41.32 -19.61
O5 AHR V . -54.12 -42.07 -23.80
C5 AHR V . -52.98 -42.83 -24.17
C4 AHR V . -53.31 -44.30 -24.25
O4 AHR V . -53.77 -44.80 -22.98
C3 AHR V . -52.15 -45.23 -24.63
O3 AHR V . -51.80 -45.15 -26.01
C2 AHR V . -52.71 -46.58 -24.18
O2 AHR V . -51.71 -47.55 -23.97
C1 AHR V . -53.58 -46.23 -22.96
O5 AHR V . -47.95 -42.19 -27.12
C5 AHR V . -47.78 -43.50 -27.64
C4 AHR V . -49.08 -44.26 -27.61
O4 AHR V . -49.58 -44.41 -26.26
C3 AHR V . -49.03 -45.70 -28.14
O3 AHR V . -48.94 -45.77 -29.56
C2 AHR V . -50.33 -46.26 -27.57
O2 AHR V . -50.39 -47.67 -27.55
C1 AHR V . -50.45 -45.55 -26.22
O5 FUB V . -50.94 -51.76 -25.80
C5 FUB V . -51.06 -52.15 -27.16
C4 FUB V . -51.35 -50.96 -28.04
O4 FUB V . -50.29 -49.97 -27.96
C3 FUB V . -52.62 -50.16 -27.72
O3 FUB V . -53.80 -50.83 -28.14
C2 FUB V . -52.33 -48.85 -28.44
O2 FUB V . -53.07 -47.76 -27.92
C1 FUB V . -50.80 -48.71 -28.42
O5 AHR V . -57.32 -57.64 -15.36
C5 AHR V . -58.29 -57.85 -16.38
C4 AHR V . -57.89 -57.16 -17.66
O4 AHR V . -57.75 -55.74 -17.47
C3 AHR V . -58.88 -57.28 -18.82
O3 AHR V . -58.88 -58.56 -19.44
C2 AHR V . -58.41 -56.15 -19.73
O2 AHR V . -59.40 -55.69 -20.62
C1 AHR V . -57.83 -55.10 -18.76
C1 MAN V . -60.55 -55.64 -21.45
C2 MAN V . -60.17 -56.04 -22.86
C3 MAN V . -59.37 -54.96 -23.58
C4 MAN V . -60.05 -53.61 -23.45
C5 MAN V . -60.30 -53.29 -21.98
C6 MAN V . -61.02 -51.98 -21.78
O2 MAN V . -61.26 -56.58 -23.61
O3 MAN V . -59.24 -55.31 -24.97
O4 MAN V . -59.22 -52.59 -24.02
O5 MAN V . -61.11 -54.31 -21.39
O6 MAN V . -61.32 -51.76 -20.41
C1 MAN V . -62.60 -56.65 -24.12
C2 MAN V . -63.18 -55.87 -25.29
C3 MAN V . -64.12 -54.77 -24.83
C4 MAN V . -65.14 -55.29 -23.84
C5 MAN V . -64.44 -56.00 -22.69
C6 MAN V . -65.41 -56.62 -21.71
O2 MAN V . -63.84 -56.77 -26.18
O3 MAN V . -64.77 -54.21 -25.97
O4 MAN V . -65.93 -54.23 -23.34
O5 MAN V . -63.61 -57.07 -23.19
O6 MAN V . -64.72 -57.34 -20.69
C1 MAN V . -49.43 -58.20 -18.44
C2 MAN V . -48.09 -58.30 -17.74
C3 MAN V . -47.15 -57.19 -18.13
C4 MAN V . -47.07 -57.05 -19.63
C5 MAN V . -48.46 -56.88 -20.23
C6 MAN V . -48.46 -56.82 -21.73
O2 MAN V . -47.49 -59.57 -18.02
O3 MAN V . -45.85 -57.46 -17.60
O4 MAN V . -46.28 -55.91 -19.98
O5 MAN V . -49.28 -57.99 -19.86
O6 MAN V . -49.78 -56.76 -22.25
O5 AHR V . -50.65 -61.28 -7.53
C5 AHR V . -51.97 -60.78 -7.69
C4 AHR V . -52.36 -60.69 -9.14
O4 AHR V . -51.44 -59.85 -9.88
C3 AHR V . -53.73 -60.09 -9.43
O3 AHR V . -54.80 -60.98 -9.16
C2 AHR V . -53.59 -59.72 -10.91
O2 AHR V . -54.48 -58.72 -11.31
C1 AHR V . -52.09 -59.39 -11.07
O5 AHR W . -59.65 -68.39 -13.88
C5 AHR W . -60.16 -67.80 -15.08
C4 AHR W . -59.09 -67.74 -16.15
O4 AHR W . -57.94 -66.99 -15.69
C3 AHR W . -59.50 -67.04 -17.45
O3 AHR W . -60.37 -67.82 -18.26
C2 AHR W . -58.14 -66.76 -18.06
O2 AHR W . -58.16 -65.76 -19.05
C1 AHR W . -57.26 -66.45 -16.84
O5 FUB W . -63.35 -68.38 -15.14
C5 FUB W . -64.23 -68.70 -16.21
C4 FUB W . -63.67 -68.28 -17.54
O4 FUB W . -62.39 -68.90 -17.79
C3 FUB W . -63.41 -66.79 -17.73
O3 FUB W . -64.60 -66.02 -17.90
C2 FUB W . -62.48 -66.81 -18.94
O2 FUB W . -61.73 -65.62 -19.10
C1 FUB W . -61.67 -68.11 -18.76
O5 FUB W . -65.24 -63.31 -20.41
C5 FUB W . -64.46 -63.06 -21.57
C4 FUB W . -63.01 -63.38 -21.34
O4 FUB W . -62.84 -64.77 -20.96
C3 FUB W . -62.31 -62.61 -20.21
O3 FUB W . -62.03 -61.27 -20.56
C2 FUB W . -61.09 -63.48 -19.98
O2 FUB W . -60.51 -63.29 -18.71
C1 FUB W . -61.56 -64.90 -20.30
C1 GAL W . -59.37 -62.46 -18.86
C2 GAL W . -58.67 -62.28 -17.54
C3 GAL W . -57.36 -61.52 -17.68
C4 GAL W . -56.50 -62.10 -18.79
C5 GAL W . -57.31 -62.21 -20.07
C6 GAL W . -56.54 -62.87 -21.20
O2 GAL W . -59.53 -61.63 -16.62
O3 GAL W . -56.65 -61.55 -16.44
O4 GAL W . -56.06 -63.40 -18.42
O5 GAL W . -58.47 -63.01 -19.83
O6 GAL W . -57.20 -62.66 -22.45
O5 AHR W . -63.07 -64.60 -15.09
C5 AHR W . -62.85 -63.55 -14.16
C4 AHR W . -61.96 -62.48 -14.77
O4 AHR W . -60.67 -63.01 -15.12
C3 AHR W . -61.62 -61.30 -13.84
O3 AHR W . -62.70 -60.39 -13.68
C2 AHR W . -60.40 -60.72 -14.54
O2 AHR W . -59.57 -59.97 -13.68
C1 AHR W . -59.75 -61.92 -15.24
O5 FUB W . -67.22 -67.55 -14.83
C5 FUB W . -68.26 -67.41 -15.78
C4 FUB W . -67.83 -66.53 -16.93
O4 FUB W . -66.67 -67.06 -17.60
C3 FUB W . -67.42 -65.10 -16.56
O3 FUB W . -68.54 -64.27 -16.27
C2 FUB W . -66.65 -64.69 -17.80
O2 FUB W . -65.79 -63.59 -17.58
C1 FUB W . -65.98 -65.99 -18.27
O5 AHR W . -69.25 -61.10 -15.06
C5 AHR W . -68.27 -60.23 -15.61
C4 AHR W . -67.40 -60.93 -16.62
O4 AHR W . -66.69 -62.04 -16.03
C3 AHR W . -66.30 -60.08 -17.27
O3 AHR W . -66.80 -59.16 -18.22
C2 AHR W . -65.41 -61.18 -17.84
O2 AHR W . -64.08 -60.73 -18.07
C1 AHR W . -65.56 -62.35 -16.86
O5 FUB X . -57.75 -62.39 -10.40
C5 FUB X . -57.58 -62.91 -11.70
C4 FUB X . -56.11 -62.99 -12.08
O4 FUB X . -55.94 -63.52 -13.41
C3 FUB X . -55.25 -63.90 -11.21
O3 FUB X . -54.94 -63.34 -9.94
C2 FUB X . -54.05 -64.13 -12.12
O2 FUB X . -53.39 -65.35 -11.87
C1 FUB X . -54.58 -63.95 -13.55
C1 BMA X . -52.78 -65.87 -10.68
C2 BMA X . -52.16 -67.23 -10.95
C3 BMA X . -51.28 -67.68 -9.79
C4 BMA X . -50.28 -66.59 -9.45
C5 BMA X . -51.04 -65.31 -9.14
C6 BMA X . -50.11 -64.15 -8.80
O2 BMA X . -51.36 -67.16 -12.13
O3 BMA X . -50.58 -68.88 -10.16
O4 BMA X . -49.48 -67.02 -8.33
O5 BMA X . -51.80 -64.92 -10.28
O6 BMA X . -49.91 -64.08 -7.39
C1 BMA X . -48.55 -66.96 -7.23
C2 BMA X . -47.50 -68.07 -7.24
C3 BMA X . -46.44 -67.85 -6.16
C4 BMA X . -45.95 -66.40 -6.10
C5 BMA X . -47.14 -65.46 -6.06
C6 BMA X . -46.73 -63.99 -6.06
O2 BMA X . -46.88 -68.19 -8.52
O3 BMA X . -45.32 -68.70 -6.40
O4 BMA X . -45.13 -66.23 -4.93
O5 BMA X . -47.95 -65.67 -7.21
O6 BMA X . -47.92 -63.17 -6.03
C1 NGA X . -44.34 -65.47 -3.99
C2 NGA X . -43.19 -66.32 -3.43
C3 NGA X . -42.20 -65.44 -2.67
C4 NGA X . -41.81 -64.19 -3.45
C5 NGA X . -43.12 -63.47 -3.78
C6 NGA X . -42.92 -62.13 -4.46
C7 NGA X . -43.54 -68.64 -2.67
C8 NGA X . -44.20 -69.47 -1.59
N2 NGA X . -43.72 -67.32 -2.54
O3 NGA X . -41.10 -66.25 -2.34
O4 NGA X . -41.10 -64.57 -4.59
O5 NGA X . -43.88 -64.30 -4.63
O6 NGA X . -43.68 -61.15 -3.79
O7 NGA X . -42.90 -69.13 -3.58
C1 MAN X . -44.95 -61.18 -4.42
C2 MAN X . -45.45 -59.78 -4.74
C3 MAN X . -45.99 -59.07 -3.51
C4 MAN X . -46.97 -59.97 -2.76
C5 MAN X . -46.31 -61.30 -2.43
C6 MAN X . -47.24 -62.27 -1.73
O2 MAN X . -46.44 -59.84 -5.76
O3 MAN X . -46.63 -57.86 -3.90
O4 MAN X . -47.42 -59.34 -1.56
O5 MAN X . -45.88 -61.93 -3.65
O6 MAN X . -46.57 -63.49 -1.46
C1 MAN X . -48.33 -58.96 -0.49
C2 MAN X . -49.43 -59.99 -0.32
C3 MAN X . -50.51 -59.86 -1.38
C4 MAN X . -50.98 -58.42 -1.49
C5 MAN X . -49.80 -57.49 -1.73
C6 MAN X . -50.19 -56.04 -1.77
O2 MAN X . -50.00 -59.87 0.98
O3 MAN X . -51.60 -60.71 -1.07
O4 MAN X . -51.92 -58.28 -2.55
O5 MAN X . -48.84 -57.64 -0.67
O6 MAN X . -49.05 -55.19 -1.90
C1 MAN X . -52.58 -58.00 -3.78
C2 MAN X . -53.40 -56.72 -3.68
C3 MAN X . -54.66 -56.91 -2.87
C4 MAN X . -55.44 -58.14 -3.36
C5 MAN X . -54.54 -59.36 -3.34
C6 MAN X . -55.22 -60.59 -3.90
O2 MAN X . -53.69 -56.24 -4.99
O3 MAN X . -55.47 -55.74 -2.95
O4 MAN X . -56.56 -58.37 -2.52
O5 MAN X . -53.39 -59.13 -4.17
O6 MAN X . -54.33 -61.70 -3.94
C1 GAL X . -56.67 -55.16 -2.41
C2 GAL X . -57.06 -53.89 -3.14
C3 GAL X . -58.44 -53.40 -2.73
C4 GAL X . -59.47 -54.51 -2.82
C5 GAL X . -58.99 -55.72 -2.02
C6 GAL X . -59.93 -56.89 -2.13
O2 GAL X . -56.04 -52.89 -3.00
O3 GAL X . -58.82 -52.28 -3.54
O4 GAL X . -59.67 -54.89 -4.18
O5 GAL X . -57.72 -56.15 -2.54
O6 GAL X . -61.29 -56.49 -1.95
C1 MAN X . -55.93 -51.47 -3.07
C2 MAN X . -54.54 -51.02 -2.64
C3 MAN X . -54.48 -50.62 -1.18
C4 MAN X . -55.58 -49.62 -0.85
C5 MAN X . -56.94 -50.20 -1.26
C6 MAN X . -58.08 -49.24 -1.03
O2 MAN X . -54.10 -49.97 -3.48
O3 MAN X . -53.20 -50.03 -0.91
O4 MAN X . -55.60 -49.35 0.54
O5 MAN X . -56.93 -50.52 -2.65
O6 MAN X . -59.31 -49.78 -1.50
O5 AHR X . -54.57 -45.45 0.13
C5 AHR X . -53.30 -45.48 -0.51
C4 AHR X . -53.00 -46.85 -1.07
O4 AHR X . -52.99 -47.85 -0.03
C3 AHR X . -51.64 -47.01 -1.76
O3 AHR X . -51.59 -46.42 -3.05
C2 AHR X . -51.49 -48.53 -1.75
O2 AHR X . -50.15 -48.95 -1.82
C1 AHR X . -52.29 -49.00 -0.52
O5 AHR X . -47.06 -45.92 -1.33
C5 AHR X . -47.19 -45.34 -2.61
C4 AHR X . -48.64 -45.24 -3.03
O4 AHR X . -49.25 -46.55 -3.08
C3 AHR X . -48.90 -44.65 -4.41
O3 AHR X . -48.74 -43.24 -4.47
C2 AHR X . -50.33 -45.13 -4.68
O2 AHR X . -50.65 -45.20 -6.05
C1 AHR X . -50.45 -46.45 -3.89
O5 AHR X . -56.17 -53.45 -7.25
C5 AHR X . -57.43 -52.92 -7.62
C4 AHR X . -58.46 -53.14 -6.55
O4 AHR X . -58.65 -54.55 -6.27
C3 AHR X . -59.87 -52.62 -6.84
O3 AHR X . -59.99 -51.20 -6.73
C2 AHR X . -60.69 -53.40 -5.83
O2 AHR X . -62.04 -53.56 -6.21
C1 AHR X . -59.90 -54.70 -5.58
O5 AHR X . -66.12 -56.18 -5.73
C5 AHR X . -65.88 -55.84 -7.09
C4 AHR X . -64.49 -55.28 -7.28
O4 AHR X . -64.30 -54.08 -6.49
C3 AHR X . -64.14 -54.85 -8.70
O3 AHR X . -63.86 -55.94 -9.57
C2 AHR X . -62.93 -53.94 -8.44
O2 AHR X . -62.70 -53.00 -9.46
C1 AHR X . -63.17 -53.36 -7.03
O5 AHR X . -65.38 -58.99 -2.83
C5 AHR X . -65.63 -57.59 -2.77
C4 AHR X . -64.35 -56.80 -2.77
O4 AHR X . -63.52 -57.15 -1.64
C3 AHR X . -64.50 -55.28 -2.66
O3 AHR X . -64.93 -54.67 -3.87
C2 AHR X . -63.09 -54.89 -2.23
O2 AHR X . -63.04 -53.64 -1.55
C1 AHR X . -62.56 -56.09 -1.44
C1 MAN X . -55.02 -62.74 -3.24
C2 MAN X . -54.35 -62.99 -1.91
C3 MAN X . -53.03 -63.73 -2.06
C4 MAN X . -53.20 -64.96 -2.92
C5 MAN X . -53.81 -64.58 -4.27
C6 MAN X . -54.08 -65.78 -5.14
O2 MAN X . -55.23 -63.70 -1.04
O3 MAN X . -52.54 -64.10 -0.76
O4 MAN X . -51.93 -65.57 -3.15
O5 MAN X . -55.08 -63.92 -4.04
O6 MAN X . -54.76 -65.40 -6.33
C1 BMA X . -46.27 -64.33 -0.34
C2 BMA X . -44.78 -64.56 -0.24
C3 BMA X . -44.52 -65.52 0.92
C4 BMA X . -45.07 -64.90 2.19
C5 BMA X . -46.56 -64.64 2.01
C6 BMA X . -47.18 -64.02 3.27
O2 BMA X . -44.10 -63.33 0.00
O3 BMA X . -43.12 -65.77 1.02
O4 BMA X . -44.85 -65.78 3.30
O5 BMA X . -46.80 -63.80 0.87
O6 BMA X . -46.39 -62.93 3.74
C1 BMA X . -43.82 -66.46 4.01
C2 BMA X . -44.45 -67.39 5.03
C3 BMA X . -43.38 -68.23 5.71
C4 BMA X . -42.59 -68.97 4.65
C5 BMA X . -41.98 -67.99 3.67
C6 BMA X . -41.23 -68.70 2.56
O2 BMA X . -45.37 -68.27 4.36
O3 BMA X . -44.00 -69.15 6.61
O4 BMA X . -41.54 -69.72 5.28
O5 BMA X . -43.00 -67.18 3.08
O6 BMA X . -40.19 -69.51 3.13
C1 MAN X . -44.47 -69.54 7.89
C2 MAN X . -44.90 -68.33 8.70
C3 MAN X . -43.71 -67.53 9.20
C4 MAN X . -42.70 -68.43 9.88
C5 MAN X . -42.30 -69.56 8.95
C6 MAN X . -41.35 -70.55 9.59
O2 MAN X . -45.74 -68.74 9.78
O3 MAN X . -44.17 -66.52 10.11
O4 MAN X . -41.54 -67.68 10.23
O5 MAN X . -43.47 -70.31 8.56
O6 MAN X . -41.08 -71.64 8.73
O5 AHR X . -42.82 -62.98 10.22
C5 AHR X . -41.47 -63.14 10.65
C4 AHR X . -40.99 -64.56 10.39
O4 AHR X . -41.80 -65.52 11.09
C3 AHR X . -39.56 -64.87 10.85
O3 AHR X . -38.56 -64.32 10.00
C2 AHR X . -39.59 -66.40 10.88
O2 AHR X . -38.62 -66.95 11.74
C1 AHR X . -41.06 -66.75 11.18
C1 BMA X . -38.87 -69.93 3.45
C2 BMA X . -38.69 -71.41 3.13
C3 BMA X . -37.26 -71.87 3.38
C4 BMA X . -36.30 -70.95 2.64
C5 BMA X . -36.55 -69.50 3.01
C6 BMA X . -35.64 -68.59 2.22
O2 BMA X . -39.03 -71.62 1.76
O3 BMA X . -37.10 -73.21 2.91
O4 BMA X . -34.95 -71.29 2.99
O5 BMA X . -37.91 -69.14 2.74
O6 BMA X . -36.15 -67.25 2.27
O5 AHR X . -38.49 -77.76 1.56
C5 AHR X . -37.18 -77.46 1.12
C4 AHR X . -36.64 -76.23 1.79
O4 AHR X . -37.45 -75.07 1.50
C3 AHR X . -35.22 -75.81 1.39
O3 AHR X . -34.22 -76.63 1.94
C2 AHR X . -35.21 -74.35 1.87
O2 AHR X . -34.24 -73.57 1.23
C1 AHR X . -36.66 -73.88 1.72
O5 AHR X . -36.39 -62.50 1.37
C5 AHR X . -35.12 -62.85 1.92
C4 AHR X . -34.95 -64.36 1.96
O4 AHR X . -35.97 -64.98 2.76
C3 AHR X . -33.64 -64.86 2.57
O3 AHR X . -32.52 -64.70 1.71
C2 AHR X . -34.01 -66.31 2.88
O2 AHR X . -33.23 -66.88 3.90
C1 AHR X . -35.53 -66.29 3.11
O5 AHR X . -40.75 -60.67 -2.55
C5 AHR X . -40.39 -60.80 -1.18
C4 AHR X . -41.21 -61.86 -0.49
O4 AHR X . -42.62 -61.53 -0.51
C3 AHR X . -40.91 -62.07 1.00
O3 AHR X . -39.71 -62.80 1.22
C2 AHR X . -42.17 -62.81 1.45
O2 AHR X . -42.40 -62.71 2.84
C1 AHR X . -43.28 -62.25 0.54
O5 AHR X . -44.52 -58.31 3.55
C5 AHR X . -45.93 -58.30 3.70
C4 AHR X . -46.45 -59.65 4.12
O4 AHR X . -46.13 -60.66 3.14
C3 AHR X . -47.97 -59.77 4.29
O3 AHR X . -48.45 -59.15 5.47
C2 AHR X . -48.13 -61.28 4.26
O2 AHR X . -49.45 -61.69 3.95
C1 AHR X . -47.05 -61.75 3.26
O5 FUB X . -48.79 -56.10 -6.38
C5 FUB X . -49.80 -56.99 -6.84
C4 FUB X . -49.22 -58.35 -7.14
O4 FUB X . -48.58 -58.92 -5.98
C3 FUB X . -48.13 -58.40 -8.21
O3 FUB X . -48.64 -58.25 -9.54
C2 FUB X . -47.50 -59.75 -7.92
O2 FUB X . -46.17 -59.86 -8.39
C1 FUB X . -47.70 -59.96 -6.42
O5 AHR X . -38.45 -70.13 -1.20
C5 AHR X . -38.02 -68.97 -0.48
C4 AHR X . -38.99 -67.83 -0.64
O4 AHR X . -39.14 -67.45 -2.02
C3 AHR X . -38.63 -66.54 0.07
O3 AHR X . -38.83 -66.58 1.48
C2 AHR X . -39.51 -65.53 -0.66
O2 AHR X . -39.01 -64.22 -0.62
C1 AHR X . -39.71 -66.14 -2.06
O5 FUB X . -46.94 -70.33 -13.18
C5 FUB X . -48.07 -70.90 -12.51
C4 FUB X . -47.97 -70.69 -11.02
O4 FUB X . -47.95 -69.29 -10.68
C3 FUB X . -46.71 -71.25 -10.36
O3 FUB X . -46.77 -72.66 -10.17
C2 FUB X . -46.66 -70.44 -9.07
O2 FUB X . -45.33 -70.19 -8.63
C1 FUB X . -47.52 -69.19 -9.33
O5 AHR X . -46.35 -75.24 -5.97
C5 AHR X . -47.54 -75.58 -6.68
C4 AHR X . -47.52 -75.04 -8.08
O4 AHR X . -47.41 -73.60 -8.10
C3 AHR X . -48.75 -75.34 -8.93
O3 AHR X . -48.82 -76.68 -9.38
C2 AHR X . -48.58 -74.30 -10.05
O2 AHR X . -49.78 -74.00 -10.72
C1 AHR X . -47.88 -73.12 -9.37
O5 AHR X . -61.61 -65.48 -10.96
C5 AHR X . -61.58 -64.92 -9.65
C4 AHR X . -60.60 -63.77 -9.58
O4 AHR X . -59.27 -64.17 -9.94
C3 AHR X . -60.45 -63.12 -8.21
O3 AHR X . -61.56 -62.29 -7.84
C2 AHR X . -59.14 -62.36 -8.39
O2 AHR X . -58.49 -62.05 -7.18
C1 AHR X . -58.34 -63.24 -9.37
C1 GAL Y . -55.51 -73.41 -14.20
C2 GAL Y . -54.49 -73.95 -13.23
C3 GAL Y . -55.06 -75.02 -12.31
C4 GAL Y . -56.37 -74.56 -11.70
C5 GAL Y . -57.32 -74.09 -12.78
C6 GAL Y . -58.63 -73.56 -12.23
O2 GAL Y . -53.36 -74.47 -13.94
O3 GAL Y . -54.10 -75.36 -11.32
O4 GAL Y . -56.14 -73.45 -10.81
O5 GAL Y . -56.71 -73.03 -13.52
O6 GAL Y . -58.45 -72.26 -11.68
C1 BMA Y . -55.77 -73.47 -9.40
C2 BMA Y . -54.88 -72.31 -8.95
C3 BMA Y . -54.37 -72.66 -7.56
C4 BMA Y . -55.55 -72.87 -6.63
C5 BMA Y . -56.55 -73.87 -7.18
C6 BMA Y . -57.81 -73.88 -6.34
O2 BMA Y . -55.65 -71.10 -8.89
O3 BMA Y . -53.54 -71.59 -7.08
O4 BMA Y . -55.05 -73.35 -5.37
O5 BMA Y . -56.90 -73.58 -8.54
O6 BMA Y . -58.76 -74.79 -6.90
C2 BGC Y . -53.75 -74.60 -3.77
C3 BGC Y . -53.17 -74.59 -2.37
C4 BGC Y . -52.48 -73.28 -2.07
C5 BGC Y . -53.42 -72.11 -2.35
C6 BGC Y . -52.76 -70.77 -2.19
C1 BGC Y . -54.61 -73.38 -4.02
O2 BGC Y . -54.53 -75.78 -3.99
O3 BGC Y . -52.23 -75.67 -2.24
O4 BGC Y . -52.08 -73.24 -0.70
O5 BGC Y . -53.88 -72.19 -3.71
O6 BGC Y . -53.67 -69.71 -2.46
O5 AHR Y . -53.89 -75.00 3.42
C5 AHR Y . -53.00 -73.93 3.66
C4 AHR Y . -52.62 -73.22 2.37
O4 AHR Y . -51.98 -74.14 1.45
C3 AHR Y . -51.62 -72.08 2.52
O3 AHR Y . -52.21 -70.88 3.04
C2 AHR Y . -51.09 -71.96 1.10
O2 AHR Y . -49.77 -71.46 1.03
C1 AHR Y . -51.29 -73.36 0.47
C1 MAN Y . -48.37 -71.42 0.79
C2 MAN Y . -47.65 -71.33 2.12
C3 MAN Y . -47.84 -69.97 2.77
C4 MAN Y . -47.54 -68.85 1.79
C5 MAN Y . -48.36 -69.02 0.53
C6 MAN Y . -48.05 -67.98 -0.52
O2 MAN Y . -46.27 -71.64 1.95
O3 MAN Y . -47.00 -69.86 3.92
O4 MAN Y . -47.85 -67.59 2.38
O5 MAN Y . -48.09 -70.31 -0.06
O6 MAN Y . -48.80 -68.22 -1.72
O5 AHR Y . -42.62 -74.71 0.33
C5 AHR Y . -42.45 -74.37 1.69
C4 AHR Y . -43.73 -73.78 2.28
O4 AHR Y . -44.12 -72.60 1.56
C3 AHR Y . -43.65 -73.34 3.74
O3 AHR Y . -43.64 -74.43 4.66
C2 AHR Y . -44.87 -72.43 3.82
O2 AHR Y . -44.84 -71.55 4.92
C1 AHR Y . -44.92 -71.77 2.44
O5 AHR Y . -38.96 -74.86 6.20
C5 AHR Y . -39.87 -75.46 7.11
C4 AHR Y . -41.24 -75.61 6.50
O4 AHR Y . -41.79 -74.33 6.12
C3 AHR Y . -42.31 -76.22 7.41
O3 AHR Y . -42.16 -77.62 7.57
C2 AHR Y . -43.59 -75.79 6.68
O2 AHR Y . -44.71 -75.78 7.53
C1 AHR Y . -43.22 -74.45 6.02
O5 AHR Y . -47.05 -77.41 3.60
C5 AHR Y . -47.72 -77.80 4.80
C4 AHR Y . -47.15 -77.08 6.00
O4 AHR Y . -45.74 -77.38 6.16
C3 AHR Y . -47.76 -77.44 7.35
O3 AHR Y . -49.05 -76.87 7.55
C2 AHR Y . -46.68 -76.94 8.30
O2 AHR Y . -46.70 -77.59 9.55
C1 AHR Y . -45.37 -77.03 7.51
O5 AHR Y . -49.55 -68.51 6.46
C5 AHR Y . -50.42 -67.62 5.77
C4 AHR Y . -51.45 -68.38 4.97
O4 AHR Y . -50.84 -69.24 3.99
C3 AHR Y . -52.44 -67.54 4.16
O3 AHR Y . -53.42 -66.90 4.97
C2 AHR Y . -52.98 -68.58 3.19
O2 AHR Y . -53.55 -68.02 2.02
C1 AHR Y . -51.79 -69.53 2.95
O5 AHR Y . -52.51 -62.15 6.19
C5 AHR Y . -53.79 -62.31 5.58
C4 AHR Y . -54.20 -63.77 5.55
O4 AHR Y . -53.27 -64.56 4.77
C3 AHR Y . -55.56 -64.07 4.93
O3 AHR Y . -56.65 -63.71 5.77
C2 AHR Y . -55.42 -65.57 4.69
O2 AHR Y . -56.35 -66.09 3.76
C1 AHR Y . -53.94 -65.75 4.32
O5 FUB Y . -57.80 -68.28 0.11
C5 FUB Y . -59.05 -68.24 0.79
C4 FUB Y . -58.87 -67.93 2.26
O4 FUB Y . -58.21 -66.66 2.45
C3 FUB Y . -58.01 -68.91 3.05
O3 FUB Y . -58.68 -70.14 3.33
C2 FUB Y . -57.67 -68.08 4.29
O2 FUB Y . -56.50 -68.51 4.94
C1 FUB Y . -57.67 -66.63 3.78
O5 AHR Y . -53.64 -78.27 -8.09
C5 AHR Y . -54.46 -79.02 -7.21
C4 AHR Y . -54.98 -78.15 -6.08
O4 AHR Y . -53.88 -77.61 -5.31
C3 AHR Y . -55.84 -78.87 -5.04
O3 AHR Y . -57.16 -79.14 -5.49
C2 AHR Y . -55.77 -77.86 -3.88
O2 AHR Y . -56.04 -78.45 -2.62
C1 AHR Y . -54.39 -77.20 -4.03
C1 MAN Y . -56.53 -79.32 -1.62
C2 MAN Y . -57.89 -78.80 -1.12
C3 MAN Y . -57.73 -77.57 -0.24
C4 MAN Y . -56.68 -77.78 0.83
C5 MAN Y . -55.36 -78.21 0.19
C6 MAN Y . -54.28 -78.51 1.20
O2 MAN Y . -58.72 -79.83 -0.58
O3 MAN Y . -58.99 -77.26 0.36
O4 MAN Y . -56.46 -76.57 1.55
O5 MAN Y . -55.55 -79.42 -0.57
O6 MAN Y . -53.10 -78.99 0.58
C1 MAN Y . -58.83 -81.11 0.06
C2 MAN Y . -59.03 -81.57 1.49
C3 MAN Y . -57.78 -82.22 2.07
C4 MAN Y . -57.25 -83.28 1.13
C5 MAN Y . -57.02 -82.69 -0.26
C6 MAN Y . -56.56 -83.72 -1.27
O2 MAN Y . -60.14 -82.45 1.57
O3 MAN Y . -58.08 -82.79 3.34
O4 MAN Y . -56.00 -83.79 1.62
O5 MAN Y . -58.25 -82.14 -0.75
O6 MAN Y . -56.45 -83.14 -2.57
C1 MAN Y . -56.83 -70.51 -9.47
C2 MAN Y . -56.48 -69.46 -10.51
C3 MAN Y . -56.08 -68.15 -9.87
C4 MAN Y . -57.10 -67.71 -8.84
C5 MAN Y . -57.32 -68.82 -7.81
C6 MAN Y . -58.39 -68.48 -6.80
O2 MAN Y . -57.58 -69.27 -11.39
O3 MAN Y . -55.95 -67.15 -10.88
O4 MAN Y . -56.64 -66.55 -8.16
O5 MAN Y . -57.73 -70.03 -8.48
O6 MAN Y . -58.64 -69.58 -5.93
O5 AHR Y . -50.81 -74.93 -18.09
C5 AHR Y . -50.49 -75.96 -17.16
C4 AHR Y . -51.48 -75.98 -16.01
O4 AHR Y . -51.51 -74.70 -15.33
C3 AHR Y . -51.19 -76.99 -14.90
O3 AHR Y . -51.50 -78.32 -15.28
C2 AHR Y . -52.03 -76.42 -13.77
O2 AHR Y . -51.59 -76.85 -12.49
C1 AHR Y . -52.03 -74.91 -14.00
O5 AHR Z . -59.61 -84.13 -15.10
C5 AHR Z . -60.04 -84.17 -13.75
C4 AHR Z . -60.86 -82.96 -13.40
O4 AHR Z . -60.12 -81.73 -13.63
C3 AHR Z . -61.31 -82.84 -11.94
O3 AHR Z . -62.36 -83.73 -11.58
C2 AHR Z . -61.67 -81.36 -11.87
O2 AHR Z . -61.72 -80.86 -10.55
C1 AHR Z . -60.65 -80.69 -12.80
O5 FUB Z . -60.18 -87.30 -12.85
C5 FUB Z . -61.09 -88.01 -12.05
C4 FUB Z . -61.83 -87.09 -11.10
O4 FUB Z . -62.53 -86.06 -11.83
C3 FUB Z . -60.96 -86.32 -10.10
O3 FUB Z . -60.48 -87.13 -9.03
C2 FUB Z . -61.95 -85.23 -9.68
O2 FUB Z . -61.32 -84.12 -9.08
C1 FUB Z . -62.77 -84.96 -10.95
O5 FUB Z . -60.42 -86.33 -5.37
C5 FUB Z . -61.16 -85.29 -4.73
C4 FUB Z . -61.34 -84.11 -5.66
O4 FUB Z . -62.02 -84.48 -6.87
C3 FUB Z . -60.04 -83.44 -6.14
O3 FUB Z . -59.41 -82.66 -5.13
C2 FUB Z . -60.57 -82.64 -7.33
O2 FUB Z . -59.56 -82.30 -8.26
C1 FUB Z . -61.73 -83.48 -7.88
C1 GAL Z . -59.22 -80.93 -8.03
C2 GAL Z . -58.18 -80.49 -9.05
C3 GAL Z . -57.88 -79.01 -8.94
C4 GAL Z . -59.16 -78.19 -8.92
C5 GAL Z . -60.10 -78.71 -7.85
C6 GAL Z . -61.43 -78.00 -7.83
O2 GAL Z . -56.99 -81.26 -8.90
O3 GAL Z . -57.06 -78.61 -10.04
O4 GAL Z . -59.81 -78.28 -10.19
O5 GAL Z . -60.38 -80.11 -8.09
O6 GAL Z . -62.15 -78.29 -6.64
O5 AHR Z . -57.59 -85.81 -10.51
C5 AHR Z . -56.22 -85.44 -10.51
C4 AHR Z . -56.01 -84.15 -9.75
O4 AHR Z . -56.74 -83.06 -10.35
C3 AHR Z . -54.57 -83.64 -9.71
O3 AHR Z . -53.74 -84.37 -8.81
C2 AHR Z . -54.79 -82.18 -9.32
O2 AHR Z . -53.72 -81.34 -9.72
C1 AHR Z . -56.17 -81.83 -9.91
O5 FUB Z . -59.04 -90.66 -11.06
C5 FUB Z . -59.56 -91.39 -9.95
C4 FUB Z . -59.83 -90.48 -8.79
O4 FUB Z . -60.78 -89.44 -9.15
C3 FUB Z . -58.63 -89.70 -8.24
O3 FUB Z . -57.75 -90.51 -7.47
C2 FUB Z . -59.32 -88.60 -7.46
O2 FUB Z . -58.49 -87.48 -7.20
C1 FUB Z . -60.61 -88.33 -8.25
O5 AHR Z . -54.67 -90.37 -5.92
C5 AHR Z . -54.56 -89.06 -5.35
C4 AHR Z . -55.85 -88.29 -5.47
O4 AHR Z . -56.23 -88.12 -6.86
C3 AHR Z . -55.84 -86.87 -4.91
O3 AHR Z . -55.86 -86.84 -3.50
C2 AHR Z . -57.07 -86.29 -5.59
O2 AHR Z . -57.05 -84.88 -5.65
C1 AHR Z . -57.15 -87.02 -6.94
O5 FUB AA . -53.10 -81.09 -14.12
C5 FUB AA . -54.43 -80.84 -13.68
C4 FUB AA . -54.87 -79.45 -14.04
O4 FUB AA . -56.23 -79.20 -13.57
C3 FUB AA . -54.95 -79.13 -15.54
O3 FUB AA . -53.66 -78.90 -16.11
C2 FUB AA . -55.86 -77.91 -15.54
O2 FUB AA . -56.57 -77.75 -16.76
C1 FUB AA . -56.74 -78.06 -14.29
C1 BMA AA . -56.12 -77.60 -18.09
C2 BMA AA . -57.29 -77.43 -19.06
C3 BMA AA . -56.83 -77.01 -20.43
C4 BMA AA . -55.92 -75.79 -20.32
C5 BMA AA . -54.77 -76.13 -19.39
C6 BMA AA . -53.81 -74.96 -19.20
O2 BMA AA . -58.17 -76.44 -18.53
O3 BMA AA . -57.96 -76.68 -21.24
O4 BMA AA . -55.47 -75.41 -21.62
O5 BMA AA . -55.27 -76.47 -18.10
O6 BMA AA . -52.75 -75.03 -20.15
C1 BMA AA . -54.70 -74.76 -22.66
C2 BMA AA . -55.54 -74.15 -23.78
C3 BMA AA . -54.70 -73.31 -24.74
C4 BMA AA . -53.73 -72.39 -24.01
C5 BMA AA . -52.94 -73.18 -22.97
C6 BMA AA . -51.99 -72.32 -22.16
O2 BMA AA . -56.62 -73.35 -23.25
O3 BMA AA . -55.55 -72.51 -25.56
O4 BMA AA . -52.82 -71.81 -24.96
O5 BMA AA . -53.87 -73.78 -22.06
O6 BMA AA . -51.31 -73.16 -21.20
C1 NGA AA . -51.69 -71.02 -25.38
C2 NGA AA . -51.95 -70.35 -26.74
C3 NGA AA . -50.88 -69.29 -27.04
C4 NGA AA . -50.63 -68.37 -25.84
C5 NGA AA . -50.28 -69.27 -24.66
C6 NGA AA . -49.89 -68.51 -23.41
C7 NGA AA . -52.95 -71.58 -28.63
C8 NGA AA . -52.66 -72.68 -29.63
N2 NGA AA . -51.93 -71.34 -27.78
O3 NGA AA . -51.28 -68.60 -28.18
O4 NGA AA . -51.80 -67.60 -25.62
O5 NGA AA . -51.39 -70.08 -24.37
O6 NGA AA . -48.66 -69.01 -22.92
O7 NGA AA . -54.00 -70.99 -28.59
C1 MAN AA . -49.04 -70.07 -22.05
C2 MAN AA . -48.28 -70.02 -20.74
C3 MAN AA . -46.85 -70.52 -20.88
C4 MAN AA . -46.82 -71.87 -21.59
C5 MAN AA . -47.55 -71.77 -22.92
C6 MAN AA . -47.62 -73.08 -23.67
O2 MAN AA . -48.97 -70.75 -19.74
O3 MAN AA . -46.26 -70.63 -19.59
O4 MAN AA . -45.49 -72.31 -21.79
O5 MAN AA . -48.91 -71.34 -22.70
O6 MAN AA . -48.31 -72.92 -24.91
C1 MAN AA . -44.38 -73.24 -21.90
C2 MAN AA . -44.85 -74.64 -22.27
C3 MAN AA . -45.45 -75.37 -21.09
C4 MAN AA . -44.51 -75.32 -19.90
C5 MAN AA . -44.16 -73.87 -19.58
C6 MAN AA . -43.16 -73.74 -18.44
O2 MAN AA . -43.78 -75.38 -22.83
O3 MAN AA . -45.70 -76.74 -21.45
O4 MAN AA . -45.11 -75.92 -18.75
O5 MAN AA . -43.56 -73.24 -20.72
O6 MAN AA . -42.79 -72.38 -18.23
C1 MAN AA . -45.77 -76.20 -17.52
C2 MAN AA . -44.76 -76.54 -16.45
C3 MAN AA . -44.18 -77.94 -16.63
C4 MAN AA . -45.29 -78.95 -16.81
C5 MAN AA . -46.20 -78.54 -17.96
C6 MAN AA . -47.37 -79.47 -18.16
O2 MAN AA . -45.35 -76.41 -15.16
O3 MAN AA . -43.38 -78.28 -15.49
O4 MAN AA . -44.75 -80.24 -17.09
O5 MAN AA . -46.74 -77.23 -17.70
O6 MAN AA . -48.24 -79.01 -19.19
C1 GAL AA . -42.49 -79.32 -15.02
C2 GAL AA . -42.12 -79.10 -13.56
C3 GAL AA . -41.37 -80.29 -12.98
C4 GAL AA . -42.09 -81.59 -13.27
C5 GAL AA . -42.38 -81.71 -14.76
C6 GAL AA . -43.18 -82.94 -15.12
O2 GAL AA . -41.43 -77.87 -13.38
O3 GAL AA . -41.17 -80.12 -11.57
O4 GAL AA . -43.33 -81.63 -12.56
O5 GAL AA . -43.14 -80.57 -15.19
O6 GAL AA . -42.66 -84.09 -14.46
C1 MAN AA . -40.63 -77.13 -12.44
C2 MAN AA . -40.38 -75.74 -13.00
C3 MAN AA . -39.20 -75.69 -13.96
C4 MAN AA . -37.98 -76.36 -13.34
C5 MAN AA . -38.32 -77.77 -12.88
C6 MAN AA . -37.18 -78.46 -12.18
O2 MAN AA . -40.20 -74.82 -11.92
O3 MAN AA . -38.90 -74.34 -14.28
O4 MAN AA . -36.92 -76.42 -14.29
O5 MAN AA . -39.42 -77.72 -11.95
O6 MAN AA . -37.58 -79.74 -11.70
O5 AHR AA . -34.47 -73.92 -12.27
C5 AHR AA . -35.18 -72.70 -12.18
C4 AHR AA . -36.63 -72.89 -12.55
O4 AHR AA . -36.77 -73.39 -13.90
C3 AHR AA . -37.51 -71.64 -12.53
O3 AHR AA . -37.83 -71.20 -11.23
C2 AHR AA . -38.69 -72.08 -13.38
O2 AHR AA . -39.38 -71.01 -13.99
C1 AHR AA . -38.11 -73.14 -14.34
O5 AHR AA . -37.55 -67.08 -13.80
C5 AHR AA . -37.84 -66.81 -12.43
C4 AHR AA . -37.67 -68.05 -11.58
O4 AHR AA . -38.53 -69.11 -12.02
C3 AHR AA . -37.99 -67.89 -10.10
O3 AHR AA . -36.99 -67.19 -9.37
C2 AHR AA . -38.17 -69.35 -9.68
O2 AHR AA . -38.96 -69.52 -8.53
C1 AHR AA . -38.66 -70.06 -10.96
O5 AHR AA . -44.90 -77.31 -10.92
C5 AHR AA . -44.71 -78.23 -9.85
C4 AHR AA . -43.97 -79.47 -10.31
O4 AHR AA . -44.71 -80.16 -11.34
C3 AHR AA . -43.73 -80.54 -9.25
O3 AHR AA . -42.67 -80.20 -8.35
C2 AHR AA . -43.43 -81.76 -10.12
O2 AHR AA . -43.72 -82.98 -9.47
C1 AHR AA . -44.22 -81.51 -11.42
O5 AHR AA . -44.79 -87.71 -9.97
C5 AHR AA . -45.58 -87.09 -8.94
C4 AHR AA . -45.45 -85.59 -8.97
O4 AHR AA . -44.08 -85.18 -8.78
C3 AHR AA . -46.23 -84.84 -7.90
O3 AHR AA . -47.63 -84.77 -8.14
C2 AHR AA . -45.52 -83.48 -7.93
O2 AHR AA . -45.64 -82.76 -6.72
C1 AHR AA . -44.07 -83.80 -8.37
O5 AHR AA . -44.64 -88.52 -13.98
C5 AHR AA . -43.62 -88.30 -13.01
C4 AHR AA . -43.20 -86.85 -12.97
O4 AHR AA . -42.69 -86.43 -14.26
C3 AHR AA . -42.08 -86.51 -11.99
O3 AHR AA . -42.51 -86.48 -10.65
C2 AHR AA . -41.61 -85.17 -12.54
O2 AHR AA . -40.29 -84.85 -12.19
C1 AHR AA . -41.91 -85.24 -14.05
C1 MAN AA . -48.37 -80.12 -20.07
C2 MAN AA . -47.63 -79.85 -21.36
C3 MAN AA . -48.34 -78.84 -22.25
C4 MAN AA . -49.80 -79.23 -22.43
C5 MAN AA . -50.47 -79.41 -21.07
C6 MAN AA . -51.90 -79.88 -21.17
O2 MAN AA . -47.40 -81.07 -22.06
O3 MAN AA . -47.70 -78.77 -23.51
O4 MAN AA . -50.49 -78.22 -23.15
O5 MAN AA . -49.76 -80.41 -20.30
O6 MAN AA . -52.45 -80.15 -19.89
C1 BMA AA . -48.09 -73.15 -26.29
C2 BMA AA . -48.30 -71.88 -27.08
C3 BMA AA . -48.13 -72.18 -28.56
C4 BMA AA . -46.73 -72.73 -28.77
C5 BMA AA . -46.55 -73.98 -27.93
C6 BMA AA . -45.16 -74.60 -28.12
O2 BMA AA . -47.35 -70.88 -26.68
O3 BMA AA . -48.33 -70.99 -29.32
O4 BMA AA . -46.53 -73.04 -30.16
O5 BMA AA . -46.79 -73.70 -26.55
O6 BMA AA . -44.14 -73.61 -28.00
C1 BMA AA . -46.56 -72.45 -31.45
C2 BMA AA . -46.40 -73.54 -32.50
C3 BMA AA . -46.57 -72.97 -33.89
C4 BMA AA . -47.91 -72.27 -33.99
C5 BMA AA . -48.00 -71.20 -32.93
C6 BMA AA . -49.36 -70.50 -32.96
O2 BMA AA . -47.40 -74.55 -32.29
O3 BMA AA . -46.47 -74.01 -34.86
O4 BMA AA . -48.04 -71.68 -35.30
O5 BMA AA . -47.80 -71.75 -31.63
O6 BMA AA . -49.58 -69.92 -34.26
C1 MAN AA . -45.76 -74.84 -35.77
C2 MAN AA . -44.31 -75.00 -35.35
C3 MAN AA . -43.51 -73.74 -35.60
C4 MAN AA . -43.70 -73.23 -37.01
C5 MAN AA . -45.19 -73.06 -37.30
C6 MAN AA . -45.48 -72.62 -38.73
O2 MAN AA . -43.73 -76.12 -36.02
O3 MAN AA . -42.13 -74.00 -35.36
O4 MAN AA . -43.05 -71.98 -37.18
O5 MAN AA . -45.89 -74.30 -37.10
O6 MAN AA . -46.87 -72.57 -38.98
O5 AHR AA . -39.76 -71.60 -33.61
C5 AHR AA . -39.68 -70.51 -34.51
C4 AHR AA . -40.86 -70.47 -35.46
O4 AHR AA . -40.94 -71.69 -36.24
C3 AHR AA . -40.86 -69.35 -36.49
O3 AHR AA . -41.19 -68.09 -35.94
C2 AHR AA . -41.88 -69.89 -37.50
O2 AHR AA . -41.70 -69.35 -38.79
C1 AHR AA . -41.76 -71.42 -37.39
C1 BMA AA . -49.74 -68.91 -35.24
C2 BMA AA . -51.00 -69.18 -36.06
C3 BMA AA . -51.25 -68.06 -37.05
C4 BMA AA . -51.25 -66.72 -36.33
C5 BMA AA . -49.97 -66.55 -35.52
C6 BMA AA . -50.01 -65.24 -34.75
O2 BMA AA . -52.12 -69.29 -35.17
O3 BMA AA . -52.52 -68.25 -37.70
O4 BMA AA . -51.35 -65.67 -37.29
O5 BMA AA . -49.81 -67.63 -34.61
O6 BMA AA . -49.02 -65.29 -33.72
O5 AHR AA . -56.47 -70.79 -39.28
C5 AHR AA . -56.71 -69.38 -39.28
C4 AHR AA . -55.42 -68.61 -39.12
O4 AHR AA . -54.78 -68.92 -37.86
C3 AHR AA . -55.56 -67.09 -39.10
O3 AHR AA . -55.79 -66.53 -40.39
C2 AHR AA . -54.22 -66.69 -38.48
O2 AHR AA . -54.23 -65.40 -37.90
C1 AHR AA . -53.89 -67.85 -37.52
O5 AHR AA . -46.44 -63.77 -29.93
C5 AHR AA . -46.40 -62.82 -30.99
C4 AHR AA . -47.39 -63.16 -32.07
O4 AHR AA . -47.14 -64.47 -32.62
C3 AHR AA . -47.40 -62.25 -33.29
O3 AHR AA . -48.01 -60.99 -33.04
C2 AHR AA . -48.13 -63.12 -34.31
O2 AHR AA . -47.83 -62.80 -35.65
C1 AHR AA . -47.81 -64.56 -33.88
O5 AHR AA . -47.69 -66.40 -24.52
C5 AHR AA . -46.81 -66.38 -25.64
C4 AHR AA . -46.94 -67.64 -26.48
O4 AHR AA . -46.63 -68.82 -25.72
C3 AHR AA . -46.04 -67.72 -27.71
O3 AHR AA . -46.48 -66.89 -28.78
C2 AHR AA . -46.10 -69.21 -28.01
O2 AHR AA . -45.00 -69.68 -28.77
C1 AHR AA . -46.29 -69.88 -26.63
O5 AHR AA . -41.31 -70.31 -25.55
C5 AHR AA . -41.07 -71.64 -25.11
C4 AHR AA . -41.64 -72.65 -26.08
O4 AHR AA . -43.07 -72.49 -26.22
C3 AHR AA . -41.47 -74.12 -25.69
O3 AHR AA . -40.14 -74.60 -25.88
C2 AHR AA . -42.51 -74.77 -26.60
O2 AHR AA . -42.89 -76.06 -26.18
C1 AHR AA . -43.63 -73.73 -26.66
O5 FUB AA . -46.69 -71.55 -15.99
C5 FUB AA . -47.55 -72.68 -15.90
C4 FUB AA . -48.74 -72.55 -16.82
O4 FUB AA . -48.32 -72.38 -18.19
C3 FUB AA . -49.65 -71.34 -16.55
O3 FUB AA . -50.47 -71.51 -15.40
C2 FUB AA . -50.42 -71.27 -17.87
O2 FUB AA . -50.93 -69.98 -18.14
C1 FUB AA . -49.44 -71.82 -18.92
O5 AHR AA . -53.32 -67.67 -32.47
C5 AHR AA . -52.04 -67.04 -32.35
C4 AHR AA . -51.30 -67.53 -31.14
O4 AHR AA . -52.03 -67.25 -29.93
C3 AHR AA . -49.92 -66.90 -30.89
O3 AHR AA . -48.92 -67.39 -31.77
C2 AHR AA . -49.72 -67.24 -29.41
O2 AHR AA . -48.83 -66.35 -28.76
C1 AHR AA . -51.13 -67.35 -28.82
O5 FUB AA . -61.53 -73.27 -22.06
C5 FUB AA . -61.31 -74.62 -22.44
C4 FUB AA . -60.05 -74.74 -23.27
O4 FUB AA . -58.89 -74.32 -22.52
C3 FUB AA . -60.01 -73.89 -24.55
O3 FUB AA . -60.76 -74.45 -25.61
C2 FUB AA . -58.50 -73.80 -24.81
O2 FUB AA . -58.12 -72.58 -25.40
C1 FUB AA . -57.83 -74.14 -23.46
O5 AHR AA . -59.26 -75.70 -30.14
C5 AHR AA . -59.92 -76.78 -29.50
C4 AHR AA . -60.65 -76.31 -28.27
O4 AHR AA . -59.74 -75.73 -27.31
C3 AHR AA . -61.37 -77.40 -27.47
O3 AHR AA . -62.59 -77.83 -28.10
C2 AHR AA . -61.58 -76.69 -26.13
O2 AHR AA . -61.80 -77.58 -25.06
C1 AHR AA . -60.36 -75.77 -26.01
O5 AHR AA . -55.30 -85.57 -14.34
C5 AHR AA . -53.97 -85.61 -14.84
C4 AHR AA . -53.21 -84.36 -14.50
O4 AHR AA . -53.86 -83.18 -15.04
C3 AHR AA . -51.79 -84.26 -15.03
O3 AHR AA . -50.87 -85.08 -14.31
C2 AHR AA . -51.52 -82.78 -14.90
O2 AHR AA . -50.47 -82.31 -15.74
C1 AHR AA . -52.90 -82.12 -15.14
C1 GAL BA . -63.52 -81.94 -19.72
C2 GAL BA . -63.27 -81.36 -21.10
C3 GAL BA . -63.28 -82.42 -22.18
C4 GAL BA . -62.40 -83.60 -21.80
C5 GAL BA . -62.79 -84.12 -20.42
C6 GAL BA . -61.93 -85.25 -19.93
O2 GAL BA . -64.24 -80.35 -21.39
O3 GAL BA . -62.86 -81.85 -23.42
O4 GAL BA . -61.03 -83.20 -21.74
O5 GAL BA . -62.67 -83.05 -19.46
O6 GAL BA . -60.65 -84.76 -19.50
C1 BMA BA . -60.08 -83.13 -22.80
C2 BMA BA . -59.05 -82.02 -22.67
C3 BMA BA . -58.31 -81.93 -24.00
C4 BMA BA . -57.67 -83.28 -24.31
C5 BMA BA . -58.67 -84.42 -24.22
C6 BMA BA . -57.95 -85.76 -24.30
O2 BMA BA . -58.12 -82.34 -21.63
O3 BMA BA . -57.31 -80.92 -23.92
O4 BMA BA . -57.12 -83.23 -25.63
O5 BMA BA . -59.44 -84.38 -23.01
O6 BMA BA . -58.90 -86.82 -24.18
C2 BGC BA . -56.92 -82.77 -27.98
C3 BGC BA . -55.94 -82.50 -29.12
C4 BGC BA . -54.89 -81.49 -28.70
C5 BGC BA . -54.21 -81.91 -27.40
C6 BGC BA . -53.25 -80.89 -26.88
C1 BGC BA . -56.19 -83.10 -26.69
O2 BGC BA . -57.81 -83.82 -28.32
O3 BGC BA . -56.66 -82.01 -30.26
O4 BGC BA . -53.89 -81.38 -29.72
O5 BGC BA . -55.22 -82.10 -26.38
O6 BGC BA . -52.64 -81.32 -25.66
O5 AHR BA . -51.93 -84.45 -32.90
C5 AHR BA . -51.10 -83.32 -32.69
C4 AHR BA . -51.59 -82.48 -31.53
O4 AHR BA . -52.94 -82.01 -31.77
C3 AHR BA . -50.79 -81.21 -31.25
O3 AHR BA . -49.56 -81.46 -30.58
C2 AHR BA . -51.81 -80.40 -30.44
O2 AHR BA . -51.62 -79.01 -30.56
C1 AHR BA . -53.18 -80.92 -30.87
C1 MAN BA . -51.89 -77.65 -30.91
C2 MAN BA . -50.91 -77.21 -31.98
C3 MAN BA . -49.51 -77.07 -31.45
C4 MAN BA . -49.49 -76.23 -30.19
C5 MAN BA . -50.45 -76.80 -29.16
C6 MAN BA . -50.54 -75.96 -27.90
O2 MAN BA . -51.37 -76.01 -32.60
O3 MAN BA . -48.66 -76.49 -32.44
O4 MAN BA . -48.17 -76.22 -29.62
O5 MAN BA . -51.78 -76.85 -29.72
O6 MAN BA . -51.52 -76.49 -27.00
O5 AHR BA . -54.94 -73.34 -34.92
C5 AHR BA . -53.73 -73.34 -35.66
C4 AHR BA . -52.80 -74.44 -35.17
O4 AHR BA . -52.49 -74.27 -33.77
C3 AHR BA . -51.44 -74.51 -35.87
O3 AHR BA . -51.52 -75.05 -37.18
C2 AHR BA . -50.66 -75.35 -34.86
O2 AHR BA . -49.27 -75.25 -35.02
C1 AHR BA . -51.22 -74.90 -33.51
O5 AHR BA . -51.09 -71.18 -40.23
C5 AHR BA . -50.75 -72.38 -40.88
C4 AHR BA . -51.18 -73.59 -40.07
O4 AHR BA . -50.54 -73.59 -38.77
C3 AHR BA . -50.83 -74.95 -40.65
O3 AHR BA . -51.68 -75.31 -41.74
C2 AHR BA . -50.96 -75.85 -39.43
O2 AHR BA . -50.25 -77.05 -39.54
C1 AHR BA . -50.56 -74.94 -38.26
O5 AHR BA . -54.01 -78.97 -37.16
C5 AHR BA . -53.34 -79.95 -37.95
C4 AHR BA . -52.03 -79.43 -38.49
O4 AHR BA . -52.23 -78.26 -39.31
C3 AHR BA . -51.24 -80.38 -39.38
O3 AHR BA . -50.59 -81.42 -38.65
C2 AHR BA . -50.30 -79.41 -40.07
O2 AHR BA . -49.82 -79.88 -41.32
C1 AHR BA . -51.06 -78.07 -40.11
O5 AHR BA . -45.67 -78.91 -32.26
C5 AHR BA . -45.51 -79.28 -30.90
C4 AHR BA . -46.52 -80.32 -30.49
O4 AHR BA . -47.86 -79.84 -30.64
C3 AHR BA . -46.45 -80.78 -29.03
O3 AHR BA . -45.34 -81.64 -28.77
C2 AHR BA . -47.82 -81.43 -28.88
O2 AHR BA . -48.24 -81.55 -27.53
C1 AHR BA . -48.74 -80.61 -29.80
O5 AHR BA . -41.31 -79.48 -26.79
C5 AHR BA . -41.75 -80.59 -26.02
C4 AHR BA . -42.72 -81.45 -26.81
O4 AHR BA . -43.91 -80.69 -27.17
C3 AHR BA . -43.28 -82.68 -26.08
O3 AHR BA . -42.32 -83.73 -25.99
C2 AHR BA . -44.47 -83.00 -26.96
O2 AHR BA . -45.43 -83.84 -26.35
C1 AHR BA . -44.99 -81.61 -27.40
O5 FUB BA . -49.45 -85.18 -24.87
C5 FUB BA . -48.82 -86.44 -24.80
C4 FUB BA . -47.55 -86.47 -25.63
O4 FUB BA . -46.61 -85.48 -25.16
C3 FUB BA . -47.71 -86.17 -27.12
O3 FUB BA . -48.28 -87.24 -27.85
C2 FUB BA . -46.28 -85.83 -27.50
O2 FUB BA . -46.19 -85.02 -28.65
C1 FUB BA . -45.66 -85.24 -26.21
O5 AHR BA . -62.56 -83.00 -27.61
C5 AHR BA . -62.35 -84.18 -28.37
C4 AHR BA . -60.90 -84.60 -28.35
O4 AHR BA . -60.06 -83.56 -28.91
C3 AHR BA . -60.55 -85.84 -29.17
O3 AHR BA . -60.96 -87.06 -28.57
C2 AHR BA . -59.04 -85.68 -29.30
O2 AHR BA . -58.49 -86.37 -30.40
C1 AHR BA . -58.81 -84.15 -29.28
C1 MAN BA . -58.31 -87.31 -31.44
C2 MAN BA . -57.48 -88.48 -30.93
C3 MAN BA . -56.00 -88.11 -30.75
C4 MAN BA . -55.46 -87.42 -31.98
C5 MAN BA . -56.33 -86.22 -32.35
C6 MAN BA . -55.88 -85.52 -33.60
O2 MAN BA . -57.71 -89.70 -31.64
O3 MAN BA . -55.26 -89.30 -30.47
O4 MAN BA . -54.13 -86.97 -31.74
O5 MAN BA . -57.69 -86.65 -32.57
O6 MAN BA . -56.78 -84.47 -33.95
C1 MAN BA . -57.93 -90.26 -32.93
C2 MAN BA . -56.79 -90.50 -33.89
C3 MAN BA . -56.47 -89.25 -34.71
C4 MAN BA . -57.73 -88.70 -35.35
C5 MAN BA . -58.79 -88.44 -34.28
C6 MAN BA . -60.10 -87.95 -34.85
O2 MAN BA . -57.08 -91.60 -34.73
O3 MAN BA . -55.52 -89.58 -35.72
O4 MAN BA . -57.44 -87.47 -36.01
O5 MAN BA . -59.08 -89.67 -33.58
O6 MAN BA . -61.09 -87.81 -33.84
C1 MAN BA . -58.04 -83.12 -20.42
C2 MAN BA . -58.10 -82.24 -19.18
C3 MAN BA . -56.78 -81.56 -18.88
C4 MAN BA . -55.65 -82.57 -18.90
C5 MAN BA . -55.64 -83.34 -20.20
C6 MAN BA . -54.58 -84.41 -20.25
O2 MAN BA . -58.53 -83.02 -18.06
O3 MAN BA . -56.86 -80.92 -17.61
O4 MAN BA . -54.40 -81.89 -18.74
O5 MAN BA . -56.90 -83.99 -20.40
O6 MAN BA . -54.66 -85.18 -21.44
O5 AHR BA . -67.84 -77.30 -19.93
C5 AHR BA . -67.88 -77.54 -21.34
C4 AHR BA . -66.97 -78.68 -21.73
O4 AHR BA . -65.61 -78.43 -21.33
C3 AHR BA . -66.88 -78.97 -23.24
O3 AHR BA . -68.03 -79.63 -23.75
C2 AHR BA . -65.60 -79.79 -23.29
O2 AHR BA . -64.98 -79.77 -24.56
C1 AHR BA . -64.74 -79.24 -22.14
O5 AHR CA . 0.91 -7.01 0.97
C5 AHR CA . 0.62 -7.17 2.35
C4 AHR CA . -0.19 -6.01 2.89
O4 AHR CA . 0.51 -4.76 2.67
C3 AHR CA . -0.48 -6.04 4.38
O3 AHR CA . -1.46 -6.99 4.77
C2 AHR CA . -0.87 -4.58 4.61
O2 AHR CA . -0.79 -4.20 5.97
C1 AHR CA . 0.05 -3.80 3.66
O5 FUB CA . 0.65 -10.38 2.97
C5 FUB CA . -0.17 -11.18 3.80
C4 FUB CA . -0.83 -10.36 4.89
O4 FUB CA . -1.62 -9.29 4.34
C3 FUB CA . 0.11 -9.65 5.87
O3 FUB CA . 0.73 -10.53 6.81
C2 FUB CA . -0.83 -8.64 6.49
O2 FUB CA . -0.17 -7.56 7.12
C1 FUB CA . -1.78 -8.27 5.33
O5 FUB CA . 1.17 -10.04 10.50
C5 FUB CA . 0.47 -9.09 11.29
C4 FUB CA . 0.18 -7.84 10.50
O4 FUB CA . -0.62 -8.12 9.33
C3 FUB CA . 1.39 -7.09 9.95
O3 FUB CA . 2.11 -6.38 10.94
C2 FUB CA . 0.73 -6.21 8.90
O2 FUB CA . 1.63 -5.76 7.90
C1 FUB CA . -0.46 -7.04 8.40
C1 GAL CA . 1.98 -4.41 8.21
C2 GAL CA . 2.89 -3.86 7.13
C3 GAL CA . 3.17 -2.38 7.33
C4 GAL CA . 1.88 -1.60 7.55
C5 GAL CA . 1.07 -2.24 8.67
C6 GAL CA . -0.27 -1.57 8.88
O2 GAL CA . 4.11 -4.60 7.10
O3 GAL CA . 3.86 -1.86 6.19
O4 GAL CA . 1.10 -1.60 6.36
O5 GAL CA . 0.80 -3.61 8.33
O6 GAL CA . -0.85 -1.98 10.12
O5 AHR CA . 3.42 -9.01 5.16
C5 AHR CA . 4.78 -8.61 5.05
C4 AHR CA . 5.05 -7.38 5.89
O4 AHR CA . 4.24 -6.27 5.47
C3 AHR CA . 6.47 -6.83 5.83
O3 AHR CA . 7.41 -7.61 6.58
C2 AHR CA . 6.27 -5.42 6.36
O2 AHR CA . 7.26 -4.51 5.94
C1 AHR CA . 4.82 -5.06 5.96
O5 FUB CA . 2.01 -13.85 4.34
C5 FUB CA . 1.63 -14.68 5.43
C4 FUB CA . 1.47 -13.87 6.69
O4 FUB CA . 0.46 -12.83 6.53
C3 FUB CA . 2.71 -13.12 7.17
O3 FUB CA . 3.67 -13.96 7.77
C2 FUB CA . 2.07 -12.10 8.12
O2 FUB CA . 2.91 -10.99 8.38
C1 FUB CA . 0.71 -11.79 7.49
O5 AHR CA . 6.90 -13.86 9.01
C5 AHR CA . 7.04 -12.60 9.68
C4 AHR CA . 5.73 -11.86 9.76
O4 AHR CA . 5.20 -11.59 8.44
C3 AHR CA . 5.77 -10.50 10.43
O3 AHR CA . 5.89 -10.58 11.85
C2 AHR CA . 4.46 -9.89 9.93
O2 AHR CA . 4.45 -8.47 10.00
C1 AHR CA . 4.26 -10.51 8.55
O5 FUB DA . 7.40 -3.91 1.51
C5 FUB DA . 6.12 -3.74 2.11
C4 FUB DA . 5.60 -2.33 1.92
O4 FUB DA . 4.32 -2.16 2.54
C3 FUB DA . 5.39 -1.88 0.47
O3 FUB DA . 6.60 -1.57 -0.20
C2 FUB DA . 4.45 -0.69 0.67
O2 FUB DA . 3.62 -0.46 -0.46
C1 FUB DA . 3.71 -0.98 1.99
C1 BMA DA . 3.95 -0.16 -1.79
C2 BMA DA . 2.67 0.06 -2.61
C3 BMA DA . 2.98 0.62 -3.98
C4 BMA DA . 3.86 1.84 -3.86
C5 BMA DA . 5.12 1.47 -3.10
C6 BMA DA . 6.06 2.65 -2.90
O2 BMA DA . 1.83 0.99 -1.91
O3 BMA DA . 1.76 0.98 -4.65
O4 BMA DA . 4.18 2.35 -5.17
O5 BMA DA . 4.76 1.00 -1.80
O6 BMA DA . 7.04 2.68 -3.96
C1 BMA DA . 4.82 3.10 -6.22
C2 BMA DA . 3.85 3.77 -7.18
C3 BMA DA . 4.58 4.71 -8.14
C4 BMA DA . 5.60 5.60 -7.45
C5 BMA DA . 6.51 4.74 -6.56
C6 BMA DA . 7.53 5.55 -5.78
O2 BMA DA . 2.82 4.50 -6.48
O3 BMA DA . 3.63 5.56 -8.81
O4 BMA DA . 6.38 6.29 -8.43
O5 BMA DA . 5.70 4.05 -5.62
O6 BMA DA . 8.31 4.67 -4.98
C1 NGA DA . 7.46 7.14 -8.89
C2 NGA DA . 7.05 7.92 -10.15
C3 NGA DA . 8.06 9.02 -10.47
C4 NGA DA . 8.41 9.85 -9.24
C5 NGA DA . 8.90 8.87 -8.18
C6 NGA DA . 9.41 9.53 -6.91
C7 NGA DA . 5.88 6.81 -12.03
C8 NGA DA . 6.08 5.81 -13.14
N2 NGA DA . 6.98 7.01 -11.27
O3 NGA DA . 7.52 9.79 -11.51
O4 NGA DA . 7.26 10.55 -8.82
O5 NGA DA . 7.84 8.00 -7.84
O6 NGA DA . 10.68 9.01 -6.60
O7 NGA DA . 4.82 7.39 -11.84
C1 MAN DA . 10.43 7.88 -5.78
C2 MAN DA . 11.31 7.84 -4.56
C3 MAN DA . 12.73 7.39 -4.88
C4 MAN DA . 12.71 6.11 -5.70
C5 MAN DA . 11.85 6.30 -6.95
C6 MAN DA . 11.72 5.05 -7.80
O2 MAN DA . 10.74 7.00 -3.56
O3 MAN DA . 13.46 7.19 -3.68
O4 MAN DA . 14.02 5.71 -6.08
O5 MAN DA . 10.51 6.68 -6.55
O6 MAN DA . 10.91 5.29 -8.94
C1 MAN DA . 15.13 4.84 -6.39
C2 MAN DA . 14.65 3.47 -6.83
C3 MAN DA . 14.20 2.61 -5.66
C4 MAN DA . 15.25 2.60 -4.56
C5 MAN DA . 15.61 4.02 -4.16
C6 MAN DA . 16.72 4.08 -3.13
O2 MAN DA . 15.67 2.81 -7.56
O3 MAN DA . 13.93 1.29 -6.10
O4 MAN DA . 14.79 1.88 -3.43
O5 MAN DA . 16.06 4.77 -5.31
O6 MAN DA . 17.09 5.43 -2.84
C1 MAN DA . 14.27 1.48 -2.17
C2 MAN DA . 15.39 1.07 -1.23
C3 MAN DA . 15.97 -0.28 -1.58
C4 MAN DA . 14.86 -1.31 -1.74
C5 MAN DA . 13.84 -0.82 -2.76
C6 MAN DA . 12.67 -1.77 -2.91
O2 MAN DA . 14.93 1.09 0.12
O3 MAN DA . 16.89 -0.69 -0.57
O4 MAN DA . 15.40 -2.55 -2.19
O5 MAN DA . 13.30 0.45 -2.33
O6 MAN DA . 11.69 -1.23 -3.80
C1 GAL DA . 17.85 -1.75 -0.29
C2 GAL DA . 18.36 -1.63 1.14
C3 GAL DA . 19.19 -2.85 1.53
C4 GAL DA . 18.47 -4.15 1.20
C5 GAL DA . 18.03 -4.15 -0.26
C6 GAL DA . 17.22 -5.37 -0.62
O2 GAL DA . 19.04 -0.40 1.36
O3 GAL DA . 19.53 -2.79 2.91
O4 GAL DA . 17.31 -4.28 2.04
O5 GAL DA . 17.20 -3.00 -0.50
O6 GAL DA . 17.83 -6.55 -0.13
C1 MAN DA . 19.77 0.38 2.33
C2 MAN DA . 20.26 1.71 1.75
C3 MAN DA . 21.49 1.54 0.88
C4 MAN DA . 22.56 0.75 1.60
C5 MAN DA . 21.99 -0.58 2.06
C6 MAN DA . 22.97 -1.41 2.85
O2 MAN DA . 20.50 2.63 2.81
O3 MAN DA . 22.00 2.84 0.54
O4 MAN DA . 23.65 0.50 0.72
O5 MAN DA . 20.85 -0.35 2.92
O6 MAN DA . 22.37 -2.60 3.36
O5 AHR DA . 26.30 2.70 2.84
C5 AHR DA . 25.76 4.02 2.84
C4 AHR DA . 24.32 4.01 2.38
O4 AHR DA . 24.21 3.49 1.04
C3 AHR DA . 23.64 5.38 2.30
O3 AHR DA . 23.29 5.91 3.57
C2 AHR DA . 22.46 5.07 1.39
O2 AHR DA . 21.97 6.20 0.70
C1 AHR DA . 22.94 3.92 0.49
O5 AHR DA . 24.32 9.85 0.91
C5 AHR DA . 23.98 10.21 2.25
C4 AHR DA . 23.93 8.99 3.14
O4 AHR DA . 22.95 8.04 2.67
C3 AHR DA . 23.53 9.24 4.60
O3 AHR DA . 24.58 9.83 5.37
C2 AHR DA . 23.13 7.84 5.04
O2 AHR DA . 22.24 7.83 6.13
C1 AHR DA . 22.62 7.16 3.76
O5 AHR DA . 15.84 -0.16 4.19
C5 AHR DA . 16.16 -1.16 5.16
C4 AHR DA . 16.86 -2.33 4.51
O4 AHR DA . 16.04 -2.95 3.51
C3 AHR DA . 17.24 -3.48 5.45
O3 AHR DA . 18.38 -3.19 6.26
C2 AHR DA . 17.46 -4.61 4.45
O2 AHR DA . 17.28 -5.89 5.02
C1 AHR DA . 16.55 -4.27 3.25
O5 AHR DA . 16.24 -10.59 4.23
C5 AHR DA . 15.56 -10.09 5.37
C4 AHR DA . 15.66 -8.58 5.46
O4 AHR DA . 17.03 -8.15 5.55
C3 AHR DA . 14.98 -7.95 6.68
O3 AHR DA . 13.56 -7.90 6.57
C2 AHR DA . 15.66 -6.57 6.69
O2 AHR DA . 15.64 -5.96 7.96
C1 AHR DA . 17.05 -6.82 6.07
O5 AHR DA . 15.99 -11.06 0.15
C5 AHR DA . 17.10 -10.89 1.03
C4 AHR DA . 17.50 -9.44 1.15
O4 AHR DA . 17.86 -8.89 -0.13
C3 AHR DA . 18.71 -9.15 2.04
O3 AHR DA . 18.42 -9.24 3.43
C2 AHR DA . 19.09 -7.76 1.57
O2 AHR DA . 20.44 -7.43 1.81
C1 AHR DA . 18.64 -7.71 0.10
C1 MAN DA . 11.48 -2.28 -4.76
C2 MAN DA . 12.09 -1.87 -6.10
C3 MAN DA . 11.26 -0.83 -6.81
C4 MAN DA . 9.81 -1.23 -6.87
C5 MAN DA . 9.29 -1.54 -5.48
C6 MAN DA . 7.85 -2.05 -5.48
O2 MAN DA . 12.26 -3.03 -6.91
O3 MAN DA . 11.78 -0.63 -8.12
O4 MAN DA . 9.02 -0.19 -7.43
O5 MAN DA . 10.09 -2.59 -4.87
O6 MAN DA . 7.44 -2.44 -4.17
C1 BMA DA . 10.98 5.19 -10.35
C2 BMA DA . 10.67 6.53 -11.00
C3 BMA DA . 10.69 6.35 -12.51
C4 BMA DA . 12.07 5.85 -12.91
C5 BMA DA . 12.36 4.55 -12.20
C6 BMA DA . 13.73 3.99 -12.59
O2 BMA DA . 11.64 7.52 -10.62
O3 BMA DA . 10.39 7.60 -13.14
O4 BMA DA . 12.13 5.68 -14.33
O5 BMA DA . 12.27 4.71 -10.78
O6 BMA DA . 14.74 5.00 -12.49
C1 BMA DA . 11.95 6.37 -15.57
C2 BMA DA . 12.03 5.38 -16.72
C3 BMA DA . 11.71 6.07 -18.03
C4 BMA DA . 10.34 6.73 -17.93
C5 BMA DA . 10.34 7.71 -16.77
C6 BMA DA . 8.97 8.36 -16.60
O2 BMA DA . 11.07 4.32 -16.49
O3 BMA DA . 11.72 5.09 -19.08
O4 BMA DA . 10.07 7.42 -19.15
O5 BMA DA . 10.69 7.05 -15.55
O6 BMA DA . 8.61 9.04 -17.80
C1 MAN DA . 12.34 4.37 -20.14
C2 MAN DA . 13.83 4.22 -19.88
C3 MAN DA . 14.58 5.53 -20.09
C4 MAN DA . 14.22 6.14 -21.43
C5 MAN DA . 12.72 6.30 -21.55
C6 MAN DA . 12.28 6.84 -22.90
O2 MAN DA . 14.37 3.19 -20.69
O3 MAN DA . 15.98 5.28 -20.02
O4 MAN DA . 14.84 7.42 -21.56
O5 MAN DA . 12.07 5.03 -21.38
O6 MAN DA . 10.86 6.88 -22.99
O5 AHR DA . 18.47 7.59 -18.33
C5 AHR DA . 18.45 8.76 -19.13
C4 AHR DA . 17.17 8.84 -19.93
O4 AHR DA . 17.03 7.70 -20.82
C3 AHR DA . 17.04 10.05 -20.87
O3 AHR DA . 16.74 11.25 -20.17
C2 AHR DA . 15.94 9.56 -21.81
O2 AHR DA . 15.96 10.21 -23.06
C1 AHR DA . 16.09 8.04 -21.84
C1 BMA DA . 8.32 10.12 -18.67
C2 BMA DA . 7.00 9.89 -19.39
C3 BMA DA . 6.62 11.09 -20.25
C4 BMA DA . 6.67 12.36 -19.42
C5 BMA DA . 8.02 12.49 -18.74
C6 BMA DA . 8.03 13.73 -17.84
O2 BMA DA . 5.98 9.68 -18.40
O3 BMA DA . 5.30 10.91 -20.78
O4 BMA DA . 6.46 13.49 -20.28
O5 BMA DA . 8.30 11.34 -17.94
O6 BMA DA . 9.13 13.63 -16.93
O5 AHR DA . 1.25 8.42 -22.16
C5 AHR DA . 0.99 9.80 -22.02
C4 AHR DA . 2.27 10.59 -21.92
O4 AHR DA . 3.05 10.20 -20.76
C3 AHR DA . 2.11 12.12 -21.76
O3 AHR DA . 1.73 12.76 -22.96
C2 AHR DA . 3.50 12.49 -21.24
O2 AHR DA . 3.51 13.73 -20.56
C1 AHR DA . 3.96 11.27 -20.43
O5 AHR DA . 12.06 14.90 -13.31
C5 AHR DA . 11.99 15.93 -14.28
C4 AHR DA . 10.89 15.66 -15.28
O4 AHR DA . 11.10 14.40 -15.96
C3 AHR DA . 10.73 16.67 -16.41
O3 AHR DA . 10.13 17.88 -15.99
C2 AHR DA . 9.92 15.86 -17.41
O2 AHR DA . 10.07 16.30 -18.75
C1 AHR DA . 10.30 14.40 -17.15
O5 AHR DA . 11.44 11.78 -8.06
C5 AHR DA . 12.20 11.92 -9.25
C4 AHR DA . 11.99 10.74 -10.17
O4 AHR DA . 12.41 9.50 -9.55
C3 AHR DA . 12.78 10.79 -11.49
O3 AHR DA . 12.22 11.68 -12.44
C2 AHR DA . 12.71 9.32 -11.91
O2 AHR DA . 13.73 8.95 -12.82
C1 AHR DA . 12.68 8.54 -10.59
O5 AHR DA . 17.74 8.14 -10.06
C5 AHR DA . 18.06 6.79 -9.77
C4 AHR DA . 17.41 5.85 -10.75
O4 AHR DA . 15.98 5.99 -10.74
C3 AHR DA . 17.65 4.36 -10.52
O3 AHR DA . 18.96 3.94 -10.89
C2 AHR DA . 16.54 3.76 -11.37
O2 AHR DA . 16.22 2.43 -11.02
C1 AHR DA . 15.38 4.77 -11.23
O5 FUB DA . 13.43 5.95 -0.15
C5 FUB DA . 12.60 4.79 -0.07
C4 FUB DA . 11.32 4.98 -0.84
O4 FUB DA . 11.58 5.28 -2.23
C3 FUB DA . 10.42 6.13 -0.39
O3 FUB DA . 9.72 5.84 0.83
C2 FUB DA . 9.52 6.30 -1.60
O2 FUB DA . 8.94 7.58 -1.70
C1 FUB DA . 10.39 5.86 -2.80
O5 AHR DA . 5.04 11.03 -15.47
C5 AHR DA . 6.30 11.68 -15.42
C4 AHR DA . 7.18 11.11 -14.33
O4 AHR DA . 6.57 11.27 -13.04
C3 AHR DA . 8.56 11.76 -14.17
O3 AHR DA . 9.47 11.38 -15.19
C2 AHR DA . 8.93 11.29 -12.77
O2 AHR DA . 9.85 12.16 -12.13
C1 AHR DA . 7.59 11.10 -12.04
O5 FUB DA . -1.80 4.30 -4.61
C5 FUB DA . -1.62 2.99 -5.13
C4 FUB DA . -0.49 2.95 -6.13
O4 FUB DA . 0.76 3.34 -5.52
C3 FUB DA . -0.63 3.89 -7.33
O3 FUB DA . -1.53 3.40 -8.31
C2 FUB DA . 0.82 4.01 -7.78
O2 FUB DA . 1.11 5.28 -8.33
C1 FUB DA . 1.68 3.59 -6.57
O5 AHR DA . -0.66 2.52 -13.09
C5 AHR DA . -1.23 1.38 -12.45
C4 AHR DA . -1.77 1.74 -11.10
O4 AHR DA . -0.74 2.27 -10.23
C3 AHR DA . -2.38 0.59 -10.29
O3 AHR DA . -3.66 0.18 -10.78
C2 AHR DA . -2.40 1.20 -8.89
O2 AHR DA . -2.46 0.22 -7.87
C1 AHR DA . -1.17 2.12 -8.86
O5 AHR DA . 5.30 -8.40 1.15
C5 AHR DA . 6.57 -8.34 0.51
C4 AHR DA . 7.33 -7.10 0.89
O4 AHR DA . 6.61 -5.91 0.52
C3 AHR DA . 8.70 -6.93 0.22
O3 AHR DA . 9.70 -7.78 0.77
C2 AHR DA . 8.95 -5.45 0.45
O2 AHR DA . 9.88 -4.89 -0.44
C1 AHR DA . 7.54 -4.82 0.41
C1 GAL EA . -3.51 -4.53 -3.01
C2 GAL EA . -3.41 -3.84 -4.35
C3 GAL EA . -3.51 -4.81 -5.51
C4 GAL EA . -2.57 -6.00 -5.32
C5 GAL EA . -2.81 -6.63 -3.96
C6 GAL EA . -1.88 -7.77 -3.66
O2 GAL EA . -4.42 -2.84 -4.45
O3 GAL EA . -3.23 -4.12 -6.73
O4 GAL EA . -1.22 -5.56 -5.36
O5 GAL EA . -2.61 -5.64 -2.94
O6 GAL EA . -0.58 -7.30 -3.33
C1 BMA EA . -0.38 -5.37 -6.54
C2 BMA EA . 0.64 -4.25 -6.41
C3 BMA EA . 1.22 -4.03 -7.79
C4 BMA EA . 1.87 -5.32 -8.29
C5 BMA EA . 0.89 -6.50 -8.20
C6 BMA EA . 1.62 -7.81 -8.47
O2 BMA EA . 1.68 -4.63 -5.51
O3 BMA EA . 2.22 -3.00 -7.73
O4 BMA EA . 2.27 -5.15 -9.64
O5 BMA EA . 0.26 -6.58 -6.92
O6 BMA EA . 0.71 -8.90 -8.34
C2 BGC EA . 2.21 -4.49 -11.96
C3 BGC EA . 3.06 -4.10 -13.16
C4 BGC EA . 4.14 -3.10 -12.77
C5 BGC EA . 4.94 -3.61 -11.59
C6 BGC EA . 5.95 -2.61 -11.08
C1 BGC EA . 3.07 -4.91 -10.79
O2 BGC EA . 1.31 -5.54 -12.30
O3 BGC EA . 2.22 -3.54 -14.17
O4 BGC EA . 5.01 -2.87 -13.87
O5 BGC EA . 4.05 -3.90 -10.50
O6 BGC EA . 6.67 -3.12 -9.97
O5 AHR EA . 6.69 -5.61 -17.49
C5 AHR EA . 7.52 -4.48 -17.26
C4 AHR EA . 7.13 -3.75 -16.00
O4 AHR EA . 5.77 -3.31 -16.05
C3 AHR EA . 7.94 -2.49 -15.68
O3 AHR EA . 9.23 -2.76 -15.17
C2 AHR EA . 7.00 -1.78 -14.71
O2 AHR EA . 7.14 -0.37 -14.73
C1 AHR EA . 5.59 -2.30 -15.04
C1 MAN EA . 6.80 1.00 -14.93
C2 MAN EA . 7.66 1.55 -16.05
C3 MAN EA . 9.11 1.68 -15.65
C4 MAN EA . 9.25 2.42 -14.33
C5 MAN EA . 8.41 1.74 -13.26
C6 MAN EA . 8.44 2.46 -11.94
O2 MAN EA . 7.12 2.78 -16.51
O3 MAN EA . 9.84 2.37 -16.67
O4 MAN EA . 10.61 2.41 -13.91
O5 MAN EA . 7.03 1.69 -13.69
O6 MAN EA . 7.57 1.83 -10.99
O5 AHR EA . 3.27 5.55 -18.21
C5 AHR EA . 4.40 5.64 -19.07
C4 AHR EA . 5.39 4.53 -18.79
O4 AHR EA . 5.85 4.59 -17.41
C3 AHR EA . 6.68 4.56 -19.62
O3 AHR EA . 6.48 4.13 -20.96
C2 AHR EA . 7.57 3.65 -18.77
O2 AHR EA . 8.95 3.81 -19.06
C1 AHR EA . 7.15 3.98 -17.34
O5 AHR EA . 6.52 8.26 -23.69
C5 AHR EA . 6.81 7.11 -24.47
C4 AHR EA . 6.49 5.84 -23.72
O4 AHR EA . 7.26 5.74 -22.51
C3 AHR EA . 6.79 4.54 -24.46
O3 AHR EA . 5.85 4.25 -25.49
C2 AHR EA . 6.80 3.54 -23.31
O2 AHR EA . 7.53 2.37 -23.60
C1 AHR EA . 7.31 4.36 -22.11
O5 AHR EA . 4.08 0.15 -21.03
C5 AHR EA . 4.67 -0.74 -21.96
C4 AHR EA . 5.91 -0.13 -22.57
O4 AHR EA . 5.60 1.10 -23.27
C3 AHR EA . 6.63 -0.99 -23.62
O3 AHR EA . 7.37 -2.06 -23.06
C2 AHR EA . 7.48 0.07 -24.32
O2 AHR EA . 7.82 -0.29 -25.64
C1 AHR EA . 6.69 1.37 -24.17
O5 AHR EA . 12.88 0.03 -17.01
C5 AHR EA . 13.19 -0.45 -15.72
C4 AHR EA . 12.25 -1.55 -15.29
O4 AHR EA . 10.88 -1.10 -15.27
C3 AHR EA . 12.47 -2.13 -13.89
O3 AHR EA . 13.62 -2.97 -13.83
C2 AHR EA . 11.15 -2.83 -13.66
O2 AHR EA . 10.87 -3.07 -12.29
C1 AHR EA . 10.12 -1.95 -14.41
O5 AHR EA . 17.80 -0.88 -12.08
C5 AHR EA . 17.46 -2.06 -11.38
C4 AHR EA . 16.42 -2.87 -12.13
O4 AHR EA . 15.21 -2.13 -12.30
C3 AHR EA . 15.98 -4.17 -11.46
O3 AHR EA . 16.96 -5.21 -11.56
C2 AHR EA . 14.69 -4.45 -12.24
O2 AHR EA . 13.83 -5.37 -11.61
C1 AHR EA . 14.12 -3.05 -12.49
O5 FUB EA . 10.01 -6.94 -9.84
C5 FUB EA . 10.67 -8.19 -9.96
C4 FUB EA . 11.84 -8.11 -10.90
O4 FUB EA . 12.81 -7.15 -10.46
C3 FUB EA . 11.52 -7.69 -12.33
O3 FUB EA . 10.91 -8.71 -13.10
C2 FUB EA . 12.90 -7.28 -12.83
O2 FUB EA . 12.85 -6.37 -13.92
C1 FUB EA . 13.64 -6.79 -11.58
O5 AHR EA . -3.36 -4.91 -11.03
C5 AHR EA . -3.20 -6.03 -11.90
C4 AHR EA . -1.74 -6.39 -12.08
O4 AHR EA . -0.99 -5.29 -12.62
C3 AHR EA . -1.46 -7.55 -13.04
O3 AHR EA . -1.78 -8.82 -12.50
C2 AHR EA . 0.03 -7.33 -13.29
O2 AHR EA . 0.46 -7.92 -14.51
C1 AHR EA . 0.22 -5.81 -13.17
C1 MAN EA . 0.56 -8.76 -15.65
C2 MAN EA . 1.46 -9.95 -15.32
C3 MAN EA . 2.93 -9.55 -15.26
C4 MAN EA . 3.34 -8.74 -16.47
C5 MAN EA . 2.41 -7.54 -16.64
C6 MAN EA . 2.72 -6.73 -17.88
O2 MAN EA . 1.18 -11.10 -16.10
O3 MAN EA . 3.73 -10.73 -15.17
O4 MAN EA . 4.67 -8.28 -16.33
O5 MAN EA . 1.04 -7.99 -16.76
O6 MAN EA . 1.76 -5.68 -18.04
C1 MAN EA . 0.70 -11.70 -17.33
C2 MAN EA . 1.70 -11.93 -18.45
C3 MAN EA . 1.64 -10.86 -19.52
C4 MAN EA . 0.22 -10.62 -19.98
C5 MAN EA . -0.67 -10.32 -18.79
C6 MAN EA . -2.13 -10.16 -19.17
O2 MAN EA . 1.48 -13.22 -19.02
O3 MAN EA . 2.47 -11.24 -20.62
O4 MAN EA . 0.17 -9.52 -20.88
O5 MAN EA . -0.61 -11.41 -17.84
O6 MAN EA . -2.94 -9.97 -18.01
C1 MAN EA . 1.89 -5.50 -4.37
C2 MAN EA . 1.94 -4.74 -3.07
C3 MAN EA . 3.27 -4.05 -2.86
C4 MAN EA . 4.42 -5.02 -3.07
C5 MAN EA . 4.31 -5.67 -4.44
C6 MAN EA . 5.38 -6.72 -4.67
O2 MAN EA . 1.66 -5.62 -1.98
O3 MAN EA . 3.32 -3.53 -1.53
O4 MAN EA . 5.66 -4.33 -2.99
O5 MAN EA . 3.04 -6.35 -4.56
O6 MAN EA . 5.19 -7.39 -5.92
O5 AHR EA . -7.92 -0.03 -2.39
C5 AHR EA . -8.09 -0.14 -3.80
C4 AHR EA . -7.21 -1.23 -4.38
O4 AHR EA . -5.82 -0.98 -4.10
C3 AHR EA . -7.27 -1.38 -5.91
O3 AHR EA . -8.45 -2.04 -6.35
C2 AHR EA . -5.98 -2.16 -6.16
O2 AHR EA . -5.51 -2.02 -7.48
C1 AHR EA . -5.02 -1.69 -5.06
O5 AHR FA . 0.73 8.46 3.41
C5 AHR FA . 0.08 9.13 2.34
C4 AHR FA . 1.01 9.33 1.16
O4 AHR FA . 2.18 10.07 1.55
C3 AHR FA . 0.44 10.12 -0.01
O3 AHR FA . -0.50 9.40 -0.80
C2 AHR FA . 1.72 10.50 -0.75
O2 AHR FA . 1.56 11.58 -1.63
C1 AHR FA . 2.73 10.73 0.39
O5 FUB FA . -3.09 8.49 2.60
C5 FUB FA . -4.09 8.22 1.61
C4 FUB FA . -3.69 8.78 0.27
O4 FUB FA . -2.43 8.23 -0.17
C3 FUB FA . -3.49 10.29 0.20
O3 FUB FA . -4.70 11.04 0.22
C2 FUB FA . -2.70 10.40 -1.11
O2 FUB FA . -2.00 11.63 -1.24
C1 FUB FA . -1.86 9.12 -1.14
O5 FUB FA . -5.69 13.94 -1.93
C5 FUB FA . -5.06 14.32 -3.15
C4 FUB FA . -3.58 14.02 -3.11
O4 FUB FA . -3.33 12.61 -2.89
C3 FUB FA . -2.78 14.71 -2.01
O3 FUB FA . -2.56 16.09 -2.26
C2 FUB FA . -1.51 13.86 -1.99
O2 FUB FA . -0.79 13.95 -0.78
C1 FUB FA . -1.99 12.45 -2.39
C1 GAL FA . 0.30 14.83 -0.99
C2 GAL FA . 1.15 14.91 0.25
C3 GAL FA . 2.42 15.72 0.04
C4 GAL FA . 3.16 15.26 -1.22
C5 GAL FA . 2.20 15.25 -2.41
C6 GAL FA . 2.84 14.72 -3.67
O2 GAL FA . 0.39 15.45 1.33
O3 GAL FA . 3.28 15.60 1.17
O4 GAL FA . 3.67 13.95 -1.02
O5 GAL FA . 1.09 14.39 -2.11
O6 GAL FA . 2.05 15.01 -4.80
O5 AHR FA . -2.89 12.25 2.96
C5 AHR FA . -2.58 13.22 3.95
C4 AHR FA . -1.79 14.37 3.36
O4 AHR FA . -0.54 13.90 2.80
C3 AHR FA . -1.38 15.47 4.34
O3 AHR FA . -2.45 16.33 4.71
C2 AHR FA . -0.26 16.14 3.56
O2 AHR FA . 0.66 16.83 4.38
C1 AHR FA . 0.34 15.03 2.68
O5 FUB FA . -6.91 9.16 3.43
C5 FUB FA . -8.07 9.35 2.61
C4 FUB FA . -7.79 10.35 1.51
O4 FUB FA . -6.69 9.91 0.67
C3 FUB FA . -7.37 11.76 1.96
O3 FUB FA . -8.46 12.52 2.46
C2 FUB FA . -6.75 12.30 0.68
O2 FUB FA . -5.89 13.39 0.90
C1 FUB FA . -6.12 11.06 0.02
O5 AHR FA . -9.10 15.53 4.02
C5 AHR FA . -8.20 16.49 3.46
C4 AHR FA . -7.45 15.90 2.28
O4 AHR FA . -6.65 14.77 2.68
C3 AHR FA . -6.45 16.84 1.60
O3 AHR FA . -7.06 17.83 0.79
C2 AHR FA . -5.60 15.83 0.83
O2 AHR FA . -4.32 16.33 0.49
C1 AHR FA . -5.61 14.57 1.70
O5 FUB GA . 2.89 14.17 7.20
C5 FUB GA . 2.93 13.78 5.84
C4 FUB GA . 4.33 13.77 5.29
O4 FUB GA . 4.35 13.37 3.91
C3 FUB GA . 5.31 12.80 5.98
O3 FUB GA . 5.75 13.27 7.24
C2 FUB GA . 6.40 12.70 4.92
O2 FUB GA . 7.11 11.48 4.98
C1 FUB GA . 5.70 12.98 3.59
C1 BMA GA . 7.87 10.91 6.03
C2 BMA GA . 8.49 9.59 5.57
C3 BMA GA . 9.50 9.07 6.57
C4 BMA GA . 10.51 10.16 6.90
C5 BMA GA . 9.77 11.38 7.41
C6 BMA GA . 10.70 12.54 7.74
O2 BMA GA . 9.13 9.80 4.31
O3 BMA GA . 10.17 7.94 6.02
O4 BMA GA . 11.44 9.66 7.88
O5 BMA GA . 8.88 11.85 6.40
O6 BMA GA . 11.07 12.49 9.12
C1 BMA GA . 12.49 9.65 8.86
C2 BMA GA . 13.55 8.57 8.64
C3 BMA GA . 14.73 8.73 9.60
C4 BMA GA . 15.20 10.18 9.73
C5 BMA GA . 14.01 11.09 10.00
C6 BMA GA . 14.37 12.56 10.08
O2 BMA GA . 14.03 8.60 7.28
O3 BMA GA . 15.84 7.94 9.16
O4 BMA GA . 16.15 10.27 10.80
O5 BMA GA . 13.07 10.94 8.94
O6 BMA GA . 13.19 13.33 10.33
C1 NGA GA . 17.01 10.98 11.72
C2 NGA GA . 18.24 10.12 12.07
C3 NGA GA . 19.31 10.95 12.79
C4 NGA GA . 19.57 12.28 12.09
C5 NGA GA . 18.22 12.99 11.97
C6 NGA GA . 18.31 14.39 11.40
C7 NGA GA . 18.04 7.72 12.64
C8 NGA GA . 17.53 6.78 13.70
N2 NGA GA . 17.85 9.03 12.92
O3 NGA GA . 20.45 10.16 12.91
O4 NGA GA . 20.16 12.01 10.84
O5 NGA GA . 17.38 12.21 11.15
O6 NGA GA . 17.62 15.29 12.24
O7 NGA GA . 18.57 7.34 11.62
C1 MAN GA . 16.29 15.27 11.75
C2 MAN GA . 15.72 16.67 11.64
C3 MAN GA . 15.31 17.25 12.98
C4 MAN GA . 14.44 16.26 13.75
C5 MAN GA . 15.16 14.93 13.87
C6 MAN GA . 14.35 13.87 14.58
O2 MAN GA . 14.62 16.67 10.73
O3 MAN GA . 14.60 18.47 12.78
O4 MAN GA . 14.12 16.77 15.04
O5 MAN GA . 15.46 14.42 12.55
O6 MAN GA . 15.06 12.65 14.67
C1 MAN GA . 13.34 17.02 16.24
C2 MAN GA . 12.28 15.95 16.43
C3 MAN GA . 11.08 16.14 15.52
C4 MAN GA . 10.58 17.57 15.60
C5 MAN GA . 11.71 18.55 15.31
C6 MAN GA . 11.28 19.99 15.46
O2 MAN GA . 11.88 15.93 17.80
O3 MAN GA . 10.06 15.23 15.88
O4 MAN GA . 9.51 17.77 14.67
O5 MAN GA . 12.79 18.34 16.24
O6 MAN GA . 12.39 20.88 15.27
C1 MAN GA . 8.72 18.13 13.55
C2 MAN GA . 7.89 19.37 13.87
C3 MAN GA . 6.73 19.08 14.80
C4 MAN GA . 5.93 17.88 14.29
C5 MAN GA . 6.85 16.68 14.09
C6 MAN GA . 6.12 15.49 13.51
O2 MAN GA . 7.43 19.96 12.65
O3 MAN GA . 5.90 20.23 14.91
O4 MAN GA . 4.92 17.54 15.23
O5 MAN GA . 7.89 17.02 13.16
O6 MAN GA . 7.04 14.42 13.25
C1 GAL GA . 4.75 20.71 15.65
C2 GAL GA . 4.26 22.03 15.08
C3 GAL GA . 2.93 22.45 15.69
C4 GAL GA . 1.91 21.32 15.62
C5 GAL GA . 2.50 20.06 16.24
C6 GAL GA . 1.59 18.87 16.13
O2 GAL GA . 5.26 23.05 15.19
O3 GAL GA . 2.42 23.62 15.03
O4 GAL GA . 1.56 21.06 14.27
O5 GAL GA . 3.72 19.72 15.55
O6 GAL GA . 0.25 19.21 16.50
C1 MAN GA . 5.46 24.44 14.97
C2 MAN GA . 6.84 24.89 15.39
C3 MAN GA . 6.92 25.23 16.87
C4 MAN GA . 5.80 26.16 17.27
C5 MAN GA . 4.46 25.57 16.86
C6 MAN GA . 3.28 26.49 17.15
O2 MAN GA . 7.25 26.01 14.60
O3 MAN GA . 8.18 25.84 17.16
O4 MAN GA . 5.80 26.36 18.68
O5 MAN GA . 4.45 25.34 15.44
O6 MAN GA . 2.06 25.94 16.67
O5 AHR GA . 6.71 30.30 18.48
C5 AHR GA . 7.96 30.35 17.82
C4 AHR GA . 8.29 29.02 17.18
O4 AHR GA . 8.35 27.96 18.16
C3 AHR GA . 9.64 28.94 16.46
O3 AHR GA . 9.65 29.61 15.21
C2 AHR GA . 9.83 27.43 16.37
O2 AHR GA . 11.19 27.05 16.26
C1 AHR GA . 9.08 26.87 17.59
O5 AHR GA . 14.20 30.13 16.88
C5 AHR GA . 14.03 30.79 15.63
C4 AHR GA . 12.57 30.87 15.24
O4 AHR GA . 11.99 29.56 15.13
C3 AHR GA . 12.27 31.54 13.89
O3 AHR GA . 12.40 32.94 13.92
C2 AHR GA . 10.86 31.02 13.64
O2 AHR GA . 10.51 31.02 12.27
C1 AHR GA . 10.79 29.66 14.35
O5 AHR GA . 4.65 22.86 10.95
C5 AHR GA . 3.35 23.39 10.77
C4 AHR GA . 2.46 23.05 11.94
O4 AHR GA . 2.33 21.62 12.11
C3 AHR GA . 1.01 23.54 11.85
O3 AHR GA . 0.88 24.93 12.11
C2 AHR GA . 0.33 22.65 12.88
O2 AHR GA . -1.05 22.47 12.65
C1 AHR GA . 1.17 21.35 12.92
O5 AHR GA . -5.00 19.71 13.34
C5 AHR GA . -4.92 20.17 12.00
C4 AHR GA . -3.58 20.79 11.71
O4 AHR GA . -3.32 21.92 12.58
C3 AHR GA . -3.39 21.36 10.30
O3 AHR GA . -3.20 20.36 9.31
C2 AHR GA . -2.19 22.27 10.52
O2 AHR GA . -2.11 23.31 9.56
C1 AHR GA . -2.29 22.72 11.98
O5 AHR GA . -3.86 16.68 15.87
C5 AHR GA . -4.13 18.05 16.09
C4 AHR GA . -2.88 18.88 16.01
O4 AHR GA . -1.90 18.46 17.00
C3 AHR GA . -3.04 20.38 16.27
O3 AHR GA . -3.63 21.08 15.19
C2 AHR GA . -1.60 20.78 16.59
O2 AHR GA . -1.50 21.96 17.36
C1 AHR GA . -0.96 19.52 17.19
C1 MAN GA . 6.46 13.29 13.93
C2 MAN GA . 7.28 12.95 15.16
C3 MAN GA . 8.58 12.27 14.79
C4 MAN GA . 8.34 11.12 13.84
C5 MAN GA . 7.57 11.59 12.62
C6 MAN GA . 7.22 10.47 11.67
O2 MAN GA . 6.51 12.14 16.04
O3 MAN GA . 9.22 11.81 15.98
O4 MAN GA . 9.58 10.57 13.41
O5 MAN GA . 6.33 12.19 13.04
O6 MAN GA . 6.40 10.93 10.61
C1 BMA GA . 15.50 11.73 15.65
C2 BMA GA . 17.00 11.53 15.57
C3 BMA GA . 17.41 10.49 16.59
C4 BMA GA . 17.00 10.97 17.98
C5 BMA GA . 15.49 11.20 17.99
C6 BMA GA . 15.02 11.68 19.36
O2 BMA GA . 17.70 12.76 15.84
O3 BMA GA . 18.83 10.27 16.52
O4 BMA GA . 17.37 10.01 18.97
O5 BMA GA . 15.12 12.14 16.97
O6 BMA GA . 15.84 12.76 19.84
C1 BMA GA . 18.49 9.30 19.48
C2 BMA GA . 18.01 8.25 20.48
C3 BMA GA . 19.16 7.40 20.95
C4 BMA GA . 19.85 6.77 19.75
C5 BMA GA . 20.31 7.87 18.80
C6 BMA GA . 20.95 7.27 17.55
O2 BMA GA . 17.03 7.42 19.85
O3 BMA GA . 18.67 6.38 21.83
O4 BMA GA . 20.97 6.00 20.19
O5 BMA GA . 19.21 8.69 18.41
O6 BMA GA . 22.06 6.46 17.92
C1 MAN GA . 18.36 5.86 23.11
C2 MAN GA . 18.00 6.98 24.08
C3 MAN GA . 19.23 7.77 24.51
C4 MAN GA . 20.33 6.85 24.99
C5 MAN GA . 20.65 5.81 23.92
C6 MAN GA . 21.69 4.81 24.35
O2 MAN GA . 17.32 6.46 25.21
O3 MAN GA . 18.86 8.68 25.55
O4 MAN GA . 21.51 7.60 25.26
O5 MAN GA . 19.45 5.07 23.59
O6 MAN GA . 21.87 3.80 23.36
O5 AHR GA . 20.15 12.24 25.83
C5 AHR GA . 21.54 12.07 26.08
C4 AHR GA . 22.01 10.71 25.64
O4 AHR GA . 21.31 9.66 26.35
C3 AHR GA . 23.49 10.41 25.91
O3 AHR GA . 24.36 11.06 25.00
C2 AHR GA . 23.49 8.87 25.80
O2 AHR GA . 24.56 8.28 26.49
C1 AHR GA . 22.08 8.45 26.24
C1 BMA GA . 23.42 6.05 18.05
C2 BMA GA . 23.58 4.60 17.57
C3 BMA GA . 25.04 4.18 17.61
C4 BMA GA . 25.89 5.18 16.86
C5 BMA GA . 25.65 6.59 17.39
C6 BMA GA . 26.45 7.60 16.58
O2 BMA GA . 23.09 4.51 16.24
O3 BMA GA . 25.18 2.88 17.01
O4 BMA GA . 27.27 4.85 17.02
O5 BMA GA . 24.27 6.92 17.31
O6 BMA GA . 25.93 8.91 16.81
O5 AHR GA . 23.72 -1.57 15.42
C5 AHR GA . 24.97 -1.19 14.86
C4 AHR GA . 25.56 -0.01 15.58
O4 AHR GA . 24.70 1.14 15.49
C3 AHR GA . 26.92 0.49 15.04
O3 AHR GA . 28.00 -0.35 15.40
C2 AHR GA . 26.96 1.88 15.67
O2 AHR GA . 27.83 2.76 14.98
C1 AHR GA . 25.48 2.32 15.73
O5 AHR GA . 25.49 13.70 16.38
C5 AHR GA . 26.81 13.34 16.75
C4 AHR GA . 27.02 11.85 16.64
O4 AHR GA . 26.11 11.13 17.49
C3 AHR GA . 28.40 11.33 17.04
O3 AHR GA . 29.41 11.60 16.08
C2 AHR GA . 28.11 9.85 17.26
O2 AHR GA . 29.01 9.21 18.14
C1 AHR GA . 26.62 9.80 17.66
O5 AHR GA . 20.66 15.74 13.18
C5 AHR GA . 21.18 15.50 14.48
C4 AHR GA . 20.46 14.35 15.17
O4 AHR GA . 19.06 14.64 15.32
C3 AHR GA . 20.94 14.02 16.57
O3 AHR GA . 22.18 13.31 16.59
C2 AHR GA . 19.76 13.22 17.09
O2 AHR GA . 19.68 13.17 18.51
C1 AHR GA . 18.54 13.81 16.38
O5 AHR GA . 17.58 17.43 19.86
C5 AHR GA . 16.20 17.38 20.18
C4 AHR GA . 15.76 15.98 20.52
O4 AHR GA . 15.99 15.07 19.42
C3 AHR GA . 14.28 15.80 20.85
O3 AHR GA . 13.93 16.30 22.13
C2 AHR GA . 14.14 14.30 20.69
O2 AHR GA . 12.80 13.88 20.51
C1 AHR GA . 15.10 13.95 19.55
O5 FUB GA . 12.13 20.38 10.73
C5 FUB GA . 11.10 19.50 10.31
C4 FUB GA . 11.66 18.19 9.82
O4 FUB GA . 12.44 17.54 10.84
C3 FUB GA . 12.62 18.27 8.63
O3 FUB GA . 11.96 18.52 7.39
C2 FUB GA . 13.31 16.92 8.72
O2 FUB GA . 14.57 16.89 8.10
C1 FUB GA . 13.29 16.57 10.21
O5 AHR GA . 23.30 6.28 13.38
C5 AHR GA . 23.78 7.36 14.15
C4 AHR GA . 22.77 8.49 14.21
O4 AHR GA . 22.47 8.99 12.89
C3 AHR GA . 23.20 9.73 14.99
O3 AHR GA . 23.16 9.55 16.41
C2 AHR GA . 22.21 10.76 14.47
O2 AHR GA . 22.69 12.09 14.55
C1 AHR GA . 21.86 10.29 13.04
O5 FUB GA . 13.57 6.72 2.63
C5 FUB GA . 12.55 6.06 3.36
C4 FUB GA . 12.80 6.14 4.84
O4 FUB GA . 12.81 7.52 5.29
C3 FUB GA . 14.13 5.58 5.33
O3 FUB GA . 14.13 4.16 5.42
C2 FUB GA . 14.30 6.29 6.67
O2 FUB GA . 15.65 6.55 7.00
C1 FUB GA . 13.38 7.52 6.61
O5 AHR GA . 15.07 1.28 9.32
C5 AHR GA . 13.82 0.95 8.72
C4 AHR GA . 13.68 1.60 7.36
O4 AHR GA . 13.75 3.04 7.45
C3 AHR GA . 12.37 1.33 6.63
O3 AHR GA . 12.29 0.02 6.08
C2 AHR GA . 12.40 2.45 5.58
O2 AHR GA . 11.12 2.76 5.07
C1 AHR GA . 13.13 3.60 6.28
O5 AHR GA . -0.94 11.05 6.80
C5 AHR GA . -0.76 11.49 8.14
C4 AHR GA . 0.19 12.67 8.21
O4 AHR GA . 1.48 12.33 7.67
C3 AHR GA . 0.49 13.20 9.61
O3 AHR GA . -0.58 13.95 10.17
C2 AHR GA . 1.75 14.01 9.34
O2 AHR GA . 2.53 14.23 10.50
C1 AHR GA . 2.45 13.25 8.20
C1 GAL HA . 4.91 3.68 2.22
C2 GAL HA . 6.06 3.09 3.01
C3 GAL HA . 5.60 1.93 3.88
C4 GAL HA . 4.37 2.29 4.68
C5 GAL HA . 3.29 2.82 3.76
C6 GAL HA . 2.05 3.27 4.49
O2 GAL HA . 7.09 2.67 2.13
O3 GAL HA . 6.68 1.53 4.73
O4 GAL HA . 4.68 3.32 5.63
O5 GAL HA . 3.79 3.97 3.06
O6 GAL HA . 2.26 4.52 5.14
C1 BMA HA . 5.21 3.15 6.95
C2 BMA HA . 6.12 4.28 7.39
C3 BMA HA . 6.79 3.83 8.67
C4 BMA HA . 5.74 3.50 9.72
C5 BMA HA . 4.71 2.51 9.19
C6 BMA HA . 3.54 2.40 10.16
O2 BMA HA . 5.34 5.45 7.66
O3 BMA HA . 7.65 4.87 9.16
O4 BMA HA . 6.38 2.93 10.86
O5 BMA HA . 4.19 2.91 7.91
O6 BMA HA . 2.56 1.51 9.63
C2 BGC HA . 7.88 1.57 12.18
C3 BGC HA . 8.63 1.47 13.50
C4 BGC HA . 9.32 2.78 13.84
C5 BGC HA . 8.33 3.94 13.78
C6 BGC HA . 8.99 5.28 13.98
C1 BGC HA . 6.98 2.78 12.15
O2 BGC HA . 7.12 0.40 11.94
O3 BGC HA . 9.59 0.42 13.41
O4 BGC HA . 9.87 2.71 15.15
O5 BGC HA . 7.72 3.97 12.47
O6 BGC HA . 8.03 6.34 13.91
O5 AHR HA . 8.60 0.53 19.27
C5 AHR HA . 9.48 1.61 19.51
C4 AHR HA . 9.70 2.43 18.26
O4 AHR HA . 10.24 1.63 17.19
C3 AHR HA . 10.69 3.59 18.39
O3 AHR HA . 10.15 4.71 19.08
C2 AHR HA . 11.05 3.85 16.93
O2 AHR HA . 12.34 4.40 16.76
C1 AHR HA . 10.80 2.51 16.21
C1 MAN HA . 13.70 4.50 16.36
C2 MAN HA . 14.57 4.50 17.61
C3 MAN HA . 14.43 5.79 18.40
C4 MAN HA . 14.60 7.00 17.50
C5 MAN HA . 13.63 6.92 16.33
C6 MAN HA . 13.79 8.05 15.35
O2 MAN HA . 15.93 4.24 17.26
O3 MAN HA . 15.40 5.82 19.46
O4 MAN HA . 14.32 8.19 18.24
O5 MAN HA . 13.86 5.69 15.59
O6 MAN HA . 12.92 7.89 14.22
O5 AHR HA . 19.42 1.44 14.96
C5 AHR HA . 19.74 1.67 16.31
C4 AHR HA . 18.54 2.16 17.09
O4 AHR HA . 18.04 3.40 16.54
C3 AHR HA . 18.77 2.48 18.57
O3 AHR HA . 18.90 1.31 19.37
C2 AHR HA . 17.55 3.33 18.87
O2 AHR HA . 17.70 4.11 20.04
C1 AHR HA . 17.34 4.12 17.56
O5 AHR HA . 23.75 0.89 20.32
C5 AHR HA . 22.96 0.19 21.27
C4 AHR HA . 21.53 0.05 20.82
O4 AHR HA . 20.91 1.34 20.62
C3 AHR HA . 20.59 -0.67 21.78
O3 AHR HA . 20.78 -2.09 21.80
C2 AHR HA . 19.23 -0.23 21.24
O2 AHR HA . 18.20 -0.32 22.21
C1 AHR HA . 19.49 1.19 20.68
O5 AHR HA . 15.46 -1.67 18.44
C5 AHR HA . 14.95 -2.18 19.67
C4 AHR HA . 15.64 -1.55 20.85
O4 AHR HA . 17.06 -1.82 20.83
C3 AHR HA . 15.20 -2.06 22.23
O3 AHR HA . 13.93 -1.55 22.64
C2 AHR HA . 16.36 -1.60 23.10
O2 AHR HA . 16.51 -2.37 24.28
C1 AHR HA . 17.57 -1.59 22.15
O5 AHR HA . 13.13 6.87 22.38
C5 AHR HA . 12.16 7.78 21.88
C4 AHR HA . 11.07 7.06 21.13
O4 AHR HA . 11.58 6.31 20.02
C3 AHR HA . 9.98 7.94 20.51
O3 AHR HA . 9.09 8.48 21.48
C2 AHR HA . 9.35 6.97 19.52
O2 AHR HA . 8.63 7.62 18.49
C1 AHR HA . 10.52 6.08 19.08
O5 AHR HA . 10.03 13.13 23.03
C5 AHR HA . 8.70 12.98 22.56
C4 AHR HA . 8.32 11.52 22.45
O4 AHR HA . 9.17 10.83 21.50
C3 AHR HA . 6.90 11.23 21.95
O3 AHR HA . 5.91 11.49 22.94
C2 AHR HA . 7.04 9.76 21.56
O2 AHR HA . 6.01 9.29 20.71
C1 AHR HA . 8.47 9.67 21.01
O5 FUB HA . 4.20 7.39 17.06
C5 FUB HA . 3.04 7.34 17.87
C4 FUB HA . 3.38 7.53 19.33
O4 FUB HA . 4.03 8.80 19.57
C3 FUB HA . 4.34 6.51 19.94
O3 FUB HA . 3.74 5.24 20.17
C2 FUB HA . 4.80 7.23 21.19
O2 FUB HA . 6.05 6.78 21.67
C1 FUB HA . 4.71 8.72 20.83
O5 AHR HA . 7.57 -1.68 7.55
C5 AHR HA . 6.87 -2.54 8.45
C4 AHR HA . 6.48 -1.79 9.71
O4 AHR HA . 7.65 -1.28 10.40
C3 AHR HA . 5.76 -2.62 10.78
O3 AHR HA . 4.40 -2.90 10.45
C2 AHR HA . 5.94 -1.73 12.00
O2 AHR HA . 5.83 -2.43 13.22
C1 AHR HA . 7.28 -1.01 11.76
C1 MAN HA . 5.48 -3.40 14.20
C2 MAN HA . 4.19 -2.97 14.89
C3 MAN HA . 4.41 -1.82 15.86
C4 MAN HA . 5.59 -2.09 16.77
C5 MAN HA . 6.83 -2.42 15.95
C6 MAN HA . 8.03 -2.77 16.81
O2 MAN HA . 3.44 -4.07 15.42
O3 MAN HA . 3.23 -1.61 16.63
O4 MAN HA . 5.86 -0.94 17.58
O5 MAN HA . 6.57 -3.56 15.11
O6 MAN HA . 9.13 -3.16 16.00
C1 MAN HA . 3.22 -5.29 16.13
C2 MAN HA . 3.75 -5.25 17.55
C3 MAN HA . 5.20 -5.68 17.63
C4 MAN HA . 5.43 -7.00 16.91
C5 MAN HA . 4.92 -6.90 15.48
C6 MAN HA . 5.03 -8.20 14.72
O2 MAN HA . 2.93 -6.06 18.39
O3 MAN HA . 5.57 -5.81 19.00
O4 MAN HA . 6.80 -7.32 16.89
O5 MAN HA . 3.52 -6.54 15.48
O6 MAN HA . 4.47 -8.09 13.42
C1 MAN HA . 4.09 6.05 7.27
C2 MAN HA . 4.30 7.21 6.30
C3 MAN HA . 4.74 8.47 7.00
C4 MAN HA . 3.84 8.77 8.18
C5 MAN HA . 3.76 7.57 9.12
C6 MAN HA . 2.81 7.80 10.27
O2 MAN HA . 3.09 7.44 5.57
O3 MAN HA . 4.73 9.55 6.08
O4 MAN HA . 4.34 9.90 8.91
O5 MAN HA . 3.29 6.43 8.40
O6 MAN HA . 2.68 6.62 11.07
O5 AHR HA . 9.16 2.61 -2.36
C5 AHR HA . 9.59 1.52 -1.56
C4 AHR HA . 8.75 1.37 -0.32
O4 AHR HA . 8.77 2.57 0.48
C3 AHR HA . 9.19 0.26 0.65
O3 AHR HA . 8.85 -1.04 0.20
C2 AHR HA . 8.47 0.70 1.93
O2 AHR HA . 9.06 0.19 3.09
C1 AHR HA . 8.41 2.23 1.83
O5 AHR IA . 14.08 15.09 -1.38
C5 AHR IA . 15.16 14.16 -1.30
C4 AHR IA . 15.72 14.06 0.10
O4 AHR IA . 16.16 15.36 0.56
C3 AHR IA . 16.93 13.16 0.28
O3 AHR IA . 16.63 11.77 0.25
C2 AHR IA . 17.47 13.67 1.62
O2 AHR IA . 18.81 13.31 1.85
C1 AHR IA . 17.18 15.18 1.57
O5 FUB IA . 14.69 11.98 -3.68
C5 FUB IA . 14.90 10.57 -3.73
C4 FUB IA . 15.89 10.13 -2.68
O4 FUB IA . 15.46 10.50 -1.35
C3 FUB IA . 17.30 10.70 -2.79
O3 FUB IA . 18.07 10.14 -3.85
C2 FUB IA . 17.84 10.40 -1.40
O2 FUB IA . 18.97 11.18 -1.05
C1 FUB IA . 16.61 10.53 -0.48
O5 FUB IA . 21.63 8.98 -3.78
C5 FUB IA . 22.39 8.73 -2.61
C4 FUB IA . 21.99 9.66 -1.49
O4 FUB IA . 20.59 9.51 -1.16
C3 FUB IA . 22.16 11.14 -1.77
O3 FUB IA . 23.51 11.57 -1.73
C2 FUB IA . 21.28 11.73 -0.67
O2 FUB IA . 20.85 13.05 -0.94
C1 FUB IA . 20.16 10.70 -0.47
C1 GAL IA . 21.67 13.94 -0.18
C2 GAL IA . 21.22 15.37 -0.38
C3 GAL IA . 21.95 16.34 0.52
C4 GAL IA . 21.95 15.86 1.96
C5 GAL IA . 22.45 14.42 2.04
C6 GAL IA . 22.39 13.85 3.43
O2 GAL IA . 21.37 15.73 -1.76
O3 GAL IA . 21.36 17.63 0.44
O4 GAL IA . 20.63 15.91 2.48
O5 GAL IA . 21.63 13.58 1.21
O6 GAL IA . 23.15 12.64 3.53
O5 AHR IA . 18.02 13.57 -4.54
C5 AHR IA . 18.53 14.75 -5.16
C4 AHR IA . 19.75 15.26 -4.43
O4 AHR IA . 19.45 15.59 -3.07
C3 AHR IA . 20.37 16.55 -5.00
O3 AHR IA . 21.10 16.34 -6.20
C2 AHR IA . 21.21 17.00 -3.81
O2 AHR IA . 21.47 18.39 -3.82
C1 AHR IA . 20.47 16.47 -2.57
O5 FUB IA . 15.29 10.16 -7.16
C5 FUB IA . 15.86 8.91 -7.52
C4 FUB IA . 17.17 8.68 -6.81
O4 FUB IA . 17.00 8.72 -5.38
C3 FUB IA . 18.26 9.72 -7.09
O3 FUB IA . 18.86 9.56 -8.37
C2 FUB IA . 19.20 9.47 -5.92
O2 FUB IA . 20.07 10.55 -5.66
C1 FUB IA . 18.26 9.06 -4.77
O5 AHR IA . 21.10 11.13 -10.46
C5 AHR IA . 22.13 11.67 -9.65
C4 AHR IA . 21.98 11.22 -8.21
O4 AHR IA . 20.73 11.66 -7.65
C3 AHR IA . 23.03 11.74 -7.23
O3 AHR IA . 24.29 11.11 -7.37
C2 AHR IA . 22.33 11.48 -5.90
O2 AHR IA . 22.83 12.28 -4.84
C1 AHR IA . 20.83 11.64 -6.22
O5 FUB JA . 17.80 20.92 -3.47
C5 FUB JA . 17.95 19.91 -2.48
C4 FUB JA . 18.05 20.51 -1.09
O4 FUB JA . 18.21 19.47 -0.10
C3 FUB JA . 16.84 21.30 -0.62
O3 FUB JA . 16.76 22.59 -1.21
C2 FUB JA . 17.06 21.31 0.89
O2 FUB JA . 15.86 21.43 1.63
C1 FUB JA . 17.87 20.03 1.18
C1 BMA JA . 14.87 22.44 1.64
C2 BMA JA . 13.78 22.13 2.66
C3 BMA JA . 12.84 23.31 2.86
C4 BMA JA . 13.65 24.56 3.17
C5 BMA JA . 14.65 24.79 2.05
C6 BMA JA . 15.52 26.02 2.28
O2 BMA JA . 14.39 21.80 3.90
O3 BMA JA . 11.95 23.03 3.94
O4 BMA JA . 12.76 25.67 3.33
O5 BMA JA . 15.52 23.67 1.94
O6 BMA JA . 14.93 27.16 1.66
C1 BMA JA . 12.30 27.03 3.46
C2 BMA JA . 11.33 27.26 4.61
C3 BMA JA . 11.02 28.74 4.81
C4 BMA JA . 12.27 29.61 4.77
C5 BMA JA . 13.09 29.27 3.53
C6 BMA JA . 14.40 30.06 3.44
O2 BMA JA . 11.82 26.69 5.82
O3 BMA JA . 10.37 28.94 6.07
O4 BMA JA . 11.89 30.99 4.75
O5 BMA JA . 13.43 27.89 3.56
O6 BMA JA . 15.09 29.66 2.26
C1 NGA JA . 12.13 32.42 4.65
C2 NGA JA . 11.12 33.20 5.50
C3 NGA JA . 11.53 34.67 5.64
C4 NGA JA . 13.01 34.80 6.01
C5 NGA JA . 13.81 34.05 4.96
C6 NGA JA . 15.31 34.17 5.10
C7 NGA JA . 8.71 32.66 5.48
C8 NGA JA . 7.47 32.72 4.61
N2 NGA JA . 9.82 33.14 4.89
O3 NGA JA . 10.68 35.26 6.57
O4 NGA JA . 13.19 34.29 7.31
O5 NGA JA . 13.45 32.69 5.04
O6 NGA JA . 15.87 34.56 3.87
O7 NGA JA . 8.68 32.23 6.62
C1 MAN JA . 16.13 33.33 3.20
C2 MAN JA . 17.51 33.31 2.58
C3 MAN JA . 17.56 34.12 1.28
C4 MAN JA . 16.43 33.73 0.36
C5 MAN JA . 15.10 33.86 1.08
C6 MAN JA . 13.91 33.44 0.24
O2 MAN JA . 17.93 31.97 2.35
O3 MAN JA . 18.82 33.91 0.65
O4 MAN JA . 16.43 34.54 -0.82
O5 MAN JA . 15.10 33.03 2.26
O6 MAN JA . 12.70 33.59 0.96
C1 MAN JA . 16.26 34.88 -2.21
C2 MAN JA . 15.28 33.94 -2.90
C3 MAN JA . 15.89 32.60 -3.23
C4 MAN JA . 17.22 32.77 -3.95
C5 MAN JA . 18.15 33.65 -3.13
C6 MAN JA . 19.46 33.93 -3.84
O2 MAN JA . 14.77 34.57 -4.08
O3 MAN JA . 14.98 31.84 -4.02
O4 MAN JA . 17.83 31.50 -4.17
O5 MAN JA . 17.53 34.93 -2.90
O6 MAN JA . 20.26 34.83 -3.10
C1 MAN JA . 18.64 30.33 -4.11
C2 MAN JA . 19.72 30.38 -5.18
C3 MAN JA . 19.18 30.12 -6.56
C4 MAN JA . 18.33 28.86 -6.58
C5 MAN JA . 17.24 28.95 -5.52
C6 MAN JA . 16.39 27.70 -5.43
O2 MAN JA . 20.76 29.45 -4.85
O3 MAN JA . 20.26 30.00 -7.49
O4 MAN JA . 17.72 28.68 -7.85
O5 MAN JA . 17.82 29.16 -4.22
O6 MAN JA . 15.43 27.79 -4.38
C1 GAL JA . 20.52 29.87 -8.91
C2 GAL JA . 21.98 29.60 -9.18
C3 GAL JA . 22.24 29.22 -10.63
C4 GAL JA . 21.29 28.14 -11.10
C5 GAL JA . 19.85 28.54 -10.80
C6 GAL JA . 18.85 27.46 -11.16
O2 GAL JA . 22.81 30.67 -8.72
O3 GAL JA . 23.60 28.83 -10.82
O4 GAL JA . 21.58 26.91 -10.42
O5 GAL JA . 19.70 28.79 -9.40
O6 GAL JA . 19.13 26.91 -12.45
C1 MAN JA . 24.12 31.25 -8.78
C2 MAN JA . 24.41 32.54 -8.02
C3 MAN JA . 24.16 33.77 -8.87
C4 MAN JA . 24.86 33.65 -10.21
C5 MAN JA . 24.45 32.36 -10.90
C6 MAN JA . 25.17 32.13 -12.22
O2 MAN JA . 25.75 32.52 -7.53
O3 MAN JA . 24.64 34.92 -8.18
O4 MAN JA . 24.51 34.76 -11.05
O5 MAN JA . 24.76 31.24 -10.06
O6 MAN JA . 24.81 30.87 -12.78
O5 AHR JA . 28.26 36.29 -11.16
C5 AHR JA . 28.57 36.58 -9.81
C4 AHR JA . 27.59 35.93 -8.86
O4 AHR JA . 26.24 36.38 -9.11
C3 AHR JA . 27.80 36.20 -7.38
O3 AHR JA . 28.89 35.47 -6.83
C2 AHR JA . 26.44 35.81 -6.82
O2 AHR JA . 26.15 36.45 -5.58
C1 AHR JA . 25.44 36.09 -7.95
O5 AHR JA . 28.82 39.63 -4.28
C5 AHR JA . 29.90 38.79 -3.88
C4 AHR JA . 30.09 37.64 -4.83
O4 AHR JA . 28.90 36.82 -4.91
C3 AHR JA . 31.21 36.65 -4.48
O3 AHR JA . 32.50 37.15 -4.74
C2 AHR JA . 30.81 35.45 -5.33
O2 AHR JA . 31.32 34.22 -4.84
C1 AHR JA . 29.28 35.54 -5.45
O5 AHR JA . 24.28 27.39 -6.38
C5 AHR JA . 24.92 26.56 -7.34
C4 AHR JA . 24.22 26.62 -8.68
O4 AHR JA . 22.86 26.18 -8.58
C3 AHR JA . 24.83 25.75 -9.78
O3 AHR JA . 26.03 26.27 -10.33
C2 AHR JA . 23.65 25.68 -10.77
O2 AHR JA . 23.69 24.53 -11.59
C1 AHR JA . 22.39 25.85 -9.90
O5 AHR JA . 21.15 21.44 -14.35
C5 AHR JA . 22.07 20.74 -13.53
C4 AHR JA . 22.67 21.66 -12.49
O4 AHR JA . 23.36 22.77 -13.09
C3 AHR JA . 23.71 21.03 -11.55
O3 AHR JA . 23.14 20.18 -10.57
C2 AHR JA . 24.39 22.29 -11.00
O2 AHR JA . 25.70 22.04 -10.53
C1 AHR JA . 24.25 23.33 -12.11
O5 AHR JA . 17.32 22.90 -14.53
C5 AHR JA . 18.52 23.30 -15.16
C4 AHR JA . 19.23 24.38 -14.35
O4 AHR JA . 18.40 25.55 -14.20
C3 AHR JA . 20.53 24.91 -14.96
O3 AHR JA . 21.62 24.02 -14.83
C2 AHR JA . 20.68 26.22 -14.19
O2 AHR JA . 21.46 27.18 -14.85
C1 AHR JA . 19.24 26.65 -13.85
C1 MAN JA . 14.19 27.49 -5.00
C2 MAN JA . 13.35 28.75 -5.12
C3 MAN JA . 12.77 29.18 -3.79
C4 MAN JA . 12.08 28.01 -3.11
C5 MAN JA . 13.03 26.83 -2.99
C6 MAN JA . 12.37 25.60 -2.39
O2 MAN JA . 12.32 28.56 -6.09
O3 MAN JA . 11.84 30.24 -3.99
O4 MAN JA . 11.64 28.38 -1.81
O5 MAN JA . 13.51 26.45 -4.29
O6 MAN JA . 13.26 24.49 -2.41
C1 BMA JA . 11.44 34.24 0.84
C2 BMA JA . 11.18 35.13 2.04
C3 BMA JA . 9.81 35.75 1.89
C4 BMA JA . 9.77 36.55 0.60
C5 BMA JA . 10.08 35.62 -0.57
C6 BMA JA . 10.04 36.36 -1.91
O2 BMA JA . 12.17 36.18 2.12
O3 BMA JA . 9.54 36.59 3.02
O4 BMA JA . 8.48 37.15 0.43
O5 BMA JA . 11.35 34.99 -0.37
O6 BMA JA . 10.80 37.58 -1.83
C1 BMA JA . 7.54 38.02 1.06
C2 BMA JA . 6.24 38.01 0.27
C3 BMA JA . 5.19 38.82 1.00
C4 BMA JA . 5.01 38.29 2.41
C5 BMA JA . 6.35 38.33 3.13
C6 BMA JA . 6.23 37.74 4.53
O2 BMA JA . 5.78 36.66 0.14
O3 BMA JA . 3.96 38.76 0.29
O4 BMA JA . 4.06 39.09 3.11
O5 BMA JA . 7.33 37.59 2.41
O6 BMA JA . 5.25 38.48 5.28
C1 MAN JA . 3.01 39.23 -0.68
C2 MAN JA . 3.70 39.99 -1.79
C3 MAN JA . 4.19 41.35 -1.34
C4 MAN JA . 3.08 42.11 -0.64
C5 MAN JA . 2.50 41.29 0.49
C6 MAN JA . 1.34 41.94 1.18
O2 MAN JA . 2.85 40.09 -2.92
O3 MAN JA . 4.67 42.09 -2.47
O4 MAN JA . 3.59 43.34 -0.11
O5 MAN JA . 2.02 40.03 -0.02
O6 MAN JA . 0.77 41.09 2.17
O5 AHR JA . 7.75 44.29 -2.44
C5 AHR JA . 7.41 45.34 -1.55
C4 AHR JA . 6.27 44.94 -0.64
O4 AHR JA . 5.09 44.58 -1.39
C3 AHR JA . 5.79 46.00 0.34
O3 AHR JA . 6.67 46.21 1.44
C2 AHR JA . 4.41 45.45 0.73
O2 AHR JA . 3.53 46.43 1.19
C1 AHR JA . 3.96 44.65 -0.50
C1 BMA JA . 4.72 39.35 6.28
C2 BMA JA . 3.57 38.68 7.00
C3 BMA JA . 3.05 39.55 8.13
C4 BMA JA . 4.20 39.94 9.05
C5 BMA JA . 5.31 40.59 8.23
C6 BMA JA . 6.50 40.92 9.14
O2 BMA JA . 4.02 37.43 7.53
O3 BMA JA . 2.07 38.83 8.89
O4 BMA JA . 3.73 40.88 10.02
O5 BMA JA . 5.76 39.71 7.20
O6 BMA JA . 7.66 41.15 8.33
O5 AHR JA . -1.33 35.34 9.78
C5 AHR JA . -0.87 35.94 10.99
C4 AHR JA . -0.08 37.20 10.71
O4 AHR JA . 1.08 36.93 9.90
C3 AHR JA . 0.49 37.92 11.94
O3 AHR JA . -0.50 38.63 12.68
C2 AHR JA . 1.54 38.81 11.28
O2 AHR JA . 2.54 39.24 12.18
C1 AHR JA . 2.03 38.00 10.07
O5 AHR JA . 12.28 42.11 7.28
C5 AHR JA . 11.71 43.13 8.09
C4 AHR JA . 10.36 42.71 8.63
O4 AHR JA . 9.44 42.43 7.56
C3 AHR JA . 9.63 43.75 9.49
O3 AHR JA . 10.18 43.88 10.79
C2 AHR JA . 8.21 43.21 9.45
O2 AHR JA . 7.23 44.20 9.67
C1 AHR JA . 8.11 42.47 8.10
O5 AHR JA . 15.71 37.39 5.39
C5 AHR JA . 14.96 38.52 4.98
C4 AHR JA . 13.70 38.12 4.25
O4 AHR JA . 14.00 37.36 3.06
C3 AHR JA . 12.83 39.27 3.76
O3 AHR JA . 12.08 39.88 4.81
C2 AHR JA . 11.97 38.55 2.73
O2 AHR JA . 11.40 39.43 1.76
C1 AHR JA . 12.87 37.44 2.17
O5 AHR JA . 14.97 40.27 -1.53
C5 AHR JA . 14.92 39.53 -2.75
C4 AHR JA . 13.52 39.01 -3.00
O4 AHR JA . 13.09 38.14 -1.93
C3 AHR JA . 13.34 38.17 -4.26
O3 AHR JA . 13.34 38.95 -5.46
C2 AHR JA . 12.01 37.48 -3.96
O2 AHR JA . 11.79 36.33 -4.73
C1 AHR JA . 12.06 37.27 -2.44
O5 FUB JA . 21.53 31.50 -0.24
C5 FUB JA . 20.96 30.24 -0.54
C4 FUB JA . 19.89 29.86 0.46
O4 FUB JA . 18.84 30.86 0.50
C3 FUB JA . 20.34 29.75 1.91
O3 FUB JA . 21.08 28.56 2.18
C2 FUB JA . 19.00 29.83 2.65
O2 FUB JA . 19.13 30.27 3.98
C1 FUB JA . 18.12 30.70 1.74
O5 AHR JA . 6.71 36.23 9.16
C5 AHR JA . 7.40 37.43 8.79
C4 AHR JA . 8.48 37.15 7.78
O4 AHR JA . 9.46 36.24 8.30
C3 AHR JA . 9.30 38.36 7.32
O3 AHR JA . 8.61 39.20 6.42
C2 AHR JA . 10.53 37.67 6.73
O2 AHR JA . 11.68 38.48 6.75
C1 AHR JA . 10.64 36.34 7.50
O5 FUB JA . 11.75 22.71 8.89
C5 FUB JA . 10.94 22.28 7.81
C4 FUB JA . 10.48 23.46 6.98
O4 FUB JA . 11.59 24.19 6.42
C3 FUB JA . 9.69 24.53 7.74
O3 FUB JA . 8.34 24.16 7.97
C2 FUB JA . 9.86 25.74 6.83
O2 FUB JA . 9.90 26.97 7.55
C1 FUB JA . 11.09 25.44 5.96
O5 AHR JA . 4.20 26.52 6.65
C5 AHR JA . 4.18 25.16 6.21
C4 AHR JA . 5.28 24.36 6.88
O4 AHR JA . 6.59 24.91 6.57
C3 AHR JA . 5.39 22.89 6.47
O3 AHR JA . 4.36 22.08 7.04
C2 AHR JA . 6.79 22.56 6.95
O2 AHR JA . 7.35 21.43 6.31
C1 AHR JA . 7.58 23.88 6.79
O5 AHR JA . 15.33 17.04 -5.36
C5 AHR JA . 15.22 18.20 -6.18
C4 AHR JA . 16.21 19.26 -5.78
O4 AHR JA . 16.01 19.67 -4.40
C3 AHR JA . 16.15 20.56 -6.57
O3 AHR JA . 16.71 20.45 -7.87
C2 AHR JA . 16.91 21.51 -5.64
O2 AHR JA . 16.62 22.86 -5.86
C1 AHR JA . 16.59 20.98 -4.23
C1 GAL KA . 9.79 15.55 3.44
C2 GAL KA . 8.86 16.66 3.89
C3 GAL KA . 7.49 16.56 3.24
C4 GAL KA . 7.61 16.37 1.74
C5 GAL KA . 8.52 15.20 1.43
C6 GAL KA . 8.75 15.00 -0.04
O2 GAL KA . 8.73 16.64 5.31
O3 GAL KA . 6.73 17.72 3.57
O4 GAL KA . 8.17 17.54 1.15
O5 GAL KA . 9.81 15.45 2.02
O6 GAL KA . 9.64 15.97 -0.56
C1 BMA KA . 7.54 18.74 0.70
C2 BMA KA . 8.35 20.02 0.84
C3 BMA KA . 7.40 21.18 0.60
C4 BMA KA . 6.78 21.05 -0.77
C5 BMA KA . 6.14 19.68 -0.99
C6 BMA KA . 5.75 19.51 -2.45
O2 BMA KA . 9.39 20.05 -0.13
O3 BMA KA . 8.12 22.41 0.70
O4 BMA KA . 5.77 22.06 -0.91
O5 BMA KA . 7.03 18.62 -0.62
O6 BMA KA . 5.20 18.20 -2.64
C2 BGC KA . 3.92 23.51 -0.39
C3 BGC KA . 3.28 24.86 -0.68
C4 BGC KA . 4.31 25.96 -0.66
C5 BGC KA . 5.47 25.64 -1.59
C6 BGC KA . 6.59 26.65 -1.52
C1 BGC KA . 5.12 23.27 -1.28
O2 BGC KA . 2.98 22.45 -0.55
O3 BGC KA . 2.27 25.12 0.30
O4 BGC KA . 3.72 27.19 -1.09
O5 BGC KA . 6.03 24.37 -1.21
O6 BGC KA . 7.65 26.30 -2.40
O5 AHR KA . 0.23 28.35 -4.24
C5 AHR KA . 1.08 29.46 -3.96
C4 AHR KA . 2.30 29.05 -3.17
O4 AHR KA . 1.91 28.44 -1.92
C3 AHR KA . 3.24 30.18 -2.77
O3 AHR KA . 4.06 30.62 -3.86
C2 AHR KA . 4.01 29.53 -1.61
O2 AHR KA . 4.48 30.47 -0.68
C1 AHR KA . 3.07 28.46 -1.06
C1 MAN KA . 4.63 31.16 0.56
C2 MAN KA . 4.10 32.58 0.39
C3 MAN KA . 5.00 33.42 -0.49
C4 MAN KA . 6.44 33.33 -0.04
C5 MAN KA . 6.88 31.86 0.03
C6 MAN KA . 8.29 31.69 0.55
O2 MAN KA . 3.90 33.18 1.67
O3 MAN KA . 4.57 34.78 -0.47
O4 MAN KA . 7.29 34.01 -0.95
O5 MAN KA . 6.01 31.14 0.92
O6 MAN KA . 8.63 30.31 0.67
O5 AHR KA . 1.94 33.11 6.31
C5 AHR KA . 1.60 34.30 5.61
C4 AHR KA . 1.86 34.16 4.13
O4 AHR KA . 3.23 33.85 3.86
C3 AHR KA . 1.57 35.40 3.28
O3 AHR KA . 0.17 35.64 3.09
C2 AHR KA . 2.34 35.05 2.00
O2 AHR KA . 2.61 36.18 1.20
C1 AHR KA . 3.56 34.29 2.52
O5 AHR KA . -0.91 39.41 6.13
C5 AHR KA . -1.86 39.28 5.07
C4 AHR KA . -1.72 37.96 4.35
O4 AHR KA . -0.40 37.84 3.76
C3 AHR KA . -2.68 37.73 3.18
O3 AHR KA . -4.00 37.42 3.60
C2 AHR KA . -1.97 36.61 2.44
O2 AHR KA . -2.35 36.53 1.08
C1 AHR KA . -0.48 36.86 2.70
O5 AHR KA . -1.97 31.73 1.78
C5 AHR KA . -2.87 32.04 0.72
C4 AHR KA . -2.80 33.49 0.33
O4 AHR KA . -3.13 34.35 1.44
C3 AHR KA . -3.74 33.94 -0.78
O3 AHR KA . -3.33 33.52 -2.08
C2 AHR KA . -3.74 35.45 -0.58
O2 AHR KA . -4.89 36.09 -1.08
C1 AHR KA . -3.46 35.65 0.92
O5 AHR KA . 4.58 35.52 -4.24
C5 AHR KA . 5.69 34.84 -4.82
C4 AHR KA . 5.39 33.36 -5.00
O4 AHR KA . 5.08 32.74 -3.73
C3 AHR KA . 6.51 32.51 -5.58
O3 AHR KA . 6.70 32.72 -6.96
C2 AHR KA . 6.04 31.11 -5.19
O2 AHR KA . 7.08 30.16 -5.18
C1 AHR KA . 5.30 31.32 -3.86
O5 AHR KA . 10.35 35.88 -8.24
C5 AHR KA . 10.48 34.62 -8.88
C4 AHR KA . 9.21 33.82 -8.78
O4 AHR KA . 8.86 33.55 -7.41
C3 AHR KA . 9.23 32.45 -9.44
O3 AHR KA . 9.16 32.51 -10.87
C2 AHR KA . 8.01 31.80 -8.79
O2 AHR KA . 7.98 30.39 -8.88
C1 AHR KA . 8.02 32.38 -7.36
O5 FUB KA . 7.71 26.14 -7.46
C5 FUB KA . 7.45 25.88 -8.83
C4 FUB KA . 7.04 27.14 -9.56
O4 FUB KA . 8.08 28.14 -9.50
C3 FUB KA . 5.80 27.85 -9.03
O3 FUB KA . 4.59 27.20 -9.37
C2 FUB KA . 5.97 29.23 -9.66
O2 FUB KA . 5.28 30.24 -8.96
C1 FUB KA . 7.49 29.41 -9.80
O5 AHR KA . 2.68 19.18 3.05
C5 AHR KA . 1.61 19.04 2.13
C4 AHR KA . 1.84 19.85 0.87
O4 AHR KA . 1.97 21.25 1.18
C3 AHR KA . 0.73 19.80 -0.18
O3 AHR KA . 0.70 18.57 -0.90
C2 AHR KA . 1.08 21.02 -1.01
O2 AHR KA . -0.02 21.52 -1.74
C1 AHR KA . 1.74 21.99 -0.03
C1 MAN KA . -1.26 21.62 -2.43
C2 MAN KA . -1.04 21.35 -3.91
C3 MAN KA . -0.35 22.51 -4.62
C4 MAN KA . -1.02 23.82 -4.29
C5 MAN KA . -1.11 24.02 -2.78
C6 MAN KA . -1.84 25.27 -2.38
O2 MAN KA . -2.20 20.84 -4.58
O3 MAN KA . -0.36 22.28 -6.03
O4 MAN KA . -0.29 24.91 -4.85
O5 MAN KA . -1.83 22.91 -2.19
O6 MAN KA . -1.99 25.36 -0.96
C1 MAN KA . -3.57 20.96 -4.91
C2 MAN KA . -3.99 22.16 -5.74
C3 MAN KA . -4.59 23.26 -4.89
C4 MAN KA . -5.66 22.71 -3.96
C5 MAN KA . -5.10 21.57 -3.14
C6 MAN KA . -6.14 20.92 -2.24
O2 MAN KA . -4.91 21.74 -6.74
O3 MAN KA . -5.14 24.27 -5.74
O4 MAN KA . -6.12 23.74 -3.09
O5 MAN KA . -4.60 20.53 -4.01
O6 MAN KA . -5.61 19.80 -1.55
C1 MAN KA . 10.18 19.14 -0.93
C2 MAN KA . 11.59 19.00 -0.39
C3 MAN KA . 12.47 20.18 -0.79
C4 MAN KA . 12.37 20.46 -2.28
C5 MAN KA . 10.91 20.64 -2.68
C6 MAN KA . 10.75 20.83 -4.17
O2 MAN KA . 12.18 17.79 -0.85
O3 MAN KA . 13.82 19.92 -0.42
O4 MAN KA . 13.09 21.64 -2.60
O5 MAN KA . 10.16 19.46 -2.33
O6 MAN KA . 9.37 20.89 -4.53
O5 AHR KA . 10.27 15.07 9.72
C5 AHR KA . 8.93 15.54 9.76
C4 AHR KA . 8.38 15.75 8.37
O4 AHR KA . 9.19 16.68 7.61
C3 AHR KA . 6.96 16.34 8.29
O3 AHR KA . 5.95 15.38 8.62
C2 AHR KA . 6.94 16.84 6.85
O2 AHR KA . 5.97 17.84 6.63
C1 AHR KA . 8.39 17.22 6.55
O5 AHR LA . 21.08 23.11 10.00
C5 AHR LA . 20.13 23.57 10.95
C4 AHR LA . 19.46 24.85 10.48
O4 AHR LA . 20.45 25.88 10.25
C3 AHR LA . 18.49 25.49 11.46
O3 AHR LA . 17.24 24.81 11.56
C2 AHR LA . 18.40 26.90 10.89
O2 AHR LA . 17.90 27.84 11.81
C1 AHR LA . 19.83 27.17 10.39
O5 FUB LA . 19.05 20.96 12.59
C5 FUB LA . 17.77 20.61 13.07
C4 FUB LA . 16.89 21.83 13.23
O4 FUB LA . 16.76 22.55 11.98
C3 FUB LA . 17.37 22.89 14.22
O3 FUB LA . 17.21 22.51 15.58
C2 FUB LA . 16.52 24.08 13.79
O2 FUB LA . 17.03 25.32 14.23
C1 FUB LA . 16.38 23.91 12.27
O5 FUB LA . 15.87 24.57 18.42
C5 FUB LA . 15.14 25.77 18.29
C4 FUB LA . 15.59 26.56 17.07
O4 FUB LA . 15.43 25.79 15.86
C3 FUB LA . 17.06 26.97 17.06
O3 FUB LA . 17.35 28.05 17.94
C2 FUB LA . 17.24 27.31 15.58
O2 FUB LA . 18.58 27.27 15.15
C1 FUB LA . 16.28 26.35 14.85
C1 GAL LA . 19.06 28.61 15.08
C2 GAL LA . 20.49 28.64 14.58
C3 GAL LA . 20.98 30.06 14.34
C4 GAL LA . 19.99 30.85 13.52
C5 GAL LA . 18.60 30.77 14.15
C6 GAL LA . 17.55 31.47 13.33
O2 GAL LA . 21.34 27.95 15.50
O3 GAL LA . 22.24 30.01 13.68
O4 GAL LA . 19.92 30.33 12.19
O5 GAL LA . 18.20 29.40 14.25
O6 GAL LA . 16.34 31.66 14.08
O5 AHR LA . 20.64 23.14 15.27
C5 AHR LA . 21.92 23.45 15.78
C4 AHR LA . 22.03 24.92 16.12
O4 AHR LA . 21.83 25.74 14.94
C3 AHR LA . 23.39 25.38 16.65
O3 AHR LA . 23.62 25.01 18.01
C2 AHR LA . 23.30 26.89 16.42
O2 AHR LA . 24.57 27.51 16.31
C1 AHR LA . 22.38 27.04 15.19
O5 FUB LA . 18.69 18.44 15.64
C5 FUB LA . 17.63 18.18 16.56
C4 FUB LA . 17.06 19.46 17.12
O4 FUB LA . 16.56 20.32 16.08
C3 FUB LA . 18.05 20.34 17.89
O3 FUB LA . 18.36 19.85 19.18
C2 FUB LA . 17.30 21.68 17.88
O2 FUB LA . 18.14 22.78 18.13
C1 FUB LA . 16.55 21.68 16.55
O5 AHR LA . 20.46 20.47 21.84
C5 AHR LA . 20.57 21.88 21.96
C4 AHR LA . 19.61 22.59 21.03
O4 AHR LA . 19.89 22.26 19.65
C3 AHR LA . 19.64 24.11 21.06
O3 AHR LA . 19.03 24.66 22.22
C2 AHR LA . 18.94 24.44 19.75
O2 AHR LA . 19.24 25.74 19.28
C1 AHR LA . 19.31 23.28 18.82
O5 FUB MA . 26.98 26.09 12.83
C5 FUB MA . 25.66 26.52 12.52
C4 FUB MA . 25.67 27.71 11.58
O4 FUB MA . 24.33 28.13 11.27
C3 FUB MA . 26.31 27.47 10.21
O3 FUB MA . 27.72 27.44 10.24
C2 FUB MA . 25.72 28.62 9.40
O2 FUB MA . 25.63 28.35 8.02
C1 FUB MA . 24.38 28.94 10.09
C1 BMA MA . 26.65 28.04 7.09
C2 BMA MA . 26.04 27.88 5.71
C3 BMA MA . 27.11 27.77 4.63
C4 BMA MA . 28.09 28.94 4.76
C5 BMA MA . 28.67 28.92 6.17
C6 BMA MA . 29.65 30.07 6.40
O2 BMA MA . 25.22 29.02 5.43
O3 BMA MA . 26.50 27.81 3.34
O4 BMA MA . 29.12 28.80 3.77
O5 BMA MA . 27.62 29.07 7.12
O6 BMA MA . 30.98 29.63 6.12
C1 BMA MA . 30.35 29.03 3.05
C2 BMA MA . 30.18 29.21 1.54
C3 BMA MA . 31.49 29.62 0.89
C4 BMA MA . 32.22 30.73 1.65
C5 BMA MA . 32.33 30.34 3.12
C6 BMA MA . 33.00 31.41 3.97
O2 BMA MA . 29.15 30.17 1.25
O3 BMA MA . 31.23 30.09 -0.45
O4 BMA MA . 33.53 30.90 1.08
O5 BMA MA . 31.02 30.14 3.64
O6 BMA MA . 33.04 30.96 5.32
C1 NGA MA . 34.87 31.47 1.02
C2 NGA MA . 35.33 31.60 -0.44
C3 NGA MA . 36.59 32.46 -0.53
C4 NGA MA . 36.48 33.74 0.29
C5 NGA MA . 36.13 33.33 1.72
C6 NGA MA . 36.09 34.47 2.70
C7 NGA MA . 35.01 29.80 -2.09
C8 NGA MA . 35.47 28.41 -2.46
N2 NGA MA . 35.60 30.31 -0.99
O3 NGA MA . 36.84 32.69 -1.88
O4 NGA MA . 35.49 34.56 -0.30
O5 NGA MA . 34.87 32.69 1.69
O6 NGA MA . 36.88 34.15 3.83
O7 NGA MA . 34.16 30.40 -2.73
C1 MAN MA . 35.99 33.48 4.71
C2 MAN MA . 36.12 33.98 6.14
C3 MAN MA . 37.35 33.42 6.82
C4 MAN MA . 37.42 31.91 6.67
C5 MAN MA . 37.37 31.55 5.18
C6 MAN MA . 37.37 30.06 4.94
O2 MAN MA . 34.95 33.67 6.87
O3 MAN MA . 37.33 33.77 8.21
O4 MAN MA . 38.62 31.39 7.25
O5 MAN MA . 36.15 32.05 4.61
O6 MAN MA . 37.32 29.77 3.55
C1 MAN MA . 39.48 30.47 7.95
C2 MAN MA . 38.96 29.04 7.86
C3 MAN MA . 37.80 28.80 8.81
C4 MAN MA . 38.14 29.25 10.21
C5 MAN MA . 38.59 30.72 10.18
C6 MAN MA . 39.02 31.21 11.55
O2 MAN MA . 40.01 28.13 8.10
O3 MAN MA . 37.47 27.41 8.80
O4 MAN MA . 37.01 29.11 11.06
O5 MAN MA . 39.71 30.87 9.30
O6 MAN MA . 39.52 32.55 11.48
C1 MAN MA . 35.87 29.32 11.88
C2 MAN MA . 36.24 29.35 13.34
C3 MAN MA . 36.57 27.97 13.89
C4 MAN MA . 35.47 26.98 13.53
C5 MAN MA . 35.23 26.98 12.04
C6 MAN MA . 34.10 26.07 11.62
O2 MAN MA . 35.20 29.96 14.10
O3 MAN MA . 36.75 28.05 15.31
O4 MAN MA . 35.85 25.66 13.95
O5 MAN MA . 34.88 28.31 11.59
O6 MAN MA . 33.84 26.16 10.22
C1 GAL MA . 37.16 27.22 16.43
C2 GAL MA . 36.90 27.94 17.75
C3 GAL MA . 37.10 27.02 18.94
C4 GAL MA . 36.35 25.72 18.77
C5 GAL MA . 36.71 25.08 17.43
C6 GAL MA . 35.91 23.82 17.16
O2 GAL MA . 37.67 29.15 17.83
O3 GAL MA . 36.72 27.68 20.15
O4 GAL MA . 34.94 25.97 18.82
O5 GAL MA . 36.40 26.00 16.37
O6 GAL MA . 35.89 22.97 18.30
C1 MAN MA . 38.24 30.18 18.66
C2 MAN MA . 39.23 31.17 18.08
C3 MAN MA . 40.68 30.77 18.33
C4 MAN MA . 40.89 30.45 19.80
C5 MAN MA . 39.89 29.40 20.26
C6 MAN MA . 39.99 29.08 21.74
O2 MAN MA . 38.97 32.48 18.59
O3 MAN MA . 41.54 31.83 17.94
O4 MAN MA . 42.21 29.95 20.00
O5 MAN MA . 38.55 29.87 20.03
O6 MAN MA . 38.98 28.17 22.13
O5 AHR MA . 43.42 33.07 22.27
C5 AHR MA . 43.29 34.21 21.43
C4 AHR MA . 42.47 33.88 20.20
O4 AHR MA . 43.07 32.82 19.43
C3 AHR MA . 42.28 35.02 19.19
O3 AHR MA . 41.35 36.00 19.62
C2 AHR MA . 41.86 34.25 17.95
O2 AHR MA . 42.14 34.93 16.75
C1 AHR MA . 42.52 32.87 18.10
O5 AHR MA . 44.58 38.51 17.00
C5 AHR MA . 43.58 39.37 17.54
C4 AHR MA . 42.75 38.65 18.57
O4 AHR MA . 42.08 37.51 17.99
C3 AHR MA . 41.62 39.46 19.20
O3 AHR MA . 42.07 40.42 20.15
C2 AHR MA . 40.75 38.35 19.77
O2 AHR MA . 39.40 38.73 19.95
C1 AHR MA . 40.99 37.15 18.85
O5 AHR MA . 33.65 30.62 18.12
C5 AHR MA . 33.20 30.15 19.38
C4 AHR MA . 33.82 28.81 19.72
O4 AHR MA . 33.48 27.81 18.73
C3 AHR MA . 33.40 28.19 21.05
O3 AHR MA . 34.01 28.80 22.17
C2 AHR MA . 33.80 26.73 20.83
O2 AHR MA . 33.05 25.82 21.62
C1 AHR MA . 33.71 26.51 19.31
O5 AHR MA . 31.44 21.28 22.18
C5 AHR MA . 30.42 22.21 22.48
C4 AHR MA . 30.83 23.61 22.05
O4 AHR MA . 32.03 24.03 22.72
C3 AHR MA . 29.82 24.72 22.36
O3 AHR MA . 28.70 24.72 21.49
C2 AHR MA . 30.71 25.96 22.24
O2 AHR MA . 30.23 27.07 22.96
C1 AHR MA . 32.12 25.46 22.63
O5 AHR MA . 33.11 19.06 19.14
C5 AHR MA . 33.64 19.58 20.36
C4 AHR MA . 34.27 20.94 20.14
O4 AHR MA . 35.34 20.86 19.18
C3 AHR MA . 34.91 21.58 21.36
O3 AHR MA . 33.97 22.12 22.29
C2 AHR MA . 35.81 22.63 20.70
O2 AHR MA . 36.90 23.03 21.51
C1 AHR MA . 36.17 22.02 19.33
C1 MAN MA . 33.90 24.80 9.77
C2 MAN MA . 35.15 24.58 8.95
C3 MAN MA . 35.08 25.21 7.58
C4 MAN MA . 33.78 24.82 6.88
C5 MAN MA . 32.58 25.16 7.76
C6 MAN MA . 31.28 24.71 7.16
O2 MAN MA . 35.42 23.17 8.85
O3 MAN MA . 36.20 24.80 6.80
O4 MAN MA . 33.66 25.52 5.65
O5 MAN MA . 32.71 24.48 9.03
O6 MAN MA . 30.19 24.94 8.06
C1 BMA MA . 38.05 29.06 2.57
C2 BMA MA . 38.43 29.98 1.42
C3 BMA MA . 39.15 29.16 0.36
C4 BMA MA . 40.38 28.53 0.98
C5 BMA MA . 39.95 27.65 2.16
C6 BMA MA . 41.15 26.99 2.83
O2 BMA MA . 39.30 31.03 1.87
O3 BMA MA . 39.50 30.00 -0.74
O4 BMA MA . 41.08 27.74 0.02
O5 BMA MA . 39.21 28.43 3.12
O6 BMA MA . 42.19 27.93 3.09
C1 BMA MA . 41.70 27.83 -1.26
C2 BMA MA . 42.09 26.42 -1.72
C3 BMA MA . 42.63 26.47 -3.13
C4 BMA MA . 41.61 27.11 -4.05
C5 BMA MA . 41.28 28.50 -3.54
C6 BMA MA . 40.21 29.17 -4.40
O2 BMA MA . 40.93 25.59 -1.69
O3 BMA MA . 42.93 25.14 -3.56
O4 BMA MA . 42.15 27.21 -5.38
O5 BMA MA . 40.81 28.45 -2.19
O6 BMA MA . 40.66 29.25 -5.75
C1 MAN MA . 43.79 24.02 -3.75
C2 MAN MA . 44.87 24.00 -2.69
C3 MAN MA . 45.92 25.06 -2.91
C4 MAN MA . 46.43 25.03 -4.34
C5 MAN MA . 45.27 25.13 -5.31
C6 MAN MA . 45.70 25.03 -6.76
O2 MAN MA . 45.46 22.70 -2.62
O3 MAN MA . 47.00 24.87 -2.00
O4 MAN MA . 47.33 26.12 -4.57
O5 MAN MA . 44.34 24.06 -5.08
O6 MAN MA . 44.56 25.02 -7.64
O5 AHR MA . 48.81 27.68 -0.20
C5 AHR MA . 49.46 28.38 -1.24
C4 AHR MA . 48.82 28.10 -2.58
O4 AHR MA . 48.86 26.70 -2.90
C3 AHR MA . 49.46 28.78 -3.80
O3 AHR MA . 49.16 30.17 -3.89
C2 AHR MA . 48.89 27.93 -4.93
O2 AHR MA . 49.68 27.96 -6.09
C1 AHR MA . 48.66 26.54 -4.32
C1 BMA MA . 41.12 29.85 -6.96
C2 BMA MA . 40.30 29.33 -8.13
C3 BMA MA . 40.70 30.02 -9.43
C4 BMA MA . 40.64 31.53 -9.24
C5 BMA MA . 41.48 31.95 -8.04
C6 BMA MA . 41.36 33.45 -7.81
O2 BMA MA . 38.92 29.58 -7.87
O3 BMA MA . 39.81 29.64 -10.48
O4 BMA MA . 41.17 32.17 -10.42
O5 BMA MA . 41.03 31.26 -6.87
O6 BMA MA . 41.79 33.76 -6.49
O5 AHR MA . 36.50 26.81 -12.83
C5 AHR MA . 36.55 28.12 -13.38
C4 AHR MA . 37.76 28.87 -12.89
O4 AHR MA . 37.75 29.02 -11.45
C3 AHR MA . 37.92 30.30 -13.41
O3 AHR MA . 38.35 30.36 -14.76
C2 AHR MA . 38.92 30.86 -12.40
O2 AHR MA . 38.90 32.27 -12.33
C1 AHR MA . 38.60 30.12 -11.09
O5 AHR MA . 42.77 36.48 -2.61
C5 AHR MA . 43.43 36.97 -3.77
C4 AHR MA . 42.94 36.29 -5.01
O4 AHR MA . 43.15 34.87 -4.96
C3 AHR MA . 43.61 36.71 -6.32
O3 AHR MA . 43.20 37.98 -6.79
C2 AHR MA . 43.23 35.55 -7.23
O2 AHR MA . 44.12 35.36 -8.31
C1 AHR MA . 43.07 34.35 -6.29
O5 AHR MA . 38.90 35.98 2.13
C5 AHR MA . 40.16 35.58 1.60
C4 AHR MA . 40.16 34.11 1.23
O4 AHR MA . 39.90 33.28 2.38
C3 AHR MA . 41.47 33.57 0.64
O3 AHR MA . 41.68 33.98 -0.70
C2 AHR MA . 41.27 32.07 0.83
O2 AHR MA . 42.47 31.34 0.85
C1 AHR MA . 40.40 31.95 2.09
O5 AHR MA . 44.28 31.82 5.41
C5 AHR MA . 44.07 30.73 6.30
C4 AHR MA . 43.78 29.45 5.54
O4 AHR MA . 42.60 29.59 4.72
C3 AHR MA . 43.50 28.21 6.40
O3 AHR MA . 44.68 27.68 6.99
C2 AHR MA . 42.84 27.31 5.36
O2 AHR MA . 42.08 26.26 5.94
C1 AHR MA . 42.05 28.28 4.47
O5 FUB MA . 35.26 34.21 11.29
C5 FUB MA . 34.25 33.22 11.33
C4 FUB MA . 33.60 33.05 9.98
O4 FUB MA . 34.57 32.70 8.96
C3 FUB MA . 32.91 34.28 9.41
O3 FUB MA . 31.66 34.57 10.03
C2 FUB MA . 32.80 33.89 7.93
O2 FUB MA . 32.67 35.02 7.07
C1 FUB MA . 34.00 32.98 7.67
O5 AHR MA . 37.01 32.09 -6.68
C5 AHR MA . 38.21 32.68 -6.19
C4 AHR MA . 38.27 32.64 -4.68
O4 AHR MA . 37.16 33.35 -4.09
C3 AHR MA . 39.49 33.29 -4.04
O3 AHR MA . 40.67 32.50 -4.16
C2 AHR MA . 39.01 33.49 -2.61
O2 AHR MA . 39.68 34.54 -1.94
C1 AHR MA . 37.48 33.64 -2.72
O5 FUB MA . 24.34 31.08 0.20
C5 FUB MA . 24.37 29.67 0.36
C4 FUB MA . 25.79 29.15 0.23
O4 FUB MA . 26.65 29.71 1.24
C3 FUB MA . 26.49 29.46 -1.09
O3 FUB MA . 26.08 28.62 -2.16
C2 FUB MA . 27.96 29.32 -0.69
O2 FUB MA . 28.81 30.19 -1.40
C1 FUB MA . 28.00 29.44 0.84
O5 AHR MA . 28.82 25.67 -5.01
C5 AHR MA . 27.74 24.96 -4.42
C4 AHR MA . 26.73 25.91 -3.81
O4 AHR MA . 27.33 26.72 -2.78
C3 AHR MA . 25.53 25.26 -3.13
O3 AHR MA . 24.58 24.73 -4.05
C2 AHR MA . 25.02 26.42 -2.29
O2 AHR MA . 24.21 26.01 -1.20
C1 AHR MA . 26.29 27.22 -1.93
O5 AHR MA . 24.33 21.93 13.06
C5 AHR MA . 25.72 21.68 13.26
C4 AHR MA . 26.47 22.97 13.50
O4 AHR MA . 26.34 23.88 12.39
C3 AHR MA . 27.99 22.82 13.69
O3 AHR MA . 28.34 22.29 14.96
C2 AHR MA . 28.44 24.25 13.45
O2 AHR MA . 29.81 24.36 13.10
C1 AHR MA . 27.44 24.81 12.43
C1 GAL NA . 19.97 23.62 3.69
C2 GAL NA . 20.89 23.66 2.48
C3 GAL NA . 21.13 22.28 1.91
C4 GAL NA . 21.54 21.31 3.00
C5 GAL NA . 20.52 21.32 4.12
C6 GAL NA . 20.88 20.43 5.27
O2 GAL NA . 20.34 24.52 1.49
O3 GAL NA . 22.14 22.36 0.89
O4 GAL NA . 22.80 21.67 3.55
O5 GAL NA . 20.43 22.66 4.64
O6 GAL NA . 21.91 20.99 6.07
C1 BMA NA . 24.09 21.30 3.05
C2 BMA NA . 25.16 22.34 3.30
C3 BMA NA . 26.39 21.93 2.50
C4 BMA NA . 26.84 20.56 2.96
C5 BMA NA . 25.70 19.54 2.91
C6 BMA NA . 26.13 18.24 3.59
O2 BMA NA . 25.49 22.40 4.69
O3 BMA NA . 27.44 22.88 2.72
O4 BMA NA . 27.89 20.12 2.09
O5 BMA NA . 24.52 20.03 3.56
O6 BMA NA . 25.04 17.32 3.59
C2 BGC NA . 29.15 19.69 0.07
C3 BGC NA . 30.55 19.51 -0.51
C4 BGC NA . 31.49 20.58 0.01
C5 BGC NA . 31.46 20.63 1.54
C6 BGC NA . 32.29 21.75 2.11
C1 BGC NA . 29.19 19.83 1.59
O2 BGC NA . 28.30 18.61 -0.29
O3 BGC NA . 30.48 19.57 -1.93
O4 BGC NA . 32.82 20.29 -0.41
O5 BGC NA . 30.10 20.85 1.98
O6 BGC NA . 32.22 21.78 3.53
O5 AHR NA . 35.33 16.24 -1.21
C5 AHR NA . 36.20 17.35 -1.00
C4 AHR NA . 35.42 18.56 -0.52
O4 AHR NA . 34.42 18.94 -1.48
C3 AHR NA . 36.25 19.82 -0.32
O3 AHR NA . 37.01 19.80 0.89
C2 AHR NA . 35.16 20.90 -0.36
O2 AHR NA . 35.63 22.15 -0.80
C1 AHR NA . 34.02 20.28 -1.19
C1 MAN NA . 35.78 23.29 -1.63
C2 MAN NA . 37.19 23.29 -2.22
C3 MAN NA . 38.24 23.59 -1.17
C4 MAN NA . 37.88 24.82 -0.36
C5 MAN NA . 36.48 24.68 0.22
C6 MAN NA . 36.03 25.92 0.96
O2 MAN NA . 37.26 24.20 -3.31
O3 MAN NA . 39.52 23.75 -1.79
O4 MAN NA . 38.81 25.00 0.70
O5 MAN NA . 35.53 24.46 -0.83
O6 MAN NA . 34.69 25.78 1.43
O5 AHR NA . 35.55 25.95 -7.72
C5 AHR NA . 36.94 25.65 -7.76
C4 AHR NA . 37.36 24.79 -6.60
O4 AHR NA . 37.08 25.44 -5.34
C3 AHR NA . 38.84 24.44 -6.53
O3 AHR NA . 39.23 23.46 -7.49
C2 AHR NA . 38.96 24.00 -5.08
O2 AHR NA . 40.29 24.00 -4.60
C1 AHR NA . 37.98 24.92 -4.34
O5 AHR NA . 41.62 25.97 -11.04
C5 AHR NA . 41.97 24.60 -11.05
C4 AHR NA . 41.02 23.78 -10.20
O4 AHR NA . 41.04 24.23 -8.81
C3 AHR NA . 41.32 22.28 -10.11
O3 AHR NA . 40.96 21.58 -11.29
C2 AHR NA . 40.52 21.90 -8.87
O2 AHR NA . 40.99 20.71 -8.26
C1 AHR NA . 40.55 23.16 -7.99
O5 AHR NA . 36.28 19.87 -7.41
C5 AHR NA . 37.03 18.66 -7.47
C4 AHR NA . 38.51 18.93 -7.47
O4 AHR NA . 38.91 19.72 -8.61
C3 AHR NA . 39.42 17.70 -7.55
O3 AHR NA . 39.50 16.98 -6.33
C2 AHR NA . 40.73 18.33 -7.99
O2 AHR NA . 41.59 17.43 -8.68
C1 AHR NA . 40.32 19.58 -8.79
O5 AHR NA . 41.65 21.50 0.48
C5 AHR NA . 41.15 21.63 1.81
C4 AHR NA . 39.89 20.83 2.01
O4 AHR NA . 38.85 21.26 1.10
C3 AHR NA . 39.26 20.92 3.39
O3 AHR NA . 39.97 20.19 4.38
C2 AHR NA . 37.84 20.40 3.10
O2 AHR NA . 36.90 20.78 4.06
C1 AHR NA . 37.58 20.87 1.65
O5 AHR NA . 43.12 22.82 7.21
C5 AHR NA . 42.20 22.07 8.00
C4 AHR NA . 41.51 21.02 7.16
O4 AHR NA . 40.75 21.61 6.08
C3 AHR NA . 40.49 20.13 7.89
O3 AHR NA . 41.10 19.16 8.73
C2 AHR NA . 39.73 19.55 6.71
O2 AHR NA . 38.47 19.01 7.05
C1 AHR NA . 39.71 20.69 5.68
O5 FUB NA . 34.03 18.38 6.85
C5 FUB NA . 34.33 17.21 7.57
C4 FUB NA . 35.80 16.85 7.48
O4 FUB NA . 36.62 17.93 7.99
C3 FUB NA . 36.33 16.62 6.07
O3 FUB NA . 35.94 15.36 5.53
C2 FUB NA . 37.83 16.76 6.31
O2 FUB NA . 38.54 17.09 5.13
C1 FUB NA . 37.95 17.75 7.48
O5 AHR NA . 23.92 19.74 -2.12
C5 AHR NA . 24.22 18.35 -2.30
C4 AHR NA . 25.42 17.94 -1.49
O4 AHR NA . 26.59 18.69 -1.88
C3 AHR NA . 25.85 16.48 -1.63
O3 AHR NA . 25.01 15.57 -0.94
C2 AHR NA . 27.28 16.55 -1.09
O2 AHR NA . 28.10 15.50 -1.55
C1 AHR NA . 27.76 17.97 -1.44
C1 MAN NA . 28.54 14.24 -2.04
C2 MAN NA . 28.84 13.32 -0.86
C3 MAN NA . 30.13 13.69 -0.16
C4 MAN NA . 31.27 13.88 -1.15
C5 MAN NA . 30.86 14.89 -2.22
C6 MAN NA . 31.92 15.08 -3.28
O2 MAN NA . 28.70 11.93 -1.19
O3 MAN NA . 30.47 12.67 0.78
O4 MAN NA . 32.43 14.36 -0.47
O5 MAN NA . 29.67 14.44 -2.90
O6 MAN NA . 31.47 15.95 -4.31
C1 MAN NA . 28.85 11.08 -2.32
C2 MAN NA . 30.21 10.77 -2.91
C3 MAN NA . 30.58 11.69 -4.06
C4 MAN NA . 29.45 11.77 -5.08
C5 MAN NA . 28.14 12.14 -4.38
C6 MAN NA . 26.96 12.15 -5.33
O2 MAN NA . 30.27 9.40 -3.33
O3 MAN NA . 31.77 11.24 -4.68
O4 MAN NA . 29.74 12.73 -6.08
O5 MAN NA . 27.85 11.20 -3.35
O6 MAN NA . 25.75 12.43 -4.63
C1 MAN NA . 24.90 22.11 5.98
C2 MAN NA . 24.48 23.36 6.71
C3 MAN NA . 25.66 24.08 7.35
C4 MAN NA . 26.49 23.11 8.17
C5 MAN NA . 26.91 21.92 7.32
C6 MAN NA . 27.67 20.88 8.11
O2 MAN NA . 23.50 23.06 7.69
O3 MAN NA . 25.18 25.14 8.17
O4 MAN NA . 27.65 23.76 8.66
O5 MAN NA . 25.75 21.27 6.78
O6 MAN NA . 27.96 19.73 7.31
O5 AHR NA . 17.06 27.94 0.08
C5 AHR NA . 17.58 27.22 -1.03
C4 AHR NA . 18.34 25.99 -0.59
O4 AHR NA . 19.43 26.33 0.29
C3 AHR NA . 19.00 25.17 -1.70
O3 AHR NA . 18.07 24.40 -2.45
C2 AHR NA . 20.01 24.36 -0.91
O2 AHR NA . 21.09 23.90 -1.70
C1 AHR NA . 20.39 25.26 0.27
O5 AHR OA . 23.42 38.00 6.06
C5 AHR OA . 23.55 38.13 4.65
C4 AHR OA . 24.95 37.80 4.20
O4 AHR OA . 25.92 38.65 4.85
C3 AHR OA . 25.24 37.99 2.71
O3 AHR OA . 24.67 36.98 1.88
C2 AHR OA . 26.76 38.03 2.72
O2 AHR OA . 27.30 38.60 1.55
C1 AHR OA . 27.09 38.74 4.03
O5 FUB OA . 20.60 37.60 3.38
C5 FUB OA . 20.19 36.91 2.20
C4 FUB OA . 21.32 36.84 1.19
O4 FUB OA . 22.47 36.16 1.75
C3 FUB OA . 21.87 38.17 0.68
O3 FUB OA . 21.01 38.83 -0.24
C2 FUB OA . 23.19 37.70 0.08
O2 FUB OA . 24.13 38.75 -0.10
C1 FUB OA . 23.64 36.54 0.99
O5 FUB OA . 21.91 40.47 -3.49
C5 FUB OA . 23.12 40.28 -4.20
C4 FUB OA . 24.27 40.05 -3.25
O4 FUB OA . 24.04 38.89 -2.42
C3 FUB OA . 24.55 41.17 -2.25
O3 FUB OA . 25.18 42.31 -2.84
C2 FUB OA . 25.42 40.43 -1.24
O2 FUB OA . 25.45 41.06 0.04
C1 FUB OA . 24.90 38.99 -1.26
C1 GAL OA . 26.68 41.77 0.14
C2 GAL OA . 26.79 42.41 1.52
C3 GAL OA . 28.14 43.06 1.73
C4 GAL OA . 29.27 42.11 1.36
C5 GAL OA . 29.05 41.56 -0.05
C6 GAL OA . 30.10 40.53 -0.44
O2 GAL OA . 25.74 43.36 1.69
O3 GAL OA . 28.27 43.47 3.09
O4 GAL OA . 29.31 41.02 2.27
O5 GAL OA . 27.78 40.90 -0.11
O6 GAL OA . 30.07 40.29 -1.85
O5 AHR OA . 21.46 41.14 2.35
C5 AHR OA . 21.44 42.46 2.88
C4 AHR OA . 22.66 43.23 2.44
O4 AHR OA . 23.87 42.59 2.88
C3 AHR OA . 22.77 44.66 2.99
O3 AHR OA . 21.89 45.58 2.36
C2 AHR OA . 24.26 44.95 2.75
O2 AHR OA . 24.77 45.94 3.61
C1 AHR OA . 24.93 43.57 2.83
O5 FUB OA . 17.14 38.51 1.66
C5 FUB OA . 16.62 38.31 0.36
C4 FUB OA . 17.63 38.72 -0.69
O4 FUB OA . 18.86 37.98 -0.57
C3 FUB OA . 18.06 40.19 -0.65
O3 FUB OA . 17.09 41.08 -1.16
C2 FUB OA . 19.35 40.12 -1.48
O2 FUB OA . 20.20 41.22 -1.27
C1 FUB OA . 19.92 38.74 -1.17
O5 AHR OA . 16.47 44.46 -1.47
C5 AHR OA . 17.71 45.09 -1.77
C4 AHR OA . 18.79 44.06 -2.02
O4 AHR OA . 19.01 43.23 -0.85
C3 AHR OA . 20.18 44.61 -2.34
O3 AHR OA . 20.29 45.14 -3.65
C2 AHR OA . 21.04 43.38 -2.07
O2 AHR OA . 22.40 43.70 -1.82
C1 AHR OA . 20.31 42.63 -0.96
O5 FUB PA . 24.65 44.86 7.95
C5 FUB PA . 25.26 43.91 7.10
C4 FUB PA . 26.71 43.70 7.45
O4 FUB PA . 27.33 42.72 6.58
C3 FUB PA . 26.97 43.13 8.86
O3 FUB PA . 26.82 44.12 9.88
C2 FUB PA . 28.38 42.59 8.70
O2 FUB PA . 28.68 41.54 9.60
C1 FUB PA . 28.52 42.25 7.21
C1 BMA PA . 28.67 41.45 10.99
C2 BMA PA . 29.11 40.08 11.48
C3 BMA PA . 29.35 40.06 12.98
C4 BMA PA . 30.28 41.19 13.37
C5 BMA PA . 29.69 42.51 12.88
C6 BMA PA . 30.58 43.70 13.21
O2 BMA PA . 30.33 39.72 10.81
O3 BMA PA . 29.92 38.81 13.36
O4 BMA PA . 30.47 41.19 14.79
O5 BMA PA . 29.54 42.47 11.47
O6 BMA PA . 30.18 44.28 14.46
C1 BMA PA . 30.85 41.63 16.10
C2 BMA PA . 31.62 40.58 16.92
C3 BMA PA . 32.17 41.17 18.22
C4 BMA PA . 32.82 42.53 18.03
C5 BMA PA . 31.89 43.44 17.24
C6 BMA PA . 32.50 44.81 16.95
O2 BMA PA . 32.69 40.01 16.15
O3 BMA PA . 33.13 40.28 18.78
O4 BMA PA . 33.11 43.10 19.31
O5 BMA PA . 31.60 42.84 15.99
O6 BMA PA . 31.56 45.59 16.20
C1 NGA PA . 33.55 44.15 20.21
C2 NGA PA . 34.21 43.54 21.47
C3 NGA PA . 34.93 44.63 22.27
C4 NGA PA . 35.81 45.52 21.38
C5 NGA PA . 34.90 46.08 20.30
C6 NGA PA . 35.57 47.09 19.39
C7 NGA PA . 33.21 41.65 22.68
C8 NGA PA . 32.04 41.26 23.55
N2 NGA PA . 33.21 42.94 22.30
O3 NGA PA . 35.65 43.99 23.28
O4 NGA PA . 36.85 44.74 20.87
O5 NGA PA . 34.42 45.01 19.52
O6 NGA PA . 34.78 48.25 19.31
O7 NGA PA . 34.07 40.85 22.35
C1 MAN PA . 33.90 48.01 18.23
C2 MAN PA . 33.79 49.21 17.30
C3 MAN PA . 32.91 50.31 17.87
C4 MAN PA . 31.59 49.74 18.35
C5 MAN PA . 31.82 48.61 19.34
C6 MAN PA . 30.55 47.96 19.83
O2 MAN PA . 33.31 48.79 16.03
O3 MAN PA . 32.71 51.30 16.88
O4 MAN PA . 30.80 50.77 18.96
O5 MAN PA . 32.61 47.58 18.71
O6 MAN PA . 30.83 46.91 20.73
C1 MAN PA . 29.61 51.50 19.34
C2 MAN PA . 28.37 50.61 19.31
C3 MAN PA . 27.86 50.37 17.90
C4 MAN PA . 27.73 51.68 17.16
C5 MAN PA . 29.04 52.45 17.18
C6 MAN PA . 28.94 53.80 16.51
O2 MAN PA . 27.35 51.19 20.11
O3 MAN PA . 26.62 49.68 17.96
O4 MAN PA . 27.34 51.44 15.79
O5 MAN PA . 29.44 52.67 18.54
O6 MAN PA . 30.15 54.53 16.64
C1 MAN PA . 27.29 51.25 14.39
C2 MAN PA . 26.73 52.49 13.71
C3 MAN PA . 25.23 52.61 13.89
C4 MAN PA . 24.54 51.31 13.52
C5 MAN PA . 25.13 50.16 14.32
C6 MAN PA . 24.55 48.82 13.94
O2 MAN PA . 27.08 52.49 12.33
O3 MAN PA . 24.73 53.69 13.08
O4 MAN PA . 23.15 51.39 13.81
O5 MAN PA . 26.55 50.07 14.07
O6 MAN PA . 25.19 47.76 14.65
C1 GAL PA . 23.52 54.43 12.83
C2 GAL PA . 23.69 55.36 11.65
C3 GAL PA . 22.36 55.98 11.21
C4 GAL PA . 21.29 54.93 11.05
C5 GAL PA . 21.20 54.08 12.31
C6 GAL PA . 20.20 52.94 12.18
O2 GAL PA . 24.71 56.33 11.89
O3 GAL PA . 22.54 56.74 10.02
O4 GAL PA . 21.61 54.08 9.94
O5 GAL PA . 22.48 53.48 12.58
O6 GAL PA . 18.98 53.39 11.60
C1 MAN PA . 25.33 57.58 11.52
C2 MAN PA . 26.51 58.10 12.30
C3 MAN PA . 26.12 59.11 13.36
C4 MAN PA . 25.20 60.18 12.77
C5 MAN PA . 24.02 59.53 12.09
C6 MAN PA . 23.11 60.54 11.41
O2 MAN PA . 27.46 58.68 11.40
O3 MAN PA . 27.28 59.71 13.91
O4 MAN PA . 24.73 61.04 13.81
O5 MAN PA . 24.48 58.64 11.06
O6 MAN PA . 22.06 59.89 10.70
O5 AHR PA . 26.65 64.32 12.44
C5 AHR PA . 28.03 63.99 12.47
C4 AHR PA . 28.21 62.49 12.66
O4 AHR PA . 27.61 62.05 13.90
C3 AHR PA . 29.67 62.01 12.75
O3 AHR PA . 30.32 61.99 11.49
C2 AHR PA . 29.48 60.64 13.39
O2 AHR PA . 30.62 60.18 14.07
C1 AHR PA . 28.19 60.78 14.23
O5 AHR PA . 33.87 63.01 14.66
C5 AHR PA . 34.36 63.00 13.33
C4 AHR PA . 33.23 62.95 12.32
O4 AHR PA . 32.41 61.77 12.52
C3 AHR PA . 33.65 62.88 10.85
O3 AHR PA . 34.12 64.13 10.35
C2 AHR PA . 32.35 62.40 10.22
O2 AHR PA . 32.55 61.74 8.97
C1 AHR PA . 31.66 61.55 11.31
O5 AHR PA . 26.25 54.30 8.45
C5 AHR PA . 25.36 54.67 7.40
C4 AHR PA . 23.95 54.86 7.93
O4 AHR PA . 23.45 53.65 8.52
C3 AHR PA . 22.90 55.25 6.90
O3 AHR PA . 22.99 56.61 6.49
C2 AHR PA . 21.62 54.88 7.63
O2 AHR PA . 20.54 54.60 6.77
C1 AHR PA . 22.01 53.76 8.60
O5 AHR PA . 16.25 52.37 6.19
C5 AHR PA . 17.08 52.19 5.05
C4 AHR PA . 18.50 52.65 5.32
O4 AHR PA . 18.54 54.04 5.69
C3 AHR PA . 19.48 52.54 4.15
O3 AHR PA . 19.90 51.21 3.89
C2 AHR PA . 20.59 53.47 4.62
O2 AHR PA . 21.37 53.99 3.56
C1 AHR PA . 19.88 54.52 5.51
O5 AHR PA . 15.27 50.77 9.85
C5 AHR PA . 15.24 52.10 9.35
C4 AHR PA . 16.53 52.83 9.66
O4 AHR PA . 16.75 52.89 11.08
C3 AHR PA . 16.60 54.29 9.20
O3 AHR PA . 16.81 54.43 7.80
C2 AHR PA . 17.75 54.81 10.07
O2 AHR PA . 17.71 56.20 10.25
C1 AHR PA . 17.70 53.96 11.34
C1 MAN PA . 24.11 47.04 15.27
C2 MAN PA . 24.12 47.28 16.76
C3 MAN PA . 25.25 46.53 17.46
C4 MAN PA . 25.26 45.07 17.04
C5 MAN PA . 25.31 44.95 15.53
C6 MAN PA . 25.24 43.51 15.05
O2 MAN PA . 22.86 46.93 17.31
O3 MAN PA . 25.09 46.64 18.87
O4 MAN PA . 26.39 44.40 17.61
O5 MAN PA . 24.19 45.65 14.94
O6 MAN PA . 25.18 43.46 13.62
C1 BMA PA . 30.50 46.53 22.06
C2 BMA PA . 31.77 46.33 22.89
C3 BMA PA . 31.37 45.85 24.27
C4 BMA PA . 30.45 46.89 24.90
C5 BMA PA . 29.22 47.08 24.01
C6 BMA PA . 28.26 48.11 24.60
O2 BMA PA . 32.48 47.56 23.00
O3 BMA PA . 32.54 45.65 25.07
O4 BMA PA . 30.05 46.47 26.21
O5 BMA PA . 29.62 47.46 22.68
O6 BMA PA . 28.96 49.29 25.00
C1 BMA PA . 30.57 46.07 27.47
C2 BMA PA . 29.44 45.56 28.35
C3 BMA PA . 29.98 45.01 29.65
C4 BMA PA . 31.00 43.93 29.36
C5 BMA PA . 32.11 44.50 28.49
C6 BMA PA . 33.13 43.43 28.12
O2 BMA PA . 28.74 44.52 27.66
O3 BMA PA . 28.90 44.49 30.43
O4 BMA PA . 31.56 43.46 30.59
O5 BMA PA . 31.56 45.06 27.29
O6 BMA PA . 33.70 42.88 29.31
C1 MAN PA . 27.89 44.57 31.42
C2 MAN PA . 27.36 46.00 31.53
C3 MAN PA . 28.36 46.91 32.22
C4 MAN PA . 28.84 46.32 33.52
C5 MAN PA . 29.40 44.92 33.28
C6 MAN PA . 29.83 44.22 34.55
O2 MAN PA . 26.11 46.01 32.19
O3 MAN PA . 27.74 48.18 32.46
O4 MAN PA . 29.86 47.12 34.09
O5 MAN PA . 28.39 44.09 32.67
O6 MAN PA . 30.24 42.88 34.29
O5 AHR PA . 29.50 51.52 32.03
C5 AHR PA . 30.49 51.50 33.04
C4 AHR PA . 30.81 50.09 33.48
O4 AHR PA . 29.63 49.45 34.02
C3 AHR PA . 31.84 49.96 34.60
O3 AHR PA . 33.18 50.16 34.14
C2 AHR PA . 31.56 48.54 35.09
O2 AHR PA . 31.97 48.32 36.42
C1 AHR PA . 30.06 48.33 34.82
C1 BMA PA . 34.68 42.60 30.30
C2 BMA PA . 34.72 41.09 30.57
C3 BMA PA . 35.83 40.75 31.55
C4 BMA PA . 37.14 41.33 31.07
C5 BMA PA . 37.00 42.82 30.81
C6 BMA PA . 38.30 43.38 30.26
O2 BMA PA . 34.94 40.41 29.33
O3 BMA PA . 35.95 39.32 31.66
O4 BMA PA . 38.15 41.12 32.07
O5 BMA PA . 35.95 43.06 29.87
O6 BMA PA . 38.05 44.65 29.66
O5 AHR PA . 34.50 34.60 31.35
C5 AHR PA . 35.91 34.70 31.47
C4 AHR PA . 36.32 36.10 31.88
O4 AHR PA . 35.90 37.08 30.90
C3 AHR PA . 37.83 36.34 32.03
O3 AHR PA . 38.37 35.75 33.21
C2 AHR PA . 37.88 37.86 31.99
O2 AHR PA . 39.15 38.37 31.63
C1 AHR PA . 36.72 38.27 31.07
O5 AHR PA . 38.97 48.77 27.29
C5 AHR PA . 39.83 48.63 28.42
C4 AHR PA . 39.72 47.23 29.01
O4 AHR PA . 38.36 46.95 29.43
C3 AHR PA . 40.56 46.97 30.27
O3 AHR PA . 41.94 46.81 29.99
C2 AHR PA . 39.87 45.73 30.82
O2 AHR PA . 40.05 45.56 32.21
C1 AHR PA . 38.41 45.84 30.34
O5 AHR PA . 36.97 49.11 21.50
C5 AHR PA . 36.71 49.48 22.85
C4 AHR PA . 35.51 48.75 23.40
O4 AHR PA . 34.31 49.05 22.65
C3 AHR PA . 35.14 49.06 24.85
O3 AHR PA . 36.00 48.46 25.79
C2 AHR PA . 33.71 48.56 24.89
O2 AHR PA . 32.94 49.14 25.93
C1 AHR PA . 33.17 48.76 23.47
O5 AHR PA . 31.47 53.52 24.20
C5 AHR PA . 30.14 53.60 23.71
C4 AHR PA . 29.29 52.49 24.25
O4 AHR PA . 29.82 51.19 23.90
C3 AHR PA . 27.83 52.45 23.76
O3 AHR PA . 27.02 53.45 24.35
C2 AHR PA . 27.45 51.01 24.14
O2 AHR PA . 26.33 50.54 23.42
C1 AHR PA . 28.75 50.23 23.93
O5 FUB PA . 32.07 52.09 13.28
C5 FUB PA . 31.22 51.10 12.73
C4 FUB PA . 31.64 49.72 13.16
O4 FUB PA . 31.63 49.59 14.60
C3 FUB PA . 33.04 49.27 12.75
O3 FUB PA . 33.15 48.94 11.38
C2 FUB PA . 33.27 48.11 13.71
O2 FUB PA . 34.63 47.83 13.94
C1 FUB PA . 32.44 48.45 14.96
O5 AHR PA . 36.93 40.75 26.64
C5 AHR PA . 37.21 42.07 27.07
C4 AHR PA . 36.58 43.09 26.14
O4 AHR PA . 37.10 42.96 24.81
C3 AHR PA . 36.83 44.56 26.50
O3 AHR PA . 36.07 45.01 27.60
C2 AHR PA . 36.51 45.23 25.17
O2 AHR PA . 37.16 46.47 25.00
C1 AHR PA . 36.80 44.17 24.09
O5 FUB PA . 34.13 36.20 13.19
C5 FUB PA . 32.75 35.93 13.43
C4 FUB PA . 32.26 36.69 14.64
O4 FUB PA . 32.40 38.11 14.46
C3 FUB PA . 33.01 36.39 15.95
O3 FUB PA . 32.62 35.16 16.54
C2 FUB PA . 32.68 37.63 16.77
O2 FUB PA . 33.72 38.01 17.64
C1 FUB PA . 32.24 38.70 15.76
O5 AHR PA . 30.80 34.34 21.06
C5 AHR PA . 29.96 33.78 20.05
C4 AHR PA . 30.67 33.75 18.72
O4 AHR PA . 31.03 35.08 18.28
C3 AHR PA . 29.85 33.18 17.55
O3 AHR PA . 29.73 31.76 17.59
C2 AHR PA . 30.66 33.71 16.36
O2 AHR PA . 29.91 33.76 15.16
C1 AHR PA . 31.22 35.05 16.86
O5 AHR PA . 20.92 41.78 6.74
C5 AHR PA . 20.51 42.77 7.67
C4 AHR PA . 21.54 43.87 7.80
O4 AHR PA . 22.81 43.35 8.22
C3 AHR PA . 21.22 44.97 8.82
O3 AHR PA . 20.22 45.87 8.37
C2 AHR PA . 22.60 45.59 8.99
O2 AHR PA . 22.73 46.32 10.21
C1 AHR PA . 23.58 44.43 8.81
C1 GAL QA . 26.41 33.21 9.24
C2 GAL QA . 26.85 33.04 10.68
C3 GAL QA . 25.78 32.38 11.53
C4 GAL QA . 24.43 33.04 11.32
C5 GAL QA . 24.09 33.09 9.84
C6 GAL QA . 22.79 33.79 9.55
O2 GAL QA . 28.07 32.30 10.74
O3 GAL QA . 26.18 32.42 12.90
O4 GAL QA . 24.46 34.37 11.82
O5 GAL QA . 25.13 33.82 9.15
O6 GAL QA . 22.93 35.21 9.69
C1 BMA QA . 24.22 34.84 13.16
C2 BMA QA . 25.01 36.06 13.56
C3 BMA QA . 24.85 36.23 15.06
C4 BMA QA . 23.37 36.37 15.39
C5 BMA QA . 22.54 35.25 14.81
C6 BMA QA . 21.06 35.55 14.95
O2 BMA QA . 24.50 37.22 12.89
O3 BMA QA . 25.56 37.40 15.50
O4 BMA QA . 23.23 36.37 16.82
O5 BMA QA . 22.83 35.04 13.42
O6 BMA QA . 20.29 34.50 14.34
C2 BGC QA . 23.52 35.75 19.13
C3 BGC QA . 23.47 36.25 20.57
C4 BGC QA . 24.19 37.59 20.70
C5 BGC QA . 23.64 38.59 19.68
C6 BGC QA . 24.40 39.90 19.69
C1 BGC QA . 23.05 36.82 18.16
O2 BGC QA . 22.73 34.58 18.97
O3 BGC QA . 24.08 35.29 21.42
O4 BGC QA . 23.98 38.11 22.01
O5 BGC QA . 23.78 38.04 18.36
O6 BGC QA . 23.87 40.80 18.71
O5 AHR QA . 20.38 37.94 25.22
C5 AHR QA . 21.25 39.03 25.49
C4 AHR QA . 22.24 39.23 24.36
O4 AHR QA . 23.04 38.05 24.15
C3 AHR QA . 23.26 40.34 24.56
O3 AHR QA . 22.72 41.63 24.35
C2 AHR QA . 24.35 39.93 23.56
O2 AHR QA . 25.64 40.38 23.93
C1 AHR QA . 24.20 38.42 23.39
C1 MAN QA . 27.00 40.31 24.33
C2 MAN QA . 27.12 40.87 25.74
C3 MAN QA . 26.90 42.38 25.77
C4 MAN QA . 27.76 43.07 24.73
C5 MAN QA . 27.51 42.46 23.36
C6 MAN QA . 28.39 43.06 22.28
O2 MAN QA . 28.37 40.51 26.31
O3 MAN QA . 27.19 42.88 27.07
O4 MAN QA . 27.44 44.46 24.69
O5 MAN QA . 27.78 41.05 23.38
O6 MAN QA . 28.18 42.42 21.03
O5 AHR QA . 31.81 37.04 27.53
C5 AHR QA . 31.45 37.84 28.64
C4 AHR QA . 30.17 38.60 28.38
O4 AHR QA . 30.30 39.46 27.23
C3 AHR QA . 29.71 39.54 29.50
O3 AHR QA . 29.16 38.84 30.61
C2 AHR QA . 28.73 40.42 28.74
O2 AHR QA . 28.45 41.64 29.41
C1 AHR QA . 29.37 40.55 27.35
O5 AHR QA . 32.66 38.95 34.11
C5 AHR QA . 31.37 38.73 34.67
C4 AHR QA . 30.36 38.38 33.60
O4 AHR QA . 30.24 39.45 32.63
C3 AHR QA . 28.93 38.15 34.08
O3 AHR QA . 28.77 36.90 34.73
C2 AHR QA . 28.15 38.29 32.78
O2 AHR QA . 26.80 38.62 32.98
C1 AHR QA . 28.97 39.31 31.96
O5 AHR QA . 26.04 35.71 29.17
C5 AHR QA . 24.90 35.78 30.00
C4 AHR QA . 25.03 36.87 31.03
O4 AHR QA . 26.17 36.65 31.88
C3 AHR QA . 23.87 37.02 32.01
O3 AHR QA . 22.73 37.64 31.44
C2 AHR QA . 24.53 37.83 33.13
O2 AHR QA . 23.89 37.65 34.38
C1 AHR QA . 26.01 37.44 33.08
O5 AHR QA . 24.09 45.06 27.65
C5 AHR QA . 23.73 45.66 26.40
C4 AHR QA . 23.01 44.67 25.52
O4 AHR QA . 23.83 43.51 25.23
C3 AHR QA . 22.61 45.18 24.14
O3 AHR QA . 21.50 46.07 24.18
C2 AHR QA . 22.35 43.85 23.41
O2 AHR QA . 22.41 43.98 22.00
C1 AHR QA . 23.35 42.88 24.03
O5 AHR QA . 22.58 50.93 24.10
C5 AHR QA . 21.66 50.58 23.07
C4 AHR QA . 21.07 49.22 23.33
O4 AHR QA . 22.09 48.19 23.34
C3 AHR QA . 20.06 48.71 22.31
O3 AHR QA . 18.79 49.36 22.41
C2 AHR QA . 20.04 47.23 22.63
O2 AHR QA . 19.50 46.42 21.61
C1 AHR QA . 21.49 46.92 23.04
O5 FUB QA . 19.34 43.08 18.61
C5 FUB QA . 17.95 43.37 18.61
C4 FUB QA . 17.55 44.18 19.82
O4 FUB QA . 18.28 45.43 19.87
C3 FUB QA . 17.84 43.54 21.17
O3 FUB QA . 16.92 42.51 21.50
C2 FUB QA . 17.77 44.75 22.10
O2 FUB QA . 18.47 44.57 23.30
C1 FUB QA . 18.21 45.94 21.21
O5 AHR QA . 24.80 30.80 16.71
C5 AHR QA . 23.57 30.42 17.33
C4 AHR QA . 22.80 31.63 17.78
O4 AHR QA . 23.55 32.41 18.74
C3 AHR QA . 21.48 31.35 18.49
O3 AHR QA . 20.44 30.93 17.62
C2 AHR QA . 21.23 32.69 19.18
O2 AHR QA . 20.38 32.59 20.30
C1 AHR QA . 22.63 33.25 19.45
C1 MAN QA . 19.38 32.14 21.20
C2 MAN QA . 18.05 32.81 20.87
C3 MAN QA . 18.02 34.28 21.27
C4 MAN QA . 18.50 34.45 22.71
C5 MAN QA . 19.86 33.81 22.89
C6 MAN QA . 20.37 33.89 24.31
O2 MAN QA . 16.91 32.04 21.27
O3 MAN QA . 16.69 34.77 21.13
O4 MAN QA . 18.58 35.84 23.02
O5 MAN QA . 19.80 32.42 22.54
O6 MAN QA . 21.60 33.20 24.46
C1 MAN QA . 16.51 31.17 22.33
C2 MAN QA . 16.00 31.65 23.69
C3 MAN QA . 17.02 31.44 24.79
C4 MAN QA . 17.54 30.02 24.77
C5 MAN QA . 18.08 29.66 23.39
C6 MAN QA . 18.54 28.23 23.28
O2 MAN QA . 14.77 31.01 24.00
O3 MAN QA . 16.43 31.73 26.05
O4 MAN QA . 18.59 29.87 25.73
O5 MAN QA . 17.05 29.85 22.40
O6 MAN QA . 18.96 27.92 21.96
C1 MAN QA . 23.78 37.57 11.70
C2 MAN QA . 24.69 38.18 10.65
C3 MAN QA . 25.00 39.64 10.94
C4 MAN QA . 23.73 40.42 11.22
C5 MAN QA . 22.94 39.75 12.33
C6 MAN QA . 21.61 40.44 12.60
O2 MAN QA . 24.09 38.07 9.36
O3 MAN QA . 25.69 40.21 9.83
O4 MAN QA . 24.06 41.74 11.63
O5 MAN QA . 22.64 38.39 11.96
O6 MAN QA . 20.85 39.73 13.57
O5 AHR QA . 32.00 30.33 8.52
C5 AHR QA . 31.73 29.71 9.76
C4 AHR QA . 30.37 30.10 10.30
O4 AHR QA . 30.27 31.54 10.45
C3 AHR QA . 30.02 29.55 11.68
O3 AHR QA . 29.66 28.17 11.65
C2 AHR QA . 28.88 30.49 12.07
O2 AHR QA . 28.68 30.54 13.48
C1 AHR QA . 29.22 31.82 11.40
O5 AHR RA . 38.57 42.02 7.02
C5 AHR RA . 39.21 41.23 8.00
C4 AHR RA . 38.98 41.76 9.39
O4 AHR RA . 39.44 43.13 9.50
C3 AHR RA . 39.71 41.04 10.52
O3 AHR RA . 39.15 39.77 10.85
C2 AHR RA . 39.62 42.08 11.63
O2 AHR RA . 40.57 41.87 12.66
C1 AHR RA . 39.76 43.41 10.87
O5 FUB RA . 39.47 38.23 6.78
C5 FUB RA . 39.32 36.95 7.38
C4 FUB RA . 39.55 37.02 8.88
O4 FUB RA . 38.63 37.94 9.50
C3 FUB RA . 40.93 37.49 9.33
O3 FUB RA . 41.95 36.52 9.15
C2 FUB RA . 40.63 37.84 10.78
O2 FUB RA . 41.59 38.69 11.36
C1 FUB RA . 39.18 38.35 10.77
O5 FUB RA . 44.65 35.53 11.56
C5 FUB RA . 44.65 35.82 12.95
C4 FUB RA . 43.99 37.15 13.23
O4 FUB RA . 42.62 37.16 12.78
C3 FUB RA . 44.62 38.37 12.56
O3 FUB RA . 45.84 38.77 13.17
C2 FUB RA . 43.48 39.37 12.70
O2 FUB RA . 43.56 40.44 11.77
C1 FUB RA . 42.20 38.52 12.63
C1 GAL RA . 44.09 41.58 12.46
C2 GAL RA . 44.13 42.76 11.52
C3 GAL RA . 44.54 44.03 12.24
C4 GAL RA . 43.73 44.24 13.51
C5 GAL RA . 43.78 42.98 14.38
C6 GAL RA . 42.91 43.08 15.61
O2 GAL RA . 45.02 42.49 10.44
O3 GAL RA . 44.39 45.15 11.37
O4 GAL RA . 42.38 44.50 13.17
O5 GAL RA . 43.30 41.87 13.61
O6 GAL RA . 43.22 42.05 16.54
O5 AHR RA . 43.06 39.30 7.32
C5 AHR RA . 44.06 40.09 6.70
C4 AHR RA . 44.86 40.88 7.72
O4 AHR RA . 44.00 41.77 8.46
C3 AHR RA . 45.94 41.79 7.15
O3 AHR RA . 47.10 41.07 6.72
C2 AHR RA . 46.18 42.72 8.32
O2 AHR RA . 46.72 43.96 7.94
C1 AHR RA . 44.83 42.78 9.06
O5 FUB RA . 41.23 35.08 5.15
C5 FUB RA . 41.58 33.79 5.65
C4 FUB RA . 42.30 33.91 6.98
O4 FUB RA . 41.47 34.58 7.95
C3 FUB RA . 43.59 34.72 6.97
O3 FUB RA . 44.68 34.02 6.39
C2 FUB RA . 43.75 35.02 8.46
O2 FUB RA . 44.61 36.10 8.72
C1 FUB RA . 42.31 35.15 8.97
O5 AHR RA . 47.96 34.53 5.43
C5 AHR RA . 48.55 35.38 6.41
C4 AHR RA . 47.62 35.60 7.58
O4 AHR RA . 46.39 36.24 7.16
C3 AHR RA . 48.15 36.51 8.68
O3 AHR RA . 49.13 35.88 9.50
C2 AHR RA . 46.85 36.84 9.41
O2 AHR RA . 46.94 38.04 10.18
C1 AHR RA . 45.78 36.85 8.31
O5 FUB SA . 44.05 46.37 5.29
C5 FUB SA . 43.46 45.90 6.50
C4 FUB SA . 43.01 47.04 7.37
O4 FUB SA . 42.41 46.55 8.59
C3 FUB SA . 41.94 47.96 6.78
O3 FUB SA . 42.46 48.86 5.80
C2 FUB SA . 41.39 48.63 8.04
O2 FUB SA . 40.05 49.06 7.89
C1 FUB SA . 41.64 47.62 9.17
C1 BMA SA . 39.47 49.97 6.99
C2 BMA SA . 37.97 50.13 7.29
C3 BMA SA . 37.37 51.28 6.49
C4 BMA SA . 38.19 52.55 6.70
C5 BMA SA . 39.63 52.26 6.29
C6 BMA SA . 40.54 53.47 6.49
O2 BMA SA . 37.82 50.39 8.68
O3 BMA SA . 36.02 51.51 6.94
O4 BMA SA . 37.62 53.61 5.92
O5 BMA SA . 40.15 51.21 7.11
O6 BMA SA . 40.61 54.22 5.28
C1 BMA SA . 37.50 54.88 5.26
C2 BMA SA . 36.16 55.58 5.53
C3 BMA SA . 36.16 57.01 4.96
C4 BMA SA . 37.44 57.78 5.28
C5 BMA SA . 38.65 56.93 4.92
C6 BMA SA . 39.96 57.60 5.26
O2 BMA SA . 35.85 55.61 6.92
O3 BMA SA . 35.04 57.74 5.49
O4 BMA SA . 37.44 59.00 4.54
O5 BMA SA . 38.60 55.71 5.63
O6 BMA SA . 41.04 56.73 4.89
C1 NGA SA . 38.03 60.25 4.07
C2 NGA SA . 36.94 61.32 3.87
C3 NGA SA . 37.57 62.70 3.66
C4 NGA SA . 38.66 62.99 4.68
C5 NGA SA . 39.67 61.85 4.60
C6 NGA SA . 40.90 62.04 5.47
C7 NGA SA . 34.80 60.81 2.75
C8 NGA SA . 34.20 60.48 1.41
N2 NGA SA . 36.13 60.99 2.73
O3 NGA SA . 36.54 63.63 3.67
O4 NGA SA . 38.07 63.10 5.95
O5 NGA SA . 39.01 60.66 4.97
O6 NGA SA . 42.05 61.83 4.70
O7 NGA SA . 34.13 60.92 3.76
C1 MAN SA . 42.31 60.45 4.79
C2 MAN SA . 43.78 60.16 5.07
C3 MAN SA . 44.64 60.32 3.83
C4 MAN SA . 44.05 59.55 2.66
C5 MAN SA . 42.60 59.98 2.43
C6 MAN SA . 41.91 59.23 1.32
O2 MAN SA . 43.93 58.86 5.62
O3 MAN SA . 45.96 59.85 4.11
O4 MAN SA . 44.81 59.76 1.47
O5 MAN SA . 41.83 59.76 3.63
O6 MAN SA . 40.57 59.67 1.15
C1 MAN SA . 45.42 59.45 0.21
C2 MAN SA . 44.71 58.31 -0.50
C3 MAN SA . 45.06 56.95 0.08
C4 MAN SA . 46.57 56.80 0.19
C5 MAN SA . 47.17 57.96 0.98
C6 MAN SA . 48.68 57.90 1.05
O2 MAN SA . 45.00 58.34 -1.90
O3 MAN SA . 44.52 55.92 -0.73
O4 MAN SA . 46.89 55.57 0.83
O5 MAN SA . 46.83 59.20 0.35
O6 MAN SA . 49.21 59.04 1.71
C1 MAN SA . 47.28 54.54 1.74
C2 MAN SA . 48.72 54.13 1.51
C3 MAN SA . 48.88 53.28 0.27
C4 MAN SA . 47.88 52.13 0.27
C5 MAN SA . 46.47 52.68 0.44
C6 MAN SA . 45.41 51.60 0.52
O2 MAN SA . 49.22 53.45 2.66
O3 MAN SA . 50.21 52.77 0.20
O4 MAN SA . 47.96 51.41 -0.96
O5 MAN SA . 46.38 53.44 1.66
O6 MAN SA . 44.12 52.14 0.76
C1 GAL SA . 51.09 52.03 -0.70
C2 GAL SA . 52.39 51.67 0.00
C3 GAL SA . 53.23 50.70 -0.82
C4 GAL SA . 52.40 49.51 -1.28
C5 GAL SA . 51.14 50.00 -1.99
C6 GAL SA . 50.22 48.86 -2.39
O2 GAL SA . 53.11 52.84 0.39
O3 GAL SA . 54.37 50.27 -0.08
O4 GAL SA . 52.03 48.72 -0.16
O5 GAL SA . 50.39 50.84 -1.10
O6 GAL SA . 50.95 47.81 -3.01
C1 MAN SA . 54.30 53.37 1.02
C2 MAN SA . 54.32 54.87 1.21
C3 MAN SA . 54.82 55.61 -0.02
C4 MAN SA . 56.12 55.02 -0.51
C5 MAN SA . 55.98 53.53 -0.73
C6 MAN SA . 57.26 52.86 -1.14
O2 MAN SA . 55.11 55.20 2.35
O3 MAN SA . 55.00 57.00 0.30
O4 MAN SA . 56.52 55.64 -1.73
O5 MAN SA . 55.54 52.89 0.49
O6 MAN SA . 57.09 51.44 -1.26
O5 AHR SA . 59.84 57.37 -0.21
C5 AHR SA . 59.36 58.23 0.82
C4 AHR SA . 57.92 57.93 1.16
O4 AHR SA . 57.06 58.09 0.01
C3 AHR SA . 57.28 58.81 2.23
O3 AHR SA . 57.72 58.49 3.55
C2 AHR SA . 55.80 58.55 1.98
O2 AHR SA . 54.97 59.60 2.43
C1 AHR SA . 55.71 58.22 0.48
O5 AHR SA . 56.91 63.29 3.68
C5 AHR SA . 57.39 62.82 4.93
C4 AHR SA . 57.90 61.40 4.82
O4 AHR SA . 56.86 60.51 4.38
C3 AHR SA . 58.43 60.77 6.11
O3 AHR SA . 59.71 61.26 6.49
C2 AHR SA . 58.40 59.30 5.75
O2 AHR SA . 58.31 58.44 6.87
C1 AHR SA . 57.25 59.17 4.72
O5 AHR SA . 52.44 50.93 4.17
C5 AHR SA . 53.26 49.77 4.11
C4 AHR SA . 53.34 49.22 2.70
O4 AHR SA . 52.04 48.87 2.19
C3 AHR SA . 54.17 47.96 2.51
O3 AHR SA . 55.58 48.20 2.55
C2 AHR SA . 53.65 47.46 1.16
O2 AHR SA . 53.82 46.07 0.99
C1 AHR SA . 52.21 47.99 1.07
O5 AHR SA . 52.30 42.06 -1.32
C5 AHR SA . 52.52 41.81 0.06
C4 AHR SA . 52.72 43.10 0.83
O4 AHR SA . 53.86 43.83 0.33
C3 AHR SA . 52.99 42.95 2.33
O3 AHR SA . 51.84 42.62 3.08
C2 AHR SA . 53.59 44.32 2.65
O2 AHR SA . 54.41 44.32 3.80
C1 AHR SA . 54.27 44.77 1.34
O5 AHR SA . 49.50 43.28 -4.07
C5 AHR SA . 50.92 43.38 -4.03
C4 AHR SA . 51.37 44.69 -3.45
O4 AHR SA . 50.87 45.81 -4.21
C3 AHR SA . 52.88 44.93 -3.40
O3 AHR SA . 53.53 44.18 -2.38
C2 AHR SA . 52.94 46.44 -3.22
O2 AHR SA . 54.15 47.01 -3.67
C1 AHR SA . 51.66 46.96 -3.91
C1 MAN SA . 43.31 51.58 -0.28
C2 MAN SA . 42.95 52.66 -1.28
C3 MAN SA . 41.92 53.62 -0.75
C4 MAN SA . 40.72 52.87 -0.17
C5 MAN SA . 41.19 51.87 0.87
C6 MAN SA . 40.07 51.03 1.41
O2 MAN SA . 42.52 52.05 -2.50
O3 MAN SA . 41.49 54.48 -1.81
O4 MAN SA . 39.82 53.78 0.43
O5 MAN SA . 42.15 50.96 0.28
O6 MAN SA . 40.56 50.02 2.30
C1 BMA SA . 39.73 60.20 0.14
C2 BMA SA . 39.13 61.54 0.57
C3 BMA SA . 38.19 62.02 -0.51
C4 BMA SA . 38.98 62.16 -1.80
C5 BMA SA . 39.59 60.81 -2.17
C6 BMA SA . 40.38 60.89 -3.47
O2 BMA SA . 40.18 62.51 0.77
O3 BMA SA . 37.61 63.26 -0.12
O4 BMA SA . 38.12 62.61 -2.86
O5 BMA SA . 40.42 60.33 -1.10
O6 BMA SA . 41.26 62.02 -3.47
C1 BMA SA . 37.22 63.67 -3.20
C2 BMA SA . 36.51 63.31 -4.50
C3 BMA SA . 35.46 64.36 -4.82
C4 BMA SA . 34.50 64.50 -3.66
C5 BMA SA . 35.28 64.86 -2.40
C6 BMA SA . 34.36 64.95 -1.19
O2 BMA SA . 35.87 62.04 -4.34
O3 BMA SA . 34.75 63.98 -6.00
O4 BMA SA . 33.55 65.52 -3.94
O5 BMA SA . 36.29 63.88 -2.14
O6 BMA SA . 33.35 65.93 -1.42
C1 MAN SA . 34.54 63.97 -7.41
C2 MAN SA . 35.85 64.16 -8.16
C3 MAN SA . 36.35 65.60 -8.07
C4 MAN SA . 35.26 66.58 -8.43
C5 MAN SA . 34.02 66.33 -7.57
C6 MAN SA . 32.87 67.23 -7.92
O2 MAN SA . 35.69 63.76 -9.51
O3 MAN SA . 37.46 65.76 -8.94
O4 MAN SA . 35.70 67.91 -8.21
O5 MAN SA . 33.57 64.97 -7.75
O6 MAN SA . 31.70 66.89 -7.17
O5 AHR SA . 40.57 67.77 -8.07
C5 AHR SA . 40.09 69.09 -7.98
C4 AHR SA . 38.60 69.13 -7.75
O4 AHR SA . 37.89 68.48 -8.83
C3 AHR SA . 37.97 70.52 -7.67
O3 AHR SA . 38.22 71.19 -6.45
C2 AHR SA . 36.50 70.18 -7.91
O2 AHR SA . 35.75 71.27 -8.42
C1 AHR SA . 36.52 68.92 -8.79
C1 BMA SA . 32.63 67.15 -1.28
C2 BMA SA . 31.14 66.86 -1.11
C3 BMA SA . 30.36 68.14 -0.86
C4 BMA SA . 30.99 68.90 0.29
C5 BMA SA . 32.46 69.13 0.05
C6 BMA SA . 33.10 69.83 1.25
O2 BMA SA . 30.97 65.97 -0.01
O3 BMA SA . 28.99 67.82 -0.55
O4 BMA SA . 30.33 70.17 0.44
O5 BMA SA . 33.13 67.88 -0.16
O6 BMA SA . 34.51 69.68 1.18
O5 AHR SA . 24.88 65.07 -0.42
C5 AHR SA . 24.84 66.13 0.52
C4 AHR SA . 25.92 67.15 0.26
O4 AHR SA . 27.23 66.55 0.37
C3 AHR SA . 25.97 68.34 1.23
O3 AHR SA . 24.94 69.29 0.99
C2 AHR SA . 27.38 68.85 0.97
O2 AHR SA . 27.89 69.64 2.03
C1 AHR SA . 28.19 67.59 0.62
O5 AHR SA . 39.15 70.11 2.53
C5 AHR SA . 38.51 71.38 2.45
C4 AHR SA . 37.01 71.23 2.29
O4 AHR SA . 36.68 70.50 1.08
C3 AHR SA . 36.23 72.54 2.15
O3 AHR SA . 36.08 73.23 3.38
C2 AHR SA . 34.92 72.02 1.54
O2 AHR SA . 34.21 73.01 0.81
C1 AHR SA . 35.31 70.77 0.75
O5 AHR SA . 41.84 65.05 4.72
C5 AHR SA . 41.68 65.88 3.58
C4 AHR SA . 40.88 65.20 2.50
O4 AHR SA . 41.54 63.99 2.03
C3 AHR SA . 40.64 66.01 1.22
O3 AHR SA . 39.66 67.01 1.37
C2 AHR SA . 40.27 64.91 0.24
O2 AHR SA . 40.46 65.26 -1.11
C1 AHR SA . 41.04 63.67 0.73
O5 AHR SA . 45.27 64.59 -1.99
C5 AHR SA . 45.64 63.39 -2.67
C4 AHR SA . 44.47 62.81 -3.41
O4 AHR SA . 43.37 62.50 -2.53
C3 AHR SA . 44.73 61.49 -4.15
O3 AHR SA . 45.49 61.66 -5.34
C2 AHR SA . 43.30 61.01 -4.38
O2 AHR SA . 43.22 59.63 -4.65
C1 AHR SA . 42.55 61.49 -3.13
O5 FUB SA . 48.11 57.31 5.80
C5 FUB SA . 47.48 56.04 5.73
C4 FUB SA . 46.00 56.15 6.04
O4 FUB SA . 45.34 57.05 5.14
C3 FUB SA . 45.65 56.69 7.44
O3 FUB SA . 45.86 55.74 8.47
C2 FUB SA . 44.19 57.07 7.23
O2 FUB SA . 43.74 58.06 8.15
C1 FUB SA . 44.10 57.45 5.74
O5 AHR SA . 32.17 65.64 3.13
C5 AHR SA . 33.20 66.54 2.77
C4 AHR SA . 34.54 65.86 2.69
O4 AHR SA . 34.90 65.27 3.97
C3 AHR SA . 35.74 66.75 2.35
O3 AHR SA . 35.79 67.11 0.97
C2 AHR SA . 36.90 65.87 2.81
O2 AHR SA . 38.05 66.61 3.14
C1 AHR SA . 36.31 65.01 3.95
O5 FUB SA . 33.48 53.42 10.68
C5 FUB SA . 33.20 52.55 9.59
C4 FUB SA . 33.43 53.25 8.27
O4 FUB SA . 34.81 53.67 8.14
C3 FUB SA . 32.62 54.52 8.05
O3 FUB SA . 31.27 54.27 7.68
C2 FUB SA . 33.45 55.23 6.97
O2 FUB SA . 33.41 56.63 7.07
C1 FUB SA . 34.85 54.60 7.05
O5 AHR SA . 28.83 55.73 3.64
C5 AHR SA . 28.74 54.32 3.82
C4 AHR SA . 29.20 53.91 5.20
O4 AHR SA . 30.58 54.30 5.42
C3 AHR SA . 29.18 52.41 5.50
O3 AHR SA . 27.87 51.92 5.73
C2 AHR SA . 30.10 52.36 6.72
O2 AHR SA . 30.64 51.07 6.94
C1 AHR SA . 31.11 53.48 6.49
O5 AHR SA . 41.99 42.06 3.97
C5 AHR SA . 42.58 42.72 2.86
C4 AHR SA . 43.46 43.87 3.30
O4 AHR SA . 42.72 44.84 4.07
C3 AHR SA . 44.10 44.69 2.18
O3 AHR SA . 45.18 44.02 1.54
C2 AHR SA . 44.51 45.94 2.95
O2 AHR SA . 44.69 47.06 2.11
C1 AHR SA . 43.42 46.09 4.03
C1 GAL TA . 32.77 44.54 8.17
C2 GAL TA . 32.03 45.73 7.59
C3 GAL TA . 31.17 45.35 6.40
C4 GAL TA . 31.96 44.53 5.40
C5 GAL TA . 32.61 43.35 6.09
C6 GAL TA . 33.47 42.51 5.18
O2 GAL TA . 31.23 46.34 8.60
O3 GAL TA . 30.65 46.53 5.79
O4 GAL TA . 33.00 45.32 4.82
O5 GAL TA . 33.46 43.83 7.14
O6 GAL TA . 34.70 43.15 4.90
C1 BMA TA . 32.88 46.21 3.70
C2 BMA TA . 33.79 47.42 3.76
C3 BMA TA . 33.39 48.36 2.65
C4 BMA TA . 33.51 47.63 1.32
C5 BMA TA . 32.75 46.30 1.32
C6 BMA TA . 33.09 45.50 0.07
O2 BMA TA . 35.16 47.02 3.59
O3 BMA TA . 34.24 49.51 2.66
O4 BMA TA . 32.96 48.46 0.29
O5 BMA TA . 33.08 45.52 2.48
O6 BMA TA . 32.42 44.23 0.12
C2 BGC TA . 31.49 49.99 -0.85
C3 BGC TA . 31.40 51.07 -1.91
C4 BGC TA . 32.52 52.08 -1.77
C5 BGC TA . 33.88 51.37 -1.71
C6 BGC TA . 35.02 52.33 -1.44
C1 BGC TA . 32.88 49.39 -0.79
O2 BGC TA . 30.53 48.96 -1.09
O3 BGC TA . 30.13 51.73 -1.82
O4 BGC TA . 32.52 52.98 -2.86
O5 BGC TA . 33.87 50.41 -0.64
O6 BGC TA . 36.26 51.63 -1.38
O5 AHR TA . 31.39 52.63 -7.55
C5 AHR TA . 32.23 53.75 -7.31
C4 AHR TA . 32.77 53.73 -5.89
O4 AHR TA . 31.69 53.74 -4.92
C3 AHR TA . 33.64 54.92 -5.50
O3 AHR TA . 34.95 54.85 -6.04
C2 AHR TA . 33.56 54.85 -3.98
O2 AHR TA . 33.73 56.12 -3.35
C1 AHR TA . 32.25 54.13 -3.66
C1 MAN TA . 33.42 57.28 -2.61
C2 MAN TA . 33.38 58.48 -3.54
C3 MAN TA . 34.76 58.85 -4.03
C4 MAN TA . 35.74 58.97 -2.88
C5 MAN TA . 35.73 57.70 -2.05
C6 MAN TA . 36.62 57.78 -0.83
O2 MAN TA . 32.72 59.57 -2.91
O3 MAN TA . 34.71 60.07 -4.76
O4 MAN TA . 37.06 59.19 -3.37
O5 MAN TA . 34.39 57.43 -1.58
O6 MAN TA . 36.53 56.59 -0.05
O5 AHR TA . 28.80 61.54 -0.45
C5 AHR TA . 29.14 62.31 -1.59
C4 AHR TA . 30.04 61.53 -2.53
O4 AHR TA . 31.26 61.14 -1.87
C3 AHR TA . 30.51 62.26 -3.78
O3 AHR TA . 29.48 62.40 -4.76
C2 AHR TA . 31.69 61.39 -4.20
O2 AHR TA . 32.57 62.05 -5.08
C1 AHR TA . 32.29 60.95 -2.86
O5 AHR TA . 27.97 67.11 -4.47
C5 AHR TA . 27.65 66.53 -5.73
C4 AHR TA . 27.82 65.02 -5.70
O4 AHR TA . 29.18 64.66 -5.39
C3 AHR TA . 27.52 64.30 -7.02
O3 AHR TA . 26.13 64.20 -7.30
C2 AHR TA . 28.23 62.97 -6.78
O2 AHR TA . 28.54 62.29 -7.97
C1 AHR TA . 29.41 63.31 -5.87
O5 AHR TA . 27.39 58.30 -5.46
C5 AHR TA . 27.23 58.11 -6.86
C4 AHR TA . 27.82 59.24 -7.66
O4 AHR TA . 27.20 60.50 -7.31
C3 AHR TA . 27.67 59.15 -9.17
O3 AHR TA . 28.55 58.21 -9.77
C2 AHR TA . 27.93 60.59 -9.58
O2 AHR TA . 27.34 60.94 -10.81
C1 AHR TA . 27.48 61.44 -8.36
O5 AHR TA . 36.74 59.08 -7.88
C5 AHR TA . 37.78 58.22 -7.46
C4 AHR TA . 37.27 56.82 -7.21
O4 AHR TA . 36.25 56.81 -6.18
C3 AHR TA . 38.29 55.80 -6.72
O3 AHR TA . 39.19 55.38 -7.74
C2 AHR TA . 37.39 54.72 -6.17
O2 AHR TA . 38.03 53.86 -5.24
C1 AHR TA . 36.16 55.49 -5.63
O5 AHR TA . 43.61 57.68 -7.91
C5 AHR TA . 43.74 56.27 -7.86
C4 AHR TA . 42.43 55.58 -8.17
O4 AHR TA . 41.41 55.94 -7.22
C3 AHR TA . 42.45 54.06 -8.15
O3 AHR TA . 43.10 53.49 -9.28
C2 AHR TA . 40.96 53.76 -8.07
O2 AHR TA . 40.65 52.45 -7.63
C1 AHR TA . 40.41 54.90 -7.20
O5 FUB TA . 38.75 49.26 -5.12
C5 FUB TA . 39.12 48.42 -6.20
C4 FUB TA . 39.43 49.22 -7.44
O4 FUB TA . 40.50 50.16 -7.20
C3 FUB TA . 38.29 50.10 -7.98
O3 FUB TA . 37.28 49.36 -8.64
C2 FUB TA . 39.06 51.06 -8.88
O2 FUB TA . 38.38 52.27 -9.09
C1 FUB TA . 40.45 51.16 -8.23
O5 AHR TA . 27.76 47.61 2.68
C5 AHR TA . 27.27 47.06 1.46
C4 AHR TA . 28.26 47.24 0.35
O4 AHR TA . 28.56 48.64 0.12
C3 AHR TA . 27.83 46.73 -1.03
O3 AHR TA . 27.86 45.31 -1.14
C2 AHR TA . 28.82 47.45 -1.93
O2 AHR TA . 28.36 47.59 -3.26
C1 AHR TA . 29.12 48.77 -1.19
C1 MAN TA . 27.68 47.37 -4.49
C2 MAN TA . 28.53 46.47 -5.38
C3 MAN TA . 29.72 47.21 -5.97
C4 MAN TA . 29.30 48.53 -6.58
C5 MAN TA . 28.53 49.37 -5.56
C6 MAN TA . 28.03 50.67 -6.12
O2 MAN TA . 27.75 45.71 -6.32
O3 MAN TA . 30.34 46.39 -6.96
O4 MAN TA . 30.44 49.26 -7.01
O5 MAN TA . 27.38 48.63 -5.09
O6 MAN TA . 27.23 51.37 -5.17
C1 MAN TA . 26.81 45.82 -7.39
C2 MAN TA . 27.11 46.69 -8.60
C3 MAN TA . 26.55 48.09 -8.44
C4 MAN TA . 25.10 48.06 -8.04
C5 MAN TA . 24.92 47.22 -6.78
C6 MAN TA . 23.48 47.06 -6.36
O2 MAN TA . 26.61 46.07 -9.77
O3 MAN TA . 26.70 48.80 -9.68
O4 MAN TA . 24.62 49.37 -7.78
O5 MAN TA . 25.43 45.88 -7.01
O6 MAN TA . 23.35 46.20 -5.23
C1 MAN TA . 36.00 45.85 3.75
C2 MAN TA . 36.90 45.98 4.97
C3 MAN TA . 38.09 46.87 4.71
C4 MAN TA . 38.80 46.46 3.42
C5 MAN TA . 37.82 46.43 2.26
C6 MAN TA . 38.45 45.95 0.98
O2 MAN TA . 37.32 44.69 5.39
O3 MAN TA . 38.99 46.79 5.81
O4 MAN TA . 39.84 47.38 3.13
O5 MAN TA . 36.73 45.54 2.57
O6 MAN TA . 37.48 45.84 -0.06
O5 AHR TA . 29.97 46.87 13.34
C5 AHR TA . 28.93 47.30 12.47
C4 AHR TA . 29.19 46.87 11.04
O4 AHR TA . 30.46 47.38 10.57
C3 AHR TA . 28.18 47.36 10.01
O3 AHR TA . 26.96 46.64 10.06
C2 AHR TA . 28.98 47.17 8.72
O2 AHR TA . 28.50 47.98 7.65
C1 AHR TA . 30.44 47.40 9.13
O5 AHR UA . 40.65 54.22 16.72
C5 AHR UA . 39.49 55.05 16.74
C4 AHR UA . 39.47 56.00 15.57
O4 AHR UA . 40.66 56.83 15.56
C3 AHR UA . 38.31 57.00 15.54
O3 AHR UA . 37.06 56.43 15.17
C2 AHR UA . 38.86 58.02 14.55
O2 AHR UA . 38.20 59.28 14.64
C1 AHR UA . 40.36 58.05 14.85
O5 FUB UA . 37.17 53.42 18.34
C5 FUB UA . 35.78 53.31 18.12
C4 FUB UA . 35.25 54.47 17.32
O4 FUB UA . 35.92 54.58 16.05
C3 FUB UA . 35.41 55.86 17.95
O3 FUB UA . 34.52 56.11 19.03
C2 FUB UA . 35.20 56.75 16.73
O2 FUB UA . 35.70 58.06 16.89
C1 FUB UA . 35.78 55.93 15.56
O5 FUB UA . 32.50 59.19 19.70
C5 FUB UA . 32.23 60.22 18.76
C4 FUB UA . 33.38 60.40 17.81
O4 FUB UA . 33.67 59.19 17.09
C3 FUB UA . 34.73 60.77 18.45
O3 FUB UA . 34.78 62.13 18.88
C2 FUB UA . 35.69 60.44 17.31
O2 FUB UA . 37.01 60.21 17.74
C1 FUB UA . 35.01 59.26 16.59
C1 GAL UA . 37.77 61.40 17.46
C2 GAL UA . 39.20 61.19 17.85
C3 GAL UA . 40.08 62.37 17.42
C4 GAL UA . 39.83 62.73 15.97
C5 GAL UA . 38.35 62.94 15.71
C6 GAL UA . 38.03 63.22 14.27
O2 GAL UA . 39.31 60.97 19.25
O3 GAL UA . 41.45 62.05 17.63
O4 GAL UA . 40.32 61.69 15.12
O5 GAL UA . 37.65 61.74 16.08
O6 GAL UA . 36.70 63.71 14.12
O5 AHR UA . 37.69 56.53 20.43
C5 AHR UA . 38.59 57.04 21.41
C4 AHR UA . 38.88 58.50 21.20
O4 AHR UA . 39.48 58.73 19.90
C3 AHR UA . 39.85 59.15 22.18
O3 AHR UA . 39.28 59.40 23.46
C2 AHR UA . 40.25 60.40 21.41
O2 AHR UA . 41.50 60.92 21.80
C1 AHR UA . 40.12 60.02 19.92
O5 FUB UA . 34.77 52.47 21.35
C5 FUB UA . 33.37 52.63 21.56
C4 FUB UA . 32.92 54.02 21.21
O4 FUB UA . 33.22 54.34 19.84
C3 FUB UA . 33.58 55.14 22.01
O3 FUB UA . 33.08 55.25 23.34
C2 FUB UA . 33.27 56.34 21.12
O2 FUB UA . 34.11 57.45 21.36
C1 FUB UA . 33.29 55.77 19.70
O5 AHR UA . 33.68 56.97 26.27
C5 AHR UA . 34.05 58.29 25.91
C4 AHR UA . 33.87 58.53 24.43
O4 AHR UA . 34.70 57.64 23.66
C3 AHR UA . 34.24 59.92 23.93
O3 AHR UA . 33.28 60.91 24.27
C2 AHR UA . 34.38 59.65 22.44
O2 AHR UA . 35.17 60.61 21.77
C1 AHR UA . 34.87 58.20 22.35
O5 FUB VA . 44.93 58.17 21.01
C5 FUB VA . 44.07 58.42 19.90
C4 FUB VA . 44.82 59.08 18.76
O4 FUB VA . 43.95 59.34 17.64
C3 FUB VA . 45.97 58.27 18.16
O3 FUB VA . 47.13 58.27 18.98
C2 FUB VA . 46.15 58.98 16.82
O2 FUB VA . 46.69 58.13 15.82
C1 FUB VA . 44.76 59.56 16.49
C1 BMA VA . 47.91 57.40 15.77
C2 BMA VA . 48.05 56.67 14.45
C3 BMA VA . 49.46 56.11 14.26
C4 BMA VA . 50.49 57.21 14.48
C5 BMA VA . 50.27 57.81 15.86
C6 BMA VA . 51.25 58.94 16.16
O2 BMA VA . 47.77 57.59 13.38
O3 BMA VA . 49.58 55.59 12.94
O4 BMA VA . 51.80 56.66 14.33
O5 BMA VA . 48.97 58.36 15.95
O6 BMA VA . 52.40 58.42 16.84
C1 BMA VA . 53.24 56.55 14.40
C2 BMA VA . 53.88 56.06 13.09
C3 BMA VA . 55.40 56.16 13.15
C4 BMA VA . 55.90 57.47 13.73
C5 BMA VA . 55.18 57.76 15.05
C6 BMA VA . 55.57 59.09 15.67
O2 BMA VA . 53.39 56.81 11.96
O3 BMA VA . 55.95 56.00 11.84
O4 BMA VA . 57.32 57.39 13.95
O5 BMA VA . 53.78 57.80 14.79
O6 BMA VA . 54.83 59.28 16.88
C1 NGA VA . 58.60 57.87 14.44
C2 NGA VA . 59.74 57.37 13.53
C3 NGA VA . 61.04 58.09 13.85
C4 NGA VA . 60.85 59.60 13.95
C5 NGA VA . 59.76 59.84 14.98
C6 NGA VA . 59.51 61.30 15.29
C7 NGA VA . 59.85 55.01 12.76
C8 NGA VA . 60.10 53.61 13.24
N2 NGA VA . 59.93 55.96 13.73
O3 NGA VA . 61.98 57.72 12.87
O4 NGA VA . 60.50 60.10 12.67
O5 NGA VA . 58.56 59.27 14.50
O6 NGA VA . 59.54 61.49 16.69
O7 NGA VA . 59.61 55.28 11.59
C1 MAN VA . 58.20 61.27 17.11
C2 MAN VA . 57.73 62.34 18.08
C3 MAN VA . 58.29 62.14 19.48
C4 MAN VA . 58.07 60.71 19.94
C5 MAN VA . 58.66 59.74 18.93
C6 MAN VA . 58.44 58.29 19.28
O2 MAN VA . 56.32 62.38 18.11
O3 MAN VA . 57.67 63.05 20.38
O4 MAN VA . 58.65 60.49 21.22
O5 MAN VA . 58.05 59.95 17.64
O6 MAN VA . 59.00 57.43 18.30
C1 MAN VA . 58.82 59.95 22.55
C2 MAN VA . 58.08 58.63 22.71
C3 MAN VA . 56.59 58.81 22.88
C4 MAN VA . 56.30 59.84 23.96
C5 MAN VA . 57.02 61.14 23.66
C6 MAN VA . 56.84 62.18 24.74
O2 MAN VA . 58.64 57.91 23.81
O3 MAN VA . 55.99 57.57 23.21
O4 MAN VA . 54.90 60.07 24.06
O5 MAN VA . 58.44 60.90 23.56
O6 MAN VA . 57.61 63.35 24.49
C1 MAN VA . 53.58 60.61 23.96
C2 MAN VA . 53.19 61.28 25.27
C3 MAN VA . 52.87 60.27 26.36
C4 MAN VA . 51.88 59.23 25.84
C5 MAN VA . 52.42 58.58 24.58
C6 MAN VA . 51.46 57.57 23.98
O2 MAN VA . 52.08 62.16 25.05
O3 MAN VA . 52.33 60.95 27.50
O4 MAN VA . 51.68 58.22 26.83
O5 MAN VA . 52.66 59.58 23.57
O6 MAN VA . 51.96 57.05 22.75
C1 GAL VA . 51.93 60.69 28.86
C2 GAL VA . 51.23 61.91 29.46
C3 GAL VA . 50.60 61.59 30.81
C4 GAL VA . 49.74 60.35 30.73
C5 GAL VA . 50.54 59.19 30.16
C6 GAL VA . 49.73 57.94 29.96
O2 GAL VA . 52.12 63.03 29.51
O3 GAL VA . 49.84 62.71 31.27
O4 GAL VA . 48.60 60.59 29.91
O5 GAL VA . 51.03 59.57 28.85
O6 GAL VA . 48.93 57.67 31.11
C1 MAN VA . 52.31 64.37 29.94
C2 MAN VA . 53.54 65.18 29.53
C3 MAN VA . 54.67 65.05 30.53
C4 MAN VA . 54.18 65.32 31.94
C5 MAN VA . 53.01 64.42 32.26
C6 MAN VA . 52.42 64.68 33.63
O2 MAN VA . 53.17 66.55 29.34
O3 MAN VA . 55.70 65.98 30.19
O4 MAN VA . 55.24 65.08 32.87
O5 MAN VA . 51.95 64.62 31.31
O6 MAN VA . 51.26 63.87 33.85
O5 AHR VA . 55.52 68.93 34.08
C5 AHR VA . 55.87 69.65 32.91
C4 AHR VA . 55.66 68.81 31.66
O4 AHR VA . 56.47 67.62 31.70
C3 AHR VA . 56.04 69.47 30.34
O3 AHR VA . 55.08 70.44 29.91
C2 AHR VA . 56.16 68.25 29.43
O2 AHR VA . 56.99 68.48 28.31
C1 AHR VA . 56.58 67.10 30.37
O5 AHR VA . 59.33 72.14 28.25
C5 AHR VA . 58.26 73.03 27.93
C4 AHR VA . 57.00 72.65 28.67
O4 AHR VA . 56.58 71.31 28.33
C3 AHR VA . 55.77 73.51 28.38
O3 AHR VA . 55.82 74.79 29.00
C2 AHR VA . 54.65 72.60 28.88
O2 AHR VA . 53.40 72.86 28.29
C1 AHR VA . 55.19 71.17 28.69
O5 AHR VA . 48.96 64.49 27.00
C5 AHR VA . 47.86 64.61 27.88
C4 AHR VA . 47.89 63.54 28.96
O4 AHR VA . 47.85 62.22 28.38
C3 AHR VA . 46.73 63.56 29.95
O3 AHR VA . 46.85 64.60 30.93
C2 AHR VA . 46.83 62.15 30.53
O2 AHR VA . 45.60 61.68 31.06
C1 AHR VA . 47.45 61.30 29.41
O5 AHR VA . 42.89 57.81 32.24
C5 AHR VA . 42.12 58.80 31.57
C4 AHR VA . 43.00 59.87 30.96
O4 AHR VA . 43.78 60.53 31.97
C3 AHR VA . 42.27 61.01 30.24
O3 AHR VA . 41.76 60.63 28.97
C2 AHR VA . 43.37 62.06 30.19
O2 AHR VA . 42.86 63.39 30.07
C1 AHR VA . 44.24 61.79 31.43
O5 AHR VA . 45.26 54.51 31.65
C5 AHR VA . 45.24 55.50 32.67
C4 AHR VA . 46.19 56.62 32.36
O4 AHR VA . 47.55 56.15 32.24
C3 AHR VA . 46.29 57.74 33.40
O3 AHR VA . 45.17 58.62 33.38
C2 AHR VA . 47.61 58.40 33.02
O2 AHR VA . 48.22 59.10 34.08
C1 AHR VA . 48.44 57.26 32.39
C1 MAN VA . 51.90 55.64 22.92
C2 MAN VA . 53.31 55.08 23.08
C3 MAN VA . 54.06 55.05 21.76
C4 MAN VA . 53.23 54.40 20.67
C5 MAN VA . 51.87 55.09 20.57
C6 MAN VA . 50.96 54.43 19.55
O2 MAN VA . 53.24 53.77 23.64
O3 MAN VA . 55.29 54.35 21.93
O4 MAN VA . 53.90 54.50 19.42
O5 MAN VA . 51.19 55.03 21.83
O6 MAN VA . 49.67 55.03 19.56
C1 BMA VA . 59.94 56.36 18.21
C2 BMA VA . 61.04 56.69 17.22
C3 BMA VA . 61.97 55.50 17.11
C4 BMA VA . 62.54 55.20 18.49
C5 BMA VA . 61.39 54.92 19.45
C6 BMA VA . 61.90 54.60 20.85
O2 BMA VA . 61.78 57.83 17.66
O3 BMA VA . 63.01 55.78 16.17
O4 BMA VA . 63.41 54.07 18.42
O5 BMA VA . 60.49 56.03 19.49
O6 BMA VA . 62.88 55.56 21.27
C1 BMA VA . 64.59 53.59 17.77
C2 BMA VA . 64.80 52.12 18.13
C3 BMA VA . 65.97 51.55 17.34
C4 BMA VA . 65.71 51.74 15.86
C5 BMA VA . 65.51 53.22 15.57
C6 BMA VA . 65.19 53.44 14.09
O2 BMA VA . 63.61 51.39 17.82
O3 BMA VA . 66.11 50.16 17.66
O4 BMA VA . 66.84 51.25 15.12
O5 BMA VA . 64.44 53.74 16.35
O6 BMA VA . 66.26 52.94 13.28
C1 MAN VA . 66.66 49.07 18.39
C2 MAN VA . 67.03 49.52 19.79
C3 MAN VA . 68.28 50.38 19.82
C4 MAN VA . 69.40 49.73 19.02
C5 MAN VA . 68.93 49.40 17.62
C6 MAN VA . 69.97 48.69 16.80
O2 MAN VA . 67.19 48.37 20.63
O3 MAN VA . 68.68 50.60 21.17
O4 MAN VA . 70.51 50.62 18.95
O5 MAN VA . 67.77 48.54 17.67
O6 MAN VA . 69.45 48.31 15.53
O5 AHR VA . 69.98 53.90 22.50
C5 AHR VA . 71.21 54.08 21.81
C4 AHR VA . 71.26 53.25 20.55
O4 AHR VA . 71.12 51.84 20.84
C3 AHR VA . 72.55 53.34 19.74
O3 AHR VA . 72.68 54.55 19.01
C2 AHR VA . 72.43 52.09 18.87
O2 AHR VA . 73.68 51.61 18.41
C1 AHR VA . 71.61 51.10 19.72
C1 BMA VA . 67.38 52.95 12.40
C2 BMA VA . 67.15 51.98 11.26
C3 BMA VA . 68.29 52.04 10.25
C4 BMA VA . 68.51 53.49 9.82
C5 BMA VA . 68.70 54.38 11.02
C6 BMA VA . 68.85 55.83 10.59
O2 BMA VA . 65.91 52.31 10.61
O3 BMA VA . 67.97 51.25 9.10
O4 BMA VA . 69.67 53.56 8.98
O5 BMA VA . 67.59 54.27 11.92
O6 BMA VA . 68.64 56.68 11.71
O5 AHR VA . 65.68 47.68 6.54
C5 AHR VA . 66.31 48.63 5.68
C4 AHR VA . 67.25 49.51 6.44
O4 AHR VA . 66.58 50.27 7.46
C3 AHR VA . 67.98 50.58 5.61
O3 AHR VA . 69.02 50.04 4.81
C2 AHR VA . 68.46 51.52 6.72
O2 AHR VA . 68.74 52.83 6.26
C1 AHR VA . 67.37 51.41 7.80
O5 AHR VA . 68.19 60.81 14.20
C5 AHR VA . 69.44 60.76 13.51
C4 AHR VA . 69.48 59.60 12.54
O4 AHR VA . 69.29 58.34 13.22
C3 AHR VA . 70.79 59.41 11.77
O3 AHR VA . 70.96 60.37 10.73
C2 AHR VA . 70.63 57.97 11.29
O2 AHR VA . 71.87 57.33 11.03
C1 AHR VA . 69.75 57.29 12.36
O5 AHR VA . 62.50 62.41 15.85
C5 AHR VA . 63.72 61.82 16.28
C4 AHR VA . 63.56 60.33 16.53
O4 AHR VA . 62.58 60.08 17.55
C3 AHR VA . 64.81 59.60 16.99
O3 AHR VA . 65.75 59.37 15.96
C2 AHR VA . 64.20 58.32 17.57
O2 AHR VA . 65.02 57.67 18.51
C1 AHR VA . 62.82 58.76 18.09
O5 AHR VA . 64.41 60.07 22.77
C5 AHR VA . 63.54 59.47 23.72
C4 AHR VA . 63.36 57.99 23.45
O4 AHR VA . 62.81 57.77 22.14
C3 AHR VA . 62.42 57.24 24.39
O3 AHR VA . 62.97 57.01 25.68
C2 AHR VA . 62.15 55.98 23.57
O2 AHR VA . 60.98 55.29 23.98
C1 AHR VA . 62.17 56.47 22.12
O5 FUB VA . 54.52 64.78 21.42
C5 FUB VA . 53.43 63.90 21.26
C4 FUB VA . 53.51 63.16 19.95
O4 FUB VA . 54.73 62.41 19.84
C3 FUB VA . 53.50 64.03 18.68
O3 FUB VA . 52.21 64.56 18.37
C2 FUB VA . 54.04 63.05 17.65
O2 FUB VA . 54.63 63.69 16.53
C1 FUB VA . 54.97 62.12 18.45
O5 AHR VA . 64.34 55.09 9.57
C5 AHR VA . 65.24 55.85 10.37
C4 AHR VA . 64.53 56.46 11.56
O4 AHR VA . 63.49 57.36 11.14
C3 AHR VA . 65.40 57.32 12.48
O3 AHR VA . 66.26 56.55 13.33
C2 AHR VA . 64.33 58.12 13.23
O2 AHR VA . 64.81 59.35 13.72
C1 AHR VA . 63.15 58.20 12.25
O5 FUB VA . 50.05 56.84 8.22
C5 FUB VA . 49.73 55.66 8.94
C4 FUB VA . 50.88 55.23 9.82
O4 FUB VA . 51.20 56.25 10.80
C3 FUB VA . 52.20 54.97 9.11
O3 FUB VA . 52.24 53.71 8.43
C2 FUB VA . 53.21 55.12 10.25
O2 FUB VA . 54.45 55.64 9.83
C1 FUB VA . 52.48 55.91 11.34
O5 AHR VA . 55.43 49.99 9.03
C5 AHR VA . 54.09 49.55 9.17
C4 AHR VA . 53.11 50.60 8.68
O4 AHR VA . 53.24 51.82 9.43
C3 AHR VA . 51.63 50.25 8.81
O3 AHR VA . 51.20 49.30 7.84
C2 AHR VA . 51.00 51.63 8.67
O2 AHR VA . 49.69 51.69 9.20
C1 AHR VA . 52.03 52.58 9.29
O5 AHR VA . 41.59 54.48 21.22
C5 AHR VA . 42.60 54.34 22.22
C4 AHR VA . 43.41 55.61 22.36
O4 AHR VA . 44.06 55.95 21.12
C3 AHR VA . 44.55 55.55 23.37
O3 AHR VA . 44.10 55.62 24.72
C2 AHR VA . 45.39 56.75 22.93
O2 AHR VA . 46.72 56.68 23.36
C1 AHR VA . 45.18 56.80 21.40
C1 GAL WA . 42.94 51.90 11.11
C2 GAL WA . 44.30 51.41 10.68
C3 GAL WA . 44.46 49.91 10.89
C4 GAL WA . 44.02 49.50 12.28
C5 GAL WA . 42.62 50.01 12.56
C6 GAL WA . 42.14 49.69 13.95
O2 GAL WA . 44.53 51.75 9.32
O3 GAL WA . 45.82 49.55 10.64
O4 GAL WA . 44.91 50.07 13.26
O5 GAL WA . 42.61 51.43 12.43
O6 GAL WA . 42.76 50.54 14.91
C1 BMA WA . 46.16 49.58 13.77
C2 BMA WA . 47.19 50.64 14.14
C3 BMA WA . 48.50 49.93 14.37
C4 BMA WA . 48.33 48.87 15.45
C5 BMA WA . 47.16 47.94 15.16
C6 BMA WA . 46.88 47.06 16.38
O2 BMA WA . 46.79 51.29 15.36
O3 BMA WA . 49.51 50.87 14.75
O4 BMA WA . 49.53 48.10 15.53
O5 BMA WA . 45.97 48.66 14.84
O6 BMA WA . 45.74 46.23 16.12
C2 BGC WA . 51.48 46.85 14.85
C3 BGC WA . 52.89 46.43 15.23
C4 BGC WA . 53.68 47.62 15.76
C5 BGC WA . 52.92 48.32 16.87
C6 BGC WA . 53.61 49.58 17.35
C1 BGC WA . 50.81 47.62 15.96
O2 BGC WA . 50.70 45.72 14.51
O3 BGC WA . 53.55 45.87 14.10
O4 BGC WA . 54.93 47.17 16.27
O5 BGC WA . 51.62 48.72 16.39
O6 BGC WA . 52.85 50.21 18.39
O5 AHR WA . 56.47 43.16 18.50
C5 AHR WA . 57.36 44.26 18.73
C4 AHR WA . 56.76 45.55 18.23
O4 AHR WA . 56.48 45.49 16.82
C3 AHR WA . 57.65 46.80 18.38
O3 AHR WA . 57.70 47.29 19.72
C2 AHR WA . 57.02 47.74 17.37
O2 AHR WA . 57.93 48.68 16.84
C1 AHR WA . 56.32 46.84 16.34
C1 MAN WA . 58.73 49.35 15.88
C2 MAN WA . 60.20 49.09 16.20
C3 MAN WA . 60.63 49.81 17.47
C4 MAN WA . 60.23 51.27 17.43
C5 MAN WA . 58.75 51.41 17.16
C6 MAN WA . 58.29 52.84 17.03
O2 MAN WA . 61.02 49.44 15.09
O3 MAN WA . 62.04 49.68 17.64
O4 MAN WA . 60.53 51.89 18.67
O5 MAN WA . 58.41 50.74 15.92
O6 MAN WA . 56.90 52.92 16.71
O5 AHR WA . 62.16 49.13 10.20
C5 AHR WA . 63.28 48.83 11.02
C4 AHR WA . 62.85 48.55 12.44
O4 AHR WA . 62.16 49.67 13.02
C3 AHR WA . 63.99 48.26 13.44
O3 AHR WA . 64.55 46.96 13.28
C2 AHR WA . 63.26 48.49 14.76
O2 AHR WA . 64.14 48.70 15.85
C1 AHR WA . 62.29 49.64 14.45
O5 AHR WA . 68.88 47.69 10.99
C5 AHR WA . 68.86 46.45 11.68
C4 AHR WA . 67.45 46.09 12.09
O4 AHR WA . 66.90 47.08 12.98
C3 AHR WA . 67.30 44.77 12.87
O3 AHR WA . 67.42 43.63 12.03
C2 AHR WA . 65.94 44.96 13.50
O2 AHR WA . 65.75 44.15 14.65
C1 AHR WA . 65.82 46.48 13.73
O5 AHR WA . 61.19 43.76 13.02
C5 AHR WA . 61.55 42.65 13.83
C4 AHR WA . 62.86 42.89 14.54
O4 AHR WA . 63.94 43.12 13.60
C3 AHR WA . 63.36 41.74 15.42
O3 AHR WA . 62.66 41.62 16.64
C2 AHR WA . 64.84 42.11 15.56
O2 AHR WA . 65.67 41.01 15.84
C1 AHR WA . 65.18 42.90 14.29
O5 AHR WA . 62.18 48.63 21.33
C5 AHR WA . 61.15 49.33 22.02
C4 AHR WA . 59.80 48.69 21.77
O4 AHR WA . 59.47 48.69 20.36
C3 AHR WA . 58.60 49.37 22.43
O3 AHR WA . 58.54 49.14 23.83
C2 AHR WA . 57.45 48.77 21.63
O2 AHR WA . 56.27 49.55 21.69
C1 AHR WA . 58.04 48.58 20.22
O5 AHR WA . 60.42 52.73 26.75
C5 AHR WA . 59.08 52.39 27.11
C4 AHR WA . 58.66 51.08 26.47
O4 AHR WA . 58.70 51.15 25.03
C3 AHR WA . 57.24 50.60 26.79
O3 AHR WA . 57.11 50.10 28.10
C2 AHR WA . 57.05 49.56 25.69
O2 AHR WA . 55.70 49.22 25.46
C1 AHR WA . 57.80 50.16 24.49
O5 FUB WA . 51.93 48.59 23.10
C5 FUB WA . 51.54 47.84 24.24
C4 FUB WA . 52.73 47.48 25.10
O4 FUB WA . 53.42 48.66 25.55
C3 FUB WA . 53.82 46.64 24.41
O3 FUB WA . 53.46 45.29 24.25
C2 FUB WA . 55.00 46.89 25.35
O2 FUB WA . 56.25 46.68 24.73
C1 FUB WA . 54.75 48.28 25.96
O5 AHR WA . 48.20 45.95 10.32
C5 AHR WA . 48.19 44.63 10.85
C4 AHR WA . 48.72 44.61 12.26
O4 AHR WA . 50.07 45.11 12.33
C3 AHR WA . 48.80 43.23 12.92
O3 AHR WA . 47.54 42.71 13.31
C2 AHR WA . 49.74 43.52 14.08
O2 AHR WA . 50.41 42.37 14.55
C1 AHR WA . 50.66 44.64 13.56
C1 MAN WA . 50.71 41.02 14.88
C2 MAN WA . 50.17 40.69 16.26
C3 MAN WA . 51.00 41.33 17.37
C4 MAN WA . 52.48 41.07 17.17
C5 MAN WA . 52.91 41.52 15.78
C6 MAN WA . 54.36 41.23 15.49
O2 MAN WA . 49.89 39.30 16.45
O3 MAN WA . 50.57 40.82 18.64
O4 MAN WA . 53.23 41.79 18.14
O5 MAN WA . 52.14 40.83 14.78
O6 MAN WA . 54.70 41.58 14.15
C1 MAN WA . 50.26 37.94 16.15
C2 MAN WA . 51.41 37.36 16.94
C3 MAN WA . 52.72 37.40 16.18
C4 MAN WA . 52.55 36.83 14.78
C5 MAN WA . 51.41 37.53 14.06
C6 MAN WA . 51.13 36.95 12.69
O2 MAN WA . 51.10 36.02 17.34
O3 MAN WA . 53.72 36.68 16.89
O4 MAN WA . 53.75 36.98 14.03
O5 MAN WA . 50.19 37.39 14.82
O6 MAN WA . 50.00 37.57 12.08
C1 MAN WA . 45.59 51.58 16.11
C2 MAN WA . 45.18 53.04 15.99
C3 MAN WA . 46.03 53.94 16.85
C4 MAN WA . 46.08 53.43 18.27
C5 MAN WA . 46.57 52.00 18.30
C6 MAN WA . 46.58 51.39 19.68
O2 MAN WA . 43.81 53.18 16.30
O3 MAN WA . 45.46 55.26 16.84
O4 MAN WA . 46.98 54.23 19.05
O5 MAN WA . 45.71 51.17 17.48
O6 MAN WA . 46.93 50.01 19.65
O5 AHR WA . 43.31 54.31 5.28
C5 AHR WA . 44.12 53.18 4.98
C4 AHR WA . 44.24 52.26 6.17
O4 AHR WA . 44.80 52.95 7.30
C3 AHR WA . 45.16 51.04 5.97
O3 AHR WA . 44.57 50.03 5.18
C2 AHR WA . 45.42 50.65 7.43
O2 AHR WA . 46.61 49.89 7.59
C1 AHR WA . 45.37 51.97 8.21
O5 AHR XA . 48.30 65.99 9.53
C5 AHR XA . 49.15 65.51 8.51
C4 AHR XA . 50.47 65.02 9.07
O4 AHR XA . 51.14 66.08 9.79
C3 AHR XA . 51.51 64.56 8.05
O3 AHR XA . 51.23 63.29 7.48
C2 AHR XA . 52.78 64.61 8.90
O2 AHR XA . 53.96 64.65 8.12
C1 AHR XA . 52.55 65.83 9.80
O5 FUB XA . 47.26 64.41 6.13
C5 FUB XA . 47.38 63.29 5.26
C4 FUB XA . 48.80 62.79 5.18
O4 FUB XA . 49.31 62.44 6.47
C3 FUB XA . 49.83 63.78 4.63
O3 FUB XA . 49.73 63.97 3.21
C2 FUB XA . 51.12 63.12 5.09
O2 FUB XA . 52.22 64.00 5.10
C1 FUB XA . 50.75 62.48 6.43
O5 FUB XA . 52.51 64.07 0.70
C5 FUB XA . 53.83 63.61 0.92
C4 FUB XA . 54.26 63.83 2.36
O4 FUB XA . 53.38 63.14 3.27
C3 FUB XA . 54.25 65.27 2.86
O3 FUB XA . 55.32 66.05 2.36
C2 FUB XA . 54.26 65.05 4.36
O2 FUB XA . 53.79 66.16 5.10
C1 FUB XA . 53.51 63.72 4.57
C1 GAL XA . 54.92 66.87 5.61
C2 GAL XA . 54.46 68.02 6.46
C3 GAL XA . 55.62 68.72 7.15
C4 GAL XA . 56.53 67.71 7.84
C5 GAL XA . 56.94 66.61 6.88
C6 GAL XA . 57.77 65.53 7.53
O2 GAL XA . 53.71 68.95 5.67
O3 GAL XA . 55.14 69.67 8.09
O4 GAL XA . 55.83 67.12 8.95
O5 GAL XA . 55.76 65.98 6.36
O6 GAL XA . 58.38 64.70 6.56
O5 AHR XA . 49.32 67.19 4.56
C5 AHR XA . 49.34 68.60 4.48
C4 AHR XA . 50.76 69.13 4.55
O4 AHR XA . 51.40 68.75 5.79
C3 AHR XA . 50.90 70.65 4.51
O3 AHR XA . 50.70 71.20 3.21
C2 AHR XA . 52.31 70.82 5.06
O2 AHR XA . 52.53 72.09 5.63
C1 AHR XA . 52.51 69.62 6.00
O5 FUB XA . 45.48 64.47 2.59
C5 FUB XA . 45.67 63.73 1.39
C4 FUB XA . 47.13 63.66 1.02
O4 FUB XA . 47.91 63.05 2.07
C3 FUB XA . 47.82 65.00 0.77
O3 FUB XA . 47.47 65.58 -0.48
C2 FUB XA . 49.29 64.60 0.89
O2 FUB XA . 50.14 65.70 1.14
C1 FUB XA . 49.27 63.48 1.95
O5 AHR XA . 47.91 68.49 -2.27
C5 AHR XA . 49.24 68.94 -2.03
C4 AHR XA . 50.02 67.92 -1.24
O4 AHR XA . 49.40 67.67 0.05
C3 AHR XA . 51.46 68.29 -0.89
O3 AHR XA . 52.33 68.21 -2.01
C2 AHR XA . 51.75 67.30 0.22
O2 AHR XA . 52.82 67.72 1.05
C1 AHR XA . 50.40 67.10 0.92
O5 FUB YA . 49.96 72.94 9.22
C5 FUB YA . 50.70 71.73 9.24
C4 FUB YA . 51.67 71.70 10.40
O4 FUB YA . 52.40 70.45 10.43
C3 FUB YA . 51.05 71.80 11.79
O3 FUB YA . 50.63 73.13 12.11
C2 FUB YA . 52.18 71.26 12.66
O2 FUB YA . 51.72 70.69 13.86
C1 FUB YA . 52.96 70.31 11.75
C1 BMA YA . 50.96 71.24 14.93
C2 BMA YA . 50.76 70.21 16.05
C3 BMA YA . 50.19 70.85 17.30
C4 BMA YA . 51.03 72.05 17.71
C5 BMA YA . 51.09 73.02 16.54
C6 BMA YA . 51.94 74.24 16.84
O2 BMA YA . 52.02 69.62 16.35
O3 BMA YA . 50.19 69.89 18.36
O4 BMA YA . 50.46 72.65 18.87
O5 BMA YA . 51.68 72.38 15.40
O6 BMA YA . 51.10 75.30 17.35
C1 BMA YA . 50.21 73.62 19.91
C2 BMA YA . 50.20 73.03 21.33
C3 BMA YA . 50.11 74.12 22.38
C4 BMA YA . 51.08 75.28 22.13
C5 BMA YA . 50.92 75.76 20.68
C6 BMA YA . 51.88 76.87 20.32
O2 BMA YA . 51.34 72.20 21.56
O3 BMA YA . 50.42 73.57 23.68
O4 BMA YA . 50.79 76.35 23.04
O5 BMA YA . 51.17 74.67 19.81
O6 BMA YA . 51.67 77.24 18.95
C1 NGA YA . 50.94 77.69 23.58
C2 NGA YA . 50.71 77.69 25.10
C3 NGA YA . 51.15 79.01 25.72
C4 NGA YA . 52.53 79.45 25.22
C5 NGA YA . 52.46 79.48 23.70
C6 NGA YA . 53.72 80.01 23.03
C7 NGA YA . 48.82 76.48 26.14
C8 NGA YA . 47.32 76.50 26.27
N2 NGA YA . 49.32 77.48 25.38
O3 NGA YA . 51.08 78.88 27.11
O4 NGA YA . 53.48 78.53 25.70
O5 NGA YA . 52.21 78.17 23.23
O6 NGA YA . 53.37 81.01 22.11
O7 NGA YA . 49.52 75.62 26.66
C1 MAN YA . 53.13 80.32 20.89
C2 MAN YA . 53.80 81.00 19.71
C3 MAN YA . 53.04 82.24 19.26
C4 MAN YA . 51.57 81.92 19.06
C5 MAN YA . 50.99 81.32 20.34
C6 MAN YA . 49.55 80.93 20.23
O2 MAN YA . 53.96 80.07 18.64
O3 MAN YA . 53.60 82.72 18.04
O4 MAN YA . 50.84 83.10 18.71
O5 MAN YA . 51.73 80.13 20.69
O6 MAN YA . 49.07 80.37 21.45
C1 MAN YA . 49.83 83.91 18.06
C2 MAN YA . 48.62 83.08 17.67
C3 MAN YA . 48.86 82.25 16.43
C4 MAN YA . 49.43 83.11 15.32
C5 MAN YA . 50.68 83.83 15.79
C6 MAN YA . 51.25 84.77 14.76
O2 MAN YA . 47.49 83.94 17.50
O3 MAN YA . 47.63 81.64 16.02
O4 MAN YA . 49.73 82.31 14.18
O5 MAN YA . 50.37 84.63 16.95
O6 MAN YA . 52.37 85.50 15.27
C1 MAN YA . 50.38 81.54 13.17
C2 MAN YA . 50.55 82.36 11.90
C3 MAN YA . 49.25 82.54 11.15
C4 MAN YA . 48.55 81.19 10.95
C5 MAN YA . 48.37 80.50 12.30
C6 MAN YA . 47.75 79.13 12.18
O2 MAN YA . 51.54 81.76 11.06
O3 MAN YA . 49.49 83.15 9.89
O4 MAN YA . 47.27 81.38 10.36
O5 MAN YA . 49.65 80.33 12.93
O6 MAN YA . 47.69 78.46 13.45
C1 GAL YA . 48.78 83.70 8.75
C2 GAL YA . 49.73 84.04 7.62
C3 GAL YA . 49.00 84.40 6.34
C4 GAL YA . 47.96 83.36 6.00
C5 GAL YA . 47.05 83.13 7.18
C6 GAL YA . 46.02 82.04 6.94
O2 GAL YA . 50.68 85.03 8.02
O3 GAL YA . 49.94 84.56 5.27
O4 GAL YA . 48.60 82.13 5.64
O5 GAL YA . 47.82 82.73 8.32
O6 GAL YA . 45.41 82.18 5.66
C1 MAN YA . 51.69 85.79 7.35
C2 MAN YA . 52.30 86.71 8.40
C3 MAN YA . 51.48 87.97 8.61
C4 MAN YA . 51.17 88.64 7.28
C5 MAN YA . 50.50 87.64 6.34
C6 MAN YA . 50.22 88.21 4.98
O2 MAN YA . 53.65 87.03 8.03
O3 MAN YA . 52.21 88.87 9.44
O4 MAN YA . 50.30 89.74 7.49
O5 MAN YA . 51.36 86.50 6.16
O6 MAN YA . 49.68 87.23 4.10
O5 AHR YA . 52.98 92.53 6.31
C5 AHR YA . 54.07 92.40 7.22
C4 AHR YA . 53.97 91.11 8.00
O4 AHR YA . 52.74 91.06 8.77
C3 AHR YA . 55.06 90.86 9.04
O3 AHR YA . 56.30 90.48 8.45
C2 AHR YA . 54.41 89.81 9.91
O2 AHR YA . 54.92 89.77 11.23
C1 AHR YA . 52.89 90.07 9.80
O5 AHR YA . 57.58 93.00 12.41
C5 AHR YA . 58.72 92.56 11.70
C4 AHR YA . 58.35 92.02 10.33
O4 AHR YA . 57.44 90.90 10.46
C3 AHR YA . 59.49 91.48 9.48
O3 AHR YA . 60.29 92.52 8.91
C2 AHR YA . 58.73 90.64 8.46
O2 AHR YA . 59.50 89.62 7.88
C1 AHR YA . 57.46 90.17 9.22
O5 AHR YA . 53.25 81.73 7.06
C5 AHR YA . 53.12 81.61 5.65
C4 AHR YA . 51.74 82.00 5.18
O4 AHR YA . 50.73 81.15 5.77
C3 AHR YA . 51.48 81.89 3.67
O3 AHR YA . 52.07 82.94 2.93
C2 AHR YA . 49.95 81.87 3.64
O2 AHR YA . 49.44 81.24 2.49
C1 AHR YA . 49.54 81.26 4.98
O5 AHR YA . 45.66 78.92 0.47
C5 AHR YA . 46.89 78.28 0.15
C4 AHR YA . 48.02 78.82 0.98
O4 AHR YA . 48.20 80.24 0.78
C3 AHR YA . 49.42 78.23 0.69
O3 AHR YA . 49.59 76.92 1.21
C2 AHR YA . 50.31 79.29 1.33
O2 AHR YA . 51.61 79.31 0.79
C1 AHR YA . 49.52 80.60 1.22
O5 AHR YA . 42.61 79.04 3.22
C5 AHR YA . 43.16 80.02 2.35
C4 AHR YA . 44.23 80.82 3.05
O4 AHR YA . 43.71 81.49 4.21
C3 AHR YA . 44.87 81.95 2.22
O3 AHR YA . 45.78 81.48 1.24
C2 AHR YA . 45.50 82.79 3.31
O2 AHR YA . 45.70 84.14 2.94
C1 AHR YA . 44.60 82.57 4.55
C1 MAN YA . 46.32 78.08 13.56
C2 MAN YA . 45.62 78.94 14.59
C3 MAN YA . 46.02 78.56 16.01
C4 MAN YA . 45.90 77.06 16.23
C5 MAN YA . 46.69 76.32 15.17
C6 MAN YA . 46.54 74.81 15.30
O2 MAN YA . 44.21 78.84 14.43
O3 MAN YA . 45.19 79.28 16.94
O4 MAN YA . 46.39 76.72 17.52
O5 MAN YA . 46.23 76.68 13.86
O6 MAN YA . 47.20 74.15 14.22
C1 BMA YA . 48.03 80.58 22.39
C2 BMA YA . 48.61 80.78 23.79
C3 BMA YA . 47.46 80.94 24.77
C4 BMA YA . 46.62 82.13 24.35
C5 BMA YA . 46.11 81.91 22.93
C6 BMA YA . 45.24 83.08 22.46
O2 BMA YA . 49.44 81.95 23.83
O3 BMA YA . 47.98 81.11 26.09
O4 BMA YA . 45.52 82.32 25.25
O5 BMA YA . 47.20 81.70 22.03
O6 BMA YA . 45.89 84.34 22.72
C1 BMA YA . 45.23 82.50 26.64
C2 BMA YA . 43.72 82.40 26.83
C3 BMA YA . 43.37 82.48 28.31
C4 BMA YA . 44.12 81.39 29.05
C5 BMA YA . 45.62 81.54 28.81
C6 BMA YA . 46.40 80.42 29.50
O2 BMA YA . 43.25 81.16 26.30
O3 BMA YA . 41.96 82.32 28.47
O4 BMA YA . 43.85 81.49 30.45
O5 BMA YA . 45.90 81.52 27.42
O6 BMA YA . 46.14 80.44 30.90
C1 MAN YA . 40.64 82.82 28.62
C2 MAN YA . 40.49 84.15 27.90
C3 MAN YA . 41.18 85.28 28.63
C4 MAN YA . 40.76 85.30 30.09
C5 MAN YA . 41.02 83.94 30.73
C6 MAN YA . 40.57 83.86 32.16
O2 MAN YA . 39.11 84.43 27.69
O3 MAN YA . 40.83 86.52 28.01
O4 MAN YA . 41.52 86.29 30.80
O5 MAN YA . 40.31 82.92 30.00
O6 MAN YA . 40.75 82.55 32.68
O5 AHR YA . 43.28 89.37 27.47
C5 AHR YA . 43.59 89.80 28.79
C4 AHR YA . 43.29 88.72 29.79
O4 AHR YA . 41.89 88.36 29.77
C3 AHR YA . 43.55 89.08 31.25
O3 AHR YA . 44.94 89.08 31.59
C2 AHR YA . 42.73 88.01 31.97
O2 AHR YA . 42.35 88.39 33.28
C1 AHR YA . 41.58 87.69 31.01
C1 BMA YA . 46.38 80.62 32.30
C2 BMA YA . 45.93 79.38 33.06
C3 BMA YA . 46.27 79.49 34.54
C4 BMA YA . 47.73 79.83 34.71
C5 BMA YA . 48.10 81.06 33.90
C6 BMA YA . 49.59 81.34 34.01
O2 BMA YA . 46.59 78.23 32.51
O3 BMA YA . 45.98 78.26 35.21
O4 BMA YA . 48.02 80.08 36.09
O5 BMA YA . 47.76 80.87 32.52
O6 BMA YA . 49.98 82.24 32.96
O5 AHR YA . 43.84 73.84 35.86
C5 AHR YA . 44.98 74.00 36.70
C4 AHR YA . 45.43 75.45 36.74
O4 AHR YA . 45.80 75.92 35.42
C3 AHR YA . 46.65 75.74 37.60
O3 AHR YA . 46.37 75.73 38.99
C2 AHR YA . 47.07 77.10 37.06
O2 AHR YA . 48.43 77.41 37.31
C1 AHR YA . 46.67 77.05 35.57
O5 AHR YA . 52.90 84.95 30.23
C5 AHR YA . 53.01 85.32 31.59
C4 AHR YA . 52.29 84.31 32.47
O4 AHR YA . 50.89 84.21 32.14
C3 AHR YA . 52.29 84.62 33.98
O3 AHR YA . 53.54 84.36 34.60
C2 AHR YA . 51.14 83.73 34.45
O2 AHR YA . 50.54 84.17 35.65
C1 AHR YA . 50.21 83.60 33.24
O5 AHR YA . 54.28 82.76 24.66
C5 AHR YA . 53.46 83.66 25.39
C4 AHR YA . 52.01 83.22 25.39
O4 AHR YA . 51.48 83.16 24.05
C3 AHR YA . 51.04 84.14 26.15
O3 AHR YA . 51.14 83.99 27.56
C2 AHR YA . 49.71 83.68 25.57
O2 AHR YA . 48.68 84.63 25.70
C1 AHR YA . 50.03 83.24 24.13
O5 AHR YA . 49.36 87.84 22.01
C5 AHR YA . 48.54 87.69 20.87
C4 AHR YA . 47.29 86.91 21.19
O4 AHR YA . 47.62 85.59 21.69
C3 AHR YA . 46.33 86.65 20.03
O3 AHR YA . 45.58 87.80 19.65
C2 AHR YA . 45.49 85.51 20.61
O2 AHR YA . 44.81 84.77 19.62
C1 AHR YA . 46.48 84.72 21.47
O5 FUB YA . 55.09 81.87 14.71
C5 FUB YA . 54.44 80.73 14.18
C4 FUB YA . 54.24 79.67 15.24
O4 FUB YA . 53.48 80.18 16.36
C3 FUB YA . 55.51 79.12 15.89
O3 FUB YA . 56.23 78.22 15.03
C2 FUB YA . 54.94 78.47 17.14
O2 FUB YA . 55.89 78.34 18.17
C1 FUB YA . 53.70 79.31 17.48
O5 AHR YA . 49.68 77.39 31.49
C5 AHR YA . 50.00 78.78 31.49
C4 AHR YA . 50.18 79.30 30.08
O4 AHR YA . 51.27 78.62 29.40
C3 AHR YA . 50.56 80.79 29.95
O3 AHR YA . 49.46 81.66 30.18
C2 AHR YA . 51.12 80.83 28.54
O2 AHR YA . 52.04 81.88 28.33
C1 AHR YA . 51.67 79.41 28.28
O5 FUB YA . 53.15 67.44 21.39
C5 FUB YA . 51.82 67.32 20.90
C4 FUB YA . 51.00 68.53 21.26
O4 FUB YA . 51.54 69.73 20.67
C3 FUB YA . 50.90 68.85 22.75
O3 FUB YA . 49.97 68.02 23.44
C2 FUB YA . 50.51 70.33 22.72
O2 FUB YA . 51.04 71.06 23.81
C1 FUB YA . 50.92 70.84 21.33
O5 AHR YA . 46.02 69.32 26.10
C5 AHR YA . 45.68 68.36 25.10
C4 AHR YA . 46.92 67.73 24.50
O4 AHR YA . 47.77 68.73 23.89
C3 AHR YA . 46.68 66.70 23.39
O3 AHR YA . 46.21 65.45 23.88
C2 AHR YA . 48.07 66.65 22.75
O2 AHR YA . 48.06 66.16 21.44
C1 AHR YA . 48.63 68.07 22.94
O5 AHR YA . 46.79 69.64 7.30
C5 AHR YA . 46.20 70.92 7.42
C4 AHR YA . 47.24 71.99 7.69
O4 AHR YA . 47.97 71.72 8.91
C3 AHR YA . 46.72 73.41 7.87
O3 AHR YA . 46.33 74.02 6.66
C2 AHR YA . 47.91 74.06 8.56
O2 AHR YA . 47.57 75.24 9.27
C1 AHR YA . 48.55 72.94 9.38
C1 GAL ZA . 48.06 63.02 15.34
C2 GAL ZA . 47.65 63.49 16.72
C3 GAL ZA . 46.18 63.24 16.99
C4 GAL ZA . 45.31 63.74 15.85
C5 GAL ZA . 45.80 63.15 14.53
C6 GAL ZA . 45.04 63.65 13.33
O2 GAL ZA . 48.45 62.85 17.71
O3 GAL ZA . 45.81 63.87 18.22
O4 GAL ZA . 45.40 65.16 15.75
O5 GAL ZA . 47.18 63.52 14.33
O6 GAL ZA . 45.42 64.98 13.00
C1 BMA ZA . 44.63 66.15 16.45
C2 BMA ZA . 45.37 67.44 16.75
C3 BMA ZA . 44.52 68.23 17.71
C4 BMA ZA . 43.16 68.49 17.09
C5 BMA ZA . 42.50 67.21 16.59
C6 BMA ZA . 41.27 67.53 15.76
O2 BMA ZA . 45.56 68.19 15.55
O3 BMA ZA . 45.16 69.48 18.02
O4 BMA ZA . 42.31 69.09 18.07
O5 BMA ZA . 43.40 66.43 15.79
O6 BMA ZA . 40.70 66.32 15.25
C2 BGC ZA . 41.24 69.54 20.18
C3 BGC ZA . 40.58 70.61 21.05
C4 BGC ZA . 41.40 71.88 21.06
C5 BGC ZA . 41.71 72.33 19.63
C6 BGC ZA . 42.64 73.53 19.59
C1 BGC ZA . 41.58 70.08 18.81
O2 BGC ZA . 40.39 68.40 20.05
O3 BGC ZA . 40.42 70.12 22.38
O4 BGC ZA . 40.70 72.91 21.74
O5 BGC ZA . 42.38 71.27 18.93
O6 BGC ZA . 42.90 73.92 18.25
O5 AHR ZA . 36.04 74.09 22.19
C5 AHR ZA . 36.88 75.20 22.47
C4 AHR ZA . 38.31 74.91 22.11
O4 AHR ZA . 38.81 73.76 22.83
C3 AHR ZA . 39.33 76.00 22.43
O3 AHR ZA . 39.28 77.09 21.51
C2 AHR ZA . 40.63 75.23 22.44
O2 AHR ZA . 41.62 75.79 23.28
C1 AHR ZA . 40.24 73.78 22.77
C1 MAN ZA . 42.53 75.92 24.37
C2 MAN ZA . 42.04 77.02 25.28
C3 MAN ZA . 42.19 78.40 24.64
C4 MAN ZA . 43.59 78.59 24.09
C5 MAN ZA . 43.94 77.46 23.15
C6 MAN ZA . 45.36 77.54 22.62
O2 MAN ZA . 42.70 76.96 26.54
O3 MAN ZA . 41.89 79.42 25.60
O4 MAN ZA . 43.67 79.82 23.38
O5 MAN ZA . 43.83 76.19 23.83
O6 MAN ZA . 45.67 76.42 21.80
O5 AHR ZA . 44.12 74.38 30.63
C5 AHR ZA . 43.44 75.58 30.97
C4 AHR ZA . 42.70 76.15 29.78
O4 AHR ZA . 43.59 76.43 28.69
C3 AHR ZA . 41.96 77.47 30.02
O3 AHR ZA . 40.77 77.31 30.79
C2 AHR ZA . 41.73 77.93 28.58
O2 AHR ZA . 41.46 79.31 28.48
C1 AHR ZA . 43.01 77.46 27.86
O5 AHR ZA . 41.91 78.95 35.32
C5 AHR ZA . 40.51 78.97 35.10
C4 AHR ZA . 40.15 78.19 33.86
O4 AHR ZA . 40.78 78.73 32.69
C3 AHR ZA . 38.66 78.17 33.50
O3 AHR ZA . 37.90 77.31 34.35
C2 AHR ZA . 38.72 77.73 32.04
O2 AHR ZA . 37.56 78.09 31.32
C1 AHR ZA . 40.04 78.32 31.52
O5 AHR ZA . 38.20 73.83 29.10
C5 AHR ZA . 36.84 74.23 29.05
C4 AHR ZA . 36.68 75.66 29.51
O4 AHR ZA . 37.15 75.84 30.86
C3 AHR ZA . 35.25 76.21 29.53
O3 AHR ZA . 34.75 76.51 28.23
C2 AHR ZA . 35.41 77.43 30.44
O2 AHR ZA . 34.21 77.80 31.08
C1 AHR ZA . 36.59 77.06 31.37
O5 AHR ZA . 39.53 81.61 23.50
C5 AHR ZA . 40.01 81.60 22.16
C4 AHR ZA . 39.63 80.32 21.45
O4 AHR ZA . 40.19 79.17 22.12
C3 AHR ZA . 40.12 80.18 20.01
O3 AHR ZA . 39.38 80.99 19.09
C2 AHR ZA . 39.97 78.68 19.79
O2 AHR ZA . 40.76 78.19 18.73
C1 AHR ZA . 40.25 78.08 21.18
O5 AHR ZA . 41.46 85.36 17.89
C5 AHR ZA . 41.13 84.60 16.74
C4 AHR ZA . 40.19 83.46 17.10
O4 AHR ZA . 40.79 82.57 18.04
C3 AHR ZA . 39.76 82.56 15.94
O3 AHR ZA . 38.81 83.18 15.08
C2 AHR ZA . 39.23 81.36 16.71
O2 AHR ZA . 39.11 80.19 15.94
C1 AHR ZA . 40.15 81.28 17.94
O5 FUB ZA . 39.74 75.89 14.82
C5 FUB ZA . 38.65 76.13 13.93
C4 FUB ZA . 37.90 77.38 14.32
O4 FUB ZA . 38.76 78.55 14.31
C3 FUB ZA . 37.29 77.38 15.72
O3 FUB ZA . 36.12 76.58 15.82
C2 FUB ZA . 37.04 78.88 15.93
O2 FUB ZA . 36.97 79.24 17.29
C1 FUB ZA . 38.14 79.57 15.09
O5 AHR ZA . 42.37 64.03 20.88
C5 AHR ZA . 40.95 63.95 20.79
C4 AHR ZA . 40.36 65.22 20.26
O4 AHR ZA . 40.68 66.35 21.11
C3 AHR ZA . 38.84 65.26 20.16
O3 AHR ZA . 38.33 64.51 19.07
C2 AHR ZA . 38.59 66.76 20.04
O2 AHR ZA . 37.29 67.14 20.43
C1 AHR ZA . 39.75 67.40 20.83
C1 MAN ZA . 35.90 67.12 20.72
C2 MAN ZA . 35.13 67.57 19.47
C3 MAN ZA . 35.24 69.06 19.24
C4 MAN ZA . 34.94 69.84 20.50
C5 MAN ZA . 35.84 69.36 21.64
C6 MAN ZA . 35.55 70.05 22.95
O2 MAN ZA . 33.80 67.03 19.41
O3 MAN ZA . 34.33 69.45 18.20
O4 MAN ZA . 35.17 71.23 20.29
O5 MAN ZA . 35.63 67.94 21.86
O6 MAN ZA . 36.34 69.49 24.00
C1 MAN ZA . 32.89 66.51 20.41
C2 MAN ZA . 31.75 67.48 20.67
C3 MAN ZA . 31.88 68.16 22.03
C4 MAN ZA . 32.10 67.13 23.13
C5 MAN ZA . 33.30 66.25 22.79
C6 MAN ZA . 33.53 65.15 23.80
O2 MAN ZA . 30.51 66.82 20.55
O3 MAN ZA . 30.70 68.90 22.30
O4 MAN ZA . 32.34 67.78 24.37
O5 MAN ZA . 33.10 65.61 21.51
O6 MAN ZA . 34.61 64.30 23.40
C1 MAN ZA . 45.65 67.99 14.12
C2 MAN ZA . 47.09 68.11 13.63
C3 MAN ZA . 47.53 69.54 13.51
C4 MAN ZA . 46.52 70.36 12.72
C5 MAN ZA . 45.14 70.22 13.34
C6 MAN ZA . 44.07 70.94 12.56
O2 MAN ZA . 47.22 67.43 12.37
O3 MAN ZA . 48.80 69.59 12.85
O4 MAN ZA . 46.89 71.73 12.72
O5 MAN ZA . 44.75 68.84 13.39
O6 MAN ZA . 42.78 70.71 13.11
O5 AHR ZA . 52.40 60.17 18.97
C5 AHR ZA . 51.40 60.14 19.97
C4 AHR ZA . 50.10 60.71 19.46
O4 AHR ZA . 50.26 62.08 19.01
C3 AHR ZA . 48.96 60.80 20.49
O3 AHR ZA . 48.37 59.54 20.76
C2 AHR ZA . 48.04 61.80 19.82
O2 AHR ZA . 47.17 62.46 20.73
C1 AHR ZA . 48.98 62.72 19.03
O5 AHR AB . 61.32 70.17 17.14
C5 AHR AB . 61.20 69.90 18.53
C4 AHR AB . 60.43 70.98 19.24
O4 AHR AB . 61.06 72.27 19.06
C3 AHR AB . 60.31 70.84 20.76
O3 AHR AB . 59.39 69.83 21.17
C2 AHR AB . 59.92 72.27 21.14
O2 AHR AB . 60.15 72.55 22.52
C1 AHR AB . 60.71 73.13 20.15
O5 FUB AB . 61.32 66.67 18.86
C5 FUB AB . 60.61 65.77 19.71
C4 FUB AB . 60.07 66.50 20.93
O4 FUB AB . 59.20 67.58 20.55
C3 FUB AB . 61.11 67.15 21.85
O3 FUB AB . 61.84 66.21 22.64
C2 FUB AB . 60.22 68.09 22.65
O2 FUB AB . 60.92 69.14 23.29
C1 FUB AB . 59.13 68.52 21.64
O5 FUB AB . 62.67 66.43 26.28
C5 FUB AB . 62.06 67.30 27.22
C4 FUB AB . 61.65 68.60 26.58
O4 FUB AB . 60.74 68.38 25.48
C3 FUB AB . 62.79 69.42 25.95
O3 FUB AB . 63.60 70.07 26.92
C2 FUB AB . 62.00 70.36 25.06
O2 FUB AB . 62.77 70.91 24.01
C1 FUB AB . 60.77 69.55 24.63
C1 GAL AB . 63.13 72.24 24.38
C2 GAL AB . 63.90 72.90 23.26
C3 GAL AB . 64.18 74.37 23.55
C4 GAL AB . 62.91 75.09 23.98
C5 GAL AB . 62.24 74.34 25.12
C6 GAL AB . 60.92 74.96 25.53
O2 GAL AB . 65.12 72.19 23.03
O3 GAL AB . 64.73 74.99 22.39
O4 GAL AB . 62.00 75.16 22.88
O5 GAL AB . 61.96 72.99 24.70
O6 GAL AB . 60.48 74.43 26.78
O5 AHR AB . 64.30 67.93 20.83
C5 AHR AB . 65.63 68.38 20.61
C4 AHR AB . 65.97 69.54 21.51
O4 AHR AB . 65.08 70.66 21.27
C3 AHR AB . 67.37 70.13 21.34
O3 AHR AB . 68.39 69.33 21.90
C2 AHR AB . 67.19 71.49 22.00
O2 AHR AB . 68.12 72.45 21.54
C1 AHR AB . 65.71 71.85 21.79
O5 FUB AB . 62.90 63.14 19.79
C5 FUB AB . 62.66 62.22 20.85
C4 FUB AB . 62.61 62.92 22.18
O4 FUB AB . 61.58 63.93 22.21
C3 FUB AB . 63.89 63.68 22.57
O3 FUB AB . 64.93 62.81 23.01
C2 FUB AB . 63.35 64.59 23.67
O2 FUB AB . 64.19 65.70 23.92
C1 FUB AB . 61.92 64.91 23.21
O5 AHR AB . 68.27 62.90 23.88
C5 AHR AB . 68.47 64.10 24.62
C4 AHR AB . 67.16 64.79 24.90
O4 AHR AB . 66.49 65.16 23.68
C3 AHR AB . 67.26 66.10 25.67
O3 AHR AB . 67.53 65.92 27.05
C2 AHR AB . 65.88 66.71 25.38
O2 AHR AB . 65.85 68.11 25.55
C1 AHR AB . 65.54 66.20 23.97
O5 FUB BB . 67.72 73.40 17.17
C5 FUB BB . 66.52 73.50 17.93
C4 FUB BB . 65.97 74.90 17.92
O4 FUB BB . 64.74 74.99 18.69
C3 FUB BB . 65.57 75.44 16.54
O3 FUB BB . 66.69 75.83 15.76
C2 FUB BB . 64.64 76.58 16.94
O2 FUB BB . 63.68 76.89 15.94
C1 FUB BB . 64.06 76.18 18.30
C1 BMA BB . 63.86 77.31 14.60
C2 BMA BB . 62.51 77.56 13.95
C3 BMA BB . 62.65 78.23 12.59
C4 BMA BB . 63.52 79.47 12.72
C5 BMA BB . 64.86 79.06 13.32
C6 BMA BB . 65.80 80.25 13.50
O2 BMA BB . 61.74 78.40 14.81
O3 BMA BB . 61.36 78.60 12.12
O4 BMA BB . 63.68 80.07 11.44
O5 BMA BB . 64.66 78.49 14.60
O6 BMA BB . 66.64 80.40 12.35
C1 BMA BB . 64.18 80.94 10.38
C2 BMA BB . 63.09 81.65 9.59
C3 BMA BB . 63.70 82.69 8.63
C4 BMA BB . 64.77 83.54 9.29
C5 BMA BB . 65.79 82.64 9.98
C6 BMA BB . 66.87 83.41 10.72
O2 BMA BB . 62.15 82.29 10.46
O3 BMA BB . 62.66 83.55 8.15
O4 BMA BB . 65.43 84.32 8.28
O5 BMA BB . 65.10 81.86 10.96
O6 BMA BB . 67.76 82.49 11.35
C1 NGA BB . 66.43 85.23 7.77
C2 NGA BB . 65.87 86.09 6.62
C3 NGA BB . 66.80 87.25 6.29
C4 NGA BB . 67.28 87.99 7.54
C5 NGA BB . 67.90 86.93 8.45
C6 NGA BB . 68.54 87.51 9.70
C7 NGA BB . 64.51 85.11 4.80
C8 NGA BB . 64.60 84.21 3.60
N2 NGA BB . 65.68 85.28 5.46
O3 NGA BB . 66.15 88.08 5.38
O4 NGA BB . 66.17 88.63 8.12
O5 NGA BB . 66.91 86.02 8.84
O6 NGA BB . 69.85 87.01 9.83
O7 NGA BB . 63.47 85.64 5.17
C1 MAN BB . 69.71 85.81 10.57
C2 MAN BB . 70.74 85.69 11.68
C3 MAN BB . 72.11 85.31 11.17
C4 MAN BB . 72.02 84.09 10.26
C5 MAN BB . 71.02 84.37 9.14
C6 MAN BB . 70.83 83.19 8.21
O2 MAN BB . 70.29 84.77 12.67
O3 MAN BB . 72.97 85.03 12.27
O4 MAN BB . 73.29 83.77 9.70
O5 MAN BB . 69.73 84.67 9.70
O6 MAN BB . 69.88 83.49 7.19
C1 MAN BB . 74.37 82.95 9.21
C2 MAN BB . 73.87 81.61 8.72
C3 MAN BB . 73.57 80.65 9.86
C4 MAN BB . 74.75 80.58 10.82
C5 MAN BB . 75.11 81.98 11.30
C6 MAN BB . 76.33 82.00 12.20
O2 MAN BB . 74.82 81.03 7.82
O3 MAN BB . 73.28 79.36 9.34
O4 MAN BB . 74.42 79.76 11.94
O5 MAN BB . 75.42 82.82 10.17
O6 MAN BB . 76.71 83.32 12.55
C1 MAN BB . 74.05 79.25 13.22
C2 MAN BB . 75.28 78.81 13.99
C3 MAN BB . 75.84 77.50 13.46
C4 MAN BB . 74.75 76.46 13.35
C5 MAN BB . 73.60 77.00 12.49
C6 MAN BB . 72.43 76.03 12.40
O2 MAN BB . 74.98 78.70 15.38
O3 MAN BB . 76.88 77.04 14.33
O4 MAN BB . 75.26 75.27 12.73
O5 MAN BB . 73.09 78.20 13.07
O6 MAN BB . 71.35 76.60 11.66
C1 GAL BB . 77.88 75.99 14.41
C2 GAL BB . 78.55 75.99 15.78
C3 GAL BB . 79.44 74.78 15.98
C4 GAL BB . 78.70 73.50 15.64
C5 GAL BB . 78.11 73.60 14.24
C6 GAL BB . 77.29 72.40 13.86
O2 GAL BB . 79.22 77.23 16.03
O3 GAL BB . 79.93 74.75 17.32
O4 GAL BB . 77.67 73.27 16.57
O5 GAL BB . 77.24 74.74 14.18
O6 GAL BB . 77.97 71.19 14.19
C1 MAN BB . 80.10 77.90 16.92
C2 MAN BB . 80.38 79.36 16.61
C3 MAN BB . 81.53 79.52 15.63
C4 MAN BB . 82.74 78.73 16.09
C5 MAN BB . 82.36 77.27 16.30
C6 MAN BB . 83.49 76.44 16.84
O2 MAN BB . 80.62 80.07 17.82
O3 MAN BB . 81.87 80.91 15.54
O4 MAN BB . 83.76 78.80 15.10
O5 MAN BB . 81.30 77.19 17.28
O6 MAN BB . 83.07 75.10 17.12
O5 AHR BB . 86.37 80.84 17.44
C5 AHR BB . 85.70 82.05 17.74
C4 AHR BB . 84.23 81.97 17.40
O4 AHR BB . 84.04 81.71 15.99
C3 AHR BB . 83.40 83.24 17.66
O3 AHR BB . 83.12 83.44 19.03
C2 AHR BB . 82.18 82.97 16.79
O2 AHR BB . 81.50 84.15 16.40
C1 AHR BB . 82.69 82.08 15.64
O5 AHR BB . 83.48 87.94 17.19
C5 AHR BB . 83.24 87.97 18.59
C4 AHR BB . 83.40 86.61 19.21
O4 AHR BB . 82.48 85.66 18.63
C3 AHR BB . 83.12 86.51 20.72
O3 AHR BB . 84.17 87.05 21.51
C2 AHR BB . 82.92 85.02 20.88
O2 AHR BB . 82.14 84.68 22.02
C1 AHR BB . 82.36 84.54 19.52
O5 AHR BB . 76.36 77.16 19.21
C5 AHR BB . 76.80 76.11 20.05
C4 AHR BB . 77.46 75.00 19.24
O4 AHR BB . 76.54 74.44 18.28
C3 AHR BB . 77.96 73.79 20.03
O3 AHR BB . 79.17 74.06 20.73
C2 AHR BB . 78.08 72.75 18.93
O2 AHR BB . 77.99 71.42 19.40
C1 AHR BB . 77.05 73.16 17.87
O5 AHR BB . 76.96 66.78 18.36
C5 AHR BB . 76.40 67.17 19.60
C4 AHR BB . 76.49 68.66 19.80
O4 AHR BB . 77.85 69.12 19.78
C3 AHR BB . 75.94 69.19 21.13
O3 AHR BB . 74.52 69.20 21.19
C2 AHR BB . 76.57 70.57 21.18
O2 AHR BB . 76.70 71.09 22.49
C1 AHR BB . 77.89 70.42 20.40
O5 AHR BB . 76.25 66.63 14.31
C5 AHR BB . 77.45 66.75 15.07
C4 AHR BB . 77.84 68.20 15.26
O4 AHR BB . 78.04 68.85 13.99
C3 AHR BB . 79.13 68.45 16.04
O3 AHR BB . 79.00 68.24 17.44
C2 AHR BB . 79.43 69.89 15.63
O2 AHR BB . 80.80 70.23 15.74
C1 AHR BB . 78.82 70.04 14.23
C1 MAN BB . 71.06 75.63 10.65
C2 MAN BB . 71.51 76.16 9.30
C3 MAN BB . 70.59 77.23 8.77
C4 MAN BB . 69.13 76.80 8.84
C5 MAN BB . 68.78 76.36 10.25
C6 MAN BB . 67.38 75.83 10.36
O2 MAN BB . 71.60 75.07 8.37
O3 MAN BB . 70.94 77.55 7.42
O4 MAN BB . 68.28 77.86 8.45
O5 MAN BB . 69.66 75.30 10.67
O6 MAN BB . 67.12 75.32 11.67
C1 BMA BB . 69.81 83.50 5.78
C2 BMA BB . 69.39 84.87 5.27
C3 BMA BB . 69.25 84.82 3.76
C4 BMA BB . 70.58 84.40 3.16
C5 BMA BB . 70.97 83.04 3.73
C6 BMA BB . 72.30 82.55 3.16
O2 BMA BB . 70.38 85.85 5.62
O3 BMA BB . 68.85 86.11 3.27
O4 BMA BB . 70.48 84.33 1.74
O5 BMA BB . 71.03 83.09 5.17
O6 BMA BB . 73.29 83.58 3.22
C1 BMA BB . 70.15 85.11 0.60
C2 BMA BB . 70.11 84.21 -0.63
C3 BMA BB . 69.63 84.98 -1.84
C4 BMA BB . 68.28 85.60 -1.54
C5 BMA BB . 68.39 86.50 -0.31
C6 BMA BB . 67.04 87.08 0.06
O2 BMA BB . 69.21 83.12 -0.39
O3 BMA BB . 69.53 84.11 -2.96
O4 BMA BB . 67.85 86.38 -2.66
O5 BMA BB . 68.89 85.75 0.80
O6 BMA BB . 66.53 87.85 -1.03
C1 MAN BB . 70.05 83.49 -4.14
C2 MAN BB . 71.56 83.36 -4.06
C3 MAN BB . 72.26 84.69 -4.25
C4 MAN BB . 71.75 85.40 -5.48
C5 MAN BB . 70.23 85.53 -5.42
C6 MAN BB . 69.64 86.16 -6.66
O2 MAN BB . 72.02 82.40 -5.01
O3 MAN BB . 73.68 84.48 -4.35
O4 MAN BB . 72.32 86.70 -5.58
O5 MAN BB . 69.64 84.22 -5.29
O6 MAN BB . 68.21 86.16 -6.60
O5 AHR BB . 76.29 86.71 -2.77
C5 AHR BB . 76.15 87.94 -3.46
C4 AHR BB . 74.79 88.05 -4.12
O4 AHR BB . 74.58 86.98 -5.07
C3 AHR BB . 74.54 89.32 -4.92
O3 AHR BB . 74.30 90.46 -4.11
C2 AHR BB . 73.34 88.88 -5.77
O2 AHR BB . 73.21 89.63 -6.97
C1 AHR BB . 73.52 87.37 -5.95
C1 BMA BB . 66.13 88.99 -1.79
C2 BMA BB . 64.73 88.78 -2.36
C3 BMA BB . 64.24 90.02 -3.08
C4 BMA BB . 64.36 91.23 -2.15
C5 BMA BB . 65.77 91.35 -1.62
C6 BMA BB . 65.87 92.52 -0.64
O2 BMA BB . 63.84 88.47 -1.28
O3 BMA BB . 62.86 89.86 -3.47
O4 BMA BB . 64.03 92.42 -2.88
O5 BMA BB . 66.16 90.15 -0.95
O6 BMA BB . 67.05 92.38 0.14
O5 AHR BB . 58.74 87.37 -4.57
C5 AHR BB . 58.47 88.73 -4.31
C4 AHR BB . 59.73 89.55 -4.28
O4 AHR BB . 60.64 89.10 -3.25
C3 AHR BB . 59.57 91.04 -3.98
O3 AHR BB . 59.04 91.78 -5.08
C2 AHR BB . 60.99 91.42 -3.60
O2 AHR BB . 61.07 92.61 -2.82
C1 AHR BB . 61.56 90.15 -2.94
O5 AHR BB . 70.37 93.44 3.51
C5 AHR BB . 70.16 94.54 2.63
C4 AHR BB . 68.96 94.30 1.74
O4 AHR BB . 69.11 93.12 0.94
C3 AHR BB . 68.66 95.40 0.72
O3 AHR BB . 68.08 96.56 1.30
C2 AHR BB . 67.75 94.65 -0.25
O2 AHR BB . 67.74 95.21 -1.55
C1 AHR BB . 68.18 93.19 -0.15
O5 AHR BB . 70.39 89.90 8.53
C5 AHR BB . 71.01 90.15 7.27
C4 AHR BB . 70.72 89.04 6.29
O4 AHR BB . 71.23 87.77 6.75
C3 AHR BB . 71.34 89.21 4.90
O3 AHR BB . 70.67 90.17 4.09
C2 AHR BB . 71.26 87.78 4.36
O2 AHR BB . 72.19 87.52 3.33
C1 AHR BB . 71.40 86.90 5.63
O5 AHR BB . 76.49 86.61 5.54
C5 AHR BB . 76.87 85.24 5.69
C4 AHR BB . 76.12 84.36 4.71
O4 AHR BB . 74.69 84.46 4.90
C3 AHR BB . 76.42 82.87 4.79
O3 AHR BB . 77.68 82.51 4.26
C2 AHR BB . 75.22 82.31 4.03
O2 AHR BB . 74.98 80.95 4.30
C1 AHR BB . 74.08 83.28 4.37
O5 FUB BB . 73.35 83.53 15.66
C5 FUB BB . 72.58 82.35 15.75
C4 FUB BB . 71.21 82.56 15.13
O4 FUB BB . 71.31 82.97 13.76
C3 FUB BB . 70.34 83.64 15.79
O3 FUB BB . 69.79 83.25 17.04
C2 FUB BB . 69.32 83.88 14.69
O2 FUB BB . 68.71 85.16 14.76
C1 FUB BB . 70.06 83.57 13.38
O5 AHR BB . 63.21 89.56 1.84
C5 AHR BB . 64.45 90.24 1.79
C4 AHR BB . 65.46 89.61 2.73
O4 AHR BB . 65.00 89.65 4.10
C3 AHR BB . 66.84 90.27 2.78
O3 AHR BB . 67.64 90.00 1.64
C2 AHR BB . 67.38 89.72 4.10
O2 AHR BB . 68.35 90.55 4.70
C1 AHR BB . 66.13 89.43 4.96
O5 FUB BB . 57.76 81.80 12.84
C5 FUB BB . 57.91 80.54 12.20
C4 FUB BB . 58.96 80.61 11.11
O4 FUB BB . 60.24 80.98 11.64
C3 FUB BB . 58.68 81.63 10.00
O3 FUB BB . 57.71 81.19 9.06
C2 FUB BB . 60.09 81.83 9.43
O2 FUB BB . 60.29 83.14 8.95
C1 FUB BB . 61.06 81.35 10.52
O5 AHR BB . 58.15 80.67 4.17
C5 AHR BB . 57.68 79.47 4.77
C4 AHR BB . 57.25 79.72 6.20
O4 AHR BB . 58.33 80.21 7.01
C3 AHR BB . 56.75 78.49 6.97
O3 AHR BB . 55.44 78.09 6.57
C2 AHR BB . 56.84 79.00 8.41
O2 AHR BB . 56.89 77.95 9.36
C1 AHR BB . 58.05 79.96 8.39
O5 AHR BB . 65.71 68.92 16.70
C5 AHR BB . 66.89 69.04 15.93
C4 AHR BB . 67.67 70.27 16.32
O4 AHR BB . 66.88 71.47 16.14
C3 AHR BB . 68.95 70.53 15.52
O3 AHR BB . 70.02 69.67 15.89
C2 AHR BB . 69.18 72.00 15.85
O2 AHR BB . 70.01 72.65 14.90
C1 AHR BB . 67.77 72.59 16.01
C1 GAL CB . 56.44 72.89 13.89
C2 GAL CB . 56.38 73.70 12.61
C3 GAL CB . 56.17 72.81 11.39
C4 GAL CB . 57.14 71.65 11.38
C5 GAL CB . 57.06 70.90 12.70
C6 GAL CB . 58.05 69.76 12.80
O2 GAL CB . 55.34 74.67 12.69
O3 GAL CB . 56.29 73.61 10.21
O4 GAL CB . 58.47 72.12 11.22
O5 GAL CB . 57.37 71.81 13.77
O6 GAL CB . 59.37 70.25 13.02
C1 BMA CB . 59.13 72.37 9.97
C2 BMA CB . 60.14 73.50 10.06
C3 BMA CB . 60.56 73.85 8.65
C4 BMA CB . 61.16 72.61 7.98
C5 BMA CB . 60.23 71.41 8.08
C6 BMA CB . 60.95 70.15 7.64
O2 BMA CB . 61.28 73.08 10.82
O3 BMA CB . 61.53 74.90 8.67
O4 BMA CB . 61.40 72.90 6.61
O5 BMA CB . 59.75 71.21 9.41
O6 BMA CB . 60.08 69.02 7.77
C2 BGC CB . 61.08 73.74 4.37
C3 BGC CB . 61.77 74.25 3.12
C4 BGC CB . 62.87 75.25 3.47
C5 BGC CB . 63.82 74.67 4.51
C6 BGC CB . 64.86 75.64 4.98
C1 BGC CB . 62.08 73.26 5.40
O2 BGC CB . 60.16 72.70 4.06
O3 BGC CB . 60.82 74.86 2.26
O4 BGC CB . 63.61 75.58 2.30
O5 BGC CB . 63.06 74.26 5.67
O6 BGC CB . 65.71 75.07 5.97
O5 AHR CB . 64.92 73.17 -1.69
C5 AHR CB . 65.75 74.31 -1.48
C4 AHR CB . 65.50 74.92 -0.11
O4 AHR CB . 64.12 75.34 0.03
C3 AHR CB . 66.31 76.18 0.21
O3 AHR CB . 67.66 75.90 0.54
C2 AHR CB . 65.48 76.78 1.33
O2 AHR CB . 65.59 78.19 1.41
C1 AHR CB . 64.05 76.25 1.12
C1 MAN CB . 65.21 79.56 1.37
C2 MAN CB . 65.92 80.22 0.20
C3 MAN CB . 67.41 80.37 0.44
C4 MAN CB . 67.68 81.00 1.79
C5 MAN CB . 66.97 80.21 2.89
C6 MAN CB . 67.13 80.83 4.26
O2 MAN CB . 65.31 81.48 -0.10
O3 MAN CB . 68.00 81.15 -0.60
O4 MAN CB . 69.08 81.00 2.06
O5 MAN CB . 65.56 80.16 2.62
O6 MAN CB . 66.39 80.11 5.25
O5 AHR CB . 61.24 84.26 -1.14
C5 AHR CB . 62.26 84.44 -2.09
C4 AHR CB . 63.30 83.36 -2.01
O4 AHR CB . 63.92 83.31 -0.70
C3 AHR CB . 64.48 83.47 -2.97
O3 AHR CB . 64.15 83.15 -4.32
C2 AHR CB . 65.49 82.53 -2.32
O2 AHR CB . 66.81 82.75 -2.74
C1 AHR CB . 65.23 82.73 -0.81
O5 AHR CB . 63.79 87.48 -6.69
C5 AHR CB . 64.02 86.41 -7.60
C4 AHR CB . 63.82 85.07 -6.92
O4 AHR CB . 64.72 84.90 -5.81
C3 AHR CB . 64.06 83.84 -7.79
O3 AHR CB . 63.01 83.60 -8.73
C2 AHR CB . 64.22 82.76 -6.72
O2 AHR CB . 64.93 81.63 -7.20
C1 AHR CB . 64.83 83.48 -5.53
O5 AHR CB . 61.81 79.13 -4.44
C5 AHR CB . 62.32 78.32 -5.50
C4 AHR CB . 63.48 79.01 -6.20
O4 AHR CB . 63.07 80.28 -6.76
C3 AHR CB . 64.08 78.26 -7.39
O3 AHR CB . 64.90 77.16 -6.99
C2 AHR CB . 64.82 79.39 -8.09
O2 AHR CB . 65.03 79.15 -9.47
C1 AHR CB . 64.04 80.66 -7.75
O5 AHR CB . 71.02 78.94 -1.45
C5 AHR CB . 71.50 78.36 -0.24
C4 AHR CB . 70.62 77.20 0.19
O4 AHR CB . 69.26 77.62 0.41
C3 AHR CB . 71.02 76.51 1.50
O3 AHR CB . 72.17 75.70 1.38
C2 AHR CB . 69.72 75.77 1.83
O2 AHR CB . 69.62 75.41 3.19
C1 AHR CB . 68.62 76.67 1.28
O5 AHR CB . 76.48 77.77 2.80
C5 AHR CB . 76.24 76.53 3.45
C4 AHR CB . 75.16 75.75 2.76
O4 AHR CB . 73.90 76.48 2.78
C3 AHR CB . 74.81 74.39 3.36
O3 AHR CB . 75.78 73.39 3.07
C2 AHR CB . 73.45 74.14 2.71
O2 AHR CB . 72.67 73.14 3.36
C1 AHR CB . 72.81 75.54 2.64
O5 FUB CB . 69.11 71.34 5.41
C5 FUB CB . 69.77 70.12 5.12
C4 FUB CB . 70.83 70.31 4.06
O4 FUB CB . 71.83 71.27 4.47
C3 FUB CB . 70.34 70.83 2.70
O3 FUB CB . 69.66 69.86 1.93
C2 FUB CB . 71.65 71.32 2.10
O2 FUB CB . 71.46 72.31 1.10
C1 FUB CB . 72.53 71.73 3.29
O5 AHR CB . 55.66 73.09 5.89
C5 AHR CB . 55.73 72.06 4.91
C4 AHR CB . 57.16 71.74 4.55
O4 AHR CB . 57.83 72.91 4.01
C3 AHR CB . 57.36 70.68 3.47
O3 AHR CB . 57.13 69.35 3.94
C2 AHR CB . 58.80 70.95 3.06
O2 AHR CB . 59.11 70.48 1.76
C1 AHR CB . 58.99 72.47 3.28
C1 MAN CB . 59.10 69.73 0.56
C2 MAN CB . 60.05 68.54 0.69
C3 MAN CB . 61.52 68.97 0.62
C4 MAN CB . 61.76 69.88 -0.56
C5 MAN CB . 60.80 71.07 -0.53
C6 MAN CB . 60.95 71.98 -1.71
O2 MAN CB . 59.70 67.44 -0.15
O3 MAN CB . 62.34 67.81 0.52
O4 MAN CB . 63.10 70.37 -0.54
O5 MAN CB . 59.44 70.59 -0.53
O6 MAN CB . 59.96 73.02 -1.70
C1 MAN CB . 59.00 67.03 -1.32
C2 MAN CB . 59.83 66.79 -2.58
C3 MAN CB . 59.71 67.93 -3.57
C4 MAN CB . 58.24 68.28 -3.81
C5 MAN CB . 57.54 68.56 -2.50
C6 MAN CB . 56.06 68.83 -2.66
O2 MAN CB . 59.45 65.56 -3.18
O3 MAN CB . 60.33 67.57 -4.80
O4 MAN CB . 58.15 69.44 -4.65
O5 MAN CB . 57.65 67.41 -1.63
O6 MAN CB . 55.42 69.00 -1.39
C1 MAN CB . 61.64 72.13 11.84
C2 MAN CB . 61.82 72.79 13.19
C3 MAN CB . 63.15 73.50 13.32
C4 MAN CB . 64.29 72.58 12.89
C5 MAN CB . 64.03 72.03 11.50
C6 MAN CB . 65.09 71.04 11.06
O2 MAN CB . 61.67 71.82 14.23
O3 MAN CB . 63.34 73.92 14.67
O4 MAN CB . 65.51 73.29 12.89
O5 MAN CB . 62.77 71.34 11.46
O6 MAN CB . 64.77 70.47 9.80
O5 AHR CB . 52.02 77.16 15.34
C5 AHR CB . 51.69 77.15 13.96
C4 AHR CB . 52.51 76.14 13.20
O4 AHR CB . 53.92 76.42 13.34
C3 AHR CB . 52.29 76.11 11.68
O3 AHR CB . 51.07 75.46 11.31
C2 AHR CB . 53.56 75.39 11.21
O2 AHR CB . 53.87 75.64 9.87
C1 AHR CB . 54.62 75.80 12.24
#